data_5FFO
#
_entry.id   5FFO
#
_cell.length_a   81.440
_cell.length_b   91.440
_cell.length_c   131.030
_cell.angle_alpha   89.98
_cell.angle_beta   86.25
_cell.angle_gamma   89.85
#
_symmetry.space_group_name_H-M   'P 1'
#
loop_
_entity.id
_entity.type
_entity.pdbx_description
1 polymer 'Integrin alpha-V'
2 polymer 'Integrin beta-6'
3 polymer 'Transforming growth factor beta-1'
4 branched beta-D-mannopyranose-(1-4)-2-acetamido-2-deoxy-beta-D-glucopyranose-(1-4)-2-acetamido-2-deoxy-beta-D-glucopyranose
5 branched alpha-D-mannopyranose-(1-6)-alpha-D-mannopyranose-(1-6)-[alpha-D-mannopyranose-(1-3)]beta-D-mannopyranose-(1-4)-2-acetamido-2-deoxy-beta-D-glucopyranose-(1-4)-2-acetamido-2-deoxy-beta-D-glucopyranose
6 branched alpha-D-mannopyranose-(1-3)-[alpha-D-mannopyranose-(1-6)]alpha-D-mannopyranose-(1-6)-[alpha-D-mannopyranose-(1-3)]beta-D-mannopyranose-(1-4)-2-acetamido-2-deoxy-beta-D-glucopyranose-(1-4)-2-acetamido-2-deoxy-beta-D-glucopyranose
7 branched alpha-D-mannopyranose-(1-6)-beta-D-mannopyranose-(1-4)-2-acetamido-2-deoxy-beta-D-glucopyranose-(1-4)-2-acetamido-2-deoxy-beta-D-glucopyranose
8 branched 2-acetamido-2-deoxy-beta-D-glucopyranose-(1-4)-2-acetamido-2-deoxy-beta-D-glucopyranose
9 branched alpha-D-mannopyranose-(1-3)-beta-D-mannopyranose-(1-4)-2-acetamido-2-deoxy-beta-D-glucopyranose-(1-4)-2-acetamido-2-deoxy-beta-D-glucopyranose
10 branched alpha-D-mannopyranose-(1-2)-alpha-D-mannopyranose-(1-3)-[alpha-D-mannopyranose-(1-6)]beta-D-mannopyranose-(1-4)-2-acetamido-2-deoxy-beta-D-glucopyranose-(1-4)-2-acetamido-2-deoxy-beta-D-glucopyranose
11 non-polymer 'CALCIUM ION'
12 non-polymer 2-acetamido-2-deoxy-beta-D-glucopyranose
13 non-polymer 'MANGANESE (II) ION'
14 water water
#
loop_
_entity_poly.entity_id
_entity_poly.type
_entity_poly.pdbx_seq_one_letter_code
_entity_poly.pdbx_strand_id
1 'polypeptide(L)'
;FNLDVDSPAEYSGPEGSYFGFAVDFFVPSASSRMFLLVGAPKANTTQPGIVEGGQVLKCDWSSTRRCQPIEFDATGNRDY
AKDDPLEFKSHQWFGASVRSKQDKILACAPLYHWRTEMKQEREPVGTCFLQDGTKTVEYAPCRSQDIDADGQGFCQGGFS
IDFTKADRVLLGGPGSFYWQGQLISDQVAEIVSKYDPNVYSIKYNNQLATRTAQAIFDDSYLGYSVAVGDFNGDGIDDFV
SGVPRAARTLGMVYIYDGKNMSSLYNFTGEQMAAYFGFSVAATDINGDDYADVFIGAPLFMDRGSDGKLQEVGQVSVSLQ
RASGDFQTTKLNGFEVFARFGSAIAPLGDLDQDGFNDIAIAAPYGGEDKKGIVYIFNGRSTGLNAVPSQILEGQWAARSG
CPPSFGYSMKGATDIDKNGYPDLIVGAFGVDRAILYRARPVITVNAGLEVYPSILNQDNKTCSLPGTALKVSCFNVRFCL
KADGKGVLPRKLNFQVELLLDKLKQKGAIRRALFLYSRSPSHSKNMTISRGGLMQCEELIAYLRDESEFRDKLTPITIFM
EYRLDYRTAADTTGLQPILNQFTPANISRQAHILLDTGGLE
;
A,E
2 'polypeptide(L)'
;TEDYPVDLYYLMDLSASMDDDLNTIKELGSRLSKEMSKLTSNFRLGFGSFVEKPVSPFVKTTPEEIANPCSSIPYFCLPT
FGFKHILPLTNDAERFNEIVKNQKISANIDTPEGGFDAIMQAAVCKEKIGWRNDSLHLLVFVSDADSHFGMDSKLAGIVC
PNDGLCHLDSKNEYSMSTVLEYPTIGQLIDKLVQNNVLLIFAVTQEQVHLYENYAKLIPGATVGLLQKDSGNILQLIISA
YEELRSEVELEHHHHHH
;
B,F
3 'polypeptide(L)'
;GPLSTSKTIDMELVKRKRIEAIRGQILSKLRLASPPSQGEVPPGPLPEAVLALYNSTRDRVAGESAEPEPEPEADYYAKE
VTRVLMVETHNEIYDKFKQSTHSIYMFFQTSELREAVPEPVLLSRAELRLLRLKLKVEQHVELYQKYSQNSWRYLSNRLL
APSDSPEWLSFDVTGVVRQWLSRGGEIEGFRLSAHCSCDSRDNTLQVDINGFTTGRRGDLATIHGMNRPFLLLMATPLER
AQHLQSSRHRRALDTNYCFSSTEKNCCVRQLYIDFRKDLGWKWIHEPKGYHANFCLGPCPYIWSLDTQYSKVLALYNQHN
PGASAAPCCVPQALEPLPIVYYVGRKPKVEQLSNMIVRSCKCS
;
C,D,G,H
#
# COMPACT_ATOMS: atom_id res chain seq x y z
N PHE A 1 -53.50 14.40 0.92
CA PHE A 1 -54.75 15.01 1.35
C PHE A 1 -55.56 14.04 2.21
N ASN A 2 -55.24 12.75 2.08
CA ASN A 2 -56.02 11.68 2.70
C ASN A 2 -55.44 11.21 4.03
N LEU A 3 -54.51 11.95 4.62
CA LEU A 3 -54.01 11.58 5.94
C LEU A 3 -55.04 11.92 7.01
N ASP A 4 -55.30 10.96 7.90
CA ASP A 4 -56.30 11.13 8.95
C ASP A 4 -55.71 11.96 10.08
N VAL A 5 -56.19 13.20 10.21
CA VAL A 5 -55.78 14.09 11.30
C VAL A 5 -56.82 14.11 12.40
N ASP A 6 -57.95 13.43 12.20
CA ASP A 6 -58.99 13.38 13.22
C ASP A 6 -58.60 12.48 14.39
N SER A 7 -58.06 11.29 14.10
CA SER A 7 -57.72 10.32 15.14
C SER A 7 -56.35 9.70 14.86
N PRO A 8 -55.27 10.45 15.09
CA PRO A 8 -53.93 9.90 14.96
C PRO A 8 -53.44 9.22 16.23
N ALA A 9 -52.55 8.26 16.05
CA ALA A 9 -51.95 7.51 17.16
C ALA A 9 -50.79 8.31 17.77
N GLU A 10 -50.85 8.54 19.09
CA GLU A 10 -49.83 9.30 19.81
C GLU A 10 -48.97 8.35 20.64
N TYR A 11 -47.72 8.19 20.23
CA TYR A 11 -46.74 7.40 20.97
C TYR A 11 -45.77 8.32 21.70
N SER A 12 -45.37 7.90 22.91
CA SER A 12 -44.49 8.73 23.72
C SER A 12 -43.38 7.90 24.35
N GLY A 13 -42.25 8.57 24.60
CA GLY A 13 -41.12 7.97 25.26
C GLY A 13 -40.69 8.81 26.44
N PRO A 14 -39.57 8.45 27.08
CA PRO A 14 -39.09 9.22 28.24
C PRO A 14 -38.89 10.69 27.91
N GLU A 15 -39.26 11.56 28.84
CA GLU A 15 -39.12 12.99 28.62
C GLU A 15 -37.64 13.37 28.63
N GLY A 16 -37.30 14.39 27.85
CA GLY A 16 -35.93 14.85 27.76
C GLY A 16 -35.01 13.93 27.01
N SER A 17 -35.52 12.82 26.48
CA SER A 17 -34.70 11.82 25.83
C SER A 17 -34.59 12.02 24.33
N TYR A 18 -35.21 13.08 23.79
CA TYR A 18 -35.28 13.30 22.35
C TYR A 18 -35.94 12.11 21.65
N PHE A 19 -36.91 11.52 22.32
CA PHE A 19 -37.73 10.44 21.76
C PHE A 19 -38.40 10.89 20.47
N GLY A 20 -38.04 10.25 19.37
CA GLY A 20 -38.53 10.64 18.06
C GLY A 20 -37.48 11.31 17.20
N PHE A 21 -36.24 11.34 17.65
CA PHE A 21 -35.16 11.92 16.85
C PHE A 21 -34.94 11.13 15.57
N ALA A 22 -35.20 9.83 15.59
CA ALA A 22 -35.17 8.98 14.40
C ALA A 22 -36.34 8.01 14.47
N VAL A 23 -37.05 7.88 13.35
CA VAL A 23 -38.22 6.99 13.26
C VAL A 23 -38.09 6.12 12.03
N ASP A 24 -38.72 4.94 12.08
CA ASP A 24 -38.73 4.01 10.96
C ASP A 24 -39.83 2.97 11.23
N PHE A 25 -40.04 2.08 10.27
CA PHE A 25 -40.99 0.99 10.40
C PHE A 25 -40.28 -0.33 10.71
N PHE A 26 -41.08 -1.35 11.00
CA PHE A 26 -40.56 -2.70 11.26
C PHE A 26 -41.54 -3.71 10.67
N VAL A 27 -41.07 -4.49 9.70
CA VAL A 27 -41.88 -5.54 9.09
C VAL A 27 -41.10 -6.85 9.12
N PRO A 28 -41.27 -7.67 10.17
CA PRO A 28 -40.50 -8.91 10.25
C PRO A 28 -41.01 -10.05 9.39
N SER A 29 -40.57 -11.26 9.73
CA SER A 29 -40.78 -12.44 8.91
C SER A 29 -42.26 -12.75 8.69
N ALA A 30 -42.57 -13.23 7.48
CA ALA A 30 -43.89 -13.70 7.05
C ALA A 30 -44.95 -12.60 7.26
N SER A 31 -46.22 -13.00 7.42
CA SER A 31 -47.33 -12.07 7.62
C SER A 31 -47.58 -11.91 9.11
N SER A 32 -46.72 -11.14 9.76
CA SER A 32 -46.81 -10.91 11.19
C SER A 32 -47.38 -9.51 11.47
N ARG A 33 -47.26 -9.06 12.71
CA ARG A 33 -47.67 -7.72 13.08
C ARG A 33 -46.59 -6.74 12.67
N MET A 34 -46.93 -5.45 12.73
CA MET A 34 -46.04 -4.37 12.33
C MET A 34 -45.76 -3.48 13.54
N PHE A 35 -44.61 -2.79 13.51
CA PHE A 35 -44.18 -2.01 14.66
C PHE A 35 -43.59 -0.68 14.20
N LEU A 36 -43.51 0.25 15.15
CA LEU A 36 -42.82 1.53 14.96
C LEU A 36 -41.49 1.50 15.69
N LEU A 37 -40.42 1.90 14.99
CA LEU A 37 -39.10 2.04 15.57
C LEU A 37 -38.82 3.52 15.82
N VAL A 38 -38.59 3.88 17.08
CA VAL A 38 -38.36 5.27 17.47
C VAL A 38 -37.03 5.37 18.19
N GLY A 39 -36.24 6.38 17.81
CA GLY A 39 -34.97 6.64 18.46
C GLY A 39 -35.10 7.67 19.58
N ALA A 40 -34.42 7.40 20.69
CA ALA A 40 -34.30 8.33 21.81
C ALA A 40 -32.83 8.41 22.20
N PRO A 41 -32.04 9.25 21.52
CA PRO A 41 -30.58 9.21 21.69
C PRO A 41 -30.09 9.73 23.04
N LYS A 42 -30.87 10.51 23.77
CA LYS A 42 -30.47 11.01 25.08
C LYS A 42 -31.10 10.23 26.23
N ALA A 43 -31.63 9.04 25.94
CA ALA A 43 -32.37 8.28 26.94
C ALA A 43 -31.44 7.53 27.89
N ASN A 44 -31.69 7.66 29.19
CA ASN A 44 -30.98 6.86 30.18
C ASN A 44 -31.36 5.39 30.04
N THR A 45 -30.35 4.53 30.12
CA THR A 45 -30.56 3.09 30.04
C THR A 45 -30.09 2.43 31.34
N THR A 46 -30.20 1.11 31.39
CA THR A 46 -29.80 0.34 32.56
C THR A 46 -28.35 -0.09 32.50
N GLN A 47 -27.62 0.33 31.47
CA GLN A 47 -26.23 -0.05 31.30
C GLN A 47 -25.39 0.41 32.47
N PRO A 48 -24.56 -0.46 33.05
CA PRO A 48 -23.79 -0.11 34.25
C PRO A 48 -22.82 1.04 33.99
N GLY A 49 -23.01 2.12 34.74
CA GLY A 49 -22.12 3.25 34.67
C GLY A 49 -22.28 4.12 33.45
N ILE A 50 -23.22 3.78 32.57
CA ILE A 50 -23.44 4.51 31.32
C ILE A 50 -24.57 5.49 31.52
N VAL A 51 -24.25 6.79 31.46
CA VAL A 51 -25.24 7.85 31.60
C VAL A 51 -25.72 8.29 30.22
N GLU A 52 -27.02 8.21 29.99
CA GLU A 52 -27.64 8.62 28.73
C GLU A 52 -27.01 7.91 27.53
N GLY A 53 -26.94 6.58 27.62
CA GLY A 53 -26.46 5.80 26.49
C GLY A 53 -27.37 5.86 25.29
N GLY A 54 -28.66 6.05 25.51
CA GLY A 54 -29.63 6.09 24.44
C GLY A 54 -30.18 4.71 24.11
N GLN A 55 -31.37 4.68 23.53
CA GLN A 55 -31.99 3.43 23.16
C GLN A 55 -32.94 3.61 21.99
N VAL A 56 -33.30 2.47 21.39
CA VAL A 56 -34.31 2.40 20.33
C VAL A 56 -35.46 1.54 20.85
N LEU A 57 -36.67 2.08 20.81
CA LEU A 57 -37.84 1.42 21.38
C LEU A 57 -38.71 0.82 20.28
N LYS A 58 -39.26 -0.35 20.59
CA LYS A 58 -40.21 -1.05 19.73
C LYS A 58 -41.60 -0.80 20.29
N CYS A 59 -42.41 -0.03 19.56
CA CYS A 59 -43.76 0.30 19.98
C CYS A 59 -44.78 -0.51 19.19
N ASP A 60 -45.84 -0.94 19.87
CA ASP A 60 -46.88 -1.77 19.28
C ASP A 60 -48.07 -0.90 18.92
N TRP A 61 -48.66 -1.17 17.76
CA TRP A 61 -49.88 -0.50 17.35
C TRP A 61 -51.13 -1.25 17.84
N ARG A 65 -51.10 -0.83 22.80
CA ARG A 65 -50.26 0.08 22.04
C ARG A 65 -49.10 0.62 22.88
N ARG A 66 -48.46 -0.27 23.64
CA ARG A 66 -47.37 0.09 24.53
C ARG A 66 -46.02 -0.05 23.82
N CYS A 67 -45.03 0.70 24.31
CA CYS A 67 -43.66 0.66 23.78
C CYS A 67 -42.76 -0.22 24.66
N GLN A 68 -41.84 -0.94 24.02
CA GLN A 68 -40.91 -1.85 24.68
C GLN A 68 -39.48 -1.55 24.23
N PRO A 69 -38.54 -1.38 25.15
CA PRO A 69 -37.14 -1.14 24.75
C PRO A 69 -36.54 -2.35 24.04
N ILE A 70 -35.74 -2.07 23.00
CA ILE A 70 -34.98 -3.10 22.30
C ILE A 70 -33.58 -3.19 22.90
N GLU A 71 -33.22 -4.36 23.43
CA GLU A 71 -31.92 -4.60 24.05
C GLU A 71 -30.86 -4.80 22.97
N PHE A 72 -30.17 -3.72 22.61
CA PHE A 72 -29.03 -3.81 21.70
C PHE A 72 -27.74 -4.13 22.44
N ASP A 73 -27.55 -3.55 23.62
CA ASP A 73 -26.34 -3.75 24.40
C ASP A 73 -26.64 -3.47 25.86
N ALA A 74 -26.38 -4.44 26.74
CA ALA A 74 -26.61 -4.29 28.17
C ALA A 74 -25.32 -4.02 28.95
N THR A 75 -24.16 -4.14 28.30
CA THR A 75 -22.89 -4.01 28.99
C THR A 75 -22.48 -2.54 29.13
N GLY A 76 -21.55 -2.30 30.04
CA GLY A 76 -20.97 -0.99 30.26
C GLY A 76 -19.77 -0.75 29.37
N ASN A 77 -18.83 0.05 29.87
CA ASN A 77 -17.61 0.38 29.15
C ASN A 77 -16.58 -0.74 29.31
N ARG A 78 -16.18 -1.35 28.19
CA ARG A 78 -15.10 -2.33 28.23
C ARG A 78 -13.79 -1.66 28.62
N ASP A 79 -12.95 -2.42 29.32
CA ASP A 79 -11.63 -1.96 29.73
C ASP A 79 -10.58 -2.45 28.74
N TYR A 80 -9.71 -1.55 28.30
CA TYR A 80 -8.50 -1.97 27.59
C TYR A 80 -7.51 -2.61 28.56
N ALA A 81 -7.33 -1.99 29.72
CA ALA A 81 -6.50 -2.54 30.79
C ALA A 81 -7.07 -2.08 32.12
N LYS A 82 -6.44 -2.50 33.21
CA LYS A 82 -6.87 -2.10 34.54
C LYS A 82 -6.77 -0.57 34.68
N ASP A 83 -7.88 0.04 35.10
CA ASP A 83 -8.02 1.49 35.25
C ASP A 83 -7.82 2.23 33.92
N ASP A 84 -8.06 1.56 32.81
CA ASP A 84 -7.87 2.13 31.47
C ASP A 84 -9.07 1.77 30.60
N PRO A 85 -10.16 2.54 30.69
CA PRO A 85 -11.38 2.20 29.94
C PRO A 85 -11.14 2.27 28.43
N LEU A 86 -11.67 1.27 27.71
CA LEU A 86 -11.48 1.21 26.26
C LEU A 86 -12.45 2.10 25.50
N GLU A 87 -13.68 2.26 25.98
CA GLU A 87 -14.70 2.98 25.24
C GLU A 87 -15.51 3.84 26.19
N PHE A 88 -16.29 4.76 25.60
CA PHE A 88 -17.12 5.69 26.37
C PHE A 88 -18.50 5.71 25.71
N LYS A 89 -19.43 4.96 26.28
CA LYS A 89 -20.78 4.87 25.73
C LYS A 89 -21.72 5.90 26.32
N SER A 90 -21.27 6.63 27.33
CA SER A 90 -22.06 7.71 27.89
C SER A 90 -22.20 8.84 26.87
N HIS A 91 -23.43 9.34 26.72
CA HIS A 91 -23.74 10.42 25.79
C HIS A 91 -23.36 10.07 24.36
N GLN A 92 -23.50 8.79 23.99
CA GLN A 92 -23.12 8.33 22.66
C GLN A 92 -24.20 8.56 21.63
N TRP A 93 -25.40 8.96 22.05
CA TRP A 93 -26.49 9.27 21.13
C TRP A 93 -26.89 8.04 20.30
N PHE A 94 -26.95 6.88 20.95
CA PHE A 94 -27.42 5.66 20.30
C PHE A 94 -28.91 5.77 20.01
N GLY A 95 -29.28 5.57 18.75
CA GLY A 95 -30.63 5.80 18.28
C GLY A 95 -30.82 7.12 17.57
N ALA A 96 -29.74 7.81 17.22
CA ALA A 96 -29.86 9.07 16.48
C ALA A 96 -30.31 8.84 15.05
N SER A 97 -30.02 7.67 14.49
CA SER A 97 -30.52 7.29 13.17
C SER A 97 -30.91 5.82 13.20
N VAL A 98 -32.15 5.53 12.84
CA VAL A 98 -32.67 4.16 12.83
C VAL A 98 -33.16 3.84 11.42
N ARG A 99 -32.71 2.70 10.90
CA ARG A 99 -33.09 2.25 9.56
C ARG A 99 -33.36 0.76 9.63
N SER A 100 -34.45 0.32 9.00
CA SER A 100 -34.92 -1.05 9.09
C SER A 100 -35.19 -1.62 7.70
N LYS A 101 -34.79 -2.88 7.51
CA LYS A 101 -35.03 -3.59 6.26
C LYS A 101 -35.51 -5.00 6.60
N GLN A 102 -36.79 -5.25 6.40
CA GLN A 102 -37.43 -6.54 6.69
C GLN A 102 -37.28 -6.81 8.18
N ASP A 103 -36.65 -7.91 8.58
CA ASP A 103 -36.43 -8.29 9.96
C ASP A 103 -35.10 -7.77 10.50
N LYS A 104 -34.49 -6.83 9.80
CA LYS A 104 -33.21 -6.24 10.20
C LYS A 104 -33.47 -4.85 10.75
N ILE A 105 -32.87 -4.56 11.90
CA ILE A 105 -32.96 -3.25 12.52
C ILE A 105 -31.54 -2.75 12.76
N LEU A 106 -31.21 -1.61 12.18
CA LEU A 106 -29.89 -1.01 12.31
C LEU A 106 -29.99 0.31 13.07
N ALA A 107 -29.31 0.39 14.20
CA ALA A 107 -29.23 1.61 14.99
C ALA A 107 -27.77 1.96 15.25
N CYS A 108 -27.50 3.26 15.38
CA CYS A 108 -26.12 3.74 15.48
C CYS A 108 -25.98 4.79 16.57
N ALA A 109 -24.73 4.96 17.03
CA ALA A 109 -24.38 5.91 18.08
C ALA A 109 -23.33 6.87 17.51
N PRO A 110 -23.75 7.97 16.90
CA PRO A 110 -22.79 8.88 16.26
C PRO A 110 -21.83 9.56 17.24
N LEU A 111 -22.22 9.75 18.49
CA LEU A 111 -21.36 10.39 19.48
C LEU A 111 -20.66 9.38 20.37
N TYR A 112 -20.57 8.13 19.93
CA TYR A 112 -19.74 7.14 20.59
C TYR A 112 -18.27 7.49 20.41
N HIS A 113 -17.55 7.59 21.53
CA HIS A 113 -16.12 7.85 21.52
C HIS A 113 -15.40 6.55 21.84
N TRP A 114 -14.19 6.42 21.30
CA TRP A 114 -13.41 5.21 21.51
C TRP A 114 -11.95 5.55 21.71
N ARG A 115 -11.34 4.92 22.70
CA ARG A 115 -9.96 5.20 23.07
C ARG A 115 -9.03 4.42 22.15
N THR A 116 -7.94 5.04 21.75
CA THR A 116 -7.07 4.44 20.75
C THR A 116 -6.43 3.18 21.35
N GLU A 117 -6.03 2.27 20.49
CA GLU A 117 -5.40 1.03 20.93
C GLU A 117 -3.90 1.16 20.97
N MET A 118 -3.41 2.33 20.59
CA MET A 118 -2.00 2.70 20.63
C MET A 118 -1.69 3.61 21.82
N LYS A 119 -2.61 4.51 22.17
CA LYS A 119 -2.45 5.40 23.31
C LYS A 119 -3.82 5.74 23.87
N GLN A 120 -3.83 6.56 24.92
CA GLN A 120 -5.06 6.90 25.65
C GLN A 120 -5.71 8.14 25.03
N GLU A 121 -6.56 7.93 24.03
CA GLU A 121 -7.35 9.00 23.43
C GLU A 121 -8.83 8.80 23.73
N ARG A 122 -9.66 9.70 23.16
CA ARG A 122 -11.11 9.64 23.28
C ARG A 122 -11.67 10.16 21.95
N GLU A 123 -11.69 9.29 20.95
CA GLU A 123 -11.97 9.70 19.59
C GLU A 123 -13.33 9.21 19.16
N PRO A 124 -14.21 10.09 18.71
CA PRO A 124 -15.58 9.71 18.32
C PRO A 124 -15.69 9.00 16.97
N VAL A 125 -15.35 7.69 16.97
CA VAL A 125 -15.39 6.92 15.73
C VAL A 125 -16.80 6.42 15.41
N GLY A 126 -17.72 6.44 16.35
CA GLY A 126 -19.06 5.95 16.11
C GLY A 126 -19.15 4.44 16.02
N THR A 127 -20.28 3.89 16.44
CA THR A 127 -20.52 2.46 16.37
C THR A 127 -21.99 2.21 16.13
N CYS A 128 -22.28 1.05 15.53
CA CYS A 128 -23.66 0.64 15.27
C CYS A 128 -23.88 -0.76 15.81
N PHE A 129 -25.14 -1.03 16.18
CA PHE A 129 -25.59 -2.36 16.54
C PHE A 129 -26.65 -2.83 15.55
N LEU A 130 -26.46 -4.03 15.02
CA LEU A 130 -27.38 -4.64 14.06
C LEU A 130 -28.05 -5.87 14.66
N GLN A 131 -29.38 -5.94 14.54
CA GLN A 131 -30.16 -7.06 15.06
C GLN A 131 -30.90 -7.73 13.92
N ASP A 132 -30.43 -8.93 13.53
CA ASP A 132 -31.12 -9.71 12.51
C ASP A 132 -31.87 -10.87 13.16
N GLY A 133 -32.81 -10.55 14.05
CA GLY A 133 -33.56 -11.57 14.74
C GLY A 133 -33.08 -11.76 16.16
N THR A 134 -32.24 -12.77 16.36
CA THR A 134 -31.67 -13.06 17.67
C THR A 134 -30.28 -12.48 17.83
N LYS A 135 -29.40 -12.70 16.85
CA LYS A 135 -28.03 -12.25 16.95
C LYS A 135 -27.95 -10.72 16.92
N THR A 136 -27.20 -10.16 17.85
CA THR A 136 -26.90 -8.73 17.89
C THR A 136 -25.41 -8.55 17.72
N VAL A 137 -25.00 -7.80 16.69
CA VAL A 137 -23.59 -7.60 16.39
C VAL A 137 -23.27 -6.12 16.46
N GLU A 138 -21.99 -5.82 16.65
CA GLU A 138 -21.48 -4.46 16.63
C GLU A 138 -20.86 -4.15 15.26
N TYR A 139 -20.93 -2.88 14.87
CA TYR A 139 -20.41 -2.44 13.56
C TYR A 139 -19.79 -1.06 13.74
N ALA A 140 -18.45 -1.01 13.72
CA ALA A 140 -17.70 0.25 13.84
C ALA A 140 -16.63 0.27 12.76
N PRO A 141 -17.00 0.62 11.52
CA PRO A 141 -16.01 0.61 10.43
C PRO A 141 -15.00 1.73 10.52
N CYS A 142 -15.23 2.72 11.36
CA CYS A 142 -14.30 3.82 11.59
C CYS A 142 -13.43 3.58 12.81
N ARG A 143 -13.76 2.60 13.64
CA ARG A 143 -12.93 2.16 14.75
C ARG A 143 -11.79 1.31 14.19
N SER A 144 -10.77 1.96 13.64
CA SER A 144 -9.67 1.29 12.96
C SER A 144 -8.34 1.68 13.58
N GLN A 145 -7.25 1.29 12.89
CA GLN A 145 -5.90 1.72 13.27
C GLN A 145 -5.54 3.04 12.63
N ASP A 146 -6.39 3.53 11.72
CA ASP A 146 -6.27 4.86 11.12
C ASP A 146 -6.84 5.86 12.12
N ILE A 147 -5.98 6.24 13.07
CA ILE A 147 -6.40 7.02 14.23
C ILE A 147 -6.23 8.51 13.97
N ASP A 148 -6.60 9.31 14.99
CA ASP A 148 -6.47 10.77 14.98
C ASP A 148 -7.38 11.43 13.96
N ALA A 149 -7.46 12.76 14.02
CA ALA A 149 -8.33 13.51 13.11
C ALA A 149 -7.93 13.26 11.66
N ASP A 150 -6.64 13.08 11.39
CA ASP A 150 -6.16 12.79 10.05
C ASP A 150 -6.77 11.51 9.49
N GLY A 151 -7.14 10.58 10.36
CA GLY A 151 -7.75 9.35 9.91
C GLY A 151 -9.23 9.30 10.17
N GLN A 152 -9.70 8.20 10.78
CA GLN A 152 -11.11 7.99 11.06
C GLN A 152 -11.43 8.16 12.53
N GLY A 153 -10.52 8.81 13.28
CA GLY A 153 -10.73 8.99 14.71
C GLY A 153 -11.96 9.82 15.04
N PHE A 154 -12.27 10.80 14.21
CA PHE A 154 -13.41 11.68 14.43
C PHE A 154 -14.47 11.47 13.35
N CYS A 155 -14.51 10.25 12.80
CA CYS A 155 -15.42 9.87 11.73
C CYS A 155 -16.89 9.98 12.13
N GLN A 156 -17.22 9.58 13.36
CA GLN A 156 -18.62 9.53 13.81
C GLN A 156 -19.45 8.66 12.85
N GLY A 157 -18.95 7.46 12.60
CA GLY A 157 -19.65 6.54 11.71
C GLY A 157 -21.03 6.21 12.23
N GLY A 158 -22.00 6.14 11.32
CA GLY A 158 -23.37 5.90 11.68
C GLY A 158 -24.18 7.16 11.87
N PHE A 159 -23.64 8.31 11.52
CA PHE A 159 -24.39 9.56 11.62
C PHE A 159 -25.64 9.50 10.77
N SER A 160 -25.55 8.91 9.59
CA SER A 160 -26.69 8.63 8.73
C SER A 160 -26.52 7.25 8.11
N ILE A 161 -27.63 6.53 7.95
CA ILE A 161 -27.62 5.16 7.44
C ILE A 161 -28.79 4.96 6.50
N ASP A 162 -28.72 3.87 5.72
CA ASP A 162 -29.78 3.44 4.80
C ASP A 162 -29.46 2.04 4.32
N PHE A 163 -30.48 1.36 3.80
CA PHE A 163 -30.33 0.04 3.21
C PHE A 163 -30.55 0.07 1.70
N THR A 164 -29.81 -0.76 0.99
CA THR A 164 -30.03 -1.01 -0.43
C THR A 164 -30.95 -2.21 -0.62
N LYS A 165 -31.31 -2.45 -1.87
CA LYS A 165 -32.17 -3.59 -2.17
C LYS A 165 -31.39 -4.89 -2.27
N ALA A 166 -30.06 -4.83 -2.23
CA ALA A 166 -29.21 -6.01 -2.36
C ALA A 166 -28.48 -6.32 -1.06
N ASP A 167 -29.09 -5.98 0.08
CA ASP A 167 -28.56 -6.31 1.41
C ASP A 167 -27.16 -5.74 1.59
N ARG A 168 -26.98 -4.48 1.19
CA ARG A 168 -25.78 -3.72 1.51
C ARG A 168 -26.17 -2.56 2.41
N VAL A 169 -25.34 -2.30 3.41
CA VAL A 169 -25.54 -1.17 4.31
C VAL A 169 -24.77 0.04 3.78
N LEU A 170 -25.41 1.21 3.83
CA LEU A 170 -24.77 2.46 3.46
C LEU A 170 -24.61 3.32 4.70
N LEU A 171 -23.37 3.62 5.06
CA LEU A 171 -23.05 4.37 6.27
C LEU A 171 -22.33 5.67 5.90
N GLY A 172 -22.71 6.75 6.57
CA GLY A 172 -22.09 8.06 6.38
C GLY A 172 -21.25 8.43 7.59
N GLY A 173 -20.04 8.93 7.32
CA GLY A 173 -19.12 9.38 8.34
C GLY A 173 -18.55 10.75 8.04
N PRO A 174 -19.17 11.80 8.59
CA PRO A 174 -18.82 13.17 8.21
C PRO A 174 -17.45 13.64 8.68
N GLY A 175 -16.83 12.98 9.65
CA GLY A 175 -15.59 13.45 10.24
C GLY A 175 -14.32 12.82 9.75
N SER A 176 -14.43 11.79 8.90
CA SER A 176 -13.25 11.07 8.39
C SER A 176 -12.30 12.00 7.64
N PHE A 177 -10.99 11.72 7.79
CA PHE A 177 -9.94 12.39 7.03
C PHE A 177 -9.99 13.92 7.24
N TYR A 178 -9.88 14.33 8.50
CA TYR A 178 -9.99 15.73 8.88
C TYR A 178 -11.28 16.35 8.33
N TRP A 179 -12.39 15.63 8.54
CA TRP A 179 -13.74 16.07 8.18
C TRP A 179 -13.92 16.25 6.68
N GLN A 180 -13.11 15.55 5.88
CA GLN A 180 -13.47 15.39 4.47
C GLN A 180 -14.74 14.57 4.32
N GLY A 181 -15.00 13.67 5.26
CA GLY A 181 -16.12 12.75 5.19
C GLY A 181 -15.78 11.48 4.43
N GLN A 182 -16.62 10.46 4.64
CA GLN A 182 -16.40 9.16 4.01
C GLN A 182 -17.71 8.41 3.98
N LEU A 183 -17.89 7.64 2.92
CA LEU A 183 -19.00 6.70 2.79
C LEU A 183 -18.44 5.28 2.84
N ILE A 184 -19.02 4.43 3.69
CA ILE A 184 -18.61 3.04 3.82
C ILE A 184 -19.81 2.14 3.54
N SER A 185 -19.60 1.12 2.71
CA SER A 185 -20.65 0.16 2.37
C SER A 185 -20.10 -1.24 2.57
N ASP A 186 -20.81 -2.05 3.36
CA ASP A 186 -20.44 -3.44 3.59
C ASP A 186 -21.64 -4.36 3.37
N GLN A 187 -21.35 -5.56 2.85
CA GLN A 187 -22.38 -6.58 2.67
C GLN A 187 -22.81 -7.15 4.02
N VAL A 188 -24.13 -7.25 4.23
CA VAL A 188 -24.67 -7.71 5.51
C VAL A 188 -24.19 -9.13 5.83
N ALA A 189 -23.89 -9.93 4.80
CA ALA A 189 -23.37 -11.27 5.05
C ALA A 189 -21.98 -11.20 5.67
N GLU A 190 -21.21 -10.18 5.32
CA GLU A 190 -19.87 -10.00 5.87
C GLU A 190 -19.87 -9.32 7.24
N ILE A 191 -20.86 -8.46 7.52
CA ILE A 191 -20.90 -7.74 8.80
C ILE A 191 -21.07 -8.71 9.96
N VAL A 192 -22.02 -9.64 9.84
CA VAL A 192 -22.29 -10.57 10.92
C VAL A 192 -21.24 -11.69 10.96
N SER A 193 -20.78 -12.14 9.79
CA SER A 193 -19.85 -13.27 9.76
C SER A 193 -18.48 -12.87 10.31
N LYS A 194 -18.02 -11.67 10.00
CA LYS A 194 -16.71 -11.22 10.44
C LYS A 194 -16.76 -10.53 11.79
N TYR A 195 -17.91 -10.50 12.44
CA TYR A 195 -18.03 -9.88 13.75
C TYR A 195 -17.30 -10.70 14.80
N ASP A 196 -16.53 -10.04 15.65
CA ASP A 196 -15.80 -10.68 16.74
C ASP A 196 -15.73 -9.75 17.95
N PRO A 197 -16.36 -10.11 19.07
CA PRO A 197 -16.38 -9.20 20.23
C PRO A 197 -15.01 -8.95 20.84
N ASN A 198 -13.98 -9.70 20.44
CA ASN A 198 -12.62 -9.52 20.93
C ASN A 198 -11.75 -8.77 19.94
N VAL A 199 -12.29 -8.38 18.79
CA VAL A 199 -11.58 -7.63 17.76
C VAL A 199 -12.22 -6.25 17.68
N TYR A 200 -11.42 -5.22 17.92
CA TYR A 200 -11.93 -3.86 17.94
C TYR A 200 -11.81 -3.15 16.60
N SER A 201 -10.97 -3.66 15.70
CA SER A 201 -10.79 -3.08 14.38
C SER A 201 -10.88 -4.22 13.36
N ILE A 202 -12.10 -4.45 12.87
CA ILE A 202 -12.33 -5.53 11.92
C ILE A 202 -12.21 -4.97 10.51
N LYS A 203 -11.37 -5.60 9.69
CA LYS A 203 -11.18 -5.21 8.30
C LYS A 203 -12.07 -6.08 7.42
N TYR A 204 -12.88 -5.44 6.58
CA TYR A 204 -13.79 -6.12 5.68
C TYR A 204 -13.26 -6.04 4.25
N ASN A 205 -13.26 -7.18 3.55
CA ASN A 205 -12.66 -7.24 2.21
C ASN A 205 -13.54 -6.58 1.17
N ASN A 206 -14.86 -6.77 1.24
CA ASN A 206 -15.78 -6.19 0.28
C ASN A 206 -16.22 -4.79 0.68
N GLN A 207 -15.41 -4.09 1.46
CA GLN A 207 -15.73 -2.73 1.91
C GLN A 207 -15.51 -1.76 0.76
N LEU A 208 -16.49 -0.88 0.55
CA LEU A 208 -16.39 0.20 -0.41
C LEU A 208 -16.30 1.51 0.36
N ALA A 209 -15.26 2.30 0.09
CA ALA A 209 -15.05 3.52 0.87
C ALA A 209 -14.44 4.62 0.01
N THR A 210 -14.86 5.85 0.28
CA THR A 210 -14.28 7.04 -0.34
C THR A 210 -12.96 7.35 0.33
N ARG A 211 -11.86 7.12 -0.38
CA ARG A 211 -10.52 7.31 0.16
C ARG A 211 -10.19 8.80 0.27
N THR A 212 -9.12 9.10 1.02
CA THR A 212 -8.73 10.48 1.31
C THR A 212 -8.26 11.22 0.06
N ALA A 213 -8.59 12.51 -0.01
CA ALA A 213 -8.23 13.39 -1.13
C ALA A 213 -7.34 14.53 -0.64
N GLN A 214 -7.17 15.54 -1.50
CA GLN A 214 -6.31 16.68 -1.21
C GLN A 214 -6.86 17.50 -0.04
N ALA A 215 -5.96 18.29 0.55
CA ALA A 215 -6.29 19.07 1.74
C ALA A 215 -7.34 20.14 1.50
N ILE A 216 -7.56 20.55 0.25
CA ILE A 216 -8.56 21.58 -0.02
C ILE A 216 -9.98 21.09 0.30
N PHE A 217 -10.18 19.77 0.30
CA PHE A 217 -11.49 19.19 0.55
C PHE A 217 -11.77 18.91 2.02
N ASP A 218 -10.85 19.25 2.93
CA ASP A 218 -11.13 19.14 4.35
C ASP A 218 -12.33 20.01 4.72
N ASP A 219 -12.99 19.63 5.81
CA ASP A 219 -14.12 20.39 6.35
C ASP A 219 -15.26 20.47 5.32
N SER A 220 -15.63 19.30 4.80
CA SER A 220 -16.68 19.20 3.79
C SER A 220 -17.91 18.47 4.29
N TYR A 221 -17.77 17.58 5.26
CA TYR A 221 -18.90 16.87 5.86
C TYR A 221 -19.59 15.96 4.84
N LEU A 222 -18.80 15.25 4.03
CA LEU A 222 -19.36 14.19 3.19
C LEU A 222 -19.91 13.05 4.05
N GLY A 223 -21.15 12.66 3.78
CA GLY A 223 -21.83 11.66 4.57
C GLY A 223 -22.80 12.22 5.58
N TYR A 224 -23.06 13.54 5.52
CA TYR A 224 -23.98 14.18 6.47
C TYR A 224 -25.38 13.60 6.36
N SER A 225 -25.81 13.29 5.13
CA SER A 225 -27.07 12.63 4.89
C SER A 225 -26.88 11.65 3.74
N VAL A 226 -27.73 10.63 3.68
CA VAL A 226 -27.61 9.59 2.67
C VAL A 226 -28.99 9.19 2.16
N ALA A 227 -28.99 8.58 0.98
CA ALA A 227 -30.19 8.03 0.36
C ALA A 227 -29.72 7.07 -0.71
N VAL A 228 -30.60 6.16 -1.12
CA VAL A 228 -30.21 5.14 -2.08
C VAL A 228 -31.18 5.11 -3.25
N GLY A 229 -30.68 4.67 -4.40
CA GLY A 229 -31.43 4.58 -5.63
C GLY A 229 -30.56 4.29 -6.83
N ASP A 230 -31.12 3.69 -7.89
CA ASP A 230 -30.37 3.37 -9.09
C ASP A 230 -30.37 4.58 -10.02
N PHE A 231 -29.21 4.91 -10.58
CA PHE A 231 -29.09 6.11 -11.40
C PHE A 231 -28.34 5.87 -12.69
N ASN A 232 -27.35 4.98 -12.68
CA ASN A 232 -26.62 4.62 -13.87
C ASN A 232 -27.30 3.52 -14.68
N GLY A 233 -28.54 3.19 -14.35
CA GLY A 233 -29.33 2.26 -15.14
C GLY A 233 -28.72 0.88 -15.23
N ASP A 234 -28.33 0.30 -14.09
CA ASP A 234 -27.75 -1.04 -14.08
C ASP A 234 -28.49 -2.01 -13.17
N GLY A 235 -29.00 -1.56 -12.03
CA GLY A 235 -29.77 -2.44 -11.17
C GLY A 235 -29.22 -2.45 -9.76
N ILE A 236 -28.02 -1.92 -9.59
CA ILE A 236 -27.38 -1.86 -8.29
C ILE A 236 -27.68 -0.51 -7.66
N ASP A 237 -28.25 -0.53 -6.45
CA ASP A 237 -28.54 0.70 -5.73
C ASP A 237 -27.27 1.51 -5.53
N ASP A 238 -27.30 2.78 -5.95
CA ASP A 238 -26.16 3.68 -5.87
C ASP A 238 -26.28 4.61 -4.66
N PHE A 239 -25.14 5.21 -4.29
CA PHE A 239 -25.01 5.96 -3.03
C PHE A 239 -25.11 7.46 -3.29
N VAL A 240 -26.12 8.10 -2.69
CA VAL A 240 -26.32 9.55 -2.76
C VAL A 240 -26.07 10.14 -1.37
N SER A 241 -25.32 11.24 -1.33
CA SER A 241 -24.99 11.85 -0.05
C SER A 241 -24.81 13.35 -0.19
N GLY A 242 -25.33 14.09 0.79
CA GLY A 242 -25.14 15.53 0.84
C GLY A 242 -23.78 15.91 1.41
N VAL A 243 -23.17 16.91 0.80
CA VAL A 243 -21.88 17.43 1.25
C VAL A 243 -22.07 18.92 1.51
N PRO A 244 -22.71 19.29 2.63
CA PRO A 244 -23.27 20.64 2.77
C PRO A 244 -22.23 21.75 2.87
N ARG A 245 -21.00 21.45 3.28
CA ARG A 245 -20.00 22.49 3.39
C ARG A 245 -19.05 22.53 2.20
N ALA A 246 -19.23 21.62 1.24
CA ALA A 246 -18.40 21.61 0.04
C ALA A 246 -18.64 22.88 -0.80
N ALA A 247 -17.75 23.07 -1.78
CA ALA A 247 -17.81 24.22 -2.70
C ALA A 247 -17.84 25.55 -1.96
N ARG A 248 -16.98 25.67 -0.94
CA ARG A 248 -16.85 26.92 -0.20
C ARG A 248 -18.19 27.36 0.40
N THR A 249 -18.83 26.43 1.11
CA THR A 249 -20.12 26.61 1.81
C THR A 249 -21.29 26.76 0.86
N LEU A 250 -21.10 26.50 -0.44
CA LEU A 250 -22.22 26.47 -1.37
C LEU A 250 -23.09 25.24 -1.17
N GLY A 251 -22.50 24.15 -0.69
CA GLY A 251 -23.18 22.89 -0.50
C GLY A 251 -23.20 22.08 -1.78
N MET A 252 -22.93 20.78 -1.68
CA MET A 252 -22.93 19.92 -2.84
C MET A 252 -23.56 18.59 -2.47
N VAL A 253 -23.85 17.80 -3.49
CA VAL A 253 -24.32 16.43 -3.30
C VAL A 253 -23.51 15.54 -4.25
N TYR A 254 -22.83 14.56 -3.69
CA TYR A 254 -22.02 13.63 -4.49
C TYR A 254 -22.83 12.36 -4.72
N ILE A 255 -22.71 11.82 -5.93
CA ILE A 255 -23.29 10.52 -6.25
C ILE A 255 -22.15 9.57 -6.59
N TYR A 256 -22.11 8.43 -5.91
CA TYR A 256 -21.10 7.42 -6.14
C TYR A 256 -21.75 6.12 -6.61
N ASP A 257 -21.04 5.39 -7.48
CA ASP A 257 -21.48 4.07 -7.91
C ASP A 257 -21.48 3.08 -6.75
N GLY A 258 -22.53 2.27 -6.66
CA GLY A 258 -22.69 1.33 -5.57
C GLY A 258 -21.98 0.01 -5.75
N LYS A 259 -21.02 -0.04 -6.67
CA LYS A 259 -20.25 -1.26 -6.94
C LYS A 259 -18.77 -1.10 -6.70
N ASN A 260 -18.16 0.03 -7.10
CA ASN A 260 -16.74 0.24 -6.92
C ASN A 260 -16.39 1.60 -6.36
N MET A 261 -17.38 2.35 -5.88
CA MET A 261 -17.17 3.65 -5.22
C MET A 261 -16.46 4.62 -6.17
N SER A 262 -17.22 5.04 -7.19
CA SER A 262 -16.78 6.03 -8.15
C SER A 262 -17.83 7.12 -8.30
N SER A 263 -17.38 8.36 -8.48
CA SER A 263 -18.29 9.49 -8.58
C SER A 263 -19.06 9.44 -9.91
N LEU A 264 -20.38 9.61 -9.83
CA LEU A 264 -21.24 9.55 -11.00
C LEU A 264 -21.76 10.92 -11.41
N TYR A 265 -22.42 11.63 -10.49
CA TYR A 265 -23.05 12.91 -10.80
C TYR A 265 -22.87 13.85 -9.63
N ASN A 266 -22.96 15.15 -9.91
CA ASN A 266 -22.85 16.19 -8.88
C ASN A 266 -24.01 17.18 -8.94
N PHE A 267 -24.43 17.62 -7.76
CA PHE A 267 -25.32 18.75 -7.59
C PHE A 267 -24.62 19.79 -6.72
N THR A 268 -24.92 21.06 -6.98
CA THR A 268 -24.31 22.16 -6.25
C THR A 268 -25.39 23.14 -5.80
N GLY A 269 -25.31 23.56 -4.55
CA GLY A 269 -26.16 24.63 -4.06
C GLY A 269 -25.89 25.94 -4.77
N GLU A 270 -26.83 26.86 -4.66
CA GLU A 270 -26.75 28.12 -5.38
C GLU A 270 -26.67 29.34 -4.46
N GLN A 271 -26.60 29.13 -3.15
CA GLN A 271 -26.49 30.20 -2.16
C GLN A 271 -25.53 29.80 -1.06
N MET A 272 -24.67 30.74 -0.65
CA MET A 272 -23.70 30.48 0.40
C MET A 272 -24.40 30.11 1.71
N ALA A 273 -23.93 29.05 2.36
CA ALA A 273 -24.38 28.67 3.70
C ALA A 273 -25.88 28.44 3.77
N ALA A 274 -26.46 27.95 2.68
CA ALA A 274 -27.86 27.52 2.64
C ALA A 274 -28.04 26.09 3.13
N TYR A 275 -26.93 25.41 3.43
CA TYR A 275 -26.96 24.02 3.84
C TYR A 275 -27.62 23.15 2.78
N PHE A 276 -27.30 23.43 1.52
CA PHE A 276 -27.65 22.55 0.41
C PHE A 276 -27.06 21.17 0.66
N GLY A 277 -27.93 20.19 0.94
CA GLY A 277 -27.48 18.85 1.25
C GLY A 277 -27.72 18.39 2.67
N PHE A 278 -28.42 19.18 3.49
CA PHE A 278 -28.73 18.76 4.86
C PHE A 278 -29.50 17.46 4.89
N SER A 279 -30.49 17.32 4.00
CA SER A 279 -31.28 16.10 3.88
C SER A 279 -31.43 15.76 2.42
N VAL A 280 -31.40 14.46 2.12
CA VAL A 280 -31.57 13.95 0.77
C VAL A 280 -32.51 12.74 0.81
N ALA A 281 -33.13 12.46 -0.33
CA ALA A 281 -34.03 11.33 -0.48
C ALA A 281 -34.04 10.91 -1.94
N ALA A 282 -34.32 9.63 -2.18
CA ALA A 282 -34.35 9.11 -3.54
C ALA A 282 -35.58 8.22 -3.72
N THR A 283 -36.49 8.66 -4.59
CA THR A 283 -37.68 7.89 -4.96
C THR A 283 -38.18 8.37 -6.31
N ASP A 284 -38.67 7.44 -7.12
CA ASP A 284 -39.24 7.75 -8.43
C ASP A 284 -40.58 8.47 -8.26
N ILE A 285 -40.65 9.73 -8.66
CA ILE A 285 -41.83 10.54 -8.41
C ILE A 285 -42.74 10.69 -9.63
N ASN A 286 -42.23 10.41 -10.83
CA ASN A 286 -42.98 10.63 -12.07
C ASN A 286 -43.23 9.33 -12.83
N GLY A 287 -43.16 8.18 -12.15
CA GLY A 287 -43.50 6.90 -12.74
C GLY A 287 -42.71 6.52 -13.98
N ASP A 288 -41.38 6.63 -13.93
CA ASP A 288 -40.53 6.22 -15.04
C ASP A 288 -39.50 5.18 -14.63
N ASP A 289 -39.58 4.66 -13.40
CA ASP A 289 -38.67 3.66 -12.83
C ASP A 289 -37.25 4.20 -12.66
N TYR A 290 -37.05 5.50 -12.80
CA TYR A 290 -35.78 6.16 -12.49
C TYR A 290 -35.93 6.92 -11.18
N ALA A 291 -35.18 6.49 -10.16
CA ALA A 291 -35.19 7.18 -8.88
C ALA A 291 -34.77 8.64 -9.07
N ASP A 292 -35.42 9.53 -8.33
CA ASP A 292 -35.23 10.97 -8.46
C ASP A 292 -34.65 11.53 -7.16
N VAL A 293 -33.85 12.59 -7.29
CA VAL A 293 -33.06 13.14 -6.19
C VAL A 293 -33.77 14.36 -5.60
N PHE A 294 -33.97 14.34 -4.30
CA PHE A 294 -34.55 15.45 -3.55
C PHE A 294 -33.52 15.97 -2.57
N ILE A 295 -33.12 17.23 -2.72
CA ILE A 295 -32.07 17.84 -1.91
C ILE A 295 -32.65 19.00 -1.12
N GLY A 296 -32.54 18.92 0.21
CA GLY A 296 -33.03 19.98 1.08
C GLY A 296 -31.94 20.98 1.42
N ALA A 297 -32.31 22.27 1.41
CA ALA A 297 -31.42 23.37 1.80
C ALA A 297 -32.18 24.24 2.79
N PRO A 298 -32.29 23.80 4.05
CA PRO A 298 -33.22 24.44 4.99
C PRO A 298 -32.86 25.86 5.34
N LEU A 299 -31.64 26.28 5.01
CA LEU A 299 -31.16 27.60 5.34
C LEU A 299 -31.18 28.50 4.13
N PHE A 300 -31.76 28.02 3.03
CA PHE A 300 -31.87 28.83 1.84
C PHE A 300 -32.68 30.08 2.14
N MET A 301 -32.14 31.22 1.71
CA MET A 301 -32.80 32.50 1.86
C MET A 301 -33.28 32.95 0.49
N ASP A 302 -34.55 33.30 0.39
CA ASP A 302 -35.04 33.91 -0.85
C ASP A 302 -35.35 35.38 -0.60
N ARG A 303 -35.62 36.07 -1.69
CA ARG A 303 -35.95 37.49 -1.63
C ARG A 303 -37.45 37.65 -1.50
N GLY A 304 -37.87 38.58 -0.66
CA GLY A 304 -39.29 38.86 -0.48
C GLY A 304 -39.81 39.88 -1.49
N SER A 305 -41.12 40.13 -1.40
CA SER A 305 -41.76 41.09 -2.29
C SER A 305 -41.31 42.51 -1.97
N ASP A 306 -40.95 42.75 -0.72
CA ASP A 306 -40.52 44.05 -0.23
C ASP A 306 -39.04 44.30 -0.45
N GLY A 307 -38.33 43.37 -1.08
CA GLY A 307 -36.91 43.50 -1.31
C GLY A 307 -36.06 43.00 -0.16
N LYS A 308 -36.65 42.58 0.94
CA LYS A 308 -35.90 42.06 2.08
C LYS A 308 -35.71 40.56 1.98
N LEU A 309 -34.51 40.10 2.34
CA LEU A 309 -34.21 38.67 2.38
C LEU A 309 -35.05 38.00 3.45
N GLN A 310 -35.40 36.74 3.21
CA GLN A 310 -36.09 35.95 4.21
C GLN A 310 -35.64 34.50 4.11
N GLU A 311 -35.25 33.93 5.24
CA GLU A 311 -34.85 32.52 5.32
C GLU A 311 -36.09 31.64 5.29
N VAL A 312 -36.28 30.90 4.20
CA VAL A 312 -37.44 30.02 4.09
C VAL A 312 -37.07 28.58 3.79
N GLY A 313 -35.85 28.30 3.35
CA GLY A 313 -35.46 26.95 3.01
C GLY A 313 -35.89 26.60 1.60
N GLN A 314 -35.15 25.71 0.94
CA GLN A 314 -35.47 25.32 -0.42
C GLN A 314 -35.15 23.85 -0.64
N VAL A 315 -36.02 23.18 -1.39
CA VAL A 315 -35.78 21.82 -1.85
C VAL A 315 -35.74 21.84 -3.37
N SER A 316 -34.70 21.27 -3.94
CA SER A 316 -34.57 21.12 -5.39
C SER A 316 -35.04 19.74 -5.81
N VAL A 317 -35.85 19.68 -6.86
CA VAL A 317 -36.40 18.44 -7.39
C VAL A 317 -35.73 18.17 -8.72
N SER A 318 -34.96 17.07 -8.79
CA SER A 318 -34.20 16.70 -9.98
C SER A 318 -34.73 15.39 -10.55
N LEU A 319 -35.37 15.48 -11.72
CA LEU A 319 -35.95 14.31 -12.38
C LEU A 319 -34.90 13.60 -13.23
N GLN A 320 -34.63 12.33 -12.91
CA GLN A 320 -33.66 11.52 -13.65
C GLN A 320 -34.21 11.14 -15.02
N ARG A 321 -33.34 11.19 -16.03
CA ARG A 321 -33.66 10.75 -17.38
C ARG A 321 -32.68 9.69 -17.86
N ALA A 322 -33.17 8.84 -18.78
CA ALA A 322 -32.35 7.77 -19.34
C ALA A 322 -31.16 8.34 -20.11
N SER A 323 -31.29 9.54 -20.65
CA SER A 323 -30.20 10.15 -21.39
C SER A 323 -29.08 10.61 -20.48
N GLY A 324 -29.22 10.43 -19.17
CA GLY A 324 -28.20 10.77 -18.22
C GLY A 324 -28.38 12.12 -17.55
N ASP A 325 -29.14 13.02 -18.17
CA ASP A 325 -29.32 14.36 -17.65
C ASP A 325 -30.26 14.36 -16.45
N PHE A 326 -30.52 15.57 -15.91
CA PHE A 326 -31.46 15.76 -14.81
C PHE A 326 -32.29 17.01 -15.10
N GLN A 327 -33.60 16.91 -14.88
CA GLN A 327 -34.50 18.06 -14.96
C GLN A 327 -34.72 18.59 -13.54
N THR A 328 -34.08 19.72 -13.22
CA THR A 328 -34.08 20.26 -11.88
C THR A 328 -34.99 21.47 -11.77
N THR A 329 -35.86 21.46 -10.76
CA THR A 329 -36.66 22.61 -10.36
C THR A 329 -36.36 22.90 -8.89
N LYS A 330 -36.93 23.98 -8.39
CA LYS A 330 -36.68 24.37 -7.02
C LYS A 330 -37.98 24.72 -6.31
N LEU A 331 -38.13 24.24 -5.08
CA LEU A 331 -39.33 24.43 -4.28
C LEU A 331 -38.96 25.20 -3.02
N ASN A 332 -39.48 26.41 -2.89
CA ASN A 332 -39.19 27.27 -1.75
C ASN A 332 -40.18 27.02 -0.62
N GLY A 333 -39.70 27.21 0.60
CA GLY A 333 -40.56 27.07 1.77
C GLY A 333 -41.58 28.19 1.89
N PHE A 334 -42.49 28.02 2.86
CA PHE A 334 -43.60 28.94 3.04
C PHE A 334 -43.46 29.84 4.27
N GLU A 335 -42.78 29.39 5.31
CA GLU A 335 -42.67 30.14 6.54
C GLU A 335 -41.22 30.53 6.81
N VAL A 336 -41.04 31.78 7.27
CA VAL A 336 -39.71 32.30 7.61
C VAL A 336 -39.15 31.56 8.83
N PHE A 337 -37.88 31.19 8.76
CA PHE A 337 -37.13 30.51 9.81
C PHE A 337 -37.70 29.14 10.15
N ALA A 338 -38.63 28.62 9.33
CA ALA A 338 -39.20 27.31 9.56
C ALA A 338 -38.25 26.20 9.17
N ARG A 339 -37.22 26.53 8.38
CA ARG A 339 -36.27 25.54 7.90
C ARG A 339 -36.98 24.45 7.12
N PHE A 340 -37.82 24.88 6.17
CA PHE A 340 -38.43 23.98 5.20
C PHE A 340 -37.35 23.18 4.48
N GLY A 341 -37.50 21.87 4.46
CA GLY A 341 -36.49 21.01 3.86
C GLY A 341 -35.57 20.33 4.84
N SER A 342 -35.85 20.43 6.14
CA SER A 342 -35.00 19.76 7.13
C SER A 342 -35.12 18.25 7.05
N ALA A 343 -36.30 17.74 6.72
CA ALA A 343 -36.52 16.31 6.59
C ALA A 343 -37.36 16.03 5.36
N ILE A 344 -36.98 15.00 4.61
CA ILE A 344 -37.65 14.61 3.37
C ILE A 344 -37.87 13.10 3.44
N ALA A 345 -39.13 12.68 3.49
CA ALA A 345 -39.49 11.27 3.61
C ALA A 345 -40.31 10.82 2.40
N PRO A 346 -39.79 9.91 1.58
CA PRO A 346 -40.63 9.33 0.51
C PRO A 346 -41.81 8.58 1.13
N LEU A 347 -43.00 8.83 0.58
CA LEU A 347 -44.23 8.29 1.13
C LEU A 347 -44.77 7.10 0.36
N GLY A 348 -44.13 6.70 -0.74
CA GLY A 348 -44.78 5.75 -1.60
C GLY A 348 -45.89 6.46 -2.36
N ASP A 349 -46.93 5.71 -2.70
CA ASP A 349 -48.11 6.29 -3.34
C ASP A 349 -49.14 6.47 -2.23
N LEU A 350 -49.04 7.59 -1.52
CA LEU A 350 -49.88 7.85 -0.35
C LEU A 350 -51.37 7.74 -0.68
N ASP A 351 -51.77 8.15 -1.88
CA ASP A 351 -53.18 8.16 -2.25
C ASP A 351 -53.51 7.15 -3.34
N GLN A 352 -52.53 6.31 -3.72
CA GLN A 352 -52.73 5.24 -4.68
C GLN A 352 -53.32 5.75 -5.99
N ASP A 353 -52.67 6.77 -6.56
CA ASP A 353 -53.07 7.33 -7.84
C ASP A 353 -52.17 6.90 -8.99
N GLY A 354 -51.14 6.09 -8.72
CA GLY A 354 -50.21 5.66 -9.74
C GLY A 354 -48.92 6.43 -9.77
N PHE A 355 -48.76 7.43 -8.92
CA PHE A 355 -47.56 8.24 -8.85
C PHE A 355 -47.14 8.41 -7.40
N ASN A 356 -45.87 8.18 -7.12
CA ASN A 356 -45.36 8.32 -5.76
C ASN A 356 -45.47 9.77 -5.28
N ASP A 357 -45.57 9.92 -3.97
CA ASP A 357 -45.72 11.21 -3.30
C ASP A 357 -44.62 11.36 -2.26
N ILE A 358 -44.48 12.58 -1.73
CA ILE A 358 -43.38 12.88 -0.82
C ILE A 358 -43.83 13.90 0.23
N ALA A 359 -43.20 13.81 1.40
CA ALA A 359 -43.40 14.76 2.50
C ALA A 359 -42.12 15.56 2.75
N ILE A 360 -42.29 16.85 3.03
CA ILE A 360 -41.20 17.75 3.40
C ILE A 360 -41.60 18.51 4.65
N ALA A 361 -40.72 18.53 5.64
CA ALA A 361 -41.05 19.09 6.95
C ALA A 361 -40.38 20.46 7.17
N ALA A 362 -41.10 21.34 7.88
CA ALA A 362 -40.56 22.60 8.38
C ALA A 362 -40.65 22.55 9.90
N PRO A 363 -39.66 21.96 10.57
CA PRO A 363 -39.82 21.61 11.99
C PRO A 363 -40.07 22.80 12.90
N TYR A 364 -39.85 24.02 12.42
CA TYR A 364 -39.99 25.20 13.25
C TYR A 364 -41.02 26.18 12.70
N GLY A 365 -41.91 25.71 11.82
CA GLY A 365 -42.96 26.53 11.28
C GLY A 365 -44.23 26.44 12.11
N GLY A 366 -45.29 27.05 11.59
CA GLY A 366 -46.57 27.02 12.25
C GLY A 366 -46.62 27.93 13.46
N GLU A 367 -47.80 28.00 14.06
CA GLU A 367 -47.99 28.81 15.25
C GLU A 367 -47.09 28.32 16.38
N ASP A 368 -46.50 29.27 17.11
CA ASP A 368 -45.63 28.99 18.26
C ASP A 368 -44.41 28.15 17.87
N LYS A 369 -44.04 28.18 16.58
CA LYS A 369 -42.89 27.42 16.07
C LYS A 369 -42.94 25.96 16.53
N LYS A 370 -44.09 25.34 16.32
CA LYS A 370 -44.32 23.97 16.78
C LYS A 370 -43.92 22.94 15.73
N GLY A 371 -44.23 23.20 14.47
CA GLY A 371 -43.80 22.35 13.37
C GLY A 371 -44.91 22.07 12.38
N ILE A 372 -44.52 21.92 11.12
CA ILE A 372 -45.45 21.65 10.02
C ILE A 372 -44.83 20.60 9.10
N VAL A 373 -45.65 19.69 8.58
CA VAL A 373 -45.24 18.75 7.55
C VAL A 373 -46.14 18.94 6.35
N TYR A 374 -45.53 19.15 5.18
CA TYR A 374 -46.28 19.39 3.95
C TYR A 374 -46.26 18.12 3.09
N ILE A 375 -47.43 17.77 2.55
CA ILE A 375 -47.60 16.60 1.69
C ILE A 375 -47.67 17.06 0.24
N PHE A 376 -46.82 16.48 -0.60
CA PHE A 376 -46.79 16.82 -2.03
C PHE A 376 -47.03 15.57 -2.85
N ASN A 377 -47.89 15.69 -3.86
CA ASN A 377 -48.26 14.59 -4.73
C ASN A 377 -47.49 14.65 -6.05
N GLY A 378 -47.18 13.46 -6.59
CA GLY A 378 -46.55 13.35 -7.89
C GLY A 378 -47.56 13.40 -9.03
N ARG A 379 -47.04 13.63 -10.23
CA ARG A 379 -47.85 13.62 -11.44
C ARG A 379 -46.91 13.31 -12.62
N SER A 380 -47.51 13.21 -13.81
CA SER A 380 -46.74 12.83 -14.99
C SER A 380 -45.57 13.78 -15.23
N THR A 381 -45.75 15.06 -14.95
CA THR A 381 -44.71 16.06 -15.17
C THR A 381 -43.81 16.23 -13.95
N GLY A 382 -44.06 15.50 -12.87
CA GLY A 382 -43.23 15.60 -11.69
C GLY A 382 -43.99 15.84 -10.40
N LEU A 383 -43.38 16.57 -9.47
CA LEU A 383 -43.97 16.81 -8.17
C LEU A 383 -44.87 18.05 -8.21
N ASN A 384 -46.03 17.95 -7.57
CA ASN A 384 -46.93 19.09 -7.45
C ASN A 384 -46.38 20.10 -6.45
N ALA A 385 -46.08 21.30 -6.93
CA ALA A 385 -45.46 22.31 -6.08
C ALA A 385 -46.36 22.77 -4.94
N VAL A 386 -47.68 22.66 -5.10
CA VAL A 386 -48.61 23.08 -4.05
C VAL A 386 -48.97 21.89 -3.16
N PRO A 387 -48.90 22.06 -1.84
CA PRO A 387 -49.22 20.93 -0.95
C PRO A 387 -50.71 20.65 -0.91
N SER A 388 -51.06 19.37 -0.83
CA SER A 388 -52.43 18.94 -0.76
C SER A 388 -52.91 18.72 0.67
N GLN A 389 -52.00 18.75 1.63
CA GLN A 389 -52.37 18.58 3.03
C GLN A 389 -51.29 19.22 3.91
N ILE A 390 -51.73 19.80 5.02
CA ILE A 390 -50.86 20.47 5.97
C ILE A 390 -50.99 19.77 7.31
N LEU A 391 -49.88 19.20 7.79
CA LEU A 391 -49.85 18.55 9.10
C LEU A 391 -49.37 19.57 10.13
N GLU A 392 -50.20 19.82 11.14
CA GLU A 392 -49.90 20.83 12.14
C GLU A 392 -49.46 20.19 13.45
N GLY A 393 -48.45 20.78 14.07
CA GLY A 393 -48.03 20.37 15.40
C GLY A 393 -48.97 20.88 16.47
N GLN A 394 -49.20 20.04 17.48
CA GLN A 394 -50.15 20.35 18.55
C GLN A 394 -49.47 20.60 19.89
N TRP A 395 -48.16 20.38 19.99
CA TRP A 395 -47.47 20.36 21.27
C TRP A 395 -46.60 21.60 21.42
N ALA A 396 -46.90 22.41 22.44
CA ALA A 396 -46.15 23.63 22.73
C ALA A 396 -44.76 23.30 23.27
N ALA A 397 -43.90 24.32 23.24
CA ALA A 397 -42.50 24.18 23.64
C ALA A 397 -42.40 24.48 25.13
N ARG A 398 -42.15 23.44 25.92
CA ARG A 398 -41.89 23.58 27.35
C ARG A 398 -40.70 24.49 27.63
N SER A 399 -39.49 24.02 27.34
CA SER A 399 -38.26 24.75 27.62
C SER A 399 -37.09 23.99 27.01
N GLY A 400 -36.22 24.69 26.27
CA GLY A 400 -35.05 24.05 25.73
C GLY A 400 -35.17 24.02 24.22
N CYS A 401 -35.17 22.80 23.66
CA CYS A 401 -35.37 22.66 22.23
C CYS A 401 -36.83 22.90 21.88
N PRO A 402 -37.10 23.48 20.72
CA PRO A 402 -38.47 23.58 20.23
C PRO A 402 -39.05 22.20 19.98
N PRO A 403 -40.37 22.08 19.83
CA PRO A 403 -40.97 20.76 19.64
C PRO A 403 -40.34 19.98 18.49
N SER A 404 -39.93 20.66 17.42
CA SER A 404 -39.24 20.02 16.30
C SER A 404 -40.10 18.93 15.64
N PHE A 405 -41.42 19.17 15.58
CA PHE A 405 -42.32 18.25 14.91
C PHE A 405 -41.97 18.17 13.43
N GLY A 406 -41.60 16.97 12.97
CA GLY A 406 -41.21 16.76 11.59
C GLY A 406 -39.72 16.62 11.36
N TYR A 407 -38.89 16.81 12.39
CA TYR A 407 -37.45 16.81 12.21
C TYR A 407 -36.94 15.52 11.57
N SER A 408 -37.59 14.39 11.85
CA SER A 408 -37.30 13.12 11.19
C SER A 408 -38.61 12.44 10.85
N MET A 409 -38.63 11.73 9.72
CA MET A 409 -39.84 11.01 9.32
C MET A 409 -39.47 9.95 8.29
N LYS A 410 -40.36 8.97 8.15
CA LYS A 410 -40.19 7.87 7.20
C LYS A 410 -41.57 7.41 6.71
N GLY A 411 -41.67 7.13 5.41
CA GLY A 411 -42.93 6.67 4.86
C GLY A 411 -42.83 5.43 3.99
N ALA A 412 -43.82 5.25 3.11
CA ALA A 412 -43.86 4.18 2.11
C ALA A 412 -44.05 2.78 2.72
N THR A 413 -44.68 2.70 3.89
CA THR A 413 -45.00 1.42 4.52
C THR A 413 -46.44 1.44 5.00
N ASP A 414 -47.24 0.45 4.57
CA ASP A 414 -48.65 0.36 4.94
C ASP A 414 -48.75 -0.48 6.21
N ILE A 415 -48.74 0.21 7.36
CA ILE A 415 -48.61 -0.47 8.65
C ILE A 415 -49.90 -1.13 9.11
N ASP A 416 -51.05 -0.76 8.55
CA ASP A 416 -52.34 -1.29 8.98
C ASP A 416 -53.01 -2.14 7.90
N LYS A 417 -52.29 -2.49 6.83
CA LYS A 417 -52.82 -3.37 5.78
C LYS A 417 -54.13 -2.83 5.22
N ASN A 418 -54.19 -1.50 5.13
CA ASN A 418 -55.36 -0.77 4.65
C ASN A 418 -55.30 -0.49 3.16
N GLY A 419 -54.22 -0.88 2.49
CA GLY A 419 -54.06 -0.62 1.07
C GLY A 419 -53.33 0.66 0.77
N TYR A 420 -53.01 1.46 1.78
CA TYR A 420 -52.37 2.75 1.62
C TYR A 420 -51.17 2.87 2.55
N PRO A 421 -50.05 3.39 2.03
CA PRO A 421 -48.87 3.58 2.89
C PRO A 421 -49.09 4.71 3.88
N ASP A 422 -48.56 4.55 5.09
CA ASP A 422 -48.76 5.49 6.18
C ASP A 422 -47.44 6.20 6.51
N LEU A 423 -47.48 7.09 7.50
CA LEU A 423 -46.38 8.02 7.75
C LEU A 423 -46.15 8.23 9.24
N ILE A 424 -44.91 8.06 9.68
CA ILE A 424 -44.49 8.36 11.06
C ILE A 424 -43.75 9.69 11.07
N VAL A 425 -44.08 10.55 12.04
CA VAL A 425 -43.47 11.87 12.17
C VAL A 425 -42.92 12.04 13.58
N GLY A 426 -41.61 12.27 13.68
CA GLY A 426 -40.97 12.47 14.96
C GLY A 426 -40.89 13.93 15.38
N ALA A 427 -41.01 14.16 16.71
CA ALA A 427 -40.86 15.48 17.33
C ALA A 427 -40.04 15.32 18.60
N PHE A 428 -38.72 15.31 18.45
CA PHE A 428 -37.86 14.94 19.59
C PHE A 428 -37.88 15.99 20.69
N GLY A 429 -38.19 17.25 20.37
CA GLY A 429 -38.18 18.30 21.38
C GLY A 429 -39.22 18.13 22.46
N VAL A 430 -40.27 17.37 22.19
CA VAL A 430 -41.30 17.06 23.17
C VAL A 430 -41.40 15.56 23.43
N ASP A 431 -40.41 14.79 22.95
CA ASP A 431 -40.32 13.34 23.16
C ASP A 431 -41.59 12.64 22.72
N ARG A 432 -41.92 12.79 21.43
CA ARG A 432 -43.17 12.26 20.92
C ARG A 432 -43.01 11.81 19.47
N ALA A 433 -43.79 10.78 19.11
CA ALA A 433 -43.92 10.32 17.75
C ALA A 433 -45.40 10.06 17.45
N ILE A 434 -45.85 10.48 16.27
CA ILE A 434 -47.25 10.45 15.89
C ILE A 434 -47.42 9.69 14.59
N LEU A 435 -48.34 8.73 14.57
CA LEU A 435 -48.66 7.96 13.37
C LEU A 435 -49.91 8.52 12.70
N TYR A 436 -49.76 8.97 11.45
CA TYR A 436 -50.88 9.43 10.63
C TYR A 436 -51.26 8.34 9.65
N ARG A 437 -52.52 7.92 9.67
CA ARG A 437 -53.02 6.84 8.82
C ARG A 437 -53.69 7.42 7.59
N ALA A 438 -53.40 6.84 6.43
CA ALA A 438 -53.99 7.30 5.19
C ALA A 438 -55.43 6.84 5.07
N ARG A 439 -56.35 7.78 4.85
CA ARG A 439 -57.75 7.42 4.67
C ARG A 439 -57.98 6.98 3.22
N PRO A 440 -58.85 5.99 3.00
CA PRO A 440 -59.14 5.57 1.63
C PRO A 440 -59.78 6.71 0.84
N VAL A 441 -59.46 6.76 -0.45
CA VAL A 441 -59.88 7.84 -1.33
C VAL A 441 -61.00 7.33 -2.23
N ILE A 442 -62.16 7.94 -2.13
CA ILE A 442 -63.33 7.59 -2.92
C ILE A 442 -63.42 8.56 -4.10
N THR A 443 -63.41 8.02 -5.32
CA THR A 443 -63.66 8.80 -6.52
C THR A 443 -65.13 8.64 -6.90
N VAL A 444 -65.85 9.75 -6.97
CA VAL A 444 -67.29 9.75 -7.24
C VAL A 444 -67.56 10.43 -8.57
N ASN A 445 -68.35 9.79 -9.42
CA ASN A 445 -68.80 10.37 -10.69
C ASN A 445 -70.33 10.55 -10.62
N ALA A 446 -70.78 11.79 -10.45
CA ALA A 446 -72.20 12.10 -10.40
C ALA A 446 -72.70 12.63 -11.74
N GLY A 447 -73.93 12.27 -12.07
CA GLY A 447 -74.56 12.70 -13.30
C GLY A 447 -75.92 13.32 -13.05
N LEU A 448 -76.34 14.18 -13.98
CA LEU A 448 -77.65 14.84 -13.83
C LEU A 448 -78.21 15.15 -15.22
N GLU A 449 -79.33 14.52 -15.56
CA GLU A 449 -80.05 14.78 -16.80
C GLU A 449 -81.41 15.39 -16.49
N VAL A 450 -81.78 16.41 -17.24
CA VAL A 450 -83.07 17.07 -17.12
C VAL A 450 -83.73 17.06 -18.50
N TYR A 451 -84.73 16.21 -18.68
CA TYR A 451 -85.46 16.13 -19.95
C TYR A 451 -86.96 16.16 -19.69
N PRO A 452 -87.69 17.08 -20.34
CA PRO A 452 -87.18 18.07 -21.31
C PRO A 452 -86.47 19.26 -20.68
N SER A 453 -85.68 19.96 -21.51
CA SER A 453 -85.07 21.21 -21.09
C SER A 453 -86.09 22.34 -21.04
N ILE A 454 -87.07 22.32 -21.92
CA ILE A 454 -88.04 23.39 -22.07
C ILE A 454 -89.36 22.89 -21.51
N LEU A 455 -89.80 23.48 -20.41
CA LEU A 455 -91.06 23.10 -19.79
C LEU A 455 -92.19 24.00 -20.31
N ASN A 456 -93.18 23.39 -20.95
CA ASN A 456 -94.34 24.12 -21.41
C ASN A 456 -95.13 24.64 -20.22
N GLN A 457 -95.89 25.71 -20.44
CA GLN A 457 -96.71 26.25 -19.37
C GLN A 457 -97.91 25.39 -19.08
N ASP A 458 -98.26 24.47 -19.98
CA ASP A 458 -99.41 23.58 -19.79
C ASP A 458 -99.14 22.30 -20.59
N ASN A 459 -98.45 21.36 -19.96
CA ASN A 459 -98.15 20.05 -20.54
C ASN A 459 -98.50 19.00 -19.51
N LYS A 460 -99.76 18.57 -19.51
CA LYS A 460 -100.27 17.62 -18.55
C LYS A 460 -100.08 16.20 -19.08
N THR A 461 -99.25 15.40 -18.40
CA THR A 461 -98.93 14.07 -18.91
C THR A 461 -98.91 13.00 -17.82
N CYS A 462 -98.06 13.17 -16.80
CA CYS A 462 -98.00 12.21 -15.71
C CYS A 462 -99.35 12.12 -15.00
N SER A 463 -99.66 10.93 -14.50
CA SER A 463 -100.95 10.69 -13.87
C SER A 463 -101.08 11.47 -12.55
N LEU A 464 -102.25 12.08 -12.39
CA LEU A 464 -102.66 12.85 -11.21
C LEU A 464 -104.17 13.06 -11.33
N PRO A 465 -104.92 13.19 -10.22
CA PRO A 465 -106.36 13.44 -10.40
C PRO A 465 -106.65 14.81 -11.01
N LYS A 470 -103.67 15.69 -13.64
CA LYS A 470 -102.56 15.93 -14.58
C LYS A 470 -102.15 17.40 -14.56
N VAL A 471 -100.86 17.63 -14.32
CA VAL A 471 -100.28 18.98 -14.33
C VAL A 471 -98.95 18.93 -15.06
N SER A 472 -98.48 20.11 -15.48
CA SER A 472 -97.20 20.25 -16.17
C SER A 472 -96.03 19.64 -15.40
N CYS A 473 -95.58 18.45 -15.81
CA CYS A 473 -94.55 17.71 -15.10
C CYS A 473 -93.43 17.25 -16.03
N PHE A 474 -92.32 16.86 -15.40
CA PHE A 474 -91.11 16.43 -16.11
C PHE A 474 -90.37 15.39 -15.28
N ASN A 475 -89.47 14.66 -15.95
CA ASN A 475 -88.71 13.57 -15.33
C ASN A 475 -87.33 14.05 -14.89
N VAL A 476 -86.96 13.72 -13.66
CA VAL A 476 -85.63 14.02 -13.12
C VAL A 476 -84.88 12.70 -12.95
N ARG A 477 -83.87 12.46 -13.77
CA ARG A 477 -83.07 11.25 -13.71
C ARG A 477 -81.65 11.61 -13.27
N PHE A 478 -81.23 11.07 -12.11
CA PHE A 478 -79.91 11.29 -11.56
C PHE A 478 -79.21 9.94 -11.38
N CYS A 479 -77.96 9.85 -11.84
CA CYS A 479 -77.18 8.63 -11.73
C CYS A 479 -76.01 8.84 -10.78
N LEU A 480 -75.57 7.75 -10.13
CA LEU A 480 -74.56 7.82 -9.10
C LEU A 480 -73.64 6.61 -9.17
N LYS A 481 -72.33 6.85 -9.19
CA LYS A 481 -71.34 5.78 -9.26
C LYS A 481 -70.12 6.18 -8.44
N ALA A 482 -69.59 5.22 -7.67
CA ALA A 482 -68.45 5.47 -6.79
C ALA A 482 -67.50 4.28 -6.85
N ASP A 483 -66.24 4.54 -6.47
CA ASP A 483 -65.23 3.49 -6.41
C ASP A 483 -64.05 3.96 -5.57
N GLY A 484 -63.25 3.00 -5.14
CA GLY A 484 -62.05 3.27 -4.36
C GLY A 484 -60.98 2.28 -4.74
N LYS A 485 -59.76 2.53 -4.24
CA LYS A 485 -58.60 1.71 -4.62
C LYS A 485 -57.79 1.44 -3.35
N GLY A 486 -58.09 0.33 -2.70
CA GLY A 486 -57.46 -0.08 -1.44
C GLY A 486 -58.32 -1.14 -0.77
N VAL A 487 -58.24 -1.20 0.56
CA VAL A 487 -59.07 -2.11 1.35
C VAL A 487 -60.22 -1.29 1.93
N LEU A 488 -61.40 -1.43 1.32
CA LEU A 488 -62.61 -0.76 1.77
C LEU A 488 -63.78 -1.70 1.52
N PRO A 489 -64.88 -1.55 2.27
CA PRO A 489 -66.06 -2.39 2.05
C PRO A 489 -66.67 -2.13 0.68
N ARG A 490 -67.55 -3.05 0.27
CA ARG A 490 -68.23 -2.88 -1.02
C ARG A 490 -69.41 -1.93 -0.91
N LYS A 491 -70.21 -2.06 0.15
CA LYS A 491 -71.44 -1.30 0.27
C LYS A 491 -71.15 0.06 0.91
N LEU A 492 -71.23 1.11 0.10
CA LEU A 492 -71.09 2.50 0.56
C LEU A 492 -72.46 3.15 0.60
N ASN A 493 -72.89 3.58 1.80
CA ASN A 493 -74.19 4.21 1.99
C ASN A 493 -74.10 5.71 1.75
N PHE A 494 -74.85 6.20 0.77
CA PHE A 494 -74.88 7.62 0.41
C PHE A 494 -76.17 8.27 0.87
N GLN A 495 -76.07 9.53 1.27
CA GLN A 495 -77.23 10.36 1.60
C GLN A 495 -77.33 11.45 0.53
N VAL A 496 -78.38 11.40 -0.28
CA VAL A 496 -78.55 12.31 -1.42
C VAL A 496 -79.71 13.24 -1.14
N GLU A 497 -79.50 14.53 -1.32
CA GLU A 497 -80.53 15.56 -1.20
C GLU A 497 -80.69 16.29 -2.52
N LEU A 498 -81.93 16.55 -2.90
CA LEU A 498 -82.25 17.30 -4.12
C LEU A 498 -83.11 18.49 -3.75
N LEU A 499 -82.77 19.67 -4.30
CA LEU A 499 -83.53 20.89 -4.08
C LEU A 499 -83.89 21.52 -5.42
N LEU A 500 -85.18 21.67 -5.66
CA LEU A 500 -85.68 22.31 -6.88
C LEU A 500 -85.77 23.81 -6.68
N ASP A 501 -85.42 24.56 -7.72
CA ASP A 501 -85.56 26.02 -7.72
C ASP A 501 -84.86 26.64 -6.50
N LYS A 502 -83.60 26.28 -6.32
CA LYS A 502 -82.87 26.78 -5.16
C LYS A 502 -82.66 28.29 -5.22
N LEU A 503 -82.38 28.81 -6.42
CA LEU A 503 -82.07 30.23 -6.63
C LEU A 503 -82.99 31.16 -5.85
N LYS A 504 -84.24 30.74 -5.63
CA LYS A 504 -85.16 31.46 -4.76
C LYS A 504 -84.79 31.23 -3.31
N GLN A 505 -84.29 32.26 -2.64
CA GLN A 505 -83.94 32.17 -1.23
C GLN A 505 -85.17 31.88 -0.37
N LYS A 506 -84.92 31.40 0.85
CA LYS A 506 -85.99 31.06 1.79
C LYS A 506 -86.86 32.28 2.10
N GLY A 507 -88.05 32.34 1.49
CA GLY A 507 -88.98 33.42 1.72
C GLY A 507 -89.60 33.89 0.42
N ALA A 508 -88.95 33.54 -0.68
CA ALA A 508 -89.40 33.93 -2.01
C ALA A 508 -90.61 33.12 -2.45
N ILE A 509 -90.84 33.07 -3.76
CA ILE A 509 -91.93 32.31 -4.35
C ILE A 509 -91.35 31.13 -5.11
N ARG A 510 -91.62 29.93 -4.63
CA ARG A 510 -91.08 28.70 -5.21
C ARG A 510 -92.00 28.22 -6.32
N ARG A 511 -91.44 27.43 -7.24
CA ARG A 511 -92.19 27.01 -8.42
C ARG A 511 -92.12 25.52 -8.75
N ALA A 512 -91.36 24.73 -8.00
CA ALA A 512 -91.26 23.30 -8.29
C ALA A 512 -91.37 22.49 -6.99
N LEU A 513 -91.83 21.25 -7.14
CA LEU A 513 -91.97 20.31 -6.03
C LEU A 513 -92.36 18.96 -6.61
N PHE A 514 -91.82 17.89 -6.02
CA PHE A 514 -91.98 16.55 -6.57
C PHE A 514 -93.45 16.14 -6.64
N LEU A 515 -93.71 15.14 -7.48
CA LEU A 515 -95.09 14.76 -7.80
C LEU A 515 -95.77 14.09 -6.61
N TYR A 516 -95.12 13.09 -6.03
CA TYR A 516 -95.70 12.35 -4.91
C TYR A 516 -95.21 12.84 -3.55
N SER A 517 -93.96 13.31 -3.48
CA SER A 517 -93.42 13.81 -2.21
C SER A 517 -94.12 15.09 -1.75
N ARG A 518 -94.73 15.84 -2.68
CA ARG A 518 -95.41 17.10 -2.37
C ARG A 518 -94.50 18.05 -1.62
N SER A 519 -93.22 18.05 -1.96
CA SER A 519 -92.23 18.81 -1.21
C SER A 519 -91.06 19.15 -2.11
N PRO A 520 -90.68 20.45 -2.19
CA PRO A 520 -89.63 20.88 -3.13
C PRO A 520 -88.33 20.11 -2.99
N SER A 521 -88.17 19.38 -1.89
CA SER A 521 -86.96 18.60 -1.64
C SER A 521 -87.34 17.15 -1.42
N HIS A 522 -86.45 16.25 -1.83
CA HIS A 522 -86.65 14.82 -1.67
C HIS A 522 -85.36 14.22 -1.12
N SER A 523 -85.49 13.53 0.01
CA SER A 523 -84.36 12.84 0.63
C SER A 523 -84.44 11.36 0.30
N LYS A 524 -83.28 10.74 0.13
CA LYS A 524 -83.22 9.33 -0.19
C LYS A 524 -81.90 8.77 0.32
N ASN A 525 -81.98 7.70 1.09
CA ASN A 525 -80.82 7.00 1.61
C ASN A 525 -80.43 5.94 0.57
N MET A 526 -79.16 5.96 0.15
CA MET A 526 -78.74 5.19 -1.00
C MET A 526 -77.53 4.33 -0.67
N THR A 527 -77.74 3.02 -0.62
CA THR A 527 -76.65 2.04 -0.59
C THR A 527 -76.28 1.71 -2.03
N ILE A 528 -75.05 2.05 -2.41
CA ILE A 528 -74.53 1.67 -3.72
C ILE A 528 -73.26 0.87 -3.50
N SER A 529 -72.97 -0.01 -4.44
CA SER A 529 -71.78 -0.85 -4.39
C SER A 529 -70.74 -0.32 -5.35
N ARG A 530 -69.51 -0.20 -4.87
CA ARG A 530 -68.43 0.26 -5.70
C ARG A 530 -68.00 -0.84 -6.66
N GLY A 531 -67.52 -0.42 -7.84
CA GLY A 531 -66.93 -1.33 -8.80
C GLY A 531 -67.89 -2.05 -9.73
N GLY A 532 -69.12 -2.29 -9.27
CA GLY A 532 -70.05 -3.10 -10.04
C GLY A 532 -70.61 -2.41 -11.27
N LEU A 533 -71.61 -1.56 -11.07
CA LEU A 533 -72.26 -0.82 -12.15
C LEU A 533 -72.79 0.47 -11.55
N MET A 534 -73.17 1.40 -12.43
CA MET A 534 -73.73 2.66 -11.96
C MET A 534 -75.20 2.46 -11.63
N GLN A 535 -75.59 2.83 -10.41
CA GLN A 535 -76.98 2.75 -10.00
C GLN A 535 -77.64 4.11 -10.20
N CYS A 536 -78.74 4.13 -10.96
CA CYS A 536 -79.45 5.35 -11.32
C CYS A 536 -80.90 5.23 -10.85
N GLU A 537 -81.58 6.37 -10.72
CA GLU A 537 -82.96 6.38 -10.26
C GLU A 537 -83.72 7.57 -10.83
N GLU A 538 -84.91 7.32 -11.35
CA GLU A 538 -85.77 8.35 -11.94
C GLU A 538 -86.93 8.70 -11.01
N LEU A 539 -87.42 9.94 -11.14
CA LEU A 539 -88.53 10.43 -10.33
C LEU A 539 -89.15 11.63 -11.06
N ILE A 540 -90.42 11.91 -10.77
CA ILE A 540 -91.17 12.93 -11.49
C ILE A 540 -91.41 14.14 -10.60
N ALA A 541 -91.06 15.33 -11.12
CA ALA A 541 -91.36 16.61 -10.52
C ALA A 541 -92.16 17.46 -11.50
N TYR A 542 -92.97 18.38 -10.96
CA TYR A 542 -93.81 19.23 -11.80
C TYR A 542 -93.67 20.70 -11.46
N LEU A 543 -94.08 21.54 -12.42
CA LEU A 543 -94.14 22.99 -12.27
C LEU A 543 -95.51 23.41 -11.74
N ARG A 544 -95.53 24.53 -11.02
CA ARG A 544 -96.76 25.15 -10.56
C ARG A 544 -97.53 25.83 -11.70
N ASP A 545 -98.84 26.01 -11.47
CA ASP A 545 -99.75 26.68 -12.40
C ASP A 545 -99.29 28.10 -12.72
N GLU A 546 -99.76 28.59 -13.88
CA GLU A 546 -99.41 29.94 -14.34
C GLU A 546 -99.91 31.01 -13.38
N SER A 547 -101.14 30.87 -12.87
CA SER A 547 -101.76 31.91 -12.05
C SER A 547 -101.19 31.96 -10.63
N GLU A 548 -100.37 30.98 -10.24
CA GLU A 548 -99.81 30.91 -8.90
C GLU A 548 -98.53 31.72 -8.73
N PHE A 549 -97.92 32.16 -9.83
CA PHE A 549 -96.71 32.98 -9.75
C PHE A 549 -96.53 33.72 -11.07
N ARG A 550 -96.42 35.05 -11.00
CA ARG A 550 -96.17 35.84 -12.19
C ARG A 550 -94.72 35.82 -12.64
N ASP A 551 -93.83 35.27 -11.81
CA ASP A 551 -92.39 35.25 -12.05
C ASP A 551 -92.07 34.07 -12.96
N LYS A 552 -92.08 34.32 -14.27
CA LYS A 552 -91.74 33.31 -15.26
C LYS A 552 -90.39 33.59 -15.93
N LEU A 553 -89.59 34.47 -15.33
CA LEU A 553 -88.30 34.86 -15.90
C LEU A 553 -87.11 34.27 -15.16
N THR A 554 -87.27 33.93 -13.88
CA THR A 554 -86.20 33.40 -13.05
C THR A 554 -85.95 31.93 -13.40
N PRO A 555 -84.89 31.62 -14.15
CA PRO A 555 -84.63 30.22 -14.53
C PRO A 555 -84.61 29.28 -13.33
N ILE A 556 -85.22 28.11 -13.51
CA ILE A 556 -85.40 27.14 -12.42
C ILE A 556 -84.20 26.21 -12.44
N THR A 557 -83.30 26.40 -11.48
CA THR A 557 -82.10 25.57 -11.36
C THR A 557 -82.42 24.36 -10.49
N ILE A 558 -82.20 23.17 -11.05
CA ILE A 558 -82.33 21.93 -10.30
C ILE A 558 -80.99 21.64 -9.64
N PHE A 559 -80.98 21.60 -8.32
CA PHE A 559 -79.76 21.39 -7.54
C PHE A 559 -79.74 19.99 -6.98
N MET A 560 -78.63 19.28 -7.19
CA MET A 560 -78.45 17.93 -6.67
C MET A 560 -77.23 17.91 -5.76
N GLU A 561 -77.42 17.44 -4.53
CA GLU A 561 -76.37 17.36 -3.53
C GLU A 561 -76.24 15.92 -3.06
N TYR A 562 -75.00 15.47 -2.82
CA TYR A 562 -74.76 14.11 -2.37
C TYR A 562 -73.65 14.09 -1.32
N ARG A 563 -73.77 13.13 -0.40
CA ARG A 563 -72.82 12.97 0.70
C ARG A 563 -72.70 11.48 1.03
N LEU A 564 -71.75 11.18 1.91
CA LEU A 564 -71.46 9.83 2.38
C LEU A 564 -71.76 9.73 3.86
N ASP A 565 -72.00 8.49 4.32
CA ASP A 565 -72.20 8.21 5.74
C ASP A 565 -70.90 8.16 6.56
N TYR A 566 -69.77 7.85 5.93
CA TYR A 566 -68.49 7.61 6.61
C TYR A 566 -68.54 6.60 7.75
N ARG A 567 -69.52 6.71 8.66
CA ARG A 567 -69.57 5.82 9.81
C ARG A 567 -69.74 4.37 9.40
N THR A 568 -70.60 4.09 8.43
CA THR A 568 -70.80 2.74 7.92
C THR A 568 -69.78 2.35 6.86
N ALA A 569 -68.90 3.26 6.46
CA ALA A 569 -67.82 2.95 5.53
C ALA A 569 -66.46 2.96 6.21
N ALA A 570 -66.43 3.08 7.55
CA ALA A 570 -65.19 3.06 8.30
C ALA A 570 -64.65 1.63 8.40
N ASP A 571 -63.41 1.52 8.85
CA ASP A 571 -62.77 0.22 8.96
C ASP A 571 -62.80 -0.27 10.42
N THR A 572 -62.26 -1.48 10.63
CA THR A 572 -62.18 -2.02 11.98
C THR A 572 -61.34 -1.13 12.89
N THR A 573 -60.41 -0.38 12.31
CA THR A 573 -59.56 0.55 13.04
C THR A 573 -60.16 1.94 13.14
N GLY A 574 -61.38 2.15 12.66
CA GLY A 574 -62.01 3.45 12.77
C GLY A 574 -61.54 4.47 11.75
N LEU A 575 -60.93 4.03 10.66
CA LEU A 575 -60.40 4.91 9.64
C LEU A 575 -61.49 5.24 8.63
N GLN A 576 -61.97 6.48 8.66
CA GLN A 576 -63.04 6.89 7.75
C GLN A 576 -62.48 7.33 6.41
N PRO A 577 -63.07 6.88 5.29
CA PRO A 577 -62.57 7.27 3.96
C PRO A 577 -62.74 8.76 3.70
N ILE A 578 -62.30 9.21 2.52
CA ILE A 578 -62.39 10.62 2.15
C ILE A 578 -62.46 10.73 0.63
N LEU A 579 -63.18 11.75 0.16
CA LEU A 579 -63.37 11.99 -1.27
C LEU A 579 -62.13 12.60 -1.90
N ASN A 580 -61.93 12.30 -3.18
CA ASN A 580 -60.86 12.95 -3.93
C ASN A 580 -61.14 14.45 -3.97
N GLN A 581 -60.07 15.23 -3.97
CA GLN A 581 -60.17 16.63 -3.56
C GLN A 581 -60.70 17.54 -4.66
N PHE A 582 -60.32 17.35 -5.92
CA PHE A 582 -60.82 18.27 -6.94
C PHE A 582 -62.21 17.88 -7.46
N THR A 583 -62.71 16.67 -7.15
CA THR A 583 -64.02 16.27 -7.69
C THR A 583 -65.02 15.79 -6.64
N PRO A 584 -65.16 16.45 -5.46
CA PRO A 584 -66.18 16.00 -4.51
C PRO A 584 -67.56 16.63 -4.68
N ALA A 585 -67.60 17.83 -5.27
CA ALA A 585 -68.78 18.68 -5.20
C ALA A 585 -70.05 18.08 -5.83
N ASN A 586 -71.17 18.60 -5.34
CA ASN A 586 -72.51 18.52 -5.92
C ASN A 586 -72.52 19.10 -7.35
N ILE A 587 -73.62 18.88 -8.06
CA ILE A 587 -73.77 19.40 -9.42
C ILE A 587 -75.16 19.98 -9.63
N SER A 588 -75.26 20.90 -10.59
CA SER A 588 -76.50 21.61 -10.89
C SER A 588 -76.74 21.70 -12.40
N ARG A 589 -78.03 21.70 -12.77
CA ARG A 589 -78.47 21.93 -14.15
C ARG A 589 -79.73 22.80 -14.08
N GLN A 590 -80.34 23.08 -15.23
CA GLN A 590 -81.47 24.02 -15.23
C GLN A 590 -82.36 23.81 -16.46
N ALA A 591 -83.65 24.13 -16.29
CA ALA A 591 -84.63 24.10 -17.36
C ALA A 591 -85.28 25.46 -17.47
N HIS A 592 -85.82 25.78 -18.65
CA HIS A 592 -86.27 27.15 -18.93
C HIS A 592 -87.66 27.17 -19.55
N ILE A 593 -88.36 28.29 -19.32
CA ILE A 593 -89.68 28.58 -19.89
C ILE A 593 -89.50 29.68 -20.92
N LEU A 594 -89.81 29.37 -22.18
CA LEU A 594 -89.62 30.33 -23.25
C LEU A 594 -90.95 30.76 -23.85
N LEU A 595 -90.83 31.56 -24.89
CA LEU A 595 -91.91 32.38 -25.41
C LEU A 595 -91.37 33.12 -26.62
N ASP A 596 -92.27 33.41 -27.57
CA ASP A 596 -92.01 34.24 -28.78
C ASP A 596 -90.96 33.66 -29.74
N ASP B 3 -19.72 65.91 13.16
CA ASP B 3 -19.56 65.41 14.53
C ASP B 3 -20.70 64.48 14.89
N TYR B 4 -20.37 63.21 15.20
CA TYR B 4 -21.41 62.23 15.46
C TYR B 4 -20.85 61.08 16.28
N PRO B 5 -21.59 60.60 17.29
CA PRO B 5 -21.12 59.49 18.13
C PRO B 5 -20.91 58.20 17.34
N VAL B 6 -19.88 57.44 17.75
CA VAL B 6 -19.51 56.19 17.08
C VAL B 6 -19.10 55.16 18.12
N ASP B 7 -19.60 53.93 17.98
CA ASP B 7 -19.20 52.80 18.79
C ASP B 7 -18.52 51.75 17.93
N LEU B 8 -17.46 51.14 18.45
CA LEU B 8 -16.70 50.12 17.72
C LEU B 8 -16.39 48.96 18.66
N TYR B 9 -16.94 47.77 18.37
CA TYR B 9 -16.64 46.57 19.14
C TYR B 9 -15.59 45.75 18.41
N TYR B 10 -14.58 45.29 19.14
CA TYR B 10 -13.46 44.58 18.56
C TYR B 10 -13.59 43.09 18.89
N LEU B 11 -13.96 42.30 17.88
CA LEU B 11 -14.17 40.85 18.03
C LEU B 11 -12.96 40.10 17.50
N MET B 12 -12.12 39.59 18.40
CA MET B 12 -10.88 38.91 18.03
C MET B 12 -11.02 37.39 18.12
N ASP B 13 -10.46 36.71 17.13
CA ASP B 13 -10.38 35.25 17.11
C ASP B 13 -9.12 34.80 17.85
N LEU B 14 -9.30 34.08 18.94
CA LEU B 14 -8.17 33.61 19.70
C LEU B 14 -7.79 32.18 19.35
N SER B 15 -8.31 31.65 18.24
CA SER B 15 -8.08 30.24 17.92
C SER B 15 -6.61 30.00 17.61
N ALA B 16 -6.29 28.73 17.36
CA ALA B 16 -4.90 28.31 17.25
C ALA B 16 -4.25 28.88 15.99
N SER B 17 -5.02 29.10 14.94
CA SER B 17 -4.45 29.58 13.69
C SER B 17 -4.09 31.05 13.75
N MET B 18 -4.18 31.66 14.93
CA MET B 18 -4.00 33.09 15.08
C MET B 18 -2.67 33.46 15.75
N ASP B 19 -1.80 32.49 16.00
CA ASP B 19 -0.50 32.82 16.60
C ASP B 19 0.36 33.57 15.60
N ASP B 20 0.22 33.28 14.32
CA ASP B 20 0.93 33.99 13.27
C ASP B 20 0.31 35.34 12.97
N ASP B 21 -0.87 35.60 13.49
CA ASP B 21 -1.58 36.82 13.19
C ASP B 21 -1.79 37.63 14.46
N LEU B 22 -1.28 37.15 15.60
CA LEU B 22 -1.51 37.79 16.88
C LEU B 22 -0.92 39.20 16.91
N ASN B 23 0.35 39.34 16.53
CA ASN B 23 1.01 40.64 16.61
C ASN B 23 0.38 41.66 15.69
N THR B 24 -0.35 41.22 14.68
CA THR B 24 -1.05 42.15 13.80
C THR B 24 -2.29 42.72 14.47
N ILE B 25 -2.88 41.94 15.38
CA ILE B 25 -4.10 42.38 16.04
C ILE B 25 -3.79 43.38 17.14
N LYS B 26 -2.70 43.16 17.87
CA LYS B 26 -2.29 44.11 18.90
C LYS B 26 -1.83 45.41 18.27
N GLU B 27 -1.19 45.35 17.10
CA GLU B 27 -0.83 46.54 16.37
C GLU B 27 -2.02 47.17 15.68
N LEU B 28 -3.12 46.43 15.56
CA LEU B 28 -4.38 46.99 15.07
C LEU B 28 -5.19 47.61 16.19
N GLY B 29 -5.14 47.02 17.38
CA GLY B 29 -5.83 47.59 18.53
C GLY B 29 -5.31 48.95 18.92
N SER B 30 -4.00 49.04 19.19
CA SER B 30 -3.42 50.30 19.63
C SER B 30 -3.53 51.36 18.53
N ARG B 31 -3.35 50.96 17.27
CA ARG B 31 -3.45 51.90 16.18
C ARG B 31 -4.88 52.39 16.00
N LEU B 32 -5.85 51.50 16.18
CA LEU B 32 -7.25 51.89 16.15
C LEU B 32 -7.62 52.69 17.39
N SER B 33 -6.91 52.48 18.49
CA SER B 33 -7.18 53.22 19.72
C SER B 33 -6.48 54.58 19.71
N LYS B 34 -6.23 55.11 18.51
CA LYS B 34 -5.59 56.40 18.35
C LYS B 34 -6.32 57.22 17.29
N GLU B 35 -6.54 56.62 16.12
CA GLU B 35 -7.15 57.35 15.01
C GLU B 35 -8.64 57.59 15.22
N MET B 36 -9.25 56.92 16.20
CA MET B 36 -10.68 57.10 16.43
C MET B 36 -10.99 58.46 17.04
N SER B 37 -10.09 58.98 17.87
CA SER B 37 -10.32 60.27 18.51
C SER B 37 -10.19 61.44 17.54
N LYS B 38 -9.74 61.18 16.31
CA LYS B 38 -9.53 62.26 15.34
C LYS B 38 -10.85 62.77 14.78
N LEU B 39 -11.56 61.93 14.04
CA LEU B 39 -12.75 62.37 13.33
C LEU B 39 -13.99 62.49 14.22
N THR B 40 -13.90 62.13 15.49
CA THR B 40 -15.02 62.25 16.40
C THR B 40 -14.52 62.39 17.82
N SER B 41 -15.32 63.06 18.65
CA SER B 41 -15.01 63.21 20.07
C SER B 41 -15.80 62.25 20.93
N ASN B 42 -16.98 61.84 20.49
CA ASN B 42 -17.81 60.89 21.23
C ASN B 42 -17.46 59.48 20.74
N PHE B 43 -16.38 58.93 21.30
CA PHE B 43 -15.83 57.65 20.88
C PHE B 43 -15.76 56.68 22.05
N ARG B 44 -16.42 55.54 21.91
CA ARG B 44 -16.36 54.45 22.87
C ARG B 44 -16.14 53.14 22.13
N LEU B 45 -15.20 52.33 22.61
CA LEU B 45 -14.86 51.06 21.97
C LEU B 45 -14.83 49.92 22.99
N GLY B 46 -15.16 48.70 22.52
CA GLY B 46 -15.17 47.53 23.38
C GLY B 46 -14.36 46.36 22.86
N PHE B 47 -14.47 45.18 23.48
CA PHE B 47 -13.67 44.03 23.08
C PHE B 47 -14.32 42.72 23.51
N GLY B 48 -14.15 41.71 22.67
CA GLY B 48 -14.63 40.36 22.94
C GLY B 48 -13.81 39.35 22.19
N SER B 49 -13.72 38.15 22.76
CA SER B 49 -12.90 37.07 22.19
C SER B 49 -13.71 35.78 22.08
N PHE B 50 -13.32 34.94 21.13
CA PHE B 50 -13.99 33.67 20.89
C PHE B 50 -12.97 32.64 20.44
N VAL B 51 -13.35 31.36 20.54
CA VAL B 51 -12.54 30.27 20.00
C VAL B 51 -13.42 29.27 19.26
N GLU B 52 -14.18 28.45 20.00
CA GLU B 52 -14.93 27.31 19.49
C GLU B 52 -15.82 26.77 20.61
N LYS B 53 -16.87 26.04 20.22
CA LYS B 53 -17.77 25.43 21.22
C LYS B 53 -17.03 24.31 21.96
N PRO B 54 -16.95 24.36 23.28
CA PRO B 54 -16.13 23.39 24.01
C PRO B 54 -16.72 21.98 24.09
N VAL B 55 -17.07 21.36 22.96
CA VAL B 55 -17.62 20.02 22.95
C VAL B 55 -17.04 19.25 21.78
N SER B 56 -16.89 17.93 21.96
CA SER B 56 -16.50 17.03 20.90
C SER B 56 -17.55 17.11 19.76
N PRO B 57 -17.12 16.97 18.50
CA PRO B 57 -15.77 16.64 18.02
C PRO B 57 -14.87 17.84 17.76
N PHE B 58 -15.35 19.04 18.07
CA PHE B 58 -14.56 20.23 17.77
C PHE B 58 -13.31 20.33 18.62
N VAL B 59 -13.35 19.77 19.85
CA VAL B 59 -12.21 19.72 20.75
C VAL B 59 -12.05 18.28 21.24
N LYS B 60 -10.79 17.86 21.42
CA LYS B 60 -10.54 16.54 21.98
C LYS B 60 -10.97 16.49 23.44
N THR B 61 -11.54 15.34 23.84
CA THR B 61 -12.12 15.13 25.15
C THR B 61 -11.21 14.34 26.09
N THR B 62 -9.91 14.44 25.91
CA THR B 62 -8.98 13.81 26.84
C THR B 62 -8.68 14.78 27.99
N PRO B 63 -8.59 14.27 29.23
CA PRO B 63 -8.45 15.17 30.38
C PRO B 63 -7.31 16.19 30.28
N GLU B 64 -6.24 15.87 29.55
CA GLU B 64 -5.13 16.81 29.44
C GLU B 64 -5.41 17.88 28.38
N GLU B 65 -6.04 17.50 27.27
CA GLU B 65 -6.31 18.40 26.16
C GLU B 65 -7.57 19.24 26.38
N ILE B 66 -8.22 19.09 27.52
CA ILE B 66 -9.32 19.98 27.89
C ILE B 66 -8.79 21.25 28.56
N ALA B 67 -7.92 21.07 29.56
CA ALA B 67 -7.28 22.19 30.23
C ALA B 67 -6.13 22.78 29.43
N ASN B 68 -5.58 22.03 28.48
CA ASN B 68 -4.49 22.48 27.63
C ASN B 68 -4.70 21.94 26.23
N PRO B 69 -5.50 22.63 25.40
CA PRO B 69 -5.76 22.14 24.04
C PRO B 69 -4.56 22.24 23.11
N CYS B 70 -3.46 22.88 23.54
CA CYS B 70 -2.22 22.90 22.77
C CYS B 70 -1.28 21.78 23.18
N SER B 71 -1.82 20.72 23.76
CA SER B 71 -1.00 19.58 24.12
C SER B 71 -0.54 18.88 22.84
N SER B 72 0.35 17.90 23.02
CA SER B 72 0.96 17.08 21.95
C SER B 72 1.85 17.88 21.00
N ILE B 73 2.01 19.18 21.20
CA ILE B 73 2.86 19.99 20.35
C ILE B 73 4.30 20.02 20.87
N PRO B 74 4.50 20.38 22.15
CA PRO B 74 3.62 20.86 23.22
C PRO B 74 3.60 22.38 23.36
N TYR B 75 2.55 22.94 23.97
CA TYR B 75 2.48 24.37 24.22
C TYR B 75 1.38 24.62 25.25
N PHE B 76 1.53 25.70 26.01
CA PHE B 76 0.56 26.10 27.03
C PHE B 76 -0.35 27.16 26.46
N CYS B 77 -1.66 26.88 26.44
CA CYS B 77 -2.63 27.85 25.97
C CYS B 77 -3.93 27.72 26.76
N LEU B 78 -4.77 28.74 26.61
CA LEU B 78 -6.06 28.81 27.27
C LEU B 78 -6.99 27.69 26.80
N PRO B 79 -7.92 27.24 27.65
CA PRO B 79 -8.89 26.23 27.23
C PRO B 79 -9.82 26.77 26.15
N THR B 80 -10.57 25.86 25.52
CA THR B 80 -11.50 26.24 24.46
C THR B 80 -12.78 26.80 25.05
N PHE B 81 -13.19 27.98 24.56
CA PHE B 81 -14.41 28.61 25.02
C PHE B 81 -15.15 29.16 23.82
N GLY B 82 -16.48 29.21 23.93
CA GLY B 82 -17.31 29.74 22.87
C GLY B 82 -17.09 31.22 22.61
N PHE B 83 -17.44 32.06 23.59
CA PHE B 83 -17.28 33.50 23.43
C PHE B 83 -17.27 34.16 24.79
N LYS B 84 -16.31 35.05 25.00
CA LYS B 84 -16.17 35.80 26.24
C LYS B 84 -16.25 37.28 25.94
N HIS B 85 -17.21 37.97 26.57
CA HIS B 85 -17.31 39.41 26.49
C HIS B 85 -16.40 40.01 27.55
N ILE B 86 -15.29 40.60 27.13
CA ILE B 86 -14.28 41.06 28.07
C ILE B 86 -14.51 42.53 28.40
N LEU B 87 -14.51 43.39 27.38
CA LEU B 87 -14.57 44.83 27.59
C LEU B 87 -15.85 45.45 27.05
N PRO B 88 -16.76 45.94 27.89
CA PRO B 88 -17.86 46.76 27.41
C PRO B 88 -17.34 48.07 26.84
N LEU B 89 -17.99 48.53 25.76
CA LEU B 89 -17.49 49.69 25.04
C LEU B 89 -17.55 50.94 25.91
N THR B 90 -16.39 51.60 26.06
CA THR B 90 -16.28 52.79 26.90
C THR B 90 -15.28 53.75 26.26
N ASN B 91 -15.27 54.98 26.77
CA ASN B 91 -14.34 55.97 26.25
C ASN B 91 -12.92 55.68 26.71
N ASP B 92 -12.74 55.08 27.89
CA ASP B 92 -11.42 54.75 28.40
C ASP B 92 -10.68 53.90 27.37
N ALA B 93 -9.73 54.51 26.66
CA ALA B 93 -9.10 53.87 25.51
C ALA B 93 -7.80 53.14 25.84
N GLU B 94 -7.10 53.54 26.91
CA GLU B 94 -5.91 52.79 27.28
C GLU B 94 -6.25 51.52 28.04
N ARG B 95 -7.46 51.43 28.57
CA ARG B 95 -7.92 50.16 29.12
C ARG B 95 -8.15 49.15 28.02
N PHE B 96 -8.56 49.65 26.83
CA PHE B 96 -8.71 48.77 25.68
C PHE B 96 -7.38 48.15 25.27
N ASN B 97 -6.34 48.98 25.19
CA ASN B 97 -5.03 48.48 24.75
C ASN B 97 -4.47 47.45 25.72
N GLU B 98 -4.62 47.70 27.03
CA GLU B 98 -4.07 46.80 28.03
C GLU B 98 -4.69 45.41 27.98
N ILE B 99 -5.85 45.27 27.33
CA ILE B 99 -6.48 43.97 27.20
C ILE B 99 -5.91 43.21 26.02
N VAL B 100 -5.72 43.89 24.89
CA VAL B 100 -5.22 43.25 23.69
C VAL B 100 -3.80 42.75 23.89
N LYS B 101 -3.00 43.46 24.70
CA LYS B 101 -1.60 43.08 24.91
C LYS B 101 -1.50 41.73 25.61
N ASN B 102 -2.33 41.50 26.63
CA ASN B 102 -2.23 40.30 27.45
C ASN B 102 -2.91 39.09 26.82
N GLN B 103 -3.50 39.23 25.64
CA GLN B 103 -4.23 38.13 25.03
C GLN B 103 -3.31 37.00 24.62
N LYS B 104 -3.63 35.80 25.09
CA LYS B 104 -2.91 34.58 24.73
C LYS B 104 -3.73 33.75 23.76
N ILE B 105 -3.06 32.79 23.12
CA ILE B 105 -3.68 31.93 22.12
C ILE B 105 -4.43 30.80 22.82
N SER B 106 -5.50 30.34 22.19
CA SER B 106 -6.22 29.13 22.58
C SER B 106 -6.02 28.07 21.49
N ALA B 107 -6.90 27.09 21.45
CA ALA B 107 -6.78 26.05 20.45
C ALA B 107 -8.09 25.28 20.34
N ASN B 108 -8.17 24.51 19.26
CA ASN B 108 -9.25 23.56 19.01
C ASN B 108 -8.72 22.61 17.93
N ILE B 109 -9.61 21.92 17.21
CA ILE B 109 -9.22 20.95 16.20
C ILE B 109 -9.56 21.43 14.80
N ASP B 110 -10.80 21.82 14.57
CA ASP B 110 -11.34 21.99 13.22
C ASP B 110 -11.19 23.45 12.80
N THR B 111 -10.60 23.65 11.61
CA THR B 111 -10.20 24.97 11.14
C THR B 111 -11.28 26.04 11.24
N PRO B 112 -12.54 25.80 10.84
CA PRO B 112 -13.58 26.82 11.03
C PRO B 112 -13.96 26.96 12.50
N GLU B 113 -14.38 28.16 12.87
CA GLU B 113 -14.54 28.50 14.28
C GLU B 113 -15.97 28.95 14.56
N GLY B 114 -16.20 29.27 15.82
CA GLY B 114 -17.51 29.73 16.25
C GLY B 114 -17.57 31.24 16.15
N GLY B 115 -17.24 31.77 14.96
CA GLY B 115 -17.24 33.21 14.77
C GLY B 115 -18.63 33.81 14.89
N PHE B 116 -19.65 33.13 14.36
CA PHE B 116 -20.99 33.71 14.34
C PHE B 116 -21.59 33.80 15.73
N ASP B 117 -21.26 32.87 16.63
CA ASP B 117 -21.74 32.90 18.01
C ASP B 117 -21.35 34.21 18.71
N ALA B 118 -20.12 34.66 18.49
CA ALA B 118 -19.64 35.91 19.05
C ALA B 118 -20.31 37.12 18.38
N ILE B 119 -20.53 37.04 17.07
CA ILE B 119 -21.22 38.12 16.38
C ILE B 119 -22.64 38.26 16.91
N MET B 120 -23.32 37.13 17.10
CA MET B 120 -24.71 37.13 17.57
C MET B 120 -24.84 37.65 19.00
N GLN B 121 -23.96 37.24 19.89
CA GLN B 121 -24.08 37.69 21.28
C GLN B 121 -23.72 39.16 21.42
N ALA B 122 -22.72 39.62 20.66
CA ALA B 122 -22.32 41.03 20.73
C ALA B 122 -23.36 41.91 20.10
N ALA B 123 -24.12 41.38 19.15
CA ALA B 123 -25.15 42.14 18.46
C ALA B 123 -26.39 42.32 19.34
N VAL B 124 -26.94 41.22 19.85
CA VAL B 124 -28.23 41.28 20.55
C VAL B 124 -28.08 41.96 21.90
N CYS B 125 -27.01 41.63 22.63
CA CYS B 125 -26.80 42.21 23.95
C CYS B 125 -26.56 43.72 23.88
N LYS B 126 -27.64 44.50 23.87
CA LYS B 126 -27.50 45.96 23.87
C LYS B 126 -27.16 46.49 25.25
N GLU B 127 -27.18 45.63 26.26
CA GLU B 127 -26.96 46.05 27.64
C GLU B 127 -25.57 45.66 28.13
N LYS B 128 -25.25 44.36 28.10
CA LYS B 128 -23.96 43.90 28.58
C LYS B 128 -22.82 44.34 27.66
N ILE B 129 -23.15 44.68 26.41
CA ILE B 129 -22.18 45.32 25.54
C ILE B 129 -22.31 46.83 25.59
N GLY B 130 -23.55 47.33 25.62
CA GLY B 130 -23.79 48.74 25.80
C GLY B 130 -23.77 49.52 24.50
N TRP B 131 -24.72 49.21 23.61
CA TRP B 131 -24.83 49.94 22.36
C TRP B 131 -25.52 51.27 22.58
N ARG B 132 -24.96 52.32 21.98
CA ARG B 132 -25.55 53.65 22.08
C ARG B 132 -26.90 53.69 21.38
N ASN B 133 -27.69 54.69 21.75
CA ASN B 133 -29.04 54.83 21.19
C ASN B 133 -28.97 55.22 19.71
N ASP B 134 -28.36 56.36 19.41
CA ASP B 134 -28.25 56.84 18.03
C ASP B 134 -26.76 56.98 17.72
N SER B 135 -26.17 55.90 17.22
CA SER B 135 -24.77 55.91 16.84
C SER B 135 -24.53 54.85 15.77
N LEU B 136 -23.31 54.83 15.27
CA LEU B 136 -22.87 53.86 14.27
C LEU B 136 -22.33 52.64 15.01
N HIS B 137 -23.13 51.58 15.09
CA HIS B 137 -22.75 50.35 15.77
C HIS B 137 -21.87 49.51 14.85
N LEU B 138 -20.56 49.68 14.98
CA LEU B 138 -19.58 49.00 14.13
C LEU B 138 -18.93 47.84 14.87
N LEU B 139 -18.87 46.68 14.22
CA LEU B 139 -18.35 45.44 14.84
C LEU B 139 -17.26 44.85 13.96
N VAL B 140 -16.01 45.08 14.34
CA VAL B 140 -14.87 44.53 13.60
C VAL B 140 -14.70 43.05 13.92
N PHE B 141 -14.78 42.20 12.90
CA PHE B 141 -14.64 40.76 13.04
C PHE B 141 -13.32 40.31 12.42
N VAL B 142 -12.48 39.67 13.23
CA VAL B 142 -11.14 39.24 12.82
C VAL B 142 -11.01 37.75 13.09
N SER B 143 -10.69 36.98 12.05
CA SER B 143 -10.34 35.56 12.16
C SER B 143 -9.63 35.15 10.89
N ASP B 144 -8.67 34.23 11.01
CA ASP B 144 -7.88 33.80 9.86
C ASP B 144 -8.36 32.46 9.31
N ALA B 145 -9.63 32.14 9.52
CA ALA B 145 -10.21 30.89 9.02
C ALA B 145 -11.71 31.07 8.82
N ASP B 146 -12.36 30.00 8.38
CA ASP B 146 -13.79 29.99 8.19
C ASP B 146 -14.49 30.02 9.54
N SER B 147 -15.81 30.06 9.53
CA SER B 147 -16.56 30.01 10.77
C SER B 147 -17.81 29.16 10.58
N HIS B 148 -18.17 28.48 11.67
CA HIS B 148 -19.33 27.60 11.70
C HIS B 148 -20.62 28.39 11.76
N PHE B 149 -21.62 27.87 11.07
CA PHE B 149 -22.97 28.42 11.15
C PHE B 149 -23.92 27.34 11.65
N GLY B 150 -25.21 27.55 11.44
CA GLY B 150 -26.25 26.67 11.91
C GLY B 150 -26.06 25.23 11.51
N MET B 151 -26.56 24.31 12.34
CA MET B 151 -26.69 22.88 12.09
C MET B 151 -25.33 22.20 11.99
N ASP B 152 -24.25 22.97 12.06
CA ASP B 152 -22.92 22.39 12.12
C ASP B 152 -22.68 21.77 13.48
N SER B 153 -23.44 22.21 14.49
CA SER B 153 -23.36 21.69 15.83
C SER B 153 -24.09 20.36 15.99
N LYS B 154 -24.80 19.93 14.95
CA LYS B 154 -25.51 18.66 15.00
C LYS B 154 -24.56 17.50 15.25
N LEU B 155 -23.33 17.61 14.74
CA LEU B 155 -22.31 16.60 15.00
C LEU B 155 -21.96 16.54 16.48
N ALA B 156 -21.95 17.69 17.15
CA ALA B 156 -21.64 17.73 18.56
C ALA B 156 -22.79 17.24 19.42
N GLY B 157 -23.98 17.13 18.85
CA GLY B 157 -25.17 16.78 19.57
C GLY B 157 -26.00 17.95 20.02
N ILE B 158 -25.88 19.09 19.36
CA ILE B 158 -26.61 20.30 19.70
C ILE B 158 -27.61 20.53 18.57
N VAL B 159 -28.89 20.41 18.90
CA VAL B 159 -29.98 20.49 17.92
C VAL B 159 -30.98 21.59 18.27
N CYS B 160 -30.76 22.32 19.36
CA CYS B 160 -31.63 23.43 19.73
C CYS B 160 -31.14 24.67 19.01
N PRO B 161 -31.96 25.30 18.16
CA PRO B 161 -31.50 26.45 17.34
C PRO B 161 -31.10 27.67 18.17
N ASN B 162 -30.38 28.57 17.54
CA ASN B 162 -30.00 29.78 18.25
C ASN B 162 -31.17 30.76 18.27
N ASP B 163 -31.62 31.16 19.47
CA ASP B 163 -32.71 32.11 19.55
C ASP B 163 -32.27 33.54 19.22
N GLY B 164 -30.97 33.81 19.18
CA GLY B 164 -30.56 35.16 18.92
C GLY B 164 -30.93 36.09 20.06
N LEU B 165 -30.55 35.70 21.26
CA LEU B 165 -30.82 36.49 22.44
C LEU B 165 -29.53 36.69 23.21
N CYS B 166 -29.62 37.45 24.30
CA CYS B 166 -28.45 37.73 25.12
C CYS B 166 -28.24 36.59 26.11
N HIS B 167 -27.18 35.81 25.90
CA HIS B 167 -26.89 34.68 26.79
C HIS B 167 -25.50 34.80 27.39
N LEU B 168 -25.26 35.89 28.13
CA LEU B 168 -23.99 36.12 28.80
C LEU B 168 -24.21 35.98 30.31
N ASP B 169 -23.48 35.04 30.92
CA ASP B 169 -23.62 34.76 32.34
C ASP B 169 -22.90 35.80 33.21
N SER B 170 -22.71 35.48 34.48
CA SER B 170 -22.02 36.40 35.38
C SER B 170 -20.55 36.54 35.02
N LYS B 171 -20.00 35.59 34.28
CA LYS B 171 -18.62 35.68 33.82
C LYS B 171 -18.51 36.44 32.50
N ASN B 172 -19.61 37.00 32.01
CA ASN B 172 -19.66 37.68 30.71
C ASN B 172 -19.22 36.77 29.58
N GLU B 173 -19.58 35.49 29.68
CA GLU B 173 -19.26 34.49 28.68
C GLU B 173 -20.55 33.98 28.02
N TYR B 174 -20.40 33.34 26.86
CA TYR B 174 -21.54 32.70 26.22
C TYR B 174 -21.91 31.43 26.98
N SER B 175 -22.88 31.53 27.91
CA SER B 175 -23.24 30.38 28.73
C SER B 175 -24.01 29.33 27.94
N MET B 176 -24.80 29.75 26.95
CA MET B 176 -25.60 28.82 26.14
C MET B 176 -24.88 28.48 24.83
N SER B 177 -23.58 28.23 24.90
CA SER B 177 -22.78 27.89 23.73
C SER B 177 -22.87 26.41 23.39
N THR B 178 -22.85 25.56 24.41
CA THR B 178 -23.01 24.12 24.27
C THR B 178 -24.47 23.73 24.30
N VAL B 179 -25.36 24.71 24.35
CA VAL B 179 -26.80 24.49 24.40
C VAL B 179 -27.50 24.88 23.11
N LEU B 180 -27.00 25.90 22.42
CA LEU B 180 -27.65 26.40 21.22
C LEU B 180 -26.79 26.15 19.99
N GLU B 181 -27.47 25.97 18.86
CA GLU B 181 -26.76 25.84 17.60
C GLU B 181 -26.08 27.16 17.24
N TYR B 182 -25.17 27.08 16.29
CA TYR B 182 -24.65 28.30 15.71
C TYR B 182 -25.76 29.02 14.94
N PRO B 183 -25.68 30.34 14.83
CA PRO B 183 -26.64 31.09 14.02
C PRO B 183 -26.33 31.01 12.54
N THR B 184 -27.39 31.10 11.74
CA THR B 184 -27.29 31.10 10.30
C THR B 184 -27.13 32.53 9.80
N ILE B 185 -26.83 32.67 8.51
CA ILE B 185 -26.77 34.00 7.90
C ILE B 185 -28.14 34.67 7.95
N GLY B 186 -29.22 33.90 7.82
CA GLY B 186 -30.55 34.44 8.00
C GLY B 186 -30.80 34.95 9.42
N GLN B 187 -30.39 34.18 10.43
CA GLN B 187 -30.56 34.61 11.82
C GLN B 187 -29.72 35.85 12.11
N LEU B 188 -28.47 35.85 11.64
CA LEU B 188 -27.58 36.99 11.81
C LEU B 188 -28.12 38.22 11.10
N ILE B 189 -28.64 38.06 9.88
CA ILE B 189 -29.22 39.17 9.16
C ILE B 189 -30.44 39.71 9.91
N ASP B 190 -31.19 38.83 10.56
CA ASP B 190 -32.39 39.27 11.27
C ASP B 190 -32.08 39.99 12.57
N LYS B 191 -30.88 39.85 13.11
CA LYS B 191 -30.53 40.48 14.39
C LYS B 191 -29.52 41.60 14.25
N LEU B 192 -28.84 41.69 13.10
CA LEU B 192 -27.91 42.77 12.84
C LEU B 192 -28.62 44.02 12.33
N VAL B 193 -29.91 43.91 12.05
CA VAL B 193 -30.73 45.04 11.64
C VAL B 193 -31.64 45.48 12.77
N GLN B 194 -32.18 44.54 13.55
CA GLN B 194 -32.94 44.89 14.74
C GLN B 194 -32.09 45.71 15.69
N ASN B 195 -30.77 45.52 15.67
CA ASN B 195 -29.84 46.32 16.44
C ASN B 195 -29.08 47.31 15.58
N ASN B 196 -29.22 47.21 14.25
CA ASN B 196 -28.52 48.08 13.31
C ASN B 196 -27.02 48.00 13.54
N VAL B 197 -26.39 46.93 13.08
CA VAL B 197 -24.96 46.68 13.27
C VAL B 197 -24.31 46.53 11.91
N LEU B 198 -23.24 47.27 11.66
CA LEU B 198 -22.45 47.16 10.44
C LEU B 198 -21.25 46.25 10.70
N LEU B 199 -21.24 45.10 10.02
CA LEU B 199 -20.26 44.04 10.29
C LEU B 199 -19.09 44.15 9.31
N ILE B 200 -17.91 44.44 9.84
CA ILE B 200 -16.70 44.51 9.05
C ILE B 200 -15.98 43.17 9.17
N PHE B 201 -15.79 42.49 8.04
CA PHE B 201 -14.99 41.28 7.98
C PHE B 201 -13.53 41.66 7.75
N ALA B 202 -12.65 41.25 8.67
CA ALA B 202 -11.22 41.52 8.57
C ALA B 202 -10.47 40.19 8.66
N VAL B 203 -10.29 39.53 7.51
CA VAL B 203 -9.73 38.18 7.48
C VAL B 203 -8.41 38.18 6.69
N THR B 204 -7.89 36.99 6.43
CA THR B 204 -6.68 36.79 5.64
C THR B 204 -7.03 36.65 4.15
N GLN B 205 -5.98 36.69 3.32
CA GLN B 205 -6.18 36.65 1.87
C GLN B 205 -7.02 35.45 1.45
N GLU B 206 -6.61 34.25 1.89
CA GLU B 206 -7.30 33.04 1.45
C GLU B 206 -8.74 32.96 1.95
N GLN B 207 -9.11 33.83 2.90
CA GLN B 207 -10.44 33.81 3.46
C GLN B 207 -11.30 34.96 2.94
N VAL B 208 -10.77 35.80 2.06
CA VAL B 208 -11.54 36.93 1.57
C VAL B 208 -12.58 36.47 0.58
N HIS B 209 -12.18 35.63 -0.40
CA HIS B 209 -13.11 35.21 -1.44
C HIS B 209 -14.32 34.54 -0.82
N LEU B 210 -14.18 33.99 0.38
CA LEU B 210 -15.31 33.42 1.11
C LEU B 210 -16.19 34.51 1.73
N TYR B 211 -15.61 35.32 2.62
CA TYR B 211 -16.40 36.24 3.42
C TYR B 211 -16.98 37.38 2.58
N GLU B 212 -16.40 37.68 1.41
CA GLU B 212 -16.95 38.74 0.57
C GLU B 212 -18.30 38.33 0.00
N ASN B 213 -18.49 37.03 -0.23
CA ASN B 213 -19.79 36.55 -0.63
C ASN B 213 -20.76 36.53 0.55
N TYR B 214 -20.24 36.44 1.77
CA TYR B 214 -21.10 36.61 2.94
C TYR B 214 -21.55 38.05 3.07
N ALA B 215 -20.63 39.00 2.87
CA ALA B 215 -20.97 40.40 2.96
C ALA B 215 -21.97 40.81 1.89
N LYS B 216 -22.03 40.05 0.79
CA LYS B 216 -23.03 40.33 -0.22
C LYS B 216 -24.42 39.96 0.30
N LEU B 217 -24.51 38.89 1.09
CA LEU B 217 -25.79 38.53 1.69
C LEU B 217 -26.15 39.47 2.82
N ILE B 218 -25.23 39.65 3.77
CA ILE B 218 -25.46 40.50 4.93
C ILE B 218 -25.53 41.96 4.51
N PRO B 219 -26.66 42.64 4.68
CA PRO B 219 -26.76 44.04 4.26
C PRO B 219 -25.87 44.94 5.11
N GLY B 220 -25.13 45.83 4.46
CA GLY B 220 -24.29 46.77 5.14
C GLY B 220 -22.95 46.20 5.53
N ALA B 221 -22.87 44.89 5.70
CA ALA B 221 -21.61 44.25 6.08
C ALA B 221 -20.61 44.27 4.92
N THR B 222 -19.40 44.73 5.20
CA THR B 222 -18.30 44.86 4.26
C THR B 222 -17.17 43.92 4.68
N VAL B 223 -16.11 43.90 3.88
CA VAL B 223 -14.96 43.03 4.10
C VAL B 223 -13.69 43.88 4.21
N GLY B 224 -12.63 43.24 4.70
CA GLY B 224 -11.34 43.91 4.84
C GLY B 224 -10.21 42.91 4.84
N LEU B 225 -9.01 43.38 4.48
CA LEU B 225 -7.82 42.56 4.42
C LEU B 225 -6.86 42.86 5.56
N LEU B 226 -6.22 41.81 6.08
CA LEU B 226 -5.27 41.92 7.18
C LEU B 226 -3.84 41.95 6.64
N GLN B 227 -3.08 42.98 7.03
CA GLN B 227 -1.68 43.06 6.67
C GLN B 227 -0.89 43.46 7.91
N LYS B 228 0.44 43.44 7.80
CA LYS B 228 1.28 43.90 8.90
C LYS B 228 0.99 45.35 9.24
N ASP B 229 0.85 46.19 8.21
CA ASP B 229 0.37 47.56 8.41
C ASP B 229 -1.15 47.51 8.37
N SER B 230 -1.75 47.29 9.54
CA SER B 230 -3.18 47.11 9.64
C SER B 230 -3.95 48.42 9.47
N GLY B 231 -3.29 49.47 8.95
CA GLY B 231 -3.98 50.69 8.64
C GLY B 231 -4.96 50.54 7.50
N ASN B 232 -4.88 49.41 6.77
CA ASN B 232 -5.79 49.09 5.70
C ASN B 232 -7.23 49.04 6.22
N ILE B 233 -7.45 48.38 7.36
CA ILE B 233 -8.79 48.29 7.95
C ILE B 233 -9.24 49.65 8.48
N LEU B 234 -8.29 50.48 8.91
CA LEU B 234 -8.66 51.81 9.36
C LEU B 234 -9.22 52.63 8.21
N GLN B 235 -8.70 52.42 7.00
CA GLN B 235 -9.23 53.13 5.84
C GLN B 235 -10.68 52.79 5.57
N LEU B 236 -11.10 51.57 5.92
CA LEU B 236 -12.51 51.21 5.81
C LEU B 236 -13.37 52.10 6.69
N ILE B 237 -13.01 52.20 7.97
CA ILE B 237 -13.85 52.90 8.94
C ILE B 237 -13.91 54.40 8.63
N ILE B 238 -12.76 54.99 8.25
CA ILE B 238 -12.71 56.42 7.93
C ILE B 238 -13.58 56.73 6.72
N SER B 239 -13.54 55.87 5.70
CA SER B 239 -14.40 56.02 4.55
C SER B 239 -15.79 55.43 4.79
N ALA B 240 -16.08 55.02 6.03
CA ALA B 240 -17.42 54.64 6.43
C ALA B 240 -18.08 55.70 7.29
N TYR B 241 -17.33 56.71 7.69
CA TYR B 241 -17.85 57.87 8.40
C TYR B 241 -18.42 58.90 7.44
N GLU B 242 -18.55 58.55 6.16
CA GLU B 242 -19.12 59.46 5.17
C GLU B 242 -20.57 59.79 5.49
N GLU B 243 -21.32 58.81 6.00
CA GLU B 243 -22.74 58.96 6.35
C GLU B 243 -23.56 59.46 5.17
N LEU B 244 -24.10 60.68 5.28
CA LEU B 244 -24.93 61.28 4.24
C LEU B 244 -26.12 60.40 3.86
N ASP C 10 61.21 45.43 52.13
CA ASP C 10 59.77 45.22 52.18
C ASP C 10 59.31 44.29 51.08
N MET C 11 60.09 44.23 50.00
CA MET C 11 59.79 43.33 48.90
C MET C 11 60.38 41.94 49.09
N GLU C 12 61.41 41.82 49.94
CA GLU C 12 61.95 40.52 50.30
C GLU C 12 61.26 39.90 51.50
N LEU C 13 60.54 40.70 52.28
CA LEU C 13 59.78 40.17 53.39
C LEU C 13 58.47 39.54 52.93
N VAL C 14 57.94 40.01 51.80
CA VAL C 14 56.71 39.43 51.26
C VAL C 14 56.96 38.01 50.79
N LYS C 15 58.12 37.76 50.18
CA LYS C 15 58.38 36.47 49.56
C LYS C 15 58.65 35.38 50.59
N ARG C 16 59.20 35.74 51.77
CA ARG C 16 59.58 34.74 52.75
C ARG C 16 58.38 34.11 53.45
N LYS C 17 57.23 34.78 53.48
CA LYS C 17 56.06 34.23 54.17
C LYS C 17 55.41 33.10 53.37
N ARG C 18 55.37 33.23 52.04
CA ARG C 18 54.77 32.18 51.21
C ARG C 18 55.56 30.88 51.27
N ILE C 19 56.89 30.96 51.41
CA ILE C 19 57.71 29.76 51.40
C ILE C 19 57.34 28.84 52.56
N GLU C 20 57.13 29.42 53.75
CA GLU C 20 56.75 28.60 54.90
C GLU C 20 55.35 28.05 54.76
N ALA C 21 54.51 28.64 53.92
CA ALA C 21 53.22 28.05 53.60
C ALA C 21 53.35 26.93 52.57
N ILE C 22 54.36 27.02 51.71
CA ILE C 22 54.65 25.94 50.78
C ILE C 22 55.20 24.73 51.52
N ARG C 23 56.05 24.97 52.53
CA ARG C 23 56.59 23.88 53.33
C ARG C 23 55.48 23.10 54.02
N GLY C 24 54.54 23.79 54.65
CA GLY C 24 53.40 23.13 55.26
C GLY C 24 52.42 22.55 54.26
N GLN C 25 52.47 23.01 53.01
CA GLN C 25 51.58 22.48 51.97
C GLN C 25 52.11 21.17 51.42
N ILE C 26 53.39 21.16 50.98
CA ILE C 26 53.97 19.97 50.38
C ILE C 26 53.93 18.80 51.35
N LEU C 27 54.28 19.04 52.62
CA LEU C 27 54.25 17.99 53.62
C LEU C 27 52.83 17.49 53.86
N SER C 28 51.83 18.36 53.74
CA SER C 28 50.44 17.93 53.86
C SER C 28 49.95 17.25 52.60
N LYS C 29 50.45 17.66 51.43
CA LYS C 29 50.03 17.02 50.19
C LYS C 29 50.68 15.64 50.04
N LEU C 30 51.91 15.48 50.53
CA LEU C 30 52.61 14.21 50.52
C LEU C 30 52.32 13.37 51.76
N ARG C 31 51.56 13.90 52.71
CA ARG C 31 51.30 13.23 53.98
C ARG C 31 52.60 12.85 54.68
N LEU C 32 53.55 13.77 54.67
CA LEU C 32 54.85 13.60 55.33
C LEU C 32 54.97 14.58 56.48
N ALA C 33 55.59 14.12 57.57
CA ALA C 33 55.93 15.02 58.65
C ALA C 33 57.33 15.58 58.51
N SER C 34 58.25 14.81 57.92
CA SER C 34 59.63 15.24 57.76
C SER C 34 60.21 14.55 56.53
N PRO C 35 61.14 15.20 55.83
CA PRO C 35 61.76 14.55 54.67
C PRO C 35 62.60 13.34 55.07
N PRO C 36 62.66 12.32 54.21
CA PRO C 36 63.32 11.05 54.56
C PRO C 36 64.83 11.12 54.38
N SER C 37 65.48 10.00 54.74
CA SER C 37 66.94 9.90 54.72
C SER C 37 67.31 8.41 54.72
N GLN C 38 67.62 7.89 53.54
CA GLN C 38 67.93 6.46 53.43
C GLN C 38 69.19 6.20 52.62
N GLY C 39 69.44 4.92 52.33
CA GLY C 39 70.54 4.56 51.46
C GLY C 39 70.36 5.14 50.06
N GLU C 40 71.47 5.44 49.40
CA GLU C 40 71.51 6.36 48.27
C GLU C 40 72.01 5.68 47.01
N VAL C 41 71.22 5.78 45.95
CA VAL C 41 71.56 5.32 44.62
C VAL C 41 70.91 6.33 43.68
N PRO C 42 71.60 6.71 42.57
CA PRO C 42 72.97 6.45 42.12
C PRO C 42 73.85 7.70 42.15
N PRO C 43 75.18 7.52 42.27
CA PRO C 43 76.08 8.68 42.22
C PRO C 43 76.11 9.35 40.87
N GLY C 44 75.65 8.68 39.81
CA GLY C 44 75.50 9.28 38.51
C GLY C 44 74.04 9.60 38.22
N PRO C 45 73.69 9.73 36.94
CA PRO C 45 72.31 10.11 36.59
C PRO C 45 71.34 8.96 36.87
N LEU C 46 70.21 9.32 37.48
CA LEU C 46 69.15 8.42 37.93
C LEU C 46 68.70 7.46 36.84
N PRO C 47 68.17 6.29 37.19
CA PRO C 47 67.78 5.31 36.17
C PRO C 47 66.71 5.87 35.25
N GLU C 48 66.85 5.57 33.95
CA GLU C 48 65.97 6.12 32.92
C GLU C 48 64.61 5.44 32.86
N ALA C 49 64.34 4.46 33.72
CA ALA C 49 63.00 3.92 33.81
C ALA C 49 62.05 4.92 34.44
N VAL C 50 62.49 5.62 35.48
CA VAL C 50 61.69 6.67 36.09
C VAL C 50 61.88 8.01 35.38
N LEU C 51 62.98 8.18 34.64
CA LEU C 51 63.14 9.38 33.84
C LEU C 51 62.21 9.35 32.62
N ALA C 52 61.84 8.17 32.17
CA ALA C 52 60.85 8.06 31.10
C ALA C 52 59.47 8.47 31.60
N LEU C 53 59.15 8.11 32.85
CA LEU C 53 57.91 8.59 33.46
C LEU C 53 57.96 10.10 33.64
N TYR C 54 59.07 10.62 34.17
CA TYR C 54 59.16 12.05 34.43
C TYR C 54 59.17 12.85 33.15
N ASN C 55 59.78 12.32 32.09
CA ASN C 55 59.77 12.99 30.80
C ASN C 55 58.42 12.89 30.10
N SER C 56 57.59 11.91 30.49
CA SER C 56 56.24 11.78 29.95
C SER C 56 55.21 12.60 30.74
N THR C 57 55.52 12.98 31.98
CA THR C 57 54.59 13.78 32.76
C THR C 57 54.72 15.26 32.49
N ARG C 58 55.94 15.75 32.25
CA ARG C 58 56.13 17.14 31.85
C ARG C 58 55.70 17.39 30.41
N ASP C 59 55.44 16.32 29.64
CA ASP C 59 55.18 16.43 28.21
C ASP C 59 53.69 16.73 27.99
N ARG C 60 53.35 18.00 28.05
CA ARG C 60 51.99 18.45 27.73
C ARG C 60 52.00 18.95 26.28
N VAL C 61 51.21 18.30 25.44
CA VAL C 61 50.93 18.80 24.09
C VAL C 61 49.43 18.66 23.86
N ALA C 62 49.00 17.47 23.45
CA ALA C 62 47.58 17.12 23.30
C ALA C 62 46.84 18.00 22.29
N ALA C 74 38.48 20.07 46.93
CA ALA C 74 38.46 18.70 46.41
C ALA C 74 39.73 17.94 46.79
N ASP C 75 40.32 17.26 45.81
CA ASP C 75 41.48 16.40 46.04
C ASP C 75 42.75 17.23 45.94
N TYR C 76 43.26 17.67 47.08
CA TYR C 76 44.50 18.43 47.13
C TYR C 76 45.73 17.57 47.37
N TYR C 77 45.55 16.30 47.76
CA TYR C 77 46.69 15.46 48.08
C TYR C 77 47.40 15.02 46.79
N ALA C 78 48.50 14.29 46.97
CA ALA C 78 49.36 13.88 45.88
C ALA C 78 48.88 12.58 45.24
N LYS C 79 49.30 12.36 44.00
CA LYS C 79 48.94 11.17 43.25
C LYS C 79 50.20 10.51 42.72
N GLU C 80 50.36 9.22 43.00
CA GLU C 80 51.54 8.48 42.55
C GLU C 80 51.34 8.06 41.10
N VAL C 81 52.25 8.50 40.23
CA VAL C 81 52.11 8.33 38.79
C VAL C 81 52.93 7.11 38.35
N THR C 82 52.27 6.18 37.67
CA THR C 82 52.93 5.00 37.11
C THR C 82 52.36 4.76 35.71
N ARG C 83 53.12 4.04 34.90
CA ARG C 83 52.74 3.79 33.52
C ARG C 83 52.89 2.31 33.17
N VAL C 84 52.25 1.90 32.08
CA VAL C 84 52.32 0.54 31.57
C VAL C 84 52.30 0.58 30.04
N LEU C 85 53.26 -0.08 29.42
CA LEU C 85 53.35 -0.15 27.96
C LEU C 85 52.36 -1.18 27.41
N MET C 86 52.20 -1.18 26.09
CA MET C 86 51.25 -2.06 25.44
C MET C 86 51.92 -3.37 25.03
N VAL C 87 51.18 -4.20 24.31
CA VAL C 87 51.65 -5.49 23.85
C VAL C 87 52.12 -5.37 22.40
N GLU C 88 53.11 -6.18 22.04
CA GLU C 88 53.67 -6.17 20.70
C GLU C 88 52.65 -6.71 19.70
N THR C 89 53.03 -6.68 18.43
CA THR C 89 52.25 -7.36 17.40
C THR C 89 52.30 -8.87 17.56
N HIS C 90 53.06 -9.36 18.54
CA HIS C 90 53.08 -10.77 18.90
C HIS C 90 52.01 -11.02 19.95
N ASN C 91 52.11 -12.14 20.68
CA ASN C 91 51.26 -12.43 21.83
C ASN C 91 49.77 -12.35 21.48
N GLU C 92 49.41 -13.01 20.39
CA GLU C 92 48.03 -13.24 19.95
C GLU C 92 47.32 -11.98 19.48
N ILE C 93 48.06 -10.88 19.28
CA ILE C 93 47.46 -9.68 18.68
C ILE C 93 47.28 -9.84 17.17
N TYR C 94 47.74 -10.96 16.61
CA TYR C 94 47.72 -11.18 15.17
C TYR C 94 46.61 -12.13 14.72
N ASP C 95 45.97 -12.85 15.62
CA ASP C 95 44.93 -13.80 15.24
C ASP C 95 43.58 -13.14 14.95
N LYS C 96 43.42 -11.86 15.29
CA LYS C 96 42.11 -11.23 15.24
C LYS C 96 42.03 -10.04 14.29
N PHE C 97 43.09 -9.23 14.18
CA PHE C 97 42.95 -7.96 13.47
C PHE C 97 43.95 -7.84 12.32
N LYS C 98 44.93 -6.94 12.49
CA LYS C 98 46.12 -6.80 11.65
C LYS C 98 45.89 -5.98 10.37
N GLN C 99 44.89 -6.32 9.55
CA GLN C 99 44.87 -5.88 8.16
C GLN C 99 43.83 -4.80 7.86
N SER C 100 43.18 -4.21 8.87
CA SER C 100 42.32 -3.07 8.61
C SER C 100 43.25 -1.85 8.51
N THR C 101 43.71 -1.57 7.29
CA THR C 101 44.73 -0.55 7.08
C THR C 101 44.27 0.81 7.55
N HIS C 102 42.98 1.02 7.79
CA HIS C 102 42.43 2.28 8.24
C HIS C 102 42.13 2.30 9.73
N SER C 103 42.86 1.50 10.51
CA SER C 103 42.61 1.43 11.95
C SER C 103 43.87 0.93 12.65
N ILE C 104 43.93 1.16 13.96
CA ILE C 104 45.03 0.71 14.80
C ILE C 104 44.46 0.14 16.09
N TYR C 105 44.91 -1.06 16.47
CA TYR C 105 44.41 -1.75 17.64
C TYR C 105 45.47 -1.85 18.72
N MET C 106 45.08 -1.61 19.96
CA MET C 106 45.99 -1.61 21.10
C MET C 106 45.43 -2.48 22.22
N PHE C 107 46.30 -3.27 22.85
CA PHE C 107 45.88 -4.23 23.86
C PHE C 107 46.78 -4.17 25.07
N PHE C 108 46.21 -4.50 26.24
CA PHE C 108 46.95 -4.48 27.50
C PHE C 108 46.58 -5.71 28.34
N GLN C 109 47.37 -5.94 29.38
CA GLN C 109 47.17 -7.07 30.29
C GLN C 109 46.67 -6.56 31.63
N THR C 110 45.60 -7.18 32.14
CA THR C 110 45.04 -6.78 33.43
C THR C 110 45.88 -7.27 34.60
N SER C 111 46.71 -8.30 34.40
CA SER C 111 47.54 -8.82 35.47
C SER C 111 48.56 -7.81 35.95
N GLU C 112 48.91 -6.82 35.12
CA GLU C 112 49.81 -5.75 35.51
C GLU C 112 49.09 -4.46 35.88
N LEU C 113 47.84 -4.31 35.44
CA LEU C 113 47.08 -3.10 35.77
C LEU C 113 46.67 -3.10 37.23
N ARG C 114 46.10 -4.20 37.70
CA ARG C 114 45.69 -4.30 39.09
C ARG C 114 46.87 -4.51 40.05
N GLU C 115 48.10 -4.35 39.57
CA GLU C 115 49.27 -4.34 40.43
C GLU C 115 49.78 -2.94 40.71
N ALA C 116 49.69 -2.05 39.71
CA ALA C 116 50.04 -0.65 39.95
C ALA C 116 48.97 0.06 40.76
N VAL C 117 47.71 -0.27 40.50
CA VAL C 117 46.59 0.29 41.25
C VAL C 117 45.74 -0.85 41.80
N PRO C 118 45.94 -1.26 43.06
CA PRO C 118 45.17 -2.40 43.61
C PRO C 118 43.68 -2.16 43.66
N GLU C 119 43.26 -1.08 44.31
CA GLU C 119 41.84 -0.81 44.47
C GLU C 119 41.36 0.18 43.42
N PRO C 120 40.23 -0.08 42.76
CA PRO C 120 39.75 0.85 41.72
C PRO C 120 39.40 2.24 42.23
N VAL C 121 39.18 2.39 43.54
CA VAL C 121 38.85 3.71 44.09
C VAL C 121 40.10 4.59 44.13
N LEU C 122 41.27 3.98 44.33
CA LEU C 122 42.52 4.75 44.33
C LEU C 122 42.79 5.44 43.02
N LEU C 123 42.26 4.92 41.91
CA LEU C 123 42.50 5.51 40.60
C LEU C 123 41.86 6.89 40.54
N SER C 124 42.66 7.89 40.18
CA SER C 124 42.18 9.26 40.05
C SER C 124 42.13 9.72 38.60
N ARG C 125 43.24 9.65 37.88
CA ARG C 125 43.29 10.06 36.48
C ARG C 125 44.08 9.03 35.68
N ALA C 126 43.49 8.57 34.58
CA ALA C 126 44.11 7.56 33.72
C ALA C 126 43.94 8.00 32.26
N GLU C 127 44.96 8.66 31.72
CA GLU C 127 44.93 9.19 30.36
C GLU C 127 45.84 8.38 29.45
N LEU C 128 45.31 7.96 28.30
CA LEU C 128 46.04 7.15 27.33
C LEU C 128 46.80 8.05 26.37
N ARG C 129 48.12 7.93 26.34
CA ARG C 129 48.98 8.79 25.54
C ARG C 129 49.63 7.99 24.41
N LEU C 130 49.68 8.59 23.22
CA LEU C 130 50.23 7.90 22.05
C LEU C 130 51.42 8.66 21.46
N LEU C 131 51.75 8.38 20.20
CA LEU C 131 52.87 9.07 19.55
C LEU C 131 52.58 9.22 18.07
N ARG C 132 52.50 10.47 17.61
CA ARG C 132 52.20 10.79 16.22
C ARG C 132 53.48 10.90 15.40
N LEU C 133 53.40 10.46 14.15
CA LEU C 133 54.52 10.59 13.21
C LEU C 133 54.19 11.51 12.05
N LYS C 134 53.07 11.28 11.37
CA LYS C 134 52.72 12.04 10.18
C LYS C 134 52.55 13.51 10.52
N LEU C 135 53.13 14.38 9.69
CA LEU C 135 53.09 15.81 9.94
C LEU C 135 52.33 16.60 8.87
N LYS C 136 51.95 15.96 7.77
CA LYS C 136 51.29 16.62 6.65
C LYS C 136 49.80 16.31 6.66
N VAL C 137 48.99 17.26 6.19
CA VAL C 137 47.53 17.13 6.09
C VAL C 137 46.92 17.02 7.49
N GLU C 138 45.59 16.96 7.56
CA GLU C 138 44.83 16.81 8.79
C GLU C 138 43.81 15.70 8.61
N GLN C 139 43.63 14.89 9.66
CA GLN C 139 42.74 13.74 9.59
C GLN C 139 41.90 13.67 10.86
N HIS C 140 40.82 12.89 10.79
CA HIS C 140 39.80 12.81 11.82
C HIS C 140 39.81 11.43 12.46
N VAL C 141 39.80 11.39 13.79
CA VAL C 141 40.03 10.16 14.54
C VAL C 141 38.87 9.91 15.48
N GLU C 142 38.41 8.66 15.53
CA GLU C 142 37.40 8.21 16.48
C GLU C 142 37.97 7.09 17.35
N LEU C 143 37.58 7.06 18.62
CA LEU C 143 38.12 6.11 19.59
C LEU C 143 37.02 5.19 20.08
N TYR C 144 37.36 3.92 20.27
CA TYR C 144 36.39 2.90 20.67
C TYR C 144 36.93 2.10 21.84
N GLN C 145 36.06 1.30 22.43
CA GLN C 145 36.41 0.44 23.56
C GLN C 145 36.07 -1.01 23.22
N LYS C 146 36.80 -1.95 23.83
CA LYS C 146 36.63 -3.36 23.55
C LYS C 146 35.47 -3.94 24.35
N TYR C 147 34.47 -4.47 23.64
CA TYR C 147 33.31 -5.10 24.26
C TYR C 147 33.08 -6.46 23.61
N SER C 148 32.84 -7.49 24.42
CA SER C 148 32.58 -8.85 23.97
C SER C 148 33.72 -9.39 23.10
N GLN C 149 34.91 -8.77 23.17
CA GLN C 149 36.09 -9.14 22.41
C GLN C 149 35.87 -9.07 20.90
N ASN C 150 34.78 -8.47 20.44
CA ASN C 150 34.47 -8.37 19.02
C ASN C 150 33.79 -7.04 18.71
N SER C 151 32.88 -6.61 19.58
CA SER C 151 32.14 -5.37 19.39
C SER C 151 32.92 -4.20 19.97
N TRP C 152 32.76 -3.04 19.34
CA TRP C 152 33.43 -1.82 19.77
C TRP C 152 32.38 -0.75 20.02
N ARG C 153 32.49 -0.08 21.15
CA ARG C 153 31.56 0.98 21.51
C ARG C 153 32.29 2.32 21.53
N TYR C 154 31.59 3.35 21.04
CA TYR C 154 32.17 4.67 20.88
C TYR C 154 32.63 5.25 22.21
N LEU C 155 33.66 6.09 22.14
CA LEU C 155 34.20 6.73 23.33
C LEU C 155 34.27 8.23 23.14
N SER C 156 35.39 8.72 22.60
CA SER C 156 35.62 10.14 22.41
C SER C 156 36.11 10.40 20.99
N ASN C 157 36.36 11.67 20.69
CA ASN C 157 36.72 12.11 19.35
C ASN C 157 37.69 13.27 19.46
N ARG C 158 38.56 13.43 18.46
CA ARG C 158 39.52 14.53 18.47
C ARG C 158 40.05 14.75 17.06
N LEU C 159 40.02 16.00 16.61
CA LEU C 159 40.63 16.38 15.35
C LEU C 159 42.11 16.69 15.57
N LEU C 160 42.90 16.46 14.52
CA LEU C 160 44.36 16.57 14.61
C LEU C 160 44.86 17.65 13.66
N ALA C 161 45.94 18.35 14.07
CA ALA C 161 46.45 19.47 13.29
C ALA C 161 47.81 19.16 12.67
N PRO C 162 48.09 19.68 11.47
CA PRO C 162 49.37 19.39 10.81
C PRO C 162 50.56 20.05 11.50
N SER C 163 51.07 19.39 12.55
CA SER C 163 52.26 19.87 13.25
C SER C 163 53.51 19.38 12.54
N ASP C 164 54.44 20.30 12.27
CA ASP C 164 55.64 19.95 11.52
C ASP C 164 56.55 18.99 12.27
N SER C 165 56.42 18.89 13.58
CA SER C 165 57.25 18.03 14.41
C SER C 165 56.43 16.87 14.95
N PRO C 166 57.07 15.78 15.39
CA PRO C 166 56.33 14.70 16.04
C PRO C 166 55.59 15.22 17.27
N GLU C 167 54.29 14.94 17.31
CA GLU C 167 53.42 15.48 18.34
C GLU C 167 52.94 14.35 19.26
N TRP C 168 52.68 14.70 20.52
CA TRP C 168 52.28 13.74 21.53
C TRP C 168 50.89 14.11 22.03
N LEU C 169 49.94 13.20 21.87
CA LEU C 169 48.55 13.44 22.26
C LEU C 169 48.17 12.56 23.45
N SER C 170 46.94 12.72 23.93
CA SER C 170 46.47 11.99 25.10
C SER C 170 44.96 11.96 25.10
N PHE C 171 44.39 10.84 25.54
CA PHE C 171 42.94 10.66 25.61
C PHE C 171 42.57 10.20 27.01
N ASP C 172 41.68 10.94 27.66
CA ASP C 172 41.27 10.67 29.04
C ASP C 172 40.30 9.50 29.07
N VAL C 173 40.80 8.32 29.43
CA VAL C 173 39.98 7.10 29.51
C VAL C 173 39.87 6.66 30.96
N THR C 174 39.79 7.62 31.89
CA THR C 174 39.75 7.29 33.30
C THR C 174 38.53 6.44 33.64
N GLY C 175 37.35 6.85 33.16
CA GLY C 175 36.14 6.11 33.43
C GLY C 175 36.19 4.69 32.89
N VAL C 176 37.00 4.46 31.85
CA VAL C 176 37.14 3.11 31.30
C VAL C 176 38.07 2.28 32.18
N VAL C 177 39.21 2.86 32.57
CA VAL C 177 40.19 2.11 33.36
C VAL C 177 39.62 1.74 34.71
N ARG C 178 38.82 2.63 35.30
CA ARG C 178 38.27 2.37 36.63
C ARG C 178 37.39 1.12 36.64
N GLN C 179 36.58 0.94 35.60
CA GLN C 179 35.71 -0.24 35.54
C GLN C 179 36.50 -1.50 35.23
N TRP C 180 37.66 -1.37 34.57
CA TRP C 180 38.45 -2.54 34.21
C TRP C 180 39.19 -3.13 35.40
N LEU C 181 39.48 -2.34 36.43
CA LEU C 181 40.16 -2.86 37.60
C LEU C 181 39.21 -3.59 38.55
N SER C 182 37.90 -3.37 38.41
CA SER C 182 36.92 -4.12 39.18
C SER C 182 36.63 -5.49 38.57
N ARG C 183 36.86 -5.66 37.28
CA ARG C 183 36.58 -6.92 36.61
C ARG C 183 37.79 -7.85 36.66
N GLY C 184 37.52 -9.14 36.69
CA GLY C 184 38.57 -10.13 36.62
C GLY C 184 39.02 -10.47 35.22
N GLY C 185 38.56 -9.73 34.22
CA GLY C 185 38.97 -9.98 32.84
C GLY C 185 40.43 -9.66 32.62
N GLU C 186 41.26 -10.70 32.46
CA GLU C 186 42.70 -10.53 32.33
C GLU C 186 43.13 -10.10 30.93
N ILE C 187 42.21 -9.77 30.04
CA ILE C 187 42.54 -9.29 28.70
C ILE C 187 41.54 -8.22 28.29
N GLU C 188 42.04 -7.03 27.97
CA GLU C 188 41.23 -5.91 27.50
C GLU C 188 41.99 -5.19 26.39
N GLY C 189 41.47 -4.07 25.93
CA GLY C 189 42.14 -3.31 24.90
C GLY C 189 41.29 -2.17 24.37
N PHE C 190 41.89 -1.43 23.43
CA PHE C 190 41.24 -0.29 22.78
C PHE C 190 41.34 -0.44 21.27
N ARG C 191 40.67 0.46 20.56
CA ARG C 191 40.69 0.48 19.10
C ARG C 191 40.69 1.93 18.64
N LEU C 192 41.54 2.23 17.67
CA LEU C 192 41.60 3.58 17.10
C LEU C 192 41.40 3.47 15.59
N SER C 193 40.19 3.74 15.14
CA SER C 193 39.89 3.76 13.72
C SER C 193 39.80 5.22 13.26
N ALA C 194 39.14 5.45 12.13
CA ALA C 194 39.02 6.79 11.55
C ALA C 194 37.55 7.18 11.45
N HIS C 195 37.30 8.26 10.73
CA HIS C 195 35.94 8.75 10.57
C HIS C 195 35.17 7.86 9.61
N CYS C 196 33.89 7.65 9.92
CA CYS C 196 32.97 6.92 9.05
C CYS C 196 31.92 7.91 8.55
N SER C 197 31.89 8.15 7.25
CA SER C 197 30.95 9.08 6.65
C SER C 197 29.72 8.31 6.16
N CYS C 198 28.60 8.49 6.85
CA CYS C 198 27.34 7.87 6.45
C CYS C 198 26.18 8.84 6.59
N ILE C 209 36.62 4.65 3.66
CA ILE C 209 37.35 4.55 4.91
C ILE C 209 38.54 5.50 4.87
N ASN C 210 38.58 6.44 5.81
CA ASN C 210 39.57 7.51 5.84
C ASN C 210 40.65 7.25 6.90
N GLY C 211 41.31 8.32 7.33
CA GLY C 211 42.27 8.33 8.45
C GLY C 211 43.64 7.71 8.30
N PHE C 212 43.72 6.57 7.65
CA PHE C 212 45.00 5.88 7.46
C PHE C 212 45.12 5.50 6.00
N THR C 213 46.24 5.88 5.37
CA THR C 213 46.44 5.66 3.96
C THR C 213 47.52 4.63 3.65
N THR C 214 48.27 4.19 4.65
CA THR C 214 49.30 3.17 4.48
C THR C 214 48.86 1.87 5.13
N GLY C 215 49.33 0.74 4.56
CA GLY C 215 49.05 -0.58 5.06
C GLY C 215 50.05 -1.18 6.01
N ARG C 216 51.16 -0.48 6.30
CA ARG C 216 52.13 -1.00 7.26
C ARG C 216 51.67 -0.83 8.69
N ARG C 217 50.70 0.07 8.93
CA ARG C 217 50.15 0.41 10.24
C ARG C 217 51.20 1.08 11.13
N GLY C 218 52.46 1.04 10.73
CA GLY C 218 53.55 1.64 11.47
C GLY C 218 53.95 3.02 11.01
N ASP C 219 53.26 3.55 9.99
CA ASP C 219 53.58 4.87 9.47
C ASP C 219 52.90 5.98 10.27
N LEU C 220 51.63 5.80 10.66
CA LEU C 220 50.96 6.87 11.39
C LEU C 220 51.28 6.85 12.88
N ALA C 221 51.58 5.67 13.42
CA ALA C 221 51.90 5.53 14.82
C ALA C 221 53.07 4.57 14.98
N THR C 222 53.78 4.72 16.08
CA THR C 222 54.90 3.83 16.33
C THR C 222 54.40 2.41 16.61
N ILE C 223 55.06 1.44 15.98
CA ILE C 223 54.68 0.03 16.11
C ILE C 223 55.96 -0.78 16.29
N HIS C 224 55.87 -1.84 17.11
CA HIS C 224 57.01 -2.70 17.47
C HIS C 224 58.28 -1.88 17.70
N GLY C 225 58.14 -0.72 18.34
CA GLY C 225 59.27 0.12 18.64
C GLY C 225 59.14 0.70 20.03
N MET C 226 60.28 1.13 20.58
CA MET C 226 60.30 1.68 21.93
C MET C 226 59.52 2.98 21.97
N ASN C 227 59.06 3.33 23.18
CA ASN C 227 58.18 4.48 23.41
C ASN C 227 56.80 4.28 22.81
N ARG C 228 56.45 3.04 22.47
CA ARG C 228 55.15 2.76 21.90
C ARG C 228 54.04 3.12 22.89
N PRO C 229 52.83 3.41 22.38
CA PRO C 229 51.73 3.91 23.22
C PRO C 229 51.62 3.25 24.60
N PHE C 230 51.51 4.09 25.63
CA PHE C 230 51.46 3.63 27.00
C PHE C 230 50.31 4.34 27.73
N LEU C 231 49.81 3.70 28.78
CA LEU C 231 48.68 4.21 29.57
C LEU C 231 49.23 4.86 30.83
N LEU C 232 49.22 6.19 30.88
CA LEU C 232 49.69 6.92 32.05
C LEU C 232 48.63 6.90 33.14
N LEU C 233 49.01 6.47 34.34
CA LEU C 233 48.11 6.34 35.47
C LEU C 233 48.52 7.29 36.59
N MET C 234 47.52 7.85 37.28
CA MET C 234 47.76 8.74 38.43
C MET C 234 46.78 8.33 39.52
N ALA C 235 47.29 7.62 40.53
CA ALA C 235 46.45 7.05 41.57
C ALA C 235 46.98 7.46 42.95
N THR C 236 46.16 7.17 43.98
CA THR C 236 46.49 7.50 45.36
C THR C 236 46.98 6.26 46.09
N PRO C 237 48.15 6.31 46.73
CA PRO C 237 48.67 5.13 47.44
C PRO C 237 47.76 4.68 48.57
N LEU C 238 47.89 3.40 48.94
CA LEU C 238 47.13 2.89 50.06
C LEU C 238 47.57 3.51 51.38
N GLU C 239 48.81 4.00 51.43
CA GLU C 239 49.29 4.69 52.61
C GLU C 239 48.50 5.96 52.90
N ARG C 240 47.95 6.58 51.85
CA ARG C 240 47.18 7.81 52.01
C ARG C 240 45.74 7.54 52.42
N ALA C 241 45.03 6.72 51.63
CA ALA C 241 43.61 6.48 51.90
C ALA C 241 43.41 5.83 53.26
N GLN C 242 44.20 4.82 53.58
CA GLN C 242 44.11 4.14 54.87
C GLN C 242 44.65 5.02 56.00
N ALA C 252 35.16 20.50 48.09
CA ALA C 252 34.50 21.79 47.93
C ALA C 252 33.02 21.62 47.56
N LEU C 253 32.17 21.47 48.58
CA LEU C 253 30.75 21.29 48.36
C LEU C 253 30.06 22.65 48.12
N ASP C 254 28.93 22.59 47.42
CA ASP C 254 28.23 23.79 46.99
C ASP C 254 27.00 24.09 47.86
N THR C 255 25.90 24.50 47.21
CA THR C 255 24.68 24.84 47.91
C THR C 255 24.01 23.63 48.55
N ASN C 256 24.28 22.42 48.05
CA ASN C 256 23.65 21.21 48.56
C ASN C 256 24.16 20.83 49.95
N TYR C 257 25.16 21.52 50.46
CA TYR C 257 25.73 21.25 51.77
C TYR C 257 25.77 22.56 52.54
N CYS C 258 25.94 23.67 51.82
CA CYS C 258 26.09 24.97 52.45
C CYS C 258 24.77 25.57 52.90
N PHE C 259 23.64 25.07 52.42
CA PHE C 259 22.34 25.56 52.82
C PHE C 259 21.65 24.66 53.83
N SER C 260 22.05 23.39 53.89
CA SER C 260 21.49 22.43 54.84
C SER C 260 22.26 22.36 56.14
N SER C 261 23.45 22.96 56.21
CA SER C 261 24.28 22.92 57.41
C SER C 261 24.77 24.32 57.76
N THR C 262 25.15 24.49 59.02
CA THR C 262 25.67 25.75 59.54
C THR C 262 27.19 25.65 59.64
N GLU C 263 27.88 26.14 58.61
CA GLU C 263 29.33 26.07 58.56
C GLU C 263 29.94 27.29 59.27
N LYS C 264 31.03 27.06 59.98
CA LYS C 264 31.84 28.13 60.53
C LYS C 264 32.97 28.53 59.58
N ASN C 265 33.24 27.72 58.56
CA ASN C 265 34.28 27.95 57.58
C ASN C 265 33.72 28.60 56.31
N CYS C 266 34.53 28.60 55.25
CA CYS C 266 34.20 29.20 53.98
C CYS C 266 33.02 28.51 53.31
N CYS C 267 31.82 28.97 53.60
CA CYS C 267 30.58 28.44 53.05
C CYS C 267 29.86 29.52 52.25
N VAL C 268 29.14 29.12 51.21
CA VAL C 268 28.38 30.07 50.41
C VAL C 268 27.07 30.39 51.13
N ARG C 269 26.87 31.67 51.45
CA ARG C 269 25.69 32.08 52.18
C ARG C 269 24.59 32.51 51.22
N GLN C 270 23.35 32.33 51.64
CA GLN C 270 22.20 32.66 50.82
C GLN C 270 21.94 34.17 50.82
N LEU C 271 21.61 34.70 49.64
CA LEU C 271 21.30 36.13 49.50
C LEU C 271 20.42 36.32 48.26
N TYR C 272 19.17 36.69 48.49
CA TYR C 272 18.24 37.02 47.43
C TYR C 272 18.24 38.53 47.22
N ILE C 273 18.55 38.95 46.01
CA ILE C 273 18.70 40.36 45.68
C ILE C 273 17.48 40.81 44.88
N ASP C 274 16.72 41.74 45.43
CA ASP C 274 15.57 42.33 44.76
C ASP C 274 15.96 43.66 44.14
N PHE C 275 15.40 43.94 42.96
CA PHE C 275 15.70 45.19 42.28
C PHE C 275 14.90 46.35 42.87
N ARG C 276 13.63 46.10 43.20
CA ARG C 276 12.79 47.15 43.76
C ARG C 276 13.08 47.37 45.24
N LYS C 277 13.51 46.33 45.95
CA LYS C 277 13.65 46.39 47.40
C LYS C 277 15.07 46.70 47.84
N ASP C 278 16.07 46.08 47.23
CA ASP C 278 17.46 46.21 47.65
C ASP C 278 18.29 47.09 46.72
N LEU C 279 17.70 47.57 45.62
CA LEU C 279 18.42 48.42 44.68
C LEU C 279 17.57 49.61 44.26
N GLY C 280 16.26 49.43 44.23
CA GLY C 280 15.37 50.49 43.78
C GLY C 280 15.43 50.68 42.29
N TRP C 281 15.45 49.58 41.54
CA TRP C 281 15.53 49.61 40.08
C TRP C 281 14.25 49.03 39.49
N LYS C 282 13.42 49.89 38.91
CA LYS C 282 12.19 49.46 38.24
C LYS C 282 12.35 49.45 36.73
N TRP C 283 13.58 49.61 36.23
CA TRP C 283 13.86 49.62 34.81
C TRP C 283 14.23 48.25 34.26
N ILE C 284 14.29 47.23 35.12
CA ILE C 284 14.58 45.86 34.70
C ILE C 284 13.30 45.05 34.87
N HIS C 285 12.73 44.62 33.75
CA HIS C 285 11.46 43.92 33.80
C HIS C 285 11.64 42.50 34.34
N GLU C 286 12.54 41.74 33.74
CA GLU C 286 12.79 40.38 34.19
C GLU C 286 14.28 40.07 34.30
N PRO C 287 14.66 39.44 35.41
CA PRO C 287 13.74 39.13 36.51
C PRO C 287 13.58 40.30 37.47
N LYS C 288 12.75 40.13 38.49
CA LYS C 288 12.56 41.14 39.53
C LYS C 288 13.19 40.70 40.85
N GLY C 289 14.25 39.89 40.77
CA GLY C 289 14.91 39.36 41.93
C GLY C 289 15.55 38.02 41.64
N TYR C 290 16.71 37.74 42.22
CA TYR C 290 17.40 36.49 41.95
C TYR C 290 18.35 36.17 43.11
N HIS C 291 18.89 34.95 43.10
CA HIS C 291 19.77 34.45 44.14
C HIS C 291 21.22 34.58 43.68
N ALA C 292 21.85 35.73 43.99
CA ALA C 292 23.26 35.91 43.67
C ALA C 292 24.16 35.26 44.71
N ASN C 293 23.79 35.34 45.99
CA ASN C 293 24.56 34.77 47.09
C ASN C 293 25.95 35.40 47.20
N PHE C 294 26.76 34.88 48.14
CA PHE C 294 28.11 35.37 48.35
C PHE C 294 28.88 34.33 49.17
N CYS C 295 30.20 34.52 49.23
CA CYS C 295 31.08 33.64 50.00
C CYS C 295 31.57 34.38 51.23
N LEU C 296 31.31 33.80 52.40
CA LEU C 296 31.77 34.35 53.67
C LEU C 296 32.31 33.21 54.52
N GLY C 297 33.52 33.40 55.04
CA GLY C 297 34.13 32.39 55.88
C GLY C 297 35.64 32.43 55.89
N PRO C 298 36.24 31.90 56.96
CA PRO C 298 37.70 31.83 57.05
C PRO C 298 38.26 30.59 56.36
N CYS C 299 39.54 30.68 56.03
CA CYS C 299 40.25 29.57 55.37
C CYS C 299 41.62 29.41 56.02
N PRO C 300 41.73 28.59 57.08
CA PRO C 300 43.04 28.38 57.73
C PRO C 300 43.78 27.16 57.20
N TYR C 301 45.01 26.96 57.68
CA TYR C 301 45.82 25.83 57.23
C TYR C 301 45.34 24.52 57.85
N PRO C 321 46.72 26.76 49.76
CA PRO C 321 47.42 27.48 50.81
C PRO C 321 48.69 28.12 50.27
N GLY C 322 48.53 29.21 49.53
CA GLY C 322 49.67 29.89 48.97
C GLY C 322 49.22 31.05 48.10
N ALA C 323 50.17 31.55 47.30
CA ALA C 323 49.95 32.63 46.34
C ALA C 323 49.62 33.96 47.03
N SER C 324 48.49 34.03 47.71
CA SER C 324 48.09 35.23 48.43
C SER C 324 48.62 35.23 49.85
N ALA C 325 48.83 36.43 50.40
CA ALA C 325 49.30 36.55 51.78
C ALA C 325 48.29 36.03 52.79
N ALA C 326 47.00 36.02 52.43
CA ALA C 326 45.94 35.56 53.32
C ALA C 326 44.90 34.81 52.49
N PRO C 327 44.83 33.48 52.60
CA PRO C 327 43.86 32.72 51.80
C PRO C 327 42.43 33.14 52.10
N CYS C 328 41.71 33.53 51.05
CA CYS C 328 40.36 34.08 51.15
C CYS C 328 39.32 33.06 50.69
N CYS C 329 38.09 33.32 51.13
CA CYS C 329 36.89 32.56 50.77
C CYS C 329 36.33 33.12 49.46
N VAL C 330 36.83 32.60 48.34
CA VAL C 330 36.42 33.11 47.03
C VAL C 330 35.50 32.10 46.34
N PRO C 331 34.59 32.55 45.49
CA PRO C 331 33.73 31.61 44.76
C PRO C 331 34.50 30.82 43.72
N GLN C 332 34.15 29.54 43.60
CA GLN C 332 34.74 28.65 42.61
C GLN C 332 33.89 28.50 41.36
N ALA C 333 32.58 28.35 41.51
CA ALA C 333 31.66 28.22 40.39
C ALA C 333 30.63 29.34 40.43
N LEU C 334 30.44 30.02 39.31
CA LEU C 334 29.46 31.09 39.17
C LEU C 334 28.58 30.84 37.96
N GLU C 335 27.37 31.40 37.99
CA GLU C 335 26.40 31.17 36.95
C GLU C 335 25.87 32.48 36.37
N PRO C 336 25.68 32.55 35.05
CA PRO C 336 25.19 33.78 34.43
C PRO C 336 23.72 34.02 34.69
N LEU C 337 23.29 35.25 34.42
CA LEU C 337 21.93 35.69 34.66
C LEU C 337 21.38 36.43 33.44
N PRO C 338 20.30 35.94 32.82
CA PRO C 338 19.65 36.69 31.73
C PRO C 338 18.74 37.78 32.28
N ILE C 339 18.82 38.97 31.66
CA ILE C 339 18.02 40.12 32.07
C ILE C 339 17.26 40.65 30.87
N VAL C 340 16.21 41.40 31.17
CA VAL C 340 15.39 42.05 30.14
C VAL C 340 15.18 43.50 30.54
N TYR C 341 15.66 44.42 29.71
CA TYR C 341 15.48 45.84 29.94
C TYR C 341 15.24 46.54 28.60
N TYR C 342 14.70 47.75 28.68
CA TYR C 342 14.42 48.54 27.50
C TYR C 342 15.46 49.63 27.29
N VAL C 343 15.58 50.09 26.05
CA VAL C 343 16.48 51.18 25.67
C VAL C 343 15.64 52.18 24.87
N GLY C 344 15.16 53.22 25.54
CA GLY C 344 14.26 54.15 24.89
C GLY C 344 12.96 53.45 24.52
N ARG C 345 12.87 52.99 23.28
CA ARG C 345 11.75 52.22 22.80
C ARG C 345 12.13 50.80 22.41
N LYS C 346 13.41 50.43 22.53
CA LYS C 346 13.91 49.13 22.07
C LYS C 346 14.19 48.21 23.25
N PRO C 347 13.44 47.10 23.40
CA PRO C 347 13.74 46.13 24.47
C PRO C 347 14.89 45.21 24.08
N LYS C 348 15.86 45.06 24.98
CA LYS C 348 17.03 44.23 24.74
C LYS C 348 17.10 43.13 25.79
N VAL C 349 17.08 41.88 25.33
CA VAL C 349 17.25 40.72 26.23
C VAL C 349 18.73 40.38 26.26
N GLU C 350 19.38 40.67 27.38
CA GLU C 350 20.81 40.44 27.52
C GLU C 350 21.10 39.52 28.70
N GLN C 351 22.29 38.92 28.68
CA GLN C 351 22.70 37.95 29.69
C GLN C 351 24.05 38.36 30.28
N LEU C 352 24.07 38.61 31.58
CA LEU C 352 25.29 38.96 32.28
C LEU C 352 26.08 37.71 32.62
N SER C 353 27.40 37.82 32.56
CA SER C 353 28.28 36.68 32.82
C SER C 353 28.74 36.64 34.28
N ASN C 354 28.62 35.46 34.90
CA ASN C 354 29.05 35.22 36.27
C ASN C 354 28.38 36.15 37.27
N MET C 355 27.21 35.75 37.77
CA MET C 355 26.48 36.55 38.75
C MET C 355 26.08 35.68 39.95
N ILE C 356 25.51 34.51 39.67
CA ILE C 356 25.04 33.61 40.72
C ILE C 356 26.22 32.81 41.26
N VAL C 357 26.52 32.99 42.55
CA VAL C 357 27.60 32.26 43.19
C VAL C 357 27.10 30.89 43.64
N ARG C 358 27.67 29.84 43.07
CA ARG C 358 27.28 28.47 43.41
C ARG C 358 28.19 27.91 44.50
N SER C 359 29.45 27.67 44.18
CA SER C 359 30.43 27.10 45.10
C SER C 359 31.40 28.16 45.55
N CYS C 360 32.17 27.82 46.58
CA CYS C 360 33.21 28.67 47.11
C CYS C 360 34.43 27.83 47.45
N LYS C 361 35.60 28.36 47.14
CA LYS C 361 36.89 27.72 47.40
C LYS C 361 37.77 28.65 48.23
N CYS C 362 38.93 28.14 48.62
CA CYS C 362 39.94 28.91 49.35
C CYS C 362 41.25 28.87 48.60
N SER C 363 41.71 30.01 48.12
CA SER C 363 42.98 30.07 47.40
C SER C 363 43.70 31.38 47.68
N ILE D 9 33.49 40.28 64.82
CA ILE D 9 32.06 40.26 65.06
C ILE D 9 31.37 39.98 63.71
N ASP D 10 31.84 40.70 62.69
CA ASP D 10 31.49 40.57 61.27
C ASP D 10 30.22 41.26 60.85
N MET D 11 29.09 40.87 61.44
CA MET D 11 27.84 41.60 61.23
C MET D 11 27.08 41.15 59.97
N GLU D 12 25.84 41.61 59.72
CA GLU D 12 25.06 41.22 58.52
C GLU D 12 25.13 42.22 57.38
N LEU D 13 25.86 43.32 57.57
CA LEU D 13 26.03 44.28 56.51
C LEU D 13 26.85 43.74 55.36
N VAL D 14 27.52 42.60 55.56
CA VAL D 14 28.27 41.97 54.49
C VAL D 14 27.36 41.74 53.29
N LYS D 15 26.09 41.42 53.54
CA LYS D 15 25.14 41.24 52.46
C LYS D 15 24.92 42.54 51.70
N ARG D 16 24.92 43.67 52.43
CA ARG D 16 24.76 44.97 51.79
C ARG D 16 26.01 45.40 51.05
N LYS D 17 27.17 44.88 51.44
CA LYS D 17 28.40 45.15 50.69
C LYS D 17 28.35 44.45 49.35
N ARG D 18 27.71 43.28 49.30
CA ARG D 18 27.51 42.56 48.04
C ARG D 18 26.50 43.28 47.16
N ILE D 19 25.41 43.79 47.74
CA ILE D 19 24.36 44.46 46.97
C ILE D 19 24.91 45.72 46.31
N GLU D 20 25.68 46.51 47.05
CA GLU D 20 26.26 47.72 46.48
C GLU D 20 27.40 47.40 45.53
N ALA D 21 27.98 46.20 45.61
CA ALA D 21 28.95 45.75 44.63
C ALA D 21 28.26 45.17 43.41
N ILE D 22 27.05 44.61 43.59
CA ILE D 22 26.25 44.19 42.46
C ILE D 22 25.75 45.41 41.69
N ARG D 23 25.35 46.45 42.42
CA ARG D 23 24.85 47.68 41.79
C ARG D 23 25.87 48.24 40.80
N GLY D 24 27.10 48.43 41.24
CA GLY D 24 28.12 48.95 40.33
C GLY D 24 28.56 47.95 39.28
N GLN D 25 28.31 46.66 39.52
CA GLN D 25 28.71 45.62 38.58
C GLN D 25 27.79 45.58 37.37
N ILE D 26 26.48 45.47 37.61
CA ILE D 26 25.51 45.42 36.51
C ILE D 26 25.67 46.63 35.60
N LEU D 27 25.83 47.82 36.19
CA LEU D 27 25.97 49.03 35.40
C LEU D 27 27.25 49.03 34.57
N SER D 28 28.32 48.42 35.08
CA SER D 28 29.57 48.38 34.33
C SER D 28 29.54 47.34 33.22
N LYS D 29 28.85 46.22 33.42
CA LYS D 29 28.78 45.21 32.37
C LYS D 29 27.93 45.69 31.22
N LEU D 30 26.93 46.51 31.49
CA LEU D 30 26.10 47.11 30.46
C LEU D 30 26.73 48.37 29.90
N ARG D 31 27.91 48.74 30.41
CA ARG D 31 28.61 49.97 30.02
C ARG D 31 27.72 51.21 30.22
N LEU D 32 27.02 51.24 31.35
CA LEU D 32 26.11 52.32 31.68
C LEU D 32 26.57 53.03 32.94
N ALA D 33 26.34 54.34 32.99
CA ALA D 33 26.63 55.13 34.18
C ALA D 33 25.42 55.33 35.07
N SER D 34 24.22 55.41 34.49
CA SER D 34 22.99 55.59 35.23
C SER D 34 21.88 54.82 34.52
N PRO D 35 20.87 54.37 35.26
CA PRO D 35 19.75 53.64 34.64
C PRO D 35 19.06 54.46 33.58
N PRO D 36 18.63 53.83 32.47
CA PRO D 36 17.99 54.57 31.38
C PRO D 36 16.61 55.07 31.77
N SER D 37 16.01 55.84 30.86
CA SER D 37 14.71 56.43 31.09
C SER D 37 13.61 55.44 30.71
N GLN D 38 12.59 55.39 31.55
CA GLN D 38 11.48 54.46 31.39
C GLN D 38 10.16 55.19 31.16
N GLY D 39 10.24 56.48 30.86
CA GLY D 39 9.08 57.28 30.53
C GLY D 39 8.93 57.32 29.03
N GLU D 40 9.92 56.77 28.34
CA GLU D 40 9.90 56.56 26.91
C GLU D 40 9.63 55.09 26.59
N VAL D 41 9.25 54.31 27.62
CA VAL D 41 8.97 52.88 27.52
C VAL D 41 7.49 52.73 27.85
N PRO D 42 6.72 51.89 27.15
CA PRO D 42 5.30 51.79 27.47
C PRO D 42 5.07 50.74 28.52
N PRO D 43 4.40 51.11 29.63
CA PRO D 43 4.12 50.13 30.69
C PRO D 43 2.97 49.20 30.29
N GLY D 44 3.21 47.91 30.44
CA GLY D 44 2.16 46.94 30.23
C GLY D 44 2.48 45.86 29.20
N PRO D 45 2.66 46.26 27.93
CA PRO D 45 2.86 45.26 26.88
C PRO D 45 4.21 44.57 27.02
N LEU D 46 4.17 43.24 27.14
CA LEU D 46 5.37 42.42 27.17
C LEU D 46 5.18 41.25 26.20
N PRO D 47 5.81 41.30 25.03
CA PRO D 47 5.56 40.27 24.01
C PRO D 47 6.00 38.89 24.47
N GLU D 48 5.24 37.87 24.06
CA GLU D 48 5.65 36.50 24.32
C GLU D 48 6.79 36.05 23.43
N ALA D 49 7.24 36.92 22.52
CA ALA D 49 8.41 36.61 21.70
C ALA D 49 9.69 36.80 22.50
N VAL D 50 9.73 37.81 23.38
CA VAL D 50 10.88 37.98 24.25
C VAL D 50 10.78 37.08 25.46
N LEU D 51 9.59 36.59 25.78
CA LEU D 51 9.45 35.61 26.85
C LEU D 51 9.95 34.24 26.41
N ALA D 52 9.87 33.94 25.12
CA ALA D 52 10.46 32.70 24.61
C ALA D 52 11.98 32.78 24.58
N LEU D 53 12.55 33.97 24.36
CA LEU D 53 13.99 34.14 24.46
C LEU D 53 14.47 33.94 25.89
N TYR D 54 13.78 34.57 26.85
CA TYR D 54 14.17 34.45 28.25
C TYR D 54 13.96 33.03 28.77
N ASN D 55 12.96 32.32 28.25
CA ASN D 55 12.71 30.95 28.70
C ASN D 55 13.72 29.96 28.12
N SER D 56 14.30 30.27 26.96
CA SER D 56 15.25 29.36 26.34
C SER D 56 16.65 29.50 26.89
N THR D 57 16.97 30.63 27.53
CA THR D 57 18.30 30.80 28.10
C THR D 57 18.40 30.09 29.45
N ARG D 58 17.32 30.12 30.21
CA ARG D 58 17.22 29.41 31.49
C ARG D 58 16.92 27.93 31.33
N ASP D 59 16.58 27.48 30.13
CA ASP D 59 16.10 26.12 29.91
C ASP D 59 17.23 25.08 29.91
N ARG D 60 18.41 25.44 29.43
CA ARG D 60 19.46 24.45 29.16
C ARG D 60 19.94 23.69 30.39
N VAL D 61 19.33 22.55 30.66
CA VAL D 61 19.92 21.61 31.61
C VAL D 61 20.79 20.59 30.89
N ALA D 62 20.61 20.43 29.58
CA ALA D 62 21.39 19.49 28.78
C ALA D 62 22.18 20.21 27.71
N GLY D 63 23.31 19.63 27.34
CA GLY D 63 24.18 20.21 26.34
C GLY D 63 25.56 20.59 26.87
N GLU D 64 26.55 20.55 26.00
CA GLU D 64 27.91 20.92 26.38
C GLU D 64 28.53 21.82 25.32
N PRO D 72 40.07 37.03 28.97
CA PRO D 72 39.13 37.59 27.97
C PRO D 72 38.49 38.88 28.45
N GLU D 73 38.98 40.01 27.91
CA GLU D 73 38.50 41.32 28.31
C GLU D 73 37.07 41.58 27.85
N ALA D 74 36.69 41.05 26.69
CA ALA D 74 35.36 41.27 26.14
C ALA D 74 34.32 40.32 26.71
N ASP D 75 34.74 39.28 27.43
CA ASP D 75 33.85 38.27 27.94
C ASP D 75 33.22 38.66 29.28
N TYR D 76 33.66 39.77 29.88
CA TYR D 76 33.11 40.21 31.14
C TYR D 76 31.89 41.11 30.96
N TYR D 77 31.77 41.76 29.80
CA TYR D 77 30.65 42.63 29.53
C TYR D 77 29.43 41.81 29.14
N ALA D 78 28.30 42.50 28.95
CA ALA D 78 27.04 41.85 28.64
C ALA D 78 26.92 41.50 27.17
N LYS D 79 26.11 40.48 26.89
CA LYS D 79 25.88 40.00 25.53
C LYS D 79 24.40 40.01 25.24
N GLU D 80 24.02 40.66 24.14
CA GLU D 80 22.61 40.76 23.75
C GLU D 80 22.16 39.43 23.14
N VAL D 81 21.22 38.77 23.81
CA VAL D 81 20.76 37.45 23.40
C VAL D 81 19.57 37.60 22.47
N THR D 82 19.70 37.06 21.27
CA THR D 82 18.62 37.01 20.29
C THR D 82 18.58 35.62 19.68
N ARG D 83 17.41 35.22 19.19
CA ARG D 83 17.26 33.91 18.58
C ARG D 83 16.59 34.06 17.22
N VAL D 84 16.73 33.01 16.40
CA VAL D 84 16.10 32.96 15.09
C VAL D 84 15.60 31.53 14.85
N LEU D 85 14.33 31.41 14.49
CA LEU D 85 13.74 30.12 14.17
C LEU D 85 14.22 29.66 12.79
N MET D 86 13.94 28.40 12.48
CA MET D 86 14.41 27.83 11.22
C MET D 86 13.35 27.99 10.13
N VAL D 87 13.71 27.57 8.93
CA VAL D 87 12.82 27.55 7.78
C VAL D 87 12.05 26.24 7.79
N GLU D 88 10.76 26.33 7.52
CA GLU D 88 9.91 25.15 7.51
C GLU D 88 10.21 24.26 6.31
N THR D 89 9.61 23.07 6.31
CA THR D 89 9.72 22.13 5.21
C THR D 89 8.75 22.46 4.07
N HIS D 90 8.05 23.57 4.15
CA HIS D 90 7.04 23.95 3.16
C HIS D 90 7.62 24.71 1.97
N ASN D 91 8.93 24.97 1.94
CA ASN D 91 9.48 25.75 0.84
C ASN D 91 10.75 25.17 0.21
N GLU D 92 11.77 24.87 1.02
CA GLU D 92 13.03 24.40 0.46
C GLU D 92 13.50 23.06 0.97
N ILE D 93 12.98 22.57 2.11
CA ILE D 93 13.54 21.35 2.71
C ILE D 93 13.02 20.09 2.05
N TYR D 94 12.04 20.21 1.15
CA TYR D 94 11.50 19.04 0.46
C TYR D 94 11.94 18.96 -0.99
N ASP D 95 12.57 20.01 -1.51
CA ASP D 95 12.88 20.09 -2.93
C ASP D 95 14.04 19.18 -3.35
N LYS D 96 14.87 18.74 -2.41
CA LYS D 96 16.04 17.93 -2.75
C LYS D 96 16.06 16.57 -2.10
N PHE D 97 15.77 16.49 -0.81
CA PHE D 97 15.94 15.26 -0.07
C PHE D 97 14.72 14.87 0.76
N LYS D 98 14.01 15.85 1.33
CA LYS D 98 12.91 15.62 2.26
C LYS D 98 13.47 14.99 3.53
N GLN D 99 12.68 14.13 4.17
CA GLN D 99 13.06 13.50 5.43
C GLN D 99 13.14 11.99 5.23
N SER D 100 14.14 11.37 5.84
CA SER D 100 14.32 9.93 5.74
C SER D 100 14.95 9.41 7.03
N THR D 101 14.89 8.08 7.18
CA THR D 101 15.45 7.43 8.36
C THR D 101 16.96 7.58 8.45
N HIS D 102 17.59 8.09 7.41
CA HIS D 102 19.04 8.21 7.34
C HIS D 102 19.55 9.55 7.85
N SER D 103 18.76 10.61 7.70
CA SER D 103 19.20 11.94 8.10
C SER D 103 18.00 12.84 8.37
N ILE D 104 18.26 13.95 9.05
CA ILE D 104 17.26 14.98 9.34
C ILE D 104 17.88 16.34 9.04
N TYR D 105 17.18 17.16 8.26
CA TYR D 105 17.71 18.43 7.77
C TYR D 105 16.99 19.62 8.39
N MET D 106 17.76 20.62 8.81
CA MET D 106 17.25 21.87 9.36
C MET D 106 17.86 23.03 8.59
N PHE D 107 17.04 24.02 8.23
CA PHE D 107 17.48 25.11 7.38
C PHE D 107 17.16 26.46 8.02
N PHE D 108 18.04 27.43 7.78
CA PHE D 108 17.90 28.79 8.28
C PHE D 108 18.19 29.77 7.16
N GLN D 109 17.85 31.03 7.39
CA GLN D 109 18.13 32.09 6.42
C GLN D 109 19.45 32.77 6.76
N THR D 110 19.65 33.97 6.25
CA THR D 110 20.79 34.83 6.57
C THR D 110 20.41 36.30 6.63
N SER D 111 19.30 36.69 6.02
CA SER D 111 18.82 38.05 6.08
C SER D 111 18.38 38.45 7.48
N GLU D 112 18.01 37.46 8.32
CA GLU D 112 17.71 37.67 9.72
C GLU D 112 18.88 37.30 10.63
N LEU D 113 19.80 36.48 10.14
CA LEU D 113 20.99 36.18 10.91
C LEU D 113 21.94 37.37 10.92
N ARG D 114 22.16 37.97 9.75
CA ARG D 114 22.91 39.21 9.63
C ARG D 114 22.05 40.40 10.03
N GLU D 115 20.82 40.19 10.52
CA GLU D 115 20.00 41.26 11.08
C GLU D 115 20.05 41.27 12.60
N ALA D 116 20.06 40.09 13.23
CA ALA D 116 20.24 40.02 14.67
C ALA D 116 21.69 40.34 15.06
N VAL D 117 22.64 39.88 14.26
CA VAL D 117 24.06 40.21 14.46
C VAL D 117 24.58 40.80 13.15
N PRO D 118 24.55 42.12 12.98
CA PRO D 118 24.99 42.73 11.73
C PRO D 118 26.42 42.39 11.35
N GLU D 119 27.36 42.67 12.25
CA GLU D 119 28.76 42.42 11.92
C GLU D 119 29.20 41.08 12.47
N PRO D 120 29.88 40.25 11.67
CA PRO D 120 30.27 38.91 12.14
C PRO D 120 31.15 38.91 13.37
N VAL D 121 31.82 40.02 13.67
CA VAL D 121 32.72 40.04 14.82
C VAL D 121 31.96 40.12 16.12
N LEU D 122 30.74 40.67 16.10
CA LEU D 122 29.96 40.84 17.31
C LEU D 122 29.55 39.51 17.92
N LEU D 123 29.47 38.47 17.09
CA LEU D 123 29.01 37.16 17.55
C LEU D 123 29.99 36.59 18.57
N SER D 124 29.45 36.19 19.72
CA SER D 124 30.26 35.60 20.78
C SER D 124 29.99 34.10 20.93
N ARG D 125 28.74 33.71 21.19
CA ARG D 125 28.37 32.30 21.30
C ARG D 125 27.06 32.05 20.57
N ALA D 126 27.04 31.03 19.71
CA ALA D 126 25.86 30.68 18.92
C ALA D 126 25.60 29.18 19.04
N GLU D 127 24.65 28.81 19.89
CA GLU D 127 24.30 27.42 20.11
C GLU D 127 22.96 27.10 19.46
N LEU D 128 22.93 26.02 18.68
CA LEU D 128 21.71 25.54 18.03
C LEU D 128 20.97 24.60 18.98
N ARG D 129 19.73 24.94 19.31
CA ARG D 129 18.95 24.19 20.29
C ARG D 129 17.79 23.46 19.63
N LEU D 130 17.54 22.23 20.08
CA LEU D 130 16.47 21.41 19.53
C LEU D 130 15.46 21.02 20.62
N LEU D 131 14.62 20.01 20.32
CA LEU D 131 13.65 19.50 21.28
C LEU D 131 13.56 17.99 21.13
N ARG D 132 13.94 17.27 22.18
CA ARG D 132 13.92 15.82 22.18
C ARG D 132 12.55 15.28 22.58
N LEU D 133 12.29 14.06 22.14
CA LEU D 133 11.17 13.28 22.61
C LEU D 133 11.73 12.07 23.36
N LYS D 134 10.85 11.32 24.01
CA LYS D 134 11.31 10.15 24.76
C LYS D 134 12.00 9.18 23.81
N LEU D 135 13.21 8.75 24.18
CA LEU D 135 14.00 7.89 23.32
C LEU D 135 14.42 6.58 23.97
N LYS D 136 14.21 6.42 25.28
CA LYS D 136 14.58 5.22 26.03
C LYS D 136 16.09 4.98 25.88
N VAL D 137 16.52 3.73 25.71
CA VAL D 137 17.86 3.28 26.07
C VAL D 137 19.00 4.11 25.46
N GLU D 138 19.28 3.91 24.18
CA GLU D 138 20.52 4.46 23.62
C GLU D 138 20.33 4.91 22.18
N GLN D 139 20.98 6.02 21.84
CA GLN D 139 21.21 6.41 20.46
C GLN D 139 22.45 7.30 20.42
N HIS D 140 23.08 7.36 19.25
CA HIS D 140 24.27 8.18 19.04
C HIS D 140 24.06 9.08 17.83
N VAL D 141 24.40 10.37 17.98
CA VAL D 141 24.12 11.39 16.97
C VAL D 141 25.40 12.07 16.54
N GLU D 142 25.58 12.23 15.22
CA GLU D 142 26.65 13.02 14.64
C GLU D 142 26.06 14.20 13.88
N LEU D 143 26.71 15.36 14.00
CA LEU D 143 26.22 16.59 13.38
C LEU D 143 27.14 17.02 12.25
N TYR D 144 26.57 17.61 11.20
CA TYR D 144 27.31 18.03 10.01
C TYR D 144 26.97 19.46 9.65
N GLN D 145 27.80 20.04 8.78
CA GLN D 145 27.65 21.39 8.29
C GLN D 145 27.60 21.39 6.76
N LYS D 146 26.89 22.36 6.18
CA LYS D 146 26.75 22.45 4.72
C LYS D 146 27.93 23.18 4.10
N TYR D 147 28.70 22.49 3.26
CA TYR D 147 29.86 23.03 2.56
C TYR D 147 29.68 22.91 1.05
N SER D 148 29.98 23.99 0.31
CA SER D 148 29.78 24.05 -1.15
C SER D 148 28.35 23.75 -1.55
N GLN D 149 27.41 23.88 -0.61
CA GLN D 149 25.97 23.78 -0.84
C GLN D 149 25.53 22.37 -1.21
N ASN D 150 26.42 21.40 -1.00
CA ASN D 150 26.26 20.02 -1.44
C ASN D 150 27.10 19.10 -0.53
N SER D 151 28.33 19.50 -0.15
CA SER D 151 29.16 18.62 0.68
C SER D 151 28.90 18.88 2.16
N TRP D 152 29.07 17.86 2.99
CA TRP D 152 28.80 17.96 4.42
C TRP D 152 30.06 17.64 5.22
N ARG D 153 30.35 18.45 6.24
CA ARG D 153 31.55 18.28 7.06
C ARG D 153 31.16 18.04 8.52
N TYR D 154 31.90 17.11 9.15
CA TYR D 154 31.66 16.73 10.53
C TYR D 154 31.77 17.93 11.47
N LEU D 155 31.05 17.87 12.58
CA LEU D 155 31.11 18.90 13.61
C LEU D 155 31.38 18.27 14.98
N SER D 156 30.32 17.84 15.67
CA SER D 156 30.44 17.24 16.99
C SER D 156 29.60 15.97 17.06
N ASN D 157 29.70 15.30 18.21
CA ASN D 157 28.96 14.07 18.47
C ASN D 157 28.48 14.09 19.92
N ARG D 158 27.44 13.30 20.20
CA ARG D 158 26.90 13.27 21.55
C ARG D 158 26.13 11.97 21.77
N LEU D 159 26.40 11.31 22.90
CA LEU D 159 25.65 10.14 23.29
C LEU D 159 24.36 10.57 23.99
N LEU D 160 23.33 9.73 23.89
CA LEU D 160 21.99 10.07 24.38
C LEU D 160 21.60 9.19 25.57
N ALA D 161 20.87 9.79 26.52
CA ALA D 161 20.44 9.18 27.76
C ALA D 161 18.95 8.90 27.76
N PRO D 162 18.51 7.85 28.47
CA PRO D 162 17.08 7.49 28.46
C PRO D 162 16.20 8.50 29.18
N SER D 163 15.88 9.60 28.51
CA SER D 163 14.96 10.58 29.05
C SER D 163 13.55 10.14 28.71
N ASP D 164 12.73 9.95 29.75
CA ASP D 164 11.34 9.58 29.55
C ASP D 164 10.50 10.79 29.14
N SER D 165 11.02 11.99 29.31
CA SER D 165 10.36 13.24 29.06
C SER D 165 11.03 14.01 27.92
N PRO D 166 10.33 14.96 27.30
CA PRO D 166 10.97 15.80 26.27
C PRO D 166 12.13 16.59 26.84
N GLU D 167 13.27 16.55 26.13
CA GLU D 167 14.50 17.17 26.57
C GLU D 167 14.94 18.27 25.60
N TRP D 168 15.64 19.28 26.12
CA TRP D 168 16.10 20.42 25.34
C TRP D 168 17.63 20.46 25.33
N LEU D 169 18.22 20.38 24.14
CA LEU D 169 19.68 20.33 23.97
C LEU D 169 20.22 21.62 23.35
N SER D 170 21.53 21.64 23.15
CA SER D 170 22.21 22.80 22.56
C SER D 170 23.58 22.37 22.04
N PHE D 171 23.94 22.86 20.86
CA PHE D 171 25.22 22.54 20.22
C PHE D 171 25.95 23.83 19.88
N ASP D 172 27.14 24.00 20.43
CA ASP D 172 27.96 25.18 20.18
C ASP D 172 28.46 25.17 18.75
N VAL D 173 27.76 25.89 17.86
CA VAL D 173 28.17 25.99 16.47
C VAL D 173 28.62 27.42 16.20
N THR D 174 29.28 28.03 17.18
CA THR D 174 29.72 29.41 17.06
C THR D 174 30.67 29.59 15.87
N GLY D 175 31.64 28.69 15.73
CA GLY D 175 32.57 28.79 14.61
C GLY D 175 31.89 28.69 13.26
N VAL D 176 30.73 28.03 13.22
CA VAL D 176 29.99 27.90 11.97
C VAL D 176 29.24 29.19 11.66
N VAL D 177 28.54 29.73 12.65
CA VAL D 177 27.71 30.91 12.44
C VAL D 177 28.56 32.12 12.11
N ARG D 178 29.73 32.23 12.74
CA ARG D 178 30.62 33.34 12.42
C ARG D 178 31.03 33.31 10.95
N GLN D 179 31.31 32.11 10.42
CA GLN D 179 31.68 32.00 9.01
C GLN D 179 30.50 32.30 8.11
N TRP D 180 29.28 32.04 8.58
CA TRP D 180 28.09 32.32 7.80
C TRP D 180 27.77 33.80 7.75
N LEU D 181 28.21 34.57 8.74
CA LEU D 181 27.95 36.00 8.74
C LEU D 181 28.94 36.76 7.89
N SER D 182 30.11 36.18 7.61
CA SER D 182 31.10 36.85 6.78
C SER D 182 30.77 36.69 5.30
N ARG D 183 30.16 35.57 4.91
CA ARG D 183 29.72 35.38 3.54
C ARG D 183 28.30 35.90 3.38
N GLY D 184 28.00 36.40 2.18
CA GLY D 184 26.65 36.83 1.84
C GLY D 184 25.78 35.69 1.34
N GLY D 185 26.10 34.47 1.78
CA GLY D 185 25.36 33.28 1.40
C GLY D 185 23.92 33.37 1.81
N GLU D 186 23.02 33.46 0.83
CA GLU D 186 21.61 33.75 1.07
C GLU D 186 20.86 32.57 1.70
N ILE D 187 21.47 31.40 1.81
CA ILE D 187 20.79 30.24 2.36
C ILE D 187 21.80 29.34 3.04
N GLU D 188 21.49 28.91 4.26
CA GLU D 188 22.31 27.97 5.02
C GLU D 188 21.42 26.91 5.64
N GLY D 189 22.03 26.01 6.39
CA GLY D 189 21.29 24.95 7.05
C GLY D 189 22.22 23.92 7.65
N PHE D 190 21.62 22.97 8.35
CA PHE D 190 22.34 21.90 9.02
C PHE D 190 21.81 20.53 8.59
N ARG D 191 22.47 19.48 9.05
CA ARG D 191 22.07 18.10 8.79
C ARG D 191 22.31 17.26 10.04
N LEU D 192 21.34 16.40 10.36
CA LEU D 192 21.42 15.54 11.53
C LEU D 192 21.23 14.07 11.11
N SER D 193 22.34 13.34 10.99
CA SER D 193 22.33 11.91 10.77
C SER D 193 22.71 11.21 12.08
N ALA D 194 23.06 9.94 12.01
CA ALA D 194 23.40 9.17 13.21
C ALA D 194 24.85 8.67 13.15
N HIS D 195 25.18 7.80 14.10
CA HIS D 195 26.53 7.23 14.19
C HIS D 195 26.77 6.22 13.08
N CYS D 196 28.03 6.11 12.66
CA CYS D 196 28.42 5.17 11.63
C CYS D 196 29.44 4.21 12.21
N SER D 197 29.03 2.96 12.43
CA SER D 197 29.93 1.91 12.90
C SER D 197 30.50 1.19 11.68
N CYS D 198 31.76 1.45 11.37
CA CYS D 198 32.37 0.97 10.14
C CYS D 198 33.70 0.31 10.42
N ASP D 199 34.17 -0.47 9.45
CA ASP D 199 35.52 -1.02 9.45
C ASP D 199 35.82 -1.62 8.08
N THR D 204 21.33 3.25 10.84
CA THR D 204 20.29 4.24 10.59
C THR D 204 20.17 5.21 11.77
N LEU D 205 19.06 5.93 11.83
CA LEU D 205 18.81 6.90 12.88
C LEU D 205 17.48 6.60 13.56
N GLN D 206 17.47 6.64 14.89
CA GLN D 206 16.27 6.37 15.67
C GLN D 206 15.87 7.51 16.59
N VAL D 207 16.45 8.70 16.41
CA VAL D 207 16.19 9.81 17.32
C VAL D 207 14.85 10.46 16.98
N ASP D 208 14.06 10.74 18.00
CA ASP D 208 12.79 11.44 17.84
C ASP D 208 12.98 12.89 18.27
N ILE D 209 13.16 13.77 17.31
CA ILE D 209 13.23 15.21 17.56
C ILE D 209 11.94 15.83 17.05
N ASN D 210 11.51 16.90 17.73
CA ASN D 210 10.35 17.65 17.29
C ASN D 210 10.48 18.05 15.82
N GLY D 211 9.57 17.54 14.99
CA GLY D 211 9.60 17.87 13.58
C GLY D 211 8.26 18.37 13.10
N PHE D 212 8.01 18.23 11.80
CA PHE D 212 6.75 18.69 11.21
C PHE D 212 5.73 17.57 11.09
N THR D 213 6.18 16.32 11.04
CA THR D 213 5.33 15.14 10.85
C THR D 213 4.56 15.21 9.54
N THR D 214 4.67 16.34 8.82
CA THR D 214 4.13 16.53 7.49
C THR D 214 2.60 16.60 7.44
N GLY D 215 1.92 15.80 8.25
CA GLY D 215 0.49 15.63 8.06
C GLY D 215 -0.48 16.26 9.04
N ARG D 216 0.01 17.01 10.04
CA ARG D 216 -0.89 17.63 11.00
C ARG D 216 -1.57 18.85 10.37
N ARG D 217 -2.90 18.83 10.35
CA ARG D 217 -3.66 19.91 9.72
C ARG D 217 -4.62 20.54 10.72
N GLY D 218 -5.63 21.25 10.20
CA GLY D 218 -6.66 21.85 11.02
C GLY D 218 -6.36 23.23 11.55
N ASP D 219 -6.96 23.57 12.69
CA ASP D 219 -6.70 24.87 13.30
C ASP D 219 -5.41 24.85 14.10
N LEU D 220 -5.12 23.72 14.74
CA LEU D 220 -3.94 23.60 15.59
C LEU D 220 -2.65 23.41 14.80
N ALA D 221 -2.73 23.21 13.48
CA ALA D 221 -1.53 22.96 12.68
C ALA D 221 -0.55 24.13 12.73
N THR D 222 -1.08 25.36 12.78
CA THR D 222 -0.21 26.54 12.80
C THR D 222 0.71 26.54 14.01
N ILE D 223 0.21 26.10 15.16
CA ILE D 223 1.06 26.06 16.35
C ILE D 223 1.99 24.86 16.34
N HIS D 224 1.77 23.89 15.44
CA HIS D 224 2.65 22.74 15.35
C HIS D 224 3.97 23.07 14.67
N GLY D 225 4.22 24.33 14.36
CA GLY D 225 5.50 24.74 13.82
C GLY D 225 6.32 25.39 14.90
N MET D 226 5.70 25.60 16.07
CA MET D 226 6.43 26.13 17.21
C MET D 226 7.39 25.08 17.74
N ASN D 227 8.25 25.51 18.67
CA ASN D 227 9.27 24.68 19.29
C ASN D 227 10.21 24.05 18.26
N ARG D 228 10.18 24.53 17.01
CA ARG D 228 11.07 23.97 16.01
C ARG D 228 12.50 24.44 16.30
N PRO D 229 13.49 23.65 15.86
CA PRO D 229 14.90 24.05 16.02
C PRO D 229 15.19 25.51 15.71
N PHE D 230 15.84 26.20 16.65
CA PHE D 230 16.22 27.58 16.48
C PHE D 230 17.68 27.77 16.89
N LEU D 231 18.29 28.82 16.34
CA LEU D 231 19.69 29.13 16.61
C LEU D 231 19.76 30.30 17.60
N LEU D 232 20.14 30.00 18.85
CA LEU D 232 20.27 31.01 19.87
C LEU D 232 21.59 31.79 19.71
N LEU D 233 21.49 33.12 19.64
CA LEU D 233 22.63 33.98 19.40
C LEU D 233 22.88 34.89 20.60
N MET D 234 24.17 35.11 20.93
CA MET D 234 24.58 35.99 22.01
C MET D 234 25.72 36.88 21.49
N ALA D 235 25.42 38.14 21.18
CA ALA D 235 26.39 39.03 20.56
C ALA D 235 26.51 40.31 21.37
N THR D 236 27.48 41.16 20.97
CA THR D 236 27.74 42.44 21.62
C THR D 236 27.10 43.57 20.81
N PRO D 237 26.30 44.44 21.43
CA PRO D 237 25.62 45.50 20.67
C PRO D 237 26.58 46.42 19.94
N LEU D 238 26.09 46.98 18.83
CA LEU D 238 26.88 47.89 18.02
C LEU D 238 27.06 49.24 18.73
N GLU D 239 26.13 49.59 19.62
CA GLU D 239 26.22 50.88 20.31
C GLU D 239 27.46 50.93 21.18
N ARG D 240 27.92 49.77 21.66
CA ARG D 240 29.10 49.74 22.51
C ARG D 240 30.37 49.86 21.67
N ALA D 241 30.61 48.88 20.80
CA ALA D 241 31.77 48.87 19.92
C ALA D 241 33.04 49.16 20.69
N GLN D 242 33.98 49.87 20.05
CA GLN D 242 35.24 50.26 20.66
C GLN D 242 35.99 49.05 21.23
N CYS D 258 48.51 44.69 33.72
CA CYS D 258 49.64 45.58 33.95
C CYS D 258 49.82 46.51 32.76
N PHE D 259 49.07 46.24 31.69
CA PHE D 259 48.97 47.19 30.57
C PHE D 259 47.78 48.12 30.71
N SER D 260 46.76 47.71 31.43
CA SER D 260 45.63 48.57 31.71
C SER D 260 45.90 49.51 32.87
N SER D 261 47.00 49.32 33.58
CA SER D 261 47.34 50.13 34.74
C SER D 261 48.76 50.66 34.62
N THR D 262 48.95 51.91 35.06
CA THR D 262 50.30 52.45 35.23
C THR D 262 50.89 52.05 36.57
N GLU D 263 50.05 51.70 37.54
CA GLU D 263 50.51 51.23 38.83
C GLU D 263 50.73 49.73 38.81
N LYS D 264 51.55 49.26 39.77
CA LYS D 264 51.70 47.82 39.93
C LYS D 264 50.42 47.28 40.57
N ASN D 265 49.48 46.87 39.73
CA ASN D 265 48.20 46.38 40.19
C ASN D 265 48.35 44.95 40.67
N CYS D 266 47.23 44.27 40.93
CA CYS D 266 47.26 42.85 41.26
C CYS D 266 47.79 42.10 40.04
N CYS D 267 49.09 42.23 39.82
CA CYS D 267 49.78 41.51 38.75
C CYS D 267 50.68 40.44 39.37
N VAL D 268 50.78 39.30 38.70
CA VAL D 268 51.54 38.19 39.25
C VAL D 268 53.02 38.48 39.12
N ARG D 269 53.75 38.38 40.23
CA ARG D 269 55.15 38.75 40.29
C ARG D 269 56.05 37.52 40.16
N GLN D 270 57.22 37.73 39.58
CA GLN D 270 58.17 36.65 39.33
C GLN D 270 58.89 36.24 40.60
N LEU D 271 59.06 34.93 40.78
CA LEU D 271 59.74 34.40 41.97
C LEU D 271 60.28 33.01 41.64
N TYR D 272 61.59 32.88 41.56
CA TYR D 272 62.25 31.61 41.28
C TYR D 272 62.69 30.96 42.58
N ILE D 273 62.23 29.73 42.84
CA ILE D 273 62.48 29.02 44.09
C ILE D 273 63.38 27.83 43.80
N ASP D 274 64.55 27.80 44.43
CA ASP D 274 65.48 26.69 44.34
C ASP D 274 65.36 25.83 45.60
N PHE D 275 65.49 24.52 45.44
CA PHE D 275 65.35 23.63 46.57
C PHE D 275 66.58 23.62 47.45
N ARG D 276 67.77 23.60 46.85
CA ARG D 276 69.01 23.61 47.63
C ARG D 276 69.30 24.99 48.20
N LYS D 277 68.77 26.05 47.59
CA LYS D 277 69.07 27.41 48.01
C LYS D 277 68.02 27.98 48.96
N ASP D 278 66.75 27.75 48.67
CA ASP D 278 65.66 28.33 49.45
C ASP D 278 64.99 27.34 50.38
N LEU D 279 65.39 26.06 50.37
CA LEU D 279 64.74 25.08 51.24
C LEU D 279 65.76 24.22 51.96
N GLY D 280 66.88 23.94 51.29
CA GLY D 280 67.90 23.07 51.86
C GLY D 280 67.49 21.62 51.90
N TRP D 281 66.79 21.14 50.87
CA TRP D 281 66.27 19.77 50.82
C TRP D 281 67.01 19.01 49.73
N LYS D 282 67.88 18.09 50.13
CA LYS D 282 68.64 17.28 49.19
C LYS D 282 68.03 15.91 48.97
N TRP D 283 66.81 15.69 49.47
CA TRP D 283 66.13 14.41 49.32
C TRP D 283 65.26 14.35 48.07
N ILE D 284 65.18 15.44 47.31
CA ILE D 284 64.40 15.50 46.07
C ILE D 284 65.38 15.64 44.92
N HIS D 285 65.44 14.61 44.06
CA HIS D 285 66.39 14.62 42.97
C HIS D 285 65.90 15.47 41.80
N GLU D 286 64.69 15.20 41.32
CA GLU D 286 64.13 15.93 40.18
C GLU D 286 62.70 16.38 40.49
N PRO D 287 62.38 17.64 40.14
CA PRO D 287 63.30 18.62 39.55
C PRO D 287 64.16 19.31 40.59
N LYS D 288 65.03 20.23 40.13
CA LYS D 288 65.93 20.97 40.99
C LYS D 288 65.59 22.46 41.03
N GLY D 289 64.33 22.80 40.78
CA GLY D 289 63.89 24.18 40.82
C GLY D 289 62.72 24.47 39.89
N TYR D 290 61.83 25.36 40.33
CA TYR D 290 60.70 25.76 39.49
C TYR D 290 60.26 27.15 39.92
N HIS D 291 59.36 27.73 39.13
CA HIS D 291 58.93 29.12 39.30
C HIS D 291 57.58 29.14 40.02
N ALA D 292 57.61 29.22 41.34
CA ALA D 292 56.39 29.33 42.15
C ALA D 292 56.12 30.81 42.41
N ASN D 293 55.25 31.40 41.60
CA ASN D 293 54.98 32.83 41.69
C ASN D 293 54.01 33.11 42.84
N PHE D 294 53.52 34.34 42.93
CA PHE D 294 52.59 34.73 43.98
C PHE D 294 51.80 35.94 43.50
N CYS D 295 50.72 36.23 44.24
CA CYS D 295 49.83 37.34 43.92
C CYS D 295 50.01 38.44 44.96
N LEU D 296 50.36 39.64 44.49
CA LEU D 296 50.56 40.79 45.37
C LEU D 296 49.84 41.99 44.79
N GLY D 297 48.99 42.62 45.60
CA GLY D 297 48.25 43.78 45.19
C GLY D 297 46.91 43.87 45.87
N PRO D 298 46.41 45.10 46.05
CA PRO D 298 45.11 45.29 46.66
C PRO D 298 43.98 45.25 45.64
N CYS D 299 42.77 44.97 46.17
CA CYS D 299 41.55 44.92 45.36
C CYS D 299 40.44 45.61 46.16
N PRO D 300 40.34 46.94 46.08
CA PRO D 300 39.27 47.62 46.80
C PRO D 300 38.10 48.00 45.90
N TYR D 301 37.07 48.63 46.47
CA TYR D 301 35.93 49.04 45.67
C TYR D 301 35.21 50.20 46.36
N ILE D 302 34.38 50.89 45.57
CA ILE D 302 33.62 52.06 46.01
C ILE D 302 34.55 53.05 46.70
N TRP D 303 35.56 53.51 45.98
CA TRP D 303 36.47 54.53 46.48
C TRP D 303 36.10 55.88 45.87
N SER D 304 36.48 56.96 46.56
CA SER D 304 36.07 58.30 46.16
C SER D 304 36.54 58.61 44.74
N LEU D 305 35.76 59.46 44.07
CA LEU D 305 36.00 59.88 42.69
C LEU D 305 35.83 58.72 41.70
N VAL D 312 34.76 57.06 38.82
CA VAL D 312 33.48 57.11 38.11
C VAL D 312 32.99 55.70 37.81
N LEU D 313 33.31 54.77 38.71
CA LEU D 313 32.98 53.35 38.60
C LEU D 313 33.46 52.74 37.27
N ALA D 314 34.45 53.38 36.63
CA ALA D 314 34.89 52.94 35.31
C ALA D 314 35.69 51.64 35.39
N LEU D 315 36.84 51.67 36.08
CA LEU D 315 37.71 50.51 36.20
C LEU D 315 37.08 49.50 37.15
N TYR D 316 36.17 48.68 36.62
CA TYR D 316 35.47 47.67 37.38
C TYR D 316 35.79 46.25 36.92
N ASN D 317 36.50 46.09 35.82
CA ASN D 317 36.78 44.77 35.27
C ASN D 317 37.97 44.09 35.94
N GLN D 318 38.87 44.85 36.56
CA GLN D 318 39.99 44.28 37.30
C GLN D 318 39.91 44.48 38.80
N HIS D 319 39.29 45.58 39.24
CA HIS D 319 39.24 45.88 40.67
C HIS D 319 38.32 44.91 41.40
N ASN D 320 37.11 44.68 40.87
CA ASN D 320 36.16 43.77 41.51
C ASN D 320 35.19 43.21 40.49
N PRO D 321 35.60 42.23 39.67
CA PRO D 321 34.67 41.62 38.71
C PRO D 321 33.75 40.59 39.32
N GLY D 322 34.03 40.11 40.53
CA GLY D 322 33.13 39.23 41.25
C GLY D 322 32.08 39.92 42.10
N ALA D 323 32.22 41.23 42.33
CA ALA D 323 31.27 42.01 43.14
C ALA D 323 31.15 41.43 44.55
N SER D 324 32.24 40.91 45.08
CA SER D 324 32.22 40.32 46.40
C SER D 324 32.37 41.40 47.46
N ALA D 325 32.01 41.05 48.70
CA ALA D 325 32.09 42.00 49.80
C ALA D 325 33.52 42.38 50.12
N ALA D 326 34.48 41.47 49.83
CA ALA D 326 35.89 41.72 50.09
C ALA D 326 36.68 41.04 48.98
N PRO D 327 37.04 41.76 47.92
CA PRO D 327 37.82 41.15 46.84
C PRO D 327 39.25 40.91 47.27
N CYS D 328 39.75 39.71 46.97
CA CYS D 328 41.11 39.33 47.29
C CYS D 328 41.89 39.01 46.01
N CYS D 329 43.19 39.30 46.05
CA CYS D 329 44.09 39.03 44.92
C CYS D 329 44.50 37.56 45.00
N VAL D 330 43.65 36.71 44.44
CA VAL D 330 43.81 35.26 44.53
C VAL D 330 44.16 34.67 43.16
N PRO D 331 44.85 33.53 43.10
CA PRO D 331 45.14 32.92 41.81
C PRO D 331 43.90 32.30 41.19
N GLN D 332 43.78 32.46 39.88
CA GLN D 332 42.66 31.88 39.14
C GLN D 332 43.03 30.58 38.45
N ALA D 333 44.20 30.51 37.83
CA ALA D 333 44.66 29.34 37.11
C ALA D 333 45.94 28.82 37.73
N LEU D 334 45.99 27.52 38.01
CA LEU D 334 47.14 26.88 38.61
C LEU D 334 47.53 25.66 37.79
N GLU D 335 48.79 25.24 37.94
CA GLU D 335 49.33 24.13 37.16
C GLU D 335 50.00 23.11 38.07
N PRO D 336 49.80 21.82 37.82
CA PRO D 336 50.40 20.79 38.66
C PRO D 336 51.88 20.67 38.43
N LEU D 337 52.55 19.93 39.32
CA LEU D 337 53.99 19.77 39.29
C LEU D 337 54.36 18.32 39.52
N PRO D 338 55.02 17.65 38.58
CA PRO D 338 55.52 16.29 38.84
C PRO D 338 56.84 16.31 39.61
N ILE D 339 57.01 15.34 40.51
CA ILE D 339 58.19 15.25 41.36
C ILE D 339 58.73 13.83 41.34
N VAL D 340 59.99 13.70 41.74
CA VAL D 340 60.69 12.41 41.82
C VAL D 340 61.48 12.36 43.12
N TYR D 341 61.14 11.41 43.99
CA TYR D 341 61.81 11.27 45.28
C TYR D 341 62.00 9.79 45.58
N TYR D 342 62.94 9.49 46.48
CA TYR D 342 63.24 8.12 46.88
C TYR D 342 62.76 7.87 48.30
N VAL D 343 62.44 6.60 48.57
CA VAL D 343 62.12 6.16 49.92
C VAL D 343 62.85 4.85 50.20
N ARG D 345 63.65 1.82 49.08
CA ARG D 345 64.16 1.08 47.94
C ARG D 345 63.24 1.19 46.74
N LYS D 346 62.12 1.87 46.93
CA LYS D 346 61.11 2.02 45.89
C LYS D 346 61.07 3.46 45.40
N PRO D 347 61.54 3.75 44.19
CA PRO D 347 61.40 5.12 43.66
C PRO D 347 59.98 5.39 43.21
N LYS D 348 59.39 6.48 43.70
CA LYS D 348 58.00 6.80 43.45
C LYS D 348 57.91 8.12 42.71
N VAL D 349 57.24 8.11 41.56
CA VAL D 349 57.01 9.29 40.76
C VAL D 349 55.59 9.77 41.06
N GLU D 350 55.47 10.95 41.66
CA GLU D 350 54.18 11.52 42.05
C GLU D 350 54.02 12.91 41.45
N GLN D 351 52.78 13.38 41.41
CA GLN D 351 52.45 14.68 40.84
C GLN D 351 51.57 15.44 41.81
N LEU D 352 52.00 16.65 42.17
CA LEU D 352 51.24 17.50 43.09
C LEU D 352 50.20 18.32 42.34
N SER D 353 49.08 18.54 43.00
CA SER D 353 47.96 19.29 42.42
C SER D 353 48.00 20.72 42.90
N ASN D 354 47.89 21.67 41.95
CA ASN D 354 47.83 23.10 42.23
C ASN D 354 49.09 23.59 42.95
N MET D 355 50.11 23.99 42.19
CA MET D 355 51.35 24.49 42.77
C MET D 355 51.82 25.77 42.09
N ILE D 356 51.84 25.76 40.76
CA ILE D 356 52.34 26.89 39.98
C ILE D 356 51.20 27.89 39.76
N VAL D 357 51.40 29.12 40.22
CA VAL D 357 50.41 30.17 40.09
C VAL D 357 50.66 30.91 38.78
N ARG D 358 49.66 30.94 37.91
CA ARG D 358 49.78 31.59 36.59
C ARG D 358 49.24 33.01 36.66
N SER D 359 47.94 33.15 36.81
CA SER D 359 47.28 34.44 36.84
C SER D 359 46.74 34.74 38.24
N CYS D 360 46.29 35.98 38.44
CA CYS D 360 45.71 36.42 39.69
C CYS D 360 44.47 37.24 39.41
N LYS D 361 43.40 37.01 40.19
CA LYS D 361 42.14 37.71 40.04
C LYS D 361 41.72 38.32 41.37
N CYS D 362 40.66 39.13 41.32
CA CYS D 362 40.00 39.67 42.51
C CYS D 362 38.58 39.14 42.56
N SER D 363 38.27 38.32 43.57
CA SER D 363 36.93 37.77 43.71
C SER D 363 36.56 37.54 45.18
N PHE E 1 55.93 -17.17 -10.58
CA PHE E 1 56.74 -17.37 -9.39
C PHE E 1 57.17 -16.04 -8.81
N ASN E 2 57.12 -15.01 -9.66
CA ASN E 2 57.66 -13.69 -9.34
C ASN E 2 56.61 -12.72 -8.83
N LEU E 3 55.41 -13.20 -8.47
CA LEU E 3 54.40 -12.32 -7.89
C LEU E 3 54.76 -12.00 -6.45
N ASP E 4 54.71 -10.72 -6.10
CA ASP E 4 55.09 -10.27 -4.76
C ASP E 4 53.94 -10.54 -3.80
N VAL E 5 54.15 -11.51 -2.90
CA VAL E 5 53.18 -11.82 -1.86
C VAL E 5 53.58 -11.21 -0.53
N ASP E 6 54.75 -10.57 -0.48
CA ASP E 6 55.20 -9.94 0.76
C ASP E 6 54.42 -8.66 1.04
N SER E 7 54.24 -7.81 0.03
CA SER E 7 53.57 -6.50 0.20
C SER E 7 52.60 -6.25 -0.94
N PRO E 8 51.47 -6.95 -0.96
CA PRO E 8 50.44 -6.68 -1.98
C PRO E 8 49.51 -5.56 -1.56
N ALA E 9 48.94 -4.90 -2.58
CA ALA E 9 48.01 -3.79 -2.35
C ALA E 9 46.61 -4.34 -2.06
N GLU E 10 46.02 -3.93 -0.92
CA GLU E 10 44.71 -4.40 -0.50
C GLU E 10 43.68 -3.29 -0.70
N TYR E 11 42.77 -3.50 -1.65
CA TYR E 11 41.67 -2.58 -1.91
C TYR E 11 40.37 -3.17 -1.37
N SER E 12 39.51 -2.30 -0.83
CA SER E 12 38.26 -2.73 -0.23
C SER E 12 37.12 -1.82 -0.63
N GLY E 13 35.92 -2.41 -0.66
CA GLY E 13 34.70 -1.68 -0.94
C GLY E 13 33.68 -1.90 0.14
N PRO E 14 32.46 -1.40 -0.05
CA PRO E 14 31.42 -1.57 0.97
C PRO E 14 31.19 -3.04 1.29
N GLU E 15 30.99 -3.31 2.58
CA GLU E 15 30.76 -4.68 3.05
C GLU E 15 29.39 -5.18 2.61
N GLY E 16 29.32 -6.49 2.35
CA GLY E 16 28.11 -7.12 1.89
C GLY E 16 27.75 -6.85 0.46
N SER E 17 28.59 -6.10 -0.27
CA SER E 17 28.30 -5.64 -1.62
C SER E 17 28.85 -6.54 -2.71
N TYR E 18 29.51 -7.65 -2.34
CA TYR E 18 30.18 -8.52 -3.31
C TYR E 18 31.25 -7.74 -4.07
N PHE E 19 31.89 -6.79 -3.38
CA PHE E 19 33.00 -6.04 -3.94
C PHE E 19 34.09 -6.98 -4.40
N GLY E 20 34.37 -6.96 -5.70
CA GLY E 20 35.35 -7.86 -6.29
C GLY E 20 34.75 -8.95 -7.12
N PHE E 21 33.44 -8.92 -7.36
CA PHE E 21 32.80 -9.93 -8.18
C PHE E 21 33.30 -9.87 -9.62
N ALA E 22 33.66 -8.69 -10.11
CA ALA E 22 34.27 -8.51 -11.41
C ALA E 22 35.39 -7.48 -11.30
N VAL E 23 36.54 -7.77 -11.91
CA VAL E 23 37.69 -6.88 -11.85
C VAL E 23 38.25 -6.67 -13.25
N ASP E 24 38.93 -5.53 -13.43
CA ASP E 24 39.61 -5.20 -14.69
C ASP E 24 40.56 -4.04 -14.44
N PHE E 25 41.31 -3.66 -15.47
CA PHE E 25 42.22 -2.52 -15.46
C PHE E 25 41.62 -1.31 -16.16
N PHE E 26 42.34 -0.19 -16.05
CA PHE E 26 41.94 1.06 -16.71
C PHE E 26 43.19 1.80 -17.19
N VAL E 27 43.32 1.98 -18.50
CA VAL E 27 44.44 2.71 -19.08
C VAL E 27 43.90 3.77 -20.04
N PRO E 28 43.65 5.00 -19.57
CA PRO E 28 43.08 6.04 -20.44
C PRO E 28 44.07 6.70 -21.37
N SER E 29 43.67 7.87 -21.87
CA SER E 29 44.40 8.57 -22.93
C SER E 29 45.83 8.90 -22.54
N ALA E 30 46.73 8.79 -23.51
CA ALA E 30 48.15 9.14 -23.44
C ALA E 30 48.83 8.39 -22.29
N SER E 31 49.93 8.96 -21.78
CA SER E 31 50.69 8.35 -20.68
C SER E 31 50.22 8.95 -19.35
N SER E 32 49.07 8.47 -18.90
CA SER E 32 48.45 8.95 -17.67
C SER E 32 48.67 7.94 -16.54
N ARG E 33 47.92 8.07 -15.46
CA ARG E 33 47.94 7.11 -14.38
C ARG E 33 47.08 5.91 -14.74
N MET E 34 47.20 4.85 -13.94
CA MET E 34 46.46 3.61 -14.16
C MET E 34 45.57 3.33 -12.96
N PHE E 35 44.49 2.58 -13.20
CA PHE E 35 43.47 2.36 -12.17
C PHE E 35 43.02 0.92 -12.15
N LEU E 36 42.38 0.53 -11.05
CA LEU E 36 41.70 -0.76 -10.90
C LEU E 36 40.19 -0.56 -11.00
N LEU E 37 39.55 -1.38 -11.83
CA LEU E 37 38.10 -1.40 -11.93
C LEU E 37 37.57 -2.61 -11.18
N VAL E 38 36.73 -2.36 -10.17
CA VAL E 38 36.17 -3.42 -9.33
C VAL E 38 34.65 -3.34 -9.36
N GLY E 39 34.00 -4.49 -9.52
CA GLY E 39 32.55 -4.56 -9.50
C GLY E 39 32.01 -4.93 -8.13
N ALA E 40 30.93 -4.24 -7.73
CA ALA E 40 30.17 -4.55 -6.52
C ALA E 40 28.70 -4.58 -6.89
N PRO E 41 28.21 -5.71 -7.39
CA PRO E 41 26.85 -5.75 -7.94
C PRO E 41 25.74 -5.66 -6.90
N LYS E 42 26.00 -5.96 -5.63
CA LYS E 42 24.98 -5.87 -4.61
C LYS E 42 25.10 -4.59 -3.78
N ALA E 43 25.83 -3.60 -4.28
CA ALA E 43 26.09 -2.39 -3.51
C ALA E 43 24.88 -1.45 -3.58
N ASN E 44 24.48 -0.94 -2.41
CA ASN E 44 23.49 0.12 -2.38
C ASN E 44 24.06 1.40 -2.98
N THR E 45 23.26 2.08 -3.79
CA THR E 45 23.66 3.34 -4.41
C THR E 45 22.72 4.47 -3.96
N THR E 46 23.00 5.65 -4.48
CA THR E 46 22.22 6.85 -4.17
C THR E 46 21.05 7.04 -5.13
N GLN E 47 20.85 6.11 -6.05
CA GLN E 47 19.78 6.21 -7.02
C GLN E 47 18.42 6.26 -6.34
N PRO E 48 17.55 7.19 -6.69
CA PRO E 48 16.26 7.33 -5.98
C PRO E 48 15.40 6.09 -6.12
N GLY E 49 15.06 5.50 -4.96
CA GLY E 49 14.17 4.37 -4.91
C GLY E 49 14.78 3.06 -5.34
N ILE E 50 16.05 3.05 -5.71
CA ILE E 50 16.74 1.87 -6.21
C ILE E 50 17.51 1.23 -5.05
N VAL E 51 17.09 0.05 -4.65
CA VAL E 51 17.75 -0.68 -3.57
C VAL E 51 18.75 -1.67 -4.19
N GLU E 52 20.02 -1.55 -3.79
CA GLU E 52 21.09 -2.44 -4.25
C GLU E 52 21.20 -2.48 -5.76
N GLY E 53 21.26 -1.30 -6.38
CA GLY E 53 21.46 -1.22 -7.81
C GLY E 53 22.81 -1.73 -8.25
N GLY E 54 23.82 -1.62 -7.39
CA GLY E 54 25.18 -2.00 -7.73
C GLY E 54 25.93 -0.86 -8.39
N GLN E 55 27.25 -0.92 -8.29
CA GLN E 55 28.09 0.12 -8.87
C GLN E 55 29.45 -0.45 -9.24
N VAL E 56 30.18 0.30 -10.05
CA VAL E 56 31.55 -0.02 -10.43
C VAL E 56 32.44 1.11 -9.90
N LEU E 57 33.45 0.74 -9.13
CA LEU E 57 34.29 1.71 -8.45
C LEU E 57 35.63 1.87 -9.17
N LYS E 58 36.10 3.11 -9.22
CA LYS E 58 37.41 3.44 -9.77
C LYS E 58 38.34 3.64 -8.58
N CYS E 59 39.29 2.72 -8.39
CA CYS E 59 40.25 2.79 -7.31
C CYS E 59 41.59 3.23 -7.88
N ASP E 60 42.31 4.09 -7.14
CA ASP E 60 43.56 4.65 -7.63
C ASP E 60 44.72 3.87 -7.02
N TRP E 61 45.69 3.54 -7.86
CA TRP E 61 46.92 2.88 -7.44
C TRP E 61 48.01 3.84 -7.02
N SER E 62 48.17 4.96 -7.74
CA SER E 62 49.26 5.92 -7.57
C SER E 62 49.70 6.05 -6.12
N SER E 63 48.73 6.20 -5.22
CA SER E 63 48.98 6.22 -3.78
C SER E 63 47.64 6.22 -3.08
N THR E 64 47.68 6.08 -1.75
CA THR E 64 46.55 6.34 -0.86
C THR E 64 45.48 5.25 -0.87
N ARG E 65 45.41 4.47 -1.97
CA ARG E 65 44.54 3.29 -2.07
C ARG E 65 43.05 3.63 -1.97
N ARG E 66 42.66 4.87 -2.34
CA ARG E 66 41.28 5.31 -2.18
C ARG E 66 40.46 5.02 -3.43
N CYS E 67 39.24 4.54 -3.22
CA CYS E 67 38.31 4.19 -4.30
C CYS E 67 37.24 5.27 -4.47
N GLN E 68 36.85 5.49 -5.72
CA GLN E 68 35.85 6.49 -6.06
C GLN E 68 34.78 5.86 -6.94
N PRO E 69 33.49 6.03 -6.61
CA PRO E 69 32.43 5.47 -7.44
C PRO E 69 32.38 6.10 -8.83
N ILE E 70 32.14 5.28 -9.84
CA ILE E 70 31.92 5.76 -11.21
C ILE E 70 30.43 5.96 -11.44
N GLU E 71 30.03 7.20 -11.74
CA GLU E 71 28.63 7.54 -11.99
C GLU E 71 28.22 7.09 -13.38
N PHE E 72 27.65 5.88 -13.47
CA PHE E 72 27.09 5.40 -14.72
C PHE E 72 25.65 5.87 -14.90
N ASP E 73 24.87 5.88 -13.82
CA ASP E 73 23.48 6.28 -13.89
C ASP E 73 23.04 6.74 -12.50
N ALA E 74 22.53 7.97 -12.42
CA ALA E 74 22.05 8.51 -11.16
C ALA E 74 20.53 8.47 -11.03
N THR E 75 19.83 8.16 -12.11
CA THR E 75 18.38 8.20 -12.14
C THR E 75 17.76 6.94 -11.54
N GLY E 76 16.48 7.05 -11.18
CA GLY E 76 15.70 5.93 -10.69
C GLY E 76 15.02 5.17 -11.81
N ASN E 77 13.86 4.59 -11.49
CA ASN E 77 13.07 3.83 -12.45
C ASN E 77 12.25 4.76 -13.33
N ARG E 78 12.50 4.72 -14.64
CA ARG E 78 11.66 5.46 -15.58
C ARG E 78 10.24 4.89 -15.58
N ASP E 79 9.27 5.78 -15.80
CA ASP E 79 7.86 5.41 -15.90
C ASP E 79 7.47 5.26 -17.37
N TYR E 80 6.80 4.16 -17.70
CA TYR E 80 6.13 4.06 -18.98
C TYR E 80 4.87 4.93 -18.99
N ALA E 81 4.10 4.89 -17.90
CA ALA E 81 2.95 5.76 -17.72
C ALA E 81 2.77 6.02 -16.24
N LYS E 82 1.76 6.82 -15.90
CA LYS E 82 1.47 7.13 -14.50
C LYS E 82 1.14 5.85 -13.73
N ASP E 83 1.84 5.64 -12.61
CA ASP E 83 1.71 4.45 -11.78
C ASP E 83 2.06 3.17 -12.54
N ASP E 84 2.89 3.29 -13.57
CA ASP E 84 3.27 2.17 -14.42
C ASP E 84 4.77 2.22 -14.67
N PRO E 85 5.57 1.70 -13.74
CA PRO E 85 7.03 1.76 -13.90
C PRO E 85 7.52 0.97 -15.11
N LEU E 86 8.46 1.57 -15.85
CA LEU E 86 8.97 0.95 -17.07
C LEU E 86 10.06 -0.08 -16.79
N GLU E 87 10.89 0.15 -15.78
CA GLU E 87 12.05 -0.71 -15.54
C GLU E 87 12.21 -0.94 -14.04
N PHE E 88 13.05 -1.91 -13.70
CA PHE E 88 13.33 -2.26 -12.31
C PHE E 88 14.83 -2.43 -12.15
N LYS E 89 15.48 -1.39 -11.64
CA LYS E 89 16.92 -1.38 -11.46
C LYS E 89 17.34 -1.87 -10.08
N SER E 90 16.38 -2.07 -9.18
CA SER E 90 16.68 -2.66 -7.89
C SER E 90 17.15 -4.10 -8.08
N HIS E 91 18.23 -4.46 -7.38
CA HIS E 91 18.80 -5.81 -7.45
C HIS E 91 19.16 -6.21 -8.88
N GLN E 92 19.60 -5.24 -9.68
CA GLN E 92 19.93 -5.51 -11.07
C GLN E 92 21.34 -6.04 -11.25
N TRP E 93 22.15 -6.04 -10.19
CA TRP E 93 23.49 -6.59 -10.22
C TRP E 93 24.38 -5.87 -11.24
N PHE E 94 24.27 -4.54 -11.28
CA PHE E 94 25.15 -3.75 -12.14
C PHE E 94 26.57 -3.83 -11.60
N GLY E 95 27.50 -4.19 -12.48
CA GLY E 95 28.85 -4.46 -12.07
C GLY E 95 29.17 -5.92 -11.88
N ALA E 96 28.30 -6.82 -12.36
CA ALA E 96 28.60 -8.24 -12.28
C ALA E 96 29.68 -8.65 -13.27
N SER E 97 29.83 -7.91 -14.37
CA SER E 97 30.91 -8.12 -15.32
C SER E 97 31.43 -6.77 -15.79
N VAL E 98 32.73 -6.54 -15.62
CA VAL E 98 33.36 -5.27 -16.00
C VAL E 98 34.48 -5.57 -16.99
N ARG E 99 34.47 -4.86 -18.11
CA ARG E 99 35.48 -5.02 -19.15
C ARG E 99 35.87 -3.65 -19.67
N SER E 100 37.18 -3.43 -19.83
CA SER E 100 37.71 -2.13 -20.19
C SER E 100 38.67 -2.24 -21.37
N LYS E 101 38.58 -1.28 -22.29
CA LYS E 101 39.48 -1.20 -23.45
C LYS E 101 39.92 0.24 -23.62
N GLN E 102 41.18 0.53 -23.30
CA GLN E 102 41.77 1.86 -23.39
C GLN E 102 40.99 2.80 -22.46
N ASP E 103 40.40 3.87 -22.98
CA ASP E 103 39.61 4.82 -22.20
C ASP E 103 38.14 4.46 -22.16
N LYS E 104 37.80 3.23 -22.54
CA LYS E 104 36.43 2.74 -22.55
C LYS E 104 36.22 1.80 -21.38
N ILE E 105 35.12 2.00 -20.65
CA ILE E 105 34.74 1.12 -19.55
C ILE E 105 33.32 0.63 -19.81
N LEU E 106 33.16 -0.68 -19.88
CA LEU E 106 31.87 -1.31 -20.12
C LEU E 106 31.45 -2.11 -18.89
N ALA E 107 30.31 -1.74 -18.31
CA ALA E 107 29.74 -2.46 -17.18
C ALA E 107 28.29 -2.82 -17.49
N CYS E 108 27.84 -3.93 -16.91
CA CYS E 108 26.53 -4.48 -17.24
C CYS E 108 25.79 -4.91 -15.97
N ALA E 109 24.46 -5.01 -16.12
CA ALA E 109 23.55 -5.41 -15.04
C ALA E 109 22.76 -6.62 -15.52
N PRO E 110 23.25 -7.85 -15.27
CA PRO E 110 22.57 -9.04 -15.78
C PRO E 110 21.18 -9.27 -15.20
N LEU E 111 20.91 -8.83 -13.97
CA LEU E 111 19.61 -9.03 -13.35
C LEU E 111 18.71 -7.80 -13.47
N TYR E 112 19.01 -6.91 -14.40
CA TYR E 112 18.11 -5.82 -14.75
C TYR E 112 16.85 -6.36 -15.40
N HIS E 113 15.70 -5.99 -14.85
CA HIS E 113 14.41 -6.38 -15.41
C HIS E 113 13.81 -5.18 -16.13
N TRP E 114 13.02 -5.48 -17.16
CA TRP E 114 12.39 -4.43 -17.93
C TRP E 114 10.97 -4.84 -18.29
N ARG E 115 10.04 -3.89 -18.13
CA ARG E 115 8.63 -4.14 -18.36
C ARG E 115 8.33 -4.00 -19.84
N THR E 116 7.47 -4.88 -20.35
CA THR E 116 7.25 -4.91 -21.79
C THR E 116 6.56 -3.62 -22.21
N GLU E 117 6.71 -3.25 -23.47
CA GLU E 117 6.12 -2.02 -23.98
C GLU E 117 4.76 -2.30 -24.60
N MET E 118 4.35 -3.57 -24.57
CA MET E 118 3.05 -4.04 -25.02
C MET E 118 2.11 -4.31 -23.86
N LYS E 119 2.63 -4.86 -22.77
CA LYS E 119 1.86 -5.17 -21.57
C LYS E 119 2.77 -5.07 -20.35
N GLN E 120 2.20 -5.31 -19.16
CA GLN E 120 2.90 -5.13 -17.89
C GLN E 120 3.62 -6.42 -17.47
N GLU E 121 4.86 -6.58 -17.92
CA GLU E 121 5.71 -7.69 -17.49
C GLU E 121 6.90 -7.18 -16.67
N ARG E 122 7.79 -8.12 -16.29
CA ARG E 122 9.02 -7.83 -15.56
C ARG E 122 10.06 -8.84 -16.08
N GLU E 123 10.64 -8.53 -17.22
CA GLU E 123 11.47 -9.49 -17.93
C GLU E 123 12.93 -9.09 -17.88
N PRO E 124 13.75 -9.91 -17.41
CA PRO E 124 15.19 -9.58 -17.25
C PRO E 124 16.00 -9.59 -18.54
N VAL E 125 15.88 -8.49 -19.31
CA VAL E 125 16.59 -8.40 -20.58
C VAL E 125 18.03 -7.96 -20.42
N GLY E 126 18.40 -7.43 -19.26
CA GLY E 126 19.75 -6.95 -19.05
C GLY E 126 20.07 -5.66 -19.77
N THR E 127 20.96 -4.86 -19.19
CA THR E 127 21.37 -3.60 -19.79
C THR E 127 22.81 -3.30 -19.42
N CYS E 128 23.48 -2.52 -20.26
CA CYS E 128 24.85 -2.10 -20.01
C CYS E 128 24.98 -0.59 -20.14
N PHE E 129 25.95 -0.03 -19.40
CA PHE E 129 26.33 1.37 -19.54
C PHE E 129 27.77 1.46 -20.04
N LEU E 130 27.98 2.27 -21.09
CA LEU E 130 29.28 2.48 -21.69
C LEU E 130 29.74 3.92 -21.46
N GLN E 131 30.99 4.08 -21.02
CA GLN E 131 31.57 5.39 -20.71
C GLN E 131 32.82 5.63 -21.55
N ASP E 132 32.72 6.53 -22.52
CA ASP E 132 33.87 6.94 -23.31
C ASP E 132 34.33 8.34 -22.87
N GLY E 133 34.66 8.45 -21.59
CA GLY E 133 35.10 9.71 -21.03
C GLY E 133 34.00 10.38 -20.24
N THR E 134 33.31 11.32 -20.88
CA THR E 134 32.23 12.07 -20.26
C THR E 134 30.87 11.48 -20.61
N LYS E 135 30.63 11.22 -21.89
CA LYS E 135 29.34 10.73 -22.34
C LYS E 135 29.10 9.33 -21.81
N THR E 136 27.92 9.10 -21.23
CA THR E 136 27.50 7.79 -20.76
C THR E 136 26.26 7.36 -21.52
N VAL E 137 26.31 6.20 -22.17
CA VAL E 137 25.20 5.70 -22.97
C VAL E 137 24.74 4.37 -22.39
N GLU E 138 23.50 4.02 -22.71
CA GLU E 138 22.90 2.74 -22.34
C GLU E 138 22.95 1.78 -23.51
N TYR E 139 23.06 0.48 -23.19
CA TYR E 139 23.15 -0.57 -24.21
C TYR E 139 22.37 -1.79 -23.75
N ALA E 140 21.19 -2.00 -24.35
CA ALA E 140 20.32 -3.14 -24.05
C ALA E 140 19.87 -3.79 -25.34
N PRO E 141 20.71 -4.64 -25.95
CA PRO E 141 20.34 -5.27 -27.23
C PRO E 141 19.25 -6.32 -27.11
N CYS E 142 18.96 -6.79 -25.90
CA CYS E 142 17.90 -7.75 -25.65
C CYS E 142 16.59 -7.10 -25.23
N ARG E 143 16.64 -5.81 -24.92
CA ARG E 143 15.43 -5.01 -24.66
C ARG E 143 14.82 -4.65 -26.02
N SER E 144 14.09 -5.61 -26.59
CA SER E 144 13.53 -5.46 -27.93
C SER E 144 12.02 -5.68 -27.90
N GLN E 145 11.43 -5.81 -29.09
CA GLN E 145 10.04 -6.18 -29.25
C GLN E 145 9.85 -7.69 -29.27
N ASP E 146 10.96 -8.43 -29.34
CA ASP E 146 10.96 -9.89 -29.23
C ASP E 146 10.86 -10.23 -27.75
N ILE E 147 9.62 -10.21 -27.25
CA ILE E 147 9.36 -10.29 -25.82
C ILE E 147 9.13 -11.74 -25.40
N ASP E 148 8.88 -11.94 -24.10
CA ASP E 148 8.57 -13.22 -23.49
C ASP E 148 9.75 -14.19 -23.54
N ALA E 149 9.62 -15.33 -22.86
CA ALA E 149 10.71 -16.30 -22.80
C ALA E 149 11.07 -16.80 -24.20
N ASP E 150 10.07 -16.93 -25.09
CA ASP E 150 10.35 -17.35 -26.45
C ASP E 150 11.30 -16.39 -27.15
N GLY E 151 11.32 -15.12 -26.73
CA GLY E 151 12.21 -14.15 -27.32
C GLY E 151 13.39 -13.81 -26.43
N GLN E 152 13.63 -12.52 -26.23
CA GLN E 152 14.77 -12.02 -25.48
C GLN E 152 14.36 -11.48 -24.12
N GLY E 153 13.17 -11.82 -23.64
CA GLY E 153 12.69 -11.31 -22.37
C GLY E 153 13.56 -11.71 -21.19
N PHE E 154 14.12 -12.91 -21.24
CA PHE E 154 14.96 -13.42 -20.17
C PHE E 154 16.39 -13.59 -20.64
N CYS E 155 16.78 -12.77 -21.63
CA CYS E 155 18.10 -12.83 -22.24
C CYS E 155 19.20 -12.59 -21.21
N GLN E 156 18.99 -11.64 -20.30
CA GLN E 156 20.02 -11.22 -19.34
C GLN E 156 21.29 -10.82 -20.06
N GLY E 157 21.13 -9.93 -21.04
CA GLY E 157 22.28 -9.45 -21.79
C GLY E 157 23.28 -8.75 -20.88
N GLY E 158 24.56 -8.99 -21.14
CA GLY E 158 25.62 -8.46 -20.33
C GLY E 158 26.08 -9.36 -19.22
N PHE E 159 25.61 -10.61 -19.21
CA PHE E 159 26.07 -11.58 -18.22
C PHE E 159 27.57 -11.80 -18.34
N SER E 160 28.08 -11.79 -19.56
CA SER E 160 29.51 -11.81 -19.82
C SER E 160 29.82 -10.91 -21.01
N ILE E 161 30.96 -10.22 -20.94
CA ILE E 161 31.36 -9.26 -21.97
C ILE E 161 32.86 -9.36 -22.23
N ASP E 162 33.28 -8.78 -23.34
CA ASP E 162 34.68 -8.69 -23.75
C ASP E 162 34.77 -7.71 -24.91
N PHE E 163 35.99 -7.24 -25.16
CA PHE E 163 36.27 -6.37 -26.30
C PHE E 163 37.17 -7.08 -27.32
N THR E 164 36.94 -6.78 -28.60
CA THR E 164 37.83 -7.21 -29.67
C THR E 164 38.86 -6.12 -29.94
N LYS E 165 39.79 -6.44 -30.84
CA LYS E 165 40.83 -5.47 -31.19
C LYS E 165 40.36 -4.47 -32.25
N ALA E 166 39.19 -4.67 -32.83
CA ALA E 166 38.65 -3.79 -33.86
C ALA E 166 37.44 -3.01 -33.39
N ASP E 167 37.38 -2.70 -32.09
CA ASP E 167 36.33 -1.87 -31.50
C ASP E 167 34.95 -2.47 -31.73
N ARG E 168 34.84 -3.78 -31.50
CA ARG E 168 33.56 -4.46 -31.44
C ARG E 168 33.34 -4.99 -30.03
N VAL E 169 32.11 -4.88 -29.54
CA VAL E 169 31.74 -5.41 -28.23
C VAL E 169 31.17 -6.82 -28.41
N LEU E 170 31.56 -7.72 -27.51
CA LEU E 170 31.02 -9.08 -27.47
C LEU E 170 30.22 -9.27 -26.19
N LEU E 171 28.91 -9.55 -26.36
CA LEU E 171 27.99 -9.70 -25.25
C LEU E 171 27.38 -11.10 -25.25
N GLY E 172 27.26 -11.68 -24.06
CA GLY E 172 26.65 -12.99 -23.89
C GLY E 172 25.30 -12.86 -23.19
N GLY E 173 24.31 -13.56 -23.73
CA GLY E 173 22.97 -13.59 -23.18
C GLY E 173 22.42 -15.00 -23.06
N PRO E 174 22.58 -15.61 -21.88
CA PRO E 174 22.27 -17.04 -21.73
C PRO E 174 20.78 -17.37 -21.82
N GLY E 175 19.90 -16.40 -21.68
CA GLY E 175 18.49 -16.73 -21.60
C GLY E 175 17.69 -16.58 -22.88
N SER E 176 18.31 -16.04 -23.93
CA SER E 176 17.60 -15.79 -25.17
C SER E 176 17.00 -17.07 -25.75
N PHE E 177 15.83 -16.94 -26.38
CA PHE E 177 15.17 -18.01 -27.12
C PHE E 177 14.92 -19.25 -26.25
N TYR E 178 14.19 -19.04 -25.15
CA TYR E 178 13.92 -20.08 -24.15
C TYR E 178 15.22 -20.71 -23.66
N TRP E 179 16.18 -19.84 -23.32
CA TRP E 179 17.48 -20.21 -22.75
C TRP E 179 18.32 -21.04 -23.71
N GLN E 180 18.10 -20.90 -25.02
CA GLN E 180 19.09 -21.38 -25.97
C GLN E 180 20.39 -20.58 -25.88
N GLY E 181 20.31 -19.31 -25.48
CA GLY E 181 21.42 -18.40 -25.46
C GLY E 181 21.63 -17.68 -26.78
N GLN E 182 22.39 -16.59 -26.72
CA GLN E 182 22.63 -15.77 -27.89
C GLN E 182 23.88 -14.94 -27.68
N LEU E 183 24.63 -14.72 -28.77
CA LEU E 183 25.76 -13.80 -28.79
C LEU E 183 25.43 -12.61 -29.67
N ILE E 184 25.65 -11.41 -29.15
CA ILE E 184 25.39 -10.17 -29.89
C ILE E 184 26.69 -9.37 -29.96
N SER E 185 27.03 -8.89 -31.15
CA SER E 185 28.21 -8.08 -31.39
C SER E 185 27.84 -6.82 -32.16
N ASP E 186 28.18 -5.66 -31.60
CA ASP E 186 27.93 -4.37 -32.24
C ASP E 186 29.20 -3.53 -32.26
N GLN E 187 29.34 -2.75 -33.33
CA GLN E 187 30.44 -1.79 -33.45
C GLN E 187 30.26 -0.63 -32.49
N VAL E 188 31.34 -0.27 -31.77
CA VAL E 188 31.26 0.80 -30.77
C VAL E 188 30.85 2.12 -31.41
N ALA E 189 31.15 2.31 -32.70
CA ALA E 189 30.74 3.54 -33.37
C ALA E 189 29.23 3.61 -33.50
N GLU E 190 28.59 2.45 -33.66
CA GLU E 190 27.14 2.37 -33.76
C GLU E 190 26.44 2.42 -32.40
N ILE E 191 27.08 1.92 -31.34
CA ILE E 191 26.44 1.87 -30.03
C ILE E 191 26.17 3.28 -29.52
N VAL E 192 27.17 4.15 -29.59
CA VAL E 192 27.02 5.51 -29.08
C VAL E 192 26.21 6.37 -30.05
N SER E 193 26.39 6.16 -31.35
CA SER E 193 25.74 7.01 -32.34
C SER E 193 24.23 6.76 -32.37
N LYS E 194 23.82 5.51 -32.27
CA LYS E 194 22.40 5.16 -32.35
C LYS E 194 21.71 5.21 -30.99
N TYR E 195 22.42 5.64 -29.95
CA TYR E 195 21.84 5.72 -28.62
C TYR E 195 20.81 6.85 -28.57
N ASP E 196 19.66 6.57 -27.97
CA ASP E 196 18.59 7.54 -27.79
C ASP E 196 17.86 7.28 -26.48
N PRO E 197 17.94 8.19 -25.51
CA PRO E 197 17.31 7.93 -24.20
C PRO E 197 15.80 7.82 -24.26
N ASN E 198 15.18 8.16 -25.39
CA ASN E 198 13.74 8.06 -25.56
C ASN E 198 13.33 6.83 -26.37
N VAL E 199 14.31 6.02 -26.81
CA VAL E 199 14.06 4.80 -27.56
C VAL E 199 14.49 3.62 -26.70
N TYR E 200 13.55 2.73 -26.40
CA TYR E 200 13.83 1.62 -25.51
C TYR E 200 14.26 0.36 -26.24
N SER E 201 14.00 0.29 -27.55
CA SER E 201 14.39 -0.86 -28.37
C SER E 201 15.08 -0.32 -29.62
N ILE E 202 16.41 -0.20 -29.54
CA ILE E 202 17.19 0.32 -30.65
C ILE E 202 17.66 -0.84 -31.51
N LYS E 203 17.38 -0.77 -32.81
CA LYS E 203 17.81 -1.78 -33.76
C LYS E 203 19.10 -1.32 -34.43
N TYR E 204 20.12 -2.18 -34.39
CA TYR E 204 21.41 -1.89 -34.99
C TYR E 204 21.60 -2.72 -36.26
N ASN E 205 22.05 -2.04 -37.33
CA ASN E 205 22.16 -2.69 -38.64
C ASN E 205 23.35 -3.64 -38.71
N ASN E 206 24.48 -3.26 -38.12
CA ASN E 206 25.67 -4.10 -38.13
C ASN E 206 25.71 -5.09 -36.96
N GLN E 207 24.54 -5.42 -36.42
CA GLN E 207 24.44 -6.35 -35.31
C GLN E 207 24.66 -7.78 -35.81
N LEU E 208 25.52 -8.52 -35.11
CA LEU E 208 25.74 -9.93 -35.36
C LEU E 208 25.12 -10.71 -34.21
N ALA E 209 24.25 -11.67 -34.52
CA ALA E 209 23.55 -12.39 -33.48
C ALA E 209 23.27 -13.83 -33.90
N THR E 210 23.39 -14.74 -32.93
CA THR E 210 23.04 -16.15 -33.14
C THR E 210 21.53 -16.29 -33.09
N ARG E 211 20.93 -16.55 -34.25
CA ARG E 211 19.48 -16.64 -34.37
C ARG E 211 18.97 -17.95 -33.74
N THR E 212 17.66 -17.99 -33.52
CA THR E 212 17.02 -19.11 -32.85
C THR E 212 17.07 -20.41 -33.66
N ALA E 213 17.24 -21.52 -32.96
CA ALA E 213 17.33 -22.85 -33.56
C ALA E 213 16.17 -23.73 -33.08
N GLN E 214 16.30 -25.03 -33.32
CA GLN E 214 15.26 -26.00 -32.96
C GLN E 214 15.11 -26.10 -31.45
N ALA E 215 13.94 -26.60 -31.04
CA ALA E 215 13.57 -26.68 -29.62
C ALA E 215 14.47 -27.61 -28.81
N ILE E 216 15.18 -28.54 -29.45
CA ILE E 216 16.05 -29.45 -28.68
C ILE E 216 17.20 -28.70 -28.03
N PHE E 217 17.57 -27.54 -28.56
CA PHE E 217 18.67 -26.75 -28.05
C PHE E 217 18.27 -25.78 -26.94
N ASP E 218 16.98 -25.76 -26.55
CA ASP E 218 16.58 -24.97 -25.40
C ASP E 218 17.33 -25.43 -24.15
N ASP E 219 17.46 -24.52 -23.20
CA ASP E 219 18.12 -24.81 -21.92
C ASP E 219 19.58 -25.21 -22.17
N SER E 220 20.30 -24.39 -22.92
CA SER E 220 21.70 -24.64 -23.24
C SER E 220 22.65 -23.64 -22.62
N TYR E 221 22.19 -22.41 -22.38
CA TYR E 221 23.00 -21.38 -21.73
C TYR E 221 24.19 -20.97 -22.60
N LEU E 222 23.97 -20.82 -23.91
CA LEU E 222 24.97 -20.23 -24.78
C LEU E 222 25.21 -18.77 -24.40
N GLY E 223 26.47 -18.40 -24.22
CA GLY E 223 26.81 -17.07 -23.77
C GLY E 223 27.12 -16.97 -22.30
N TYR E 224 27.23 -18.11 -21.60
CA TYR E 224 27.51 -18.11 -20.17
C TYR E 224 28.86 -17.47 -19.88
N SER E 225 29.85 -17.69 -20.75
CA SER E 225 31.15 -17.05 -20.65
C SER E 225 31.65 -16.74 -22.05
N VAL E 226 32.53 -15.73 -22.15
CA VAL E 226 33.04 -15.28 -23.45
C VAL E 226 34.52 -14.94 -23.37
N ALA E 227 35.15 -14.96 -24.55
CA ALA E 227 36.55 -14.62 -24.75
C ALA E 227 36.73 -14.35 -26.23
N VAL E 228 37.82 -13.65 -26.58
CA VAL E 228 38.06 -13.26 -27.97
C VAL E 228 39.46 -13.68 -28.41
N GLY E 229 39.61 -13.87 -29.72
CA GLY E 229 40.86 -14.28 -30.33
C GLY E 229 40.69 -14.70 -31.78
N ASP E 230 41.77 -14.63 -32.56
CA ASP E 230 41.76 -15.02 -33.97
C ASP E 230 42.03 -16.52 -34.12
N PHE E 231 41.23 -17.18 -34.94
CA PHE E 231 41.35 -18.63 -35.05
C PHE E 231 41.32 -19.11 -36.49
N ASN E 232 40.56 -18.43 -37.33
CA ASN E 232 40.50 -18.78 -38.74
C ASN E 232 41.60 -18.10 -39.55
N GLY E 233 42.59 -17.50 -38.90
CA GLY E 233 43.75 -16.94 -39.58
C GLY E 233 43.42 -15.85 -40.59
N ASP E 234 42.61 -14.87 -40.17
CA ASP E 234 42.26 -13.76 -41.05
C ASP E 234 42.58 -12.39 -40.47
N GLY E 235 42.43 -12.20 -39.17
CA GLY E 235 42.79 -10.94 -38.55
C GLY E 235 41.64 -10.33 -37.76
N ILE E 236 40.44 -10.88 -37.94
CA ILE E 236 39.26 -10.41 -37.22
C ILE E 236 39.08 -11.29 -35.99
N ASP E 237 39.04 -10.65 -34.81
CA ASP E 237 38.82 -11.39 -33.58
C ASP E 237 37.51 -12.15 -33.63
N ASP E 238 37.57 -13.44 -33.35
CA ASP E 238 36.40 -14.32 -33.40
C ASP E 238 35.86 -14.58 -32.00
N PHE E 239 34.62 -15.06 -31.94
CA PHE E 239 33.86 -15.16 -30.70
C PHE E 239 33.86 -16.59 -30.17
N VAL E 240 34.39 -16.77 -28.96
CA VAL E 240 34.39 -18.04 -28.24
C VAL E 240 33.46 -17.93 -27.05
N SER E 241 32.63 -18.97 -26.84
CA SER E 241 31.65 -18.93 -25.76
C SER E 241 31.38 -20.33 -25.23
N GLY E 242 31.28 -20.44 -23.90
CA GLY E 242 30.92 -21.70 -23.28
C GLY E 242 29.41 -21.93 -23.32
N VAL E 243 29.05 -23.20 -23.58
CA VAL E 243 27.66 -23.64 -23.61
C VAL E 243 27.54 -24.80 -22.62
N PRO E 244 27.52 -24.53 -21.31
CA PRO E 244 27.78 -25.58 -20.32
C PRO E 244 26.70 -26.63 -20.20
N ARG E 245 25.47 -26.36 -20.61
CA ARG E 245 24.41 -27.36 -20.50
C ARG E 245 24.13 -28.08 -21.81
N ALA E 246 24.83 -27.74 -22.89
CA ALA E 246 24.64 -28.43 -24.15
C ALA E 246 25.07 -29.89 -24.03
N ALA E 247 24.67 -30.68 -25.03
CA ALA E 247 24.99 -32.10 -25.10
C ALA E 247 24.57 -32.84 -23.83
N ARG E 248 23.36 -32.53 -23.35
CA ARG E 248 22.80 -33.19 -22.17
C ARG E 248 23.71 -33.02 -20.96
N THR E 249 24.02 -31.76 -20.63
CA THR E 249 24.88 -31.36 -19.52
C THR E 249 26.33 -31.82 -19.68
N LEU E 250 26.71 -32.30 -20.86
CA LEU E 250 28.13 -32.57 -21.11
C LEU E 250 28.93 -31.28 -21.20
N GLY E 251 28.29 -30.21 -21.65
CA GLY E 251 28.94 -28.94 -21.81
C GLY E 251 29.67 -28.87 -23.14
N MET E 252 29.56 -27.72 -23.81
CA MET E 252 30.23 -27.50 -25.09
C MET E 252 30.77 -26.09 -25.13
N VAL E 253 31.61 -25.83 -26.13
CA VAL E 253 32.11 -24.50 -26.41
C VAL E 253 31.94 -24.24 -27.90
N TYR E 254 31.19 -23.19 -28.24
CA TYR E 254 30.96 -22.83 -29.62
C TYR E 254 31.91 -21.71 -30.03
N ILE E 255 32.45 -21.83 -31.24
CA ILE E 255 33.27 -20.78 -31.83
C ILE E 255 32.55 -20.25 -33.06
N TYR E 256 32.34 -18.94 -33.09
CA TYR E 256 31.70 -18.28 -34.21
C TYR E 256 32.64 -17.29 -34.86
N ASP E 257 32.52 -17.14 -36.18
CA ASP E 257 33.29 -16.15 -36.91
C ASP E 257 32.87 -14.74 -36.49
N GLY E 258 33.87 -13.87 -36.31
CA GLY E 258 33.63 -12.51 -35.86
C GLY E 258 33.25 -11.53 -36.94
N LYS E 259 32.81 -12.04 -38.08
CA LYS E 259 32.41 -11.20 -39.20
C LYS E 259 30.96 -11.40 -39.62
N ASN E 260 30.48 -12.66 -39.69
CA ASN E 260 29.12 -12.91 -40.13
C ASN E 260 28.38 -13.90 -39.24
N MET E 261 28.91 -14.22 -38.06
CA MET E 261 28.24 -15.07 -37.08
C MET E 261 27.95 -16.46 -37.68
N SER E 262 29.04 -17.20 -37.89
CA SER E 262 28.98 -18.57 -38.37
C SER E 262 29.84 -19.46 -37.48
N SER E 263 29.39 -20.69 -37.26
CA SER E 263 30.11 -21.60 -36.38
C SER E 263 31.41 -22.08 -37.02
N LEU E 264 32.50 -21.99 -36.27
CA LEU E 264 33.82 -22.38 -36.76
C LEU E 264 34.30 -23.70 -36.17
N TYR E 265 34.34 -23.80 -34.84
CA TYR E 265 34.89 -24.97 -34.18
C TYR E 265 34.04 -25.27 -32.95
N ASN E 266 34.08 -26.53 -32.53
CA ASN E 266 33.38 -26.99 -31.33
C ASN E 266 34.29 -27.76 -30.39
N PHE E 267 34.05 -27.58 -29.10
CA PHE E 267 34.62 -28.41 -28.05
C PHE E 267 33.47 -29.03 -27.26
N THR E 268 33.70 -30.23 -26.74
CA THR E 268 32.69 -30.95 -25.98
C THR E 268 33.29 -31.47 -24.68
N GLY E 269 32.57 -31.28 -23.57
CA GLY E 269 32.99 -31.87 -22.32
C GLY E 269 32.95 -33.38 -22.36
N GLU E 270 33.63 -33.99 -21.39
CA GLU E 270 33.75 -35.44 -21.34
C GLU E 270 33.13 -36.06 -20.10
N GLN E 271 32.46 -35.25 -19.26
CA GLN E 271 31.79 -35.74 -18.07
C GLN E 271 30.48 -34.99 -17.89
N MET E 272 29.42 -35.74 -17.54
CA MET E 272 28.10 -35.13 -17.34
C MET E 272 28.13 -34.13 -16.20
N ALA E 273 27.54 -32.95 -16.43
CA ALA E 273 27.34 -31.92 -15.41
C ALA E 273 28.66 -31.49 -14.77
N ALA E 274 29.74 -31.54 -15.54
CA ALA E 274 31.02 -31.02 -15.10
C ALA E 274 31.13 -29.53 -15.32
N TYR E 275 30.11 -28.94 -15.93
CA TYR E 275 30.10 -27.52 -16.27
C TYR E 275 31.27 -27.17 -17.16
N PHE E 276 31.56 -28.05 -18.11
CA PHE E 276 32.50 -27.76 -19.18
C PHE E 276 32.06 -26.49 -19.91
N GLY E 277 32.81 -25.40 -19.74
CA GLY E 277 32.47 -24.13 -20.34
C GLY E 277 32.09 -23.04 -19.35
N PHE E 278 32.21 -23.30 -18.05
CA PHE E 278 31.90 -22.28 -17.05
C PHE E 278 32.73 -21.03 -17.27
N SER E 279 34.02 -21.18 -17.54
CA SER E 279 34.92 -20.07 -17.83
C SER E 279 35.77 -20.44 -19.03
N VAL E 280 36.03 -19.44 -19.88
CA VAL E 280 36.87 -19.61 -21.06
C VAL E 280 37.82 -18.42 -21.17
N ALA E 281 38.92 -18.63 -21.87
CA ALA E 281 39.91 -17.59 -22.10
C ALA E 281 40.65 -17.91 -23.39
N ALA E 282 41.16 -16.87 -24.03
CA ALA E 282 41.87 -17.03 -25.30
C ALA E 282 43.15 -16.21 -25.26
N THR E 283 44.30 -16.89 -25.29
CA THR E 283 45.58 -16.21 -25.37
C THR E 283 46.61 -17.19 -25.95
N ASP E 284 47.52 -16.66 -26.77
CA ASP E 284 48.59 -17.45 -27.35
C ASP E 284 49.61 -17.81 -26.26
N ILE E 285 49.71 -19.10 -25.94
CA ILE E 285 50.54 -19.54 -24.81
C ILE E 285 51.88 -20.13 -25.24
N ASN E 286 52.04 -20.51 -26.52
CA ASN E 286 53.24 -21.18 -26.98
C ASN E 286 53.97 -20.38 -28.06
N GLY E 287 53.74 -19.07 -28.13
CA GLY E 287 54.46 -18.19 -29.02
C GLY E 287 54.38 -18.52 -30.50
N ASP E 288 53.17 -18.74 -31.02
CA ASP E 288 52.97 -19.00 -32.45
C ASP E 288 52.00 -18.02 -33.09
N ASP E 289 51.57 -16.99 -32.38
CA ASP E 289 50.64 -15.96 -32.83
C ASP E 289 49.25 -16.53 -33.10
N TYR E 290 48.99 -17.77 -32.70
CA TYR E 290 47.67 -18.36 -32.75
C TYR E 290 47.10 -18.41 -31.33
N ALA E 291 46.03 -17.67 -31.11
CA ALA E 291 45.36 -17.69 -29.81
C ALA E 291 44.91 -19.11 -29.47
N ASP E 292 45.04 -19.46 -28.18
CA ASP E 292 44.74 -20.80 -27.71
C ASP E 292 43.55 -20.77 -26.76
N VAL E 293 42.79 -21.87 -26.73
CA VAL E 293 41.52 -21.95 -26.01
C VAL E 293 41.73 -22.67 -24.69
N PHE E 294 41.27 -22.03 -23.60
CA PHE E 294 41.31 -22.60 -22.25
C PHE E 294 39.88 -22.71 -21.75
N ILE E 295 39.43 -23.93 -21.48
CA ILE E 295 38.05 -24.19 -21.08
C ILE E 295 38.05 -24.77 -19.67
N GLY E 296 37.35 -24.09 -18.76
CA GLY E 296 37.27 -24.55 -17.38
C GLY E 296 36.04 -25.40 -17.15
N ALA E 297 36.23 -26.48 -16.40
CA ALA E 297 35.14 -27.37 -15.99
C ALA E 297 35.27 -27.56 -14.48
N PRO E 298 34.85 -26.56 -13.71
CA PRO E 298 35.14 -26.56 -12.26
C PRO E 298 34.46 -27.67 -11.50
N LEU E 299 33.49 -28.34 -12.10
CA LEU E 299 32.73 -29.38 -11.44
C LEU E 299 33.16 -30.76 -11.90
N PHE E 300 34.24 -30.82 -12.68
CA PHE E 300 34.75 -32.09 -13.15
C PHE E 300 35.14 -32.99 -12.00
N MET E 301 34.70 -34.24 -12.06
CA MET E 301 35.04 -35.24 -11.07
C MET E 301 36.03 -36.21 -11.68
N ASP E 302 37.16 -36.40 -11.00
CA ASP E 302 38.16 -37.38 -11.40
C ASP E 302 38.14 -38.53 -10.40
N ARG E 303 38.82 -39.62 -10.78
CA ARG E 303 38.91 -40.80 -9.94
C ARG E 303 40.18 -40.72 -9.08
N GLY E 304 40.04 -41.03 -7.80
CA GLY E 304 41.18 -41.02 -6.90
C GLY E 304 41.97 -42.30 -6.93
N SER E 305 43.05 -42.31 -6.15
CA SER E 305 43.89 -43.51 -6.07
C SER E 305 43.16 -44.65 -5.37
N ASP E 306 42.23 -44.31 -4.49
CA ASP E 306 41.48 -45.30 -3.73
C ASP E 306 40.25 -45.80 -4.47
N GLY E 307 40.02 -45.34 -5.69
CA GLY E 307 38.85 -45.74 -6.46
C GLY E 307 37.61 -44.92 -6.19
N LYS E 308 37.67 -43.98 -5.26
CA LYS E 308 36.53 -43.12 -4.96
C LYS E 308 36.57 -41.86 -5.81
N LEU E 309 35.40 -41.44 -6.30
CA LEU E 309 35.29 -40.22 -7.07
C LEU E 309 35.62 -39.01 -6.21
N GLN E 310 36.20 -37.99 -6.83
CA GLN E 310 36.44 -36.73 -6.14
C GLN E 310 36.28 -35.57 -7.12
N GLU E 311 35.48 -34.59 -6.72
CA GLU E 311 35.27 -33.37 -7.51
C GLU E 311 36.48 -32.46 -7.36
N VAL E 312 37.24 -32.28 -8.44
CA VAL E 312 38.42 -31.43 -8.40
C VAL E 312 38.41 -30.34 -9.46
N GLY E 313 37.58 -30.42 -10.49
CA GLY E 313 37.57 -29.43 -11.54
C GLY E 313 38.65 -29.71 -12.57
N GLN E 314 38.42 -29.33 -13.83
CA GLN E 314 39.38 -29.61 -14.88
C GLN E 314 39.40 -28.46 -15.89
N VAL E 315 40.58 -28.12 -16.36
CA VAL E 315 40.77 -27.17 -17.44
C VAL E 315 41.46 -27.88 -18.59
N SER E 316 40.87 -27.76 -19.78
CA SER E 316 41.45 -28.34 -20.99
C SER E 316 42.23 -27.26 -21.75
N VAL E 317 43.43 -27.61 -22.18
CA VAL E 317 44.32 -26.70 -22.90
C VAL E 317 44.38 -27.16 -24.36
N SER E 318 43.88 -26.32 -25.26
CA SER E 318 43.81 -26.64 -26.69
C SER E 318 44.69 -25.66 -27.48
N LEU E 319 45.80 -26.17 -28.02
CA LEU E 319 46.74 -25.38 -28.79
C LEU E 319 46.30 -25.30 -30.25
N GLN E 320 46.07 -24.07 -30.74
CA GLN E 320 45.69 -23.84 -32.13
C GLN E 320 46.86 -24.07 -33.08
N ARG E 321 46.56 -24.69 -34.23
CA ARG E 321 47.53 -24.89 -35.30
C ARG E 321 47.02 -24.28 -36.61
N ALA E 322 47.96 -23.94 -37.49
CA ALA E 322 47.62 -23.35 -38.78
C ALA E 322 46.85 -24.34 -39.66
N SER E 323 47.05 -25.64 -39.45
CA SER E 323 46.35 -26.65 -40.23
C SER E 323 44.89 -26.79 -39.84
N GLY E 324 44.41 -26.01 -38.87
CA GLY E 324 43.03 -26.00 -38.47
C GLY E 324 42.71 -26.86 -37.25
N ASP E 325 43.56 -27.85 -36.94
CA ASP E 325 43.30 -28.75 -35.83
C ASP E 325 43.58 -28.08 -34.50
N PHE E 326 43.42 -28.86 -33.43
CA PHE E 326 43.72 -28.41 -32.07
C PHE E 326 44.43 -29.53 -31.33
N GLN E 327 45.50 -29.19 -30.61
CA GLN E 327 46.16 -30.13 -29.71
C GLN E 327 45.65 -29.88 -28.29
N THR E 328 44.80 -30.79 -27.81
CA THR E 328 44.11 -30.60 -26.53
C THR E 328 44.73 -31.50 -25.48
N THR E 329 45.06 -30.91 -24.34
CA THR E 329 45.42 -31.63 -23.13
C THR E 329 44.47 -31.20 -22.02
N LYS E 330 44.56 -31.86 -20.87
CA LYS E 330 43.65 -31.60 -19.77
C LYS E 330 44.43 -31.43 -18.48
N LEU E 331 44.04 -30.44 -17.69
CA LEU E 331 44.72 -30.11 -16.44
C LEU E 331 43.72 -30.27 -15.30
N ASN E 332 43.98 -31.23 -14.41
CA ASN E 332 43.10 -31.49 -13.28
C ASN E 332 43.47 -30.63 -12.09
N GLY E 333 42.46 -30.26 -11.31
CA GLY E 333 42.68 -29.49 -10.10
C GLY E 333 43.36 -30.32 -9.02
N PHE E 334 43.73 -29.62 -7.93
CA PHE E 334 44.50 -30.22 -6.85
C PHE E 334 43.69 -30.47 -5.58
N GLU E 335 42.66 -29.68 -5.32
CA GLU E 335 41.89 -29.78 -4.09
C GLU E 335 40.44 -30.15 -4.38
N VAL E 336 39.90 -31.06 -3.54
CA VAL E 336 38.51 -31.49 -3.66
C VAL E 336 37.56 -30.35 -3.34
N PHE E 337 36.52 -30.21 -4.15
CA PHE E 337 35.45 -29.22 -3.98
C PHE E 337 35.96 -27.79 -4.12
N ALA E 338 37.21 -27.60 -4.53
CA ALA E 338 37.76 -26.27 -4.70
C ALA E 338 37.25 -25.58 -5.95
N ARG E 339 36.67 -26.36 -6.87
CA ARG E 339 36.18 -25.84 -8.13
C ARG E 339 37.32 -25.15 -8.90
N PHE E 340 38.43 -25.87 -9.01
CA PHE E 340 39.54 -25.46 -9.88
C PHE E 340 39.01 -25.22 -11.28
N GLY E 341 39.34 -24.05 -11.84
CA GLY E 341 38.86 -23.68 -13.15
C GLY E 341 37.68 -22.73 -13.18
N SER E 342 37.28 -22.20 -12.02
CA SER E 342 36.16 -21.26 -12.00
C SER E 342 36.48 -19.95 -12.70
N ALA E 343 37.73 -19.50 -12.64
CA ALA E 343 38.16 -18.28 -13.32
C ALA E 343 39.51 -18.52 -13.97
N ILE E 344 39.66 -18.01 -15.19
CA ILE E 344 40.87 -18.17 -15.99
C ILE E 344 41.23 -16.79 -16.53
N ALA E 345 42.36 -16.24 -16.09
CA ALA E 345 42.78 -14.91 -16.50
C ALA E 345 44.11 -15.00 -17.23
N PRO E 346 44.17 -14.68 -18.51
CA PRO E 346 45.47 -14.56 -19.19
C PRO E 346 46.31 -13.48 -18.55
N LEU E 347 47.57 -13.80 -18.27
CA LEU E 347 48.46 -12.92 -17.54
C LEU E 347 49.44 -12.17 -18.42
N GLY E 348 49.43 -12.43 -19.73
CA GLY E 348 50.53 -11.93 -20.53
C GLY E 348 51.76 -12.77 -20.25
N ASP E 349 52.94 -12.15 -20.38
CA ASP E 349 54.19 -12.81 -20.03
C ASP E 349 54.57 -12.33 -18.64
N LEU E 350 54.03 -13.01 -17.62
CA LEU E 350 54.20 -12.59 -16.24
C LEU E 350 55.66 -12.43 -15.85
N ASP E 351 56.54 -13.26 -16.39
CA ASP E 351 57.94 -13.25 -16.01
C ASP E 351 58.85 -12.81 -17.15
N GLN E 352 58.28 -12.38 -18.27
CA GLN E 352 59.04 -11.86 -19.41
C GLN E 352 60.09 -12.86 -19.89
N ASP E 353 59.65 -14.09 -20.15
CA ASP E 353 60.51 -15.14 -20.67
C ASP E 353 60.30 -15.41 -22.16
N GLY E 354 59.38 -14.69 -22.80
CA GLY E 354 59.08 -14.89 -24.20
C GLY E 354 57.87 -15.73 -24.47
N PHE E 355 57.22 -16.24 -23.42
CA PHE E 355 56.03 -17.06 -23.56
C PHE E 355 54.98 -16.58 -22.57
N ASN E 356 53.76 -16.39 -23.07
CA ASN E 356 52.67 -15.94 -22.22
C ASN E 356 52.36 -16.97 -21.13
N ASP E 357 51.82 -16.48 -20.03
CA ASP E 357 51.49 -17.27 -18.86
C ASP E 357 50.02 -17.06 -18.52
N ILE E 358 49.51 -17.90 -17.61
CA ILE E 358 48.08 -17.88 -17.30
C ILE E 358 47.88 -18.25 -15.84
N ALA E 359 46.80 -17.73 -15.25
CA ALA E 359 46.38 -18.06 -13.89
C ALA E 359 45.04 -18.78 -13.91
N ILE E 360 44.91 -19.80 -13.05
CA ILE E 360 43.67 -20.54 -12.86
C ILE E 360 43.34 -20.58 -11.37
N ALA E 361 42.11 -20.20 -11.01
CA ALA E 361 41.73 -20.05 -9.62
C ALA E 361 40.87 -21.21 -9.13
N ALA E 362 41.06 -21.58 -7.86
CA ALA E 362 40.19 -22.51 -7.15
C ALA E 362 39.58 -21.77 -5.96
N PRO E 363 38.48 -21.05 -6.19
CA PRO E 363 38.01 -20.07 -5.18
C PRO E 363 37.63 -20.69 -3.84
N TYR E 364 37.47 -22.00 -3.75
CA TYR E 364 37.04 -22.63 -2.51
C TYR E 364 38.07 -23.61 -1.98
N GLY E 365 39.31 -23.52 -2.45
CA GLY E 365 40.39 -24.35 -1.98
C GLY E 365 41.13 -23.72 -0.83
N GLY E 366 42.23 -24.38 -0.44
CA GLY E 366 43.06 -23.87 0.64
C GLY E 366 42.42 -24.12 1.99
N GLU E 367 43.17 -23.75 3.04
CA GLU E 367 42.65 -23.90 4.39
C GLU E 367 41.39 -23.06 4.60
N ASP E 368 40.41 -23.64 5.27
CA ASP E 368 39.15 -23.00 5.60
C ASP E 368 38.38 -22.55 4.36
N LYS E 369 38.65 -23.19 3.21
CA LYS E 369 37.98 -22.88 1.94
C LYS E 369 38.01 -21.38 1.65
N LYS E 370 39.20 -20.79 1.73
CA LYS E 370 39.38 -19.36 1.56
C LYS E 370 39.66 -18.98 0.11
N GLY E 371 40.47 -19.76 -0.59
CA GLY E 371 40.70 -19.56 -2.01
C GLY E 371 42.17 -19.64 -2.38
N ILE E 372 42.43 -20.15 -3.59
CA ILE E 372 43.78 -20.33 -4.11
C ILE E 372 43.79 -19.91 -5.58
N VAL E 373 44.87 -19.27 -6.01
CA VAL E 373 45.11 -18.96 -7.41
C VAL E 373 46.43 -19.59 -7.83
N TYR E 374 46.40 -20.36 -8.90
CA TYR E 374 47.58 -21.07 -9.39
C TYR E 374 48.12 -20.35 -10.61
N ILE E 375 49.44 -20.17 -10.64
CA ILE E 375 50.15 -19.51 -11.73
C ILE E 375 50.83 -20.57 -12.59
N PHE E 376 50.55 -20.55 -13.89
CA PHE E 376 51.14 -21.50 -14.83
C PHE E 376 51.91 -20.75 -15.91
N ASN E 377 53.11 -21.23 -16.22
CA ASN E 377 53.97 -20.61 -17.21
C ASN E 377 53.88 -21.36 -18.53
N GLY E 378 54.00 -20.62 -19.64
CA GLY E 378 54.05 -21.24 -20.94
C GLY E 378 55.46 -21.67 -21.33
N ARG E 379 55.53 -22.50 -22.36
CA ARG E 379 56.80 -22.94 -22.93
C ARG E 379 56.57 -23.35 -24.36
N SER E 380 57.66 -23.72 -25.04
CA SER E 380 57.58 -24.05 -26.46
C SER E 380 56.56 -25.14 -26.74
N THR E 381 56.44 -26.11 -25.85
CA THR E 381 55.52 -27.22 -26.02
C THR E 381 54.14 -26.93 -25.44
N GLY E 382 53.94 -25.77 -24.87
CA GLY E 382 52.64 -25.43 -24.33
C GLY E 382 52.67 -24.93 -22.89
N LEU E 383 51.62 -25.24 -22.14
CA LEU E 383 51.49 -24.79 -20.75
C LEU E 383 52.18 -25.76 -19.79
N ASN E 384 52.89 -25.20 -18.81
CA ASN E 384 53.49 -26.02 -17.77
C ASN E 384 52.42 -26.50 -16.80
N ALA E 385 52.25 -27.83 -16.73
CA ALA E 385 51.18 -28.41 -15.91
C ALA E 385 51.38 -28.16 -14.42
N VAL E 386 52.62 -27.97 -13.99
CA VAL E 386 52.91 -27.73 -12.57
C VAL E 386 52.96 -26.22 -12.30
N PRO E 387 52.27 -25.73 -11.27
CA PRO E 387 52.28 -24.30 -10.99
C PRO E 387 53.61 -23.85 -10.40
N SER E 388 54.04 -22.64 -10.76
CA SER E 388 55.27 -22.07 -10.23
C SER E 388 55.02 -21.14 -9.06
N GLN E 389 53.76 -20.83 -8.75
CA GLN E 389 53.44 -19.98 -7.62
C GLN E 389 52.01 -20.26 -7.17
N ILE E 390 51.80 -20.21 -5.86
CA ILE E 390 50.49 -20.46 -5.26
C ILE E 390 50.08 -19.21 -4.50
N LEU E 391 48.97 -18.62 -4.91
CA LEU E 391 48.41 -17.44 -4.23
C LEU E 391 47.39 -17.90 -3.19
N GLU E 392 47.63 -17.56 -1.94
CA GLU E 392 46.80 -18.02 -0.83
C GLU E 392 45.88 -16.91 -0.35
N GLY E 393 44.64 -17.29 -0.04
CA GLY E 393 43.71 -16.37 0.60
C GLY E 393 44.03 -16.19 2.07
N GLN E 394 43.84 -14.95 2.55
CA GLN E 394 44.14 -14.59 3.92
C GLN E 394 42.90 -14.29 4.75
N TRP E 395 41.73 -14.22 4.14
CA TRP E 395 40.52 -13.70 4.77
C TRP E 395 39.56 -14.83 5.08
N ALA E 396 39.26 -15.01 6.36
CA ALA E 396 38.34 -16.06 6.78
C ALA E 396 36.91 -15.73 6.35
N ALA E 397 36.08 -16.75 6.34
CA ALA E 397 34.71 -16.64 5.86
C ALA E 397 33.79 -16.32 7.03
N ARG E 398 33.33 -15.07 7.10
CA ARG E 398 32.23 -14.76 7.98
C ARG E 398 31.00 -15.54 7.55
N SER E 399 30.01 -15.60 8.42
CA SER E 399 28.80 -16.35 8.10
C SER E 399 28.21 -15.85 6.78
N GLY E 400 27.89 -16.80 5.90
CA GLY E 400 27.27 -16.53 4.62
C GLY E 400 28.12 -17.03 3.46
N CYS E 401 28.46 -16.16 2.49
CA CYS E 401 29.27 -16.68 1.39
C CYS E 401 30.73 -16.89 1.80
N PRO E 402 31.37 -17.90 1.22
CA PRO E 402 32.80 -18.09 1.41
C PRO E 402 33.57 -16.94 0.78
N PRO E 403 34.84 -16.76 1.16
CA PRO E 403 35.59 -15.61 0.63
C PRO E 403 35.62 -15.55 -0.87
N SER E 404 35.66 -16.71 -1.54
CA SER E 404 35.64 -16.78 -3.00
C SER E 404 36.83 -16.05 -3.60
N PHE E 405 37.98 -16.14 -2.92
CA PHE E 405 39.22 -15.55 -3.42
C PHE E 405 39.63 -16.20 -4.75
N GLY E 406 39.67 -15.40 -5.81
CA GLY E 406 40.01 -15.88 -7.13
C GLY E 406 38.84 -16.04 -8.08
N TYR E 407 37.60 -15.86 -7.59
CA TYR E 407 36.42 -16.12 -8.41
C TYR E 407 36.41 -15.31 -9.69
N SER E 408 37.00 -14.11 -9.69
CA SER E 408 37.18 -13.34 -10.90
C SER E 408 38.57 -12.71 -10.89
N MET E 409 39.19 -12.61 -12.07
CA MET E 409 40.51 -12.01 -12.16
C MET E 409 40.81 -11.61 -13.59
N LYS E 410 41.77 -10.69 -13.73
CA LYS E 410 42.21 -10.20 -15.04
C LYS E 410 43.68 -9.84 -14.98
N GLY E 411 44.41 -10.15 -16.05
CA GLY E 411 45.83 -9.83 -16.12
C GLY E 411 46.27 -9.18 -17.42
N ALA E 412 47.56 -9.29 -17.70
CA ALA E 412 48.19 -8.81 -18.93
C ALA E 412 48.24 -7.28 -19.02
N THR E 413 48.26 -6.59 -17.88
CA THR E 413 48.37 -5.14 -17.84
C THR E 413 49.42 -4.72 -16.82
N ASP E 414 50.39 -3.91 -17.25
CA ASP E 414 51.49 -3.44 -16.39
C ASP E 414 51.11 -2.12 -15.74
N ILE E 415 50.55 -2.22 -14.52
CA ILE E 415 49.95 -1.05 -13.87
C ILE E 415 50.99 -0.14 -13.21
N ASP E 416 52.19 -0.63 -12.95
CA ASP E 416 53.21 0.18 -12.29
C ASP E 416 54.40 0.47 -13.19
N LYS E 417 54.28 0.16 -14.49
CA LYS E 417 55.32 0.47 -15.48
C LYS E 417 56.68 -0.09 -15.08
N ASN E 418 56.69 -1.24 -14.42
CA ASN E 418 57.93 -1.88 -13.98
C ASN E 418 58.46 -2.88 -15.00
N GLY E 419 57.78 -3.04 -16.13
CA GLY E 419 58.18 -3.95 -17.17
C GLY E 419 57.52 -5.31 -17.12
N TYR E 420 56.68 -5.57 -16.12
CA TYR E 420 56.05 -6.87 -15.96
C TYR E 420 54.54 -6.72 -15.78
N PRO E 421 53.74 -7.58 -16.42
CA PRO E 421 52.29 -7.51 -16.25
C PRO E 421 51.87 -7.99 -14.86
N ASP E 422 50.86 -7.35 -14.31
CA ASP E 422 50.38 -7.59 -12.95
C ASP E 422 49.02 -8.28 -13.00
N LEU E 423 48.47 -8.56 -11.81
CA LEU E 423 47.29 -9.40 -11.69
C LEU E 423 46.36 -8.88 -10.59
N ILE E 424 45.09 -8.70 -10.93
CA ILE E 424 44.04 -8.36 -9.96
C ILE E 424 43.23 -9.60 -9.65
N VAL E 425 42.98 -9.85 -8.37
CA VAL E 425 42.22 -11.01 -7.91
C VAL E 425 41.07 -10.54 -7.03
N GLY E 426 39.84 -10.86 -7.44
CA GLY E 426 38.66 -10.46 -6.69
C GLY E 426 38.23 -11.53 -5.70
N ALA E 427 37.72 -11.08 -4.56
CA ALA E 427 37.17 -11.96 -3.52
C ALA E 427 35.88 -11.34 -3.01
N PHE E 428 34.78 -11.58 -3.74
CA PHE E 428 33.54 -10.87 -3.44
C PHE E 428 32.91 -11.32 -2.12
N GLY E 429 33.21 -12.53 -1.66
CA GLY E 429 32.62 -13.02 -0.43
C GLY E 429 33.01 -12.24 0.81
N VAL E 430 34.15 -11.54 0.75
CA VAL E 430 34.62 -10.68 1.82
C VAL E 430 34.75 -9.23 1.36
N ASP E 431 34.21 -8.92 0.18
CA ASP E 431 34.19 -7.57 -0.39
C ASP E 431 35.61 -6.98 -0.46
N ARG E 432 36.48 -7.66 -1.20
CA ARG E 432 37.88 -7.27 -1.24
C ARG E 432 38.47 -7.56 -2.61
N ALA E 433 39.44 -6.73 -3.00
CA ALA E 433 40.25 -6.95 -4.18
C ALA E 433 41.71 -6.69 -3.84
N ILE E 434 42.59 -7.55 -4.34
CA ILE E 434 44.00 -7.52 -3.98
C ILE E 434 44.85 -7.43 -5.25
N LEU E 435 45.77 -6.48 -5.28
CA LEU E 435 46.70 -6.30 -6.38
C LEU E 435 48.05 -6.95 -6.05
N TYR E 436 48.45 -7.94 -6.85
CA TYR E 436 49.76 -8.57 -6.73
C TYR E 436 50.68 -8.04 -7.82
N ARG E 437 51.83 -7.52 -7.41
CA ARG E 437 52.79 -6.94 -8.33
C ARG E 437 53.87 -7.97 -8.65
N ALA E 438 54.22 -8.08 -9.93
CA ALA E 438 55.24 -9.00 -10.36
C ALA E 438 56.64 -8.45 -10.05
N ARG E 439 57.44 -9.24 -9.35
CA ARG E 439 58.80 -8.84 -9.01
C ARG E 439 59.73 -9.10 -10.20
N PRO E 440 60.71 -8.23 -10.44
CA PRO E 440 61.65 -8.47 -11.53
C PRO E 440 62.43 -9.76 -11.31
N VAL E 441 62.74 -10.44 -12.40
CA VAL E 441 63.38 -11.76 -12.35
C VAL E 441 64.84 -11.59 -12.77
N ILE E 442 65.75 -11.93 -11.85
CA ILE E 442 67.19 -11.85 -12.08
C ILE E 442 67.70 -13.23 -12.45
N THR E 443 68.32 -13.35 -13.64
CA THR E 443 68.99 -14.57 -14.04
C THR E 443 70.49 -14.42 -13.74
N VAL E 444 71.02 -15.34 -12.94
CA VAL E 444 72.41 -15.30 -12.49
C VAL E 444 73.16 -16.50 -13.06
N ASN E 445 74.32 -16.24 -13.64
CA ASN E 445 75.23 -17.29 -14.12
C ASN E 445 76.52 -17.22 -13.30
N ALA E 446 76.68 -18.17 -12.37
CA ALA E 446 77.86 -18.23 -11.53
C ALA E 446 78.84 -19.27 -12.06
N GLY E 447 80.13 -18.96 -11.92
CA GLY E 447 81.19 -19.86 -12.34
C GLY E 447 82.17 -20.11 -11.22
N LEU E 448 82.86 -21.24 -11.29
CA LEU E 448 83.83 -21.58 -10.26
C LEU E 448 84.93 -22.45 -10.86
N GLU E 449 86.16 -21.91 -10.88
CA GLU E 449 87.34 -22.63 -11.35
C GLU E 449 88.32 -22.85 -10.21
N VAL E 450 88.86 -24.06 -10.13
CA VAL E 450 89.88 -24.42 -9.15
C VAL E 450 91.07 -24.98 -9.89
N TYR E 451 92.15 -24.21 -9.98
CA TYR E 451 93.36 -24.66 -10.64
C TYR E 451 94.59 -24.40 -9.76
N PRO E 452 95.41 -25.43 -9.50
CA PRO E 452 95.25 -26.81 -9.98
C PRO E 452 94.19 -27.63 -9.24
N SER E 453 93.76 -28.72 -9.87
CA SER E 453 92.85 -29.66 -9.21
C SER E 453 93.57 -30.47 -8.15
N ILE E 454 94.84 -30.80 -8.39
CA ILE E 454 95.60 -31.70 -7.54
C ILE E 454 96.63 -30.85 -6.80
N LEU E 455 96.47 -30.76 -5.48
CA LEU E 455 97.37 -29.99 -4.63
C LEU E 455 98.48 -30.88 -4.09
N ASN E 456 99.72 -30.54 -4.42
CA ASN E 456 100.86 -31.28 -3.88
C ASN E 456 100.93 -31.07 -2.37
N GLN E 457 101.55 -32.02 -1.67
CA GLN E 457 101.69 -31.88 -0.23
C GLN E 457 102.75 -30.85 0.14
N ASP E 458 103.60 -30.47 -0.82
CA ASP E 458 104.65 -29.48 -0.57
C ASP E 458 104.95 -28.78 -1.89
N ASN E 459 104.16 -27.74 -2.17
CA ASN E 459 104.33 -26.92 -3.38
C ASN E 459 104.30 -25.45 -2.94
N LYS E 460 105.46 -24.93 -2.56
CA LYS E 460 105.59 -23.58 -2.06
C LYS E 460 105.85 -22.63 -3.23
N THR E 461 104.92 -21.70 -3.47
CA THR E 461 105.05 -20.82 -4.62
C THR E 461 104.67 -19.37 -4.32
N CYS E 462 103.43 -19.15 -3.86
CA CYS E 462 103.01 -17.80 -3.50
C CYS E 462 103.86 -17.27 -2.34
N SER E 463 104.06 -15.96 -2.34
CA SER E 463 104.89 -15.34 -1.31
C SER E 463 104.23 -15.41 0.07
N LEU E 464 105.04 -15.76 1.07
CA LEU E 464 104.62 -15.86 2.46
C LEU E 464 105.87 -15.91 3.33
N PRO E 465 105.82 -15.43 4.57
CA PRO E 465 107.04 -15.56 5.39
C PRO E 465 107.38 -17.01 5.71
N LYS E 470 106.43 -19.28 2.51
CA LYS E 470 105.95 -20.03 1.35
C LYS E 470 105.37 -21.37 1.79
N VAL E 471 104.12 -21.63 1.42
CA VAL E 471 103.44 -22.87 1.74
C VAL E 471 102.63 -23.31 0.52
N SER E 472 102.23 -24.59 0.52
CA SER E 472 101.41 -25.17 -0.53
C SER E 472 100.12 -24.39 -0.78
N CYS E 473 100.08 -23.59 -1.84
CA CYS E 473 98.95 -22.70 -2.11
C CYS E 473 98.44 -22.87 -3.55
N PHE E 474 97.24 -22.35 -3.77
CA PHE E 474 96.55 -22.45 -5.06
C PHE E 474 95.66 -21.23 -5.25
N ASN E 475 95.27 -20.99 -6.51
CA ASN E 475 94.46 -19.85 -6.89
C ASN E 475 92.99 -20.24 -6.97
N VAL E 476 92.13 -19.43 -6.35
CA VAL E 476 90.68 -19.62 -6.41
C VAL E 476 90.09 -18.48 -7.23
N ARG E 477 89.62 -18.79 -8.44
CA ARG E 477 89.02 -17.80 -9.33
C ARG E 477 87.53 -18.07 -9.48
N PHE E 478 86.70 -17.10 -9.07
CA PHE E 478 85.25 -17.18 -9.16
C PHE E 478 84.74 -16.00 -9.97
N CYS E 479 83.88 -16.26 -10.95
CA CYS E 479 83.32 -15.23 -11.80
C CYS E 479 81.81 -15.10 -11.54
N LEU E 480 81.29 -13.89 -11.75
CA LEU E 480 79.90 -13.59 -11.43
C LEU E 480 79.31 -12.66 -12.48
N LYS E 481 78.14 -13.04 -12.99
CA LYS E 481 77.44 -12.25 -14.00
C LYS E 481 75.95 -12.36 -13.76
N ALA E 482 75.24 -11.24 -13.88
CA ALA E 482 73.80 -11.19 -13.63
C ALA E 482 73.14 -10.31 -14.67
N ASP E 483 71.83 -10.51 -14.84
CA ASP E 483 71.05 -9.71 -15.78
C ASP E 483 69.58 -9.84 -15.45
N GLY E 484 68.80 -8.89 -15.96
CA GLY E 484 67.35 -8.89 -15.79
C GLY E 484 66.70 -8.32 -17.03
N LYS E 485 65.38 -8.46 -17.10
CA LYS E 485 64.63 -8.04 -18.29
C LYS E 485 63.36 -7.33 -17.84
N GLY E 486 63.45 -6.01 -17.73
CA GLY E 486 62.38 -5.14 -17.27
C GLY E 486 62.95 -3.80 -16.85
N VAL E 487 62.26 -3.15 -15.91
CA VAL E 487 62.73 -1.90 -15.33
C VAL E 487 63.36 -2.26 -13.99
N LEU E 488 64.68 -2.30 -13.95
CA LEU E 488 65.46 -2.58 -12.75
C LEU E 488 66.70 -1.70 -12.81
N PRO E 489 67.30 -1.40 -11.67
CA PRO E 489 68.53 -0.61 -11.69
C PRO E 489 69.65 -1.35 -12.40
N ARG E 490 70.69 -0.60 -12.78
CA ARG E 490 71.85 -1.23 -13.40
C ARG E 490 72.72 -1.93 -12.37
N LYS E 491 72.96 -1.27 -11.24
CA LYS E 491 73.91 -1.73 -10.23
C LYS E 491 73.20 -2.65 -9.24
N LEU E 492 73.51 -3.95 -9.31
CA LEU E 492 73.02 -4.94 -8.35
C LEU E 492 74.16 -5.33 -7.42
N ASN E 493 73.99 -5.04 -6.12
CA ASN E 493 75.01 -5.32 -5.11
C ASN E 493 74.86 -6.73 -4.54
N PHE E 494 75.88 -7.56 -4.73
CA PHE E 494 75.90 -8.93 -4.23
C PHE E 494 76.80 -9.07 -3.01
N GLN E 495 76.40 -9.92 -2.07
CA GLN E 495 77.23 -10.31 -0.94
C GLN E 495 77.57 -11.79 -1.11
N VAL E 496 78.84 -12.08 -1.34
CA VAL E 496 79.30 -13.43 -1.66
C VAL E 496 80.12 -13.98 -0.50
N GLU E 497 79.83 -15.22 -0.10
CA GLU E 497 80.57 -15.93 0.93
C GLU E 497 81.20 -17.19 0.34
N LEU E 498 82.44 -17.47 0.72
CA LEU E 498 83.15 -18.66 0.31
C LEU E 498 83.61 -19.42 1.55
N LEU E 499 83.41 -20.74 1.53
CA LEU E 499 83.83 -21.62 2.62
C LEU E 499 84.68 -22.75 2.08
N LEU E 500 85.92 -22.85 2.56
CA LEU E 500 86.82 -23.91 2.16
C LEU E 500 86.64 -25.13 3.07
N ASP E 501 86.70 -26.31 2.47
CA ASP E 501 86.66 -27.57 3.21
C ASP E 501 85.41 -27.64 4.09
N LYS E 502 84.25 -27.37 3.50
CA LYS E 502 83.03 -27.35 4.29
C LYS E 502 82.69 -28.74 4.84
N LEU E 503 82.92 -29.79 4.05
CA LEU E 503 82.56 -31.17 4.39
C LEU E 503 82.87 -31.51 5.84
N LYS E 504 83.91 -30.90 6.40
CA LYS E 504 84.23 -31.03 7.82
C LYS E 504 83.26 -30.19 8.63
N GLN E 505 82.38 -30.84 9.38
CA GLN E 505 81.42 -30.14 10.22
C GLN E 505 82.14 -29.33 11.31
N LYS E 506 81.43 -28.36 11.88
CA LYS E 506 81.99 -27.52 12.93
C LYS E 506 82.42 -28.34 14.14
N GLY E 507 83.73 -28.54 14.27
CA GLY E 507 84.30 -29.30 15.36
C GLY E 507 85.37 -30.25 14.86
N ALA E 508 85.34 -30.50 13.56
CA ALA E 508 86.29 -31.41 12.93
C ALA E 508 87.67 -30.75 12.77
N ILE E 509 88.48 -31.28 11.86
CA ILE E 509 89.81 -30.76 11.58
C ILE E 509 89.79 -30.13 10.19
N ARG E 510 89.97 -28.82 10.14
CA ARG E 510 89.92 -28.07 8.89
C ARG E 510 91.30 -28.07 8.25
N ARG E 511 91.35 -27.88 6.93
CA ARG E 511 92.61 -27.98 6.20
C ARG E 511 92.89 -26.85 5.23
N ALA E 512 91.99 -25.88 5.07
CA ALA E 512 92.20 -24.78 4.14
C ALA E 512 91.81 -23.46 4.77
N LEU E 513 92.45 -22.39 4.30
CA LEU E 513 92.20 -21.02 4.74
C LEU E 513 92.99 -20.08 3.86
N PHE E 514 92.39 -18.93 3.53
CA PHE E 514 92.97 -17.99 2.57
C PHE E 514 94.33 -17.49 3.01
N LEU E 515 95.09 -16.99 2.04
CA LEU E 515 96.49 -16.64 2.29
C LEU E 515 96.62 -15.41 3.19
N TYR E 516 95.91 -14.34 2.86
CA TYR E 516 96.01 -13.10 3.64
C TYR E 516 94.89 -12.96 4.65
N SER E 517 93.69 -13.47 4.34
CA SER E 517 92.58 -13.39 5.28
C SER E 517 92.82 -14.23 6.53
N ARG E 518 93.69 -15.25 6.45
CA ARG E 518 93.98 -16.14 7.57
C ARG E 518 92.70 -16.72 8.17
N SER E 519 91.74 -17.03 7.30
CA SER E 519 90.43 -17.46 7.75
C SER E 519 89.74 -18.32 6.68
N PRO E 520 89.28 -19.53 7.05
CA PRO E 520 88.69 -20.45 6.06
C PRO E 520 87.56 -19.84 5.23
N SER E 521 87.02 -18.71 5.69
CA SER E 521 85.94 -18.04 5.00
C SER E 521 86.34 -16.61 4.67
N HIS E 522 85.85 -16.11 3.54
CA HIS E 522 86.13 -14.76 3.09
C HIS E 522 84.82 -14.12 2.63
N SER E 523 84.48 -12.99 3.22
CA SER E 523 83.29 -12.25 2.85
C SER E 523 83.68 -11.08 1.95
N LYS E 524 82.82 -10.77 0.99
CA LYS E 524 83.09 -9.69 0.06
C LYS E 524 81.79 -9.12 -0.46
N ASN E 525 81.65 -7.80 -0.35
CA ASN E 525 80.51 -7.09 -0.89
C ASN E 525 80.84 -6.75 -2.33
N MET E 526 79.94 -7.11 -3.25
CA MET E 526 80.25 -7.05 -4.67
C MET E 526 79.18 -6.27 -5.40
N THR E 527 79.54 -5.07 -5.85
CA THR E 527 78.71 -4.33 -6.79
C THR E 527 79.06 -4.77 -8.20
N ILE E 528 78.10 -5.36 -8.89
CA ILE E 528 78.26 -5.73 -10.28
C ILE E 528 77.15 -5.04 -11.08
N SER E 529 77.43 -4.78 -12.35
CA SER E 529 76.47 -4.14 -13.25
C SER E 529 75.90 -5.18 -14.18
N ARG E 530 74.58 -5.20 -14.30
CA ARG E 530 73.99 -6.17 -15.20
C ARG E 530 74.22 -5.71 -16.64
N GLY E 531 74.34 -6.67 -17.54
CA GLY E 531 74.42 -6.32 -18.95
C GLY E 531 75.79 -5.93 -19.47
N GLY E 532 76.66 -5.39 -18.62
CA GLY E 532 77.94 -4.89 -19.10
C GLY E 532 78.91 -5.98 -19.49
N LEU E 533 79.56 -6.58 -18.50
CA LEU E 533 80.52 -7.66 -18.71
C LEU E 533 80.52 -8.50 -17.45
N MET E 534 81.12 -9.68 -17.56
CA MET E 534 81.23 -10.54 -16.38
C MET E 534 82.39 -10.06 -15.54
N GLN E 535 82.12 -9.75 -14.27
CA GLN E 535 83.16 -9.33 -13.34
C GLN E 535 83.65 -10.54 -12.55
N CYS E 536 84.96 -10.77 -12.61
CA CYS E 536 85.59 -11.90 -11.97
C CYS E 536 86.67 -11.39 -11.01
N GLU E 537 87.05 -12.22 -10.04
CA GLU E 537 88.06 -11.83 -9.07
C GLU E 537 88.83 -13.04 -8.58
N GLU E 538 90.15 -12.93 -8.53
CA GLU E 538 91.02 -14.01 -8.09
C GLU E 538 91.56 -13.76 -6.68
N LEU E 539 91.86 -14.85 -5.98
CA LEU E 539 92.41 -14.80 -4.64
C LEU E 539 93.09 -16.13 -4.37
N ILE E 540 94.06 -16.14 -3.46
CA ILE E 540 94.91 -17.29 -3.19
C ILE E 540 94.55 -17.90 -1.84
N ALA E 541 94.33 -19.21 -1.83
CA ALA E 541 94.14 -20.01 -0.62
C ALA E 541 95.23 -21.07 -0.57
N TYR E 542 95.58 -21.52 0.64
CA TYR E 542 96.62 -22.53 0.80
C TYR E 542 96.16 -23.68 1.69
N LEU E 543 96.86 -24.81 1.52
CA LEU E 543 96.66 -26.01 2.32
C LEU E 543 97.57 -25.99 3.56
N ARG E 544 97.10 -26.64 4.63
CA ARG E 544 97.89 -26.84 5.83
C ARG E 544 98.98 -27.90 5.64
N ASP E 545 100.02 -27.80 6.47
CA ASP E 545 101.13 -28.74 6.48
C ASP E 545 100.68 -30.17 6.77
N GLU E 546 101.53 -31.13 6.35
CA GLU E 546 101.29 -32.55 6.55
C GLU E 546 101.20 -32.93 8.02
N SER E 547 102.09 -32.39 8.86
CA SER E 547 102.14 -32.81 10.26
C SER E 547 100.98 -32.27 11.09
N GLU E 548 100.18 -31.35 10.54
CA GLU E 548 99.08 -30.74 11.27
C GLU E 548 97.78 -31.53 11.18
N PHE E 549 97.69 -32.49 10.25
CA PHE E 549 96.49 -33.30 10.12
C PHE E 549 96.84 -34.59 9.39
N ARG E 550 96.51 -35.74 10.00
CA ARG E 550 96.74 -37.02 9.37
C ARG E 550 95.66 -37.36 8.33
N ASP E 551 94.58 -36.58 8.27
CA ASP E 551 93.44 -36.84 7.39
C ASP E 551 93.75 -36.29 6.00
N LYS E 552 94.34 -37.13 5.14
CA LYS E 552 94.64 -36.76 3.77
C LYS E 552 93.72 -37.47 2.77
N LEU E 553 92.63 -38.05 3.25
CA LEU E 553 91.71 -38.80 2.41
C LEU E 553 90.40 -38.08 2.15
N THR E 554 90.00 -37.18 3.03
CA THR E 554 88.73 -36.46 2.92
C THR E 554 88.84 -35.37 1.86
N PRO E 555 88.28 -35.58 0.65
CA PRO E 555 88.39 -34.56 -0.40
C PRO E 555 87.95 -33.18 0.07
N ILE E 556 88.72 -32.17 -0.34
CA ILE E 556 88.50 -30.80 0.12
C ILE E 556 87.57 -30.13 -0.89
N THR E 557 86.32 -29.95 -0.51
CA THR E 557 85.33 -29.31 -1.37
C THR E 557 85.37 -27.80 -1.13
N ILE E 558 85.62 -27.04 -2.19
CA ILE E 558 85.55 -25.59 -2.15
C ILE E 558 84.10 -25.18 -2.40
N PHE E 559 83.49 -24.52 -1.43
CA PHE E 559 82.09 -24.12 -1.52
C PHE E 559 82.00 -22.62 -1.75
N MET E 560 81.20 -22.24 -2.74
CA MET E 560 80.95 -20.84 -3.07
C MET E 560 79.46 -20.56 -2.96
N GLU E 561 79.10 -19.55 -2.16
CA GLU E 561 77.71 -19.16 -1.95
C GLU E 561 77.55 -17.69 -2.32
N TYR E 562 76.41 -17.35 -2.92
CA TYR E 562 76.18 -15.97 -3.32
C TYR E 562 74.73 -15.58 -3.08
N ARG E 563 74.52 -14.31 -2.73
CA ARG E 563 73.19 -13.77 -2.47
C ARG E 563 73.15 -12.32 -2.93
N LEU E 564 71.94 -11.74 -2.91
CA LEU E 564 71.72 -10.37 -3.30
C LEU E 564 71.19 -9.53 -2.13
N ASP E 565 71.59 -8.27 -2.10
CA ASP E 565 70.97 -7.25 -1.24
C ASP E 565 69.79 -6.67 -2.00
N TYR E 566 68.59 -7.21 -1.74
CA TYR E 566 67.40 -6.74 -2.45
C TYR E 566 67.11 -5.28 -2.17
N ARG E 567 67.35 -4.85 -0.93
CA ARG E 567 66.99 -3.49 -0.49
C ARG E 567 67.60 -2.43 -1.39
N THR E 568 68.85 -2.59 -1.80
CA THR E 568 69.47 -1.63 -2.72
C THR E 568 69.12 -1.90 -4.17
N ALA E 569 68.40 -2.99 -4.45
CA ALA E 569 67.92 -3.29 -5.79
C ALA E 569 66.40 -3.14 -5.90
N ALA E 570 65.76 -2.64 -4.86
CA ALA E 570 64.31 -2.44 -4.86
C ALA E 570 63.96 -1.21 -5.69
N ASP E 571 62.67 -1.04 -5.96
CA ASP E 571 62.19 0.05 -6.78
C ASP E 571 61.61 1.17 -5.90
N THR E 572 61.19 2.26 -6.55
CA THR E 572 60.57 3.37 -5.84
C THR E 572 59.30 2.93 -5.13
N THR E 573 58.65 1.89 -5.64
CA THR E 573 57.45 1.33 -5.04
C THR E 573 57.76 0.24 -4.03
N GLY E 574 59.04 -0.02 -3.74
CA GLY E 574 59.39 -1.03 -2.77
C GLY E 574 59.31 -2.45 -3.28
N LEU E 575 59.31 -2.63 -4.60
CA LEU E 575 59.19 -3.95 -5.22
C LEU E 575 60.58 -4.57 -5.35
N GLN E 576 60.84 -5.59 -4.54
CA GLN E 576 62.16 -6.23 -4.55
C GLN E 576 62.23 -7.32 -5.62
N PRO E 577 63.31 -7.36 -6.41
CA PRO E 577 63.42 -8.40 -7.44
C PRO E 577 63.53 -9.81 -6.87
N ILE E 578 63.62 -10.82 -7.74
CA ILE E 578 63.68 -12.21 -7.32
C ILE E 578 64.43 -13.02 -8.37
N LEU E 579 65.16 -14.04 -7.91
CA LEU E 579 65.95 -14.90 -8.78
C LEU E 579 65.09 -15.91 -9.53
N ASN E 580 65.54 -16.26 -10.74
CA ASN E 580 64.91 -17.32 -11.51
C ASN E 580 65.03 -18.63 -10.74
N GLN E 581 64.03 -19.51 -10.91
CA GLN E 581 63.82 -20.57 -9.92
C GLN E 581 64.70 -21.80 -10.09
N PHE E 582 65.05 -22.20 -11.31
CA PHE E 582 65.77 -23.47 -11.44
C PHE E 582 67.26 -23.35 -11.09
N THR E 583 67.84 -22.15 -11.18
CA THR E 583 69.27 -22.09 -10.88
C THR E 583 69.69 -20.91 -9.99
N PRO E 584 69.03 -20.64 -8.86
CA PRO E 584 69.49 -19.53 -8.02
C PRO E 584 70.65 -19.90 -7.12
N ALA E 585 70.81 -21.18 -6.85
CA ALA E 585 71.70 -21.70 -5.83
C ALA E 585 73.17 -21.36 -6.07
N ASN E 586 73.92 -21.46 -4.97
CA ASN E 586 75.37 -21.55 -4.86
C ASN E 586 75.94 -22.69 -5.71
N ILE E 587 77.26 -22.75 -5.87
CA ILE E 587 77.89 -23.83 -6.62
C ILE E 587 79.13 -24.33 -5.90
N SER E 588 79.49 -25.58 -6.19
CA SER E 588 80.62 -26.25 -5.55
C SER E 588 81.48 -26.99 -6.57
N ARG E 589 82.77 -27.06 -6.26
CA ARG E 589 83.77 -27.84 -6.99
C ARG E 589 84.69 -28.44 -5.94
N GLN E 590 85.74 -29.13 -6.37
CA GLN E 590 86.56 -29.83 -5.38
C GLN E 590 87.96 -30.04 -5.91
N ALA E 591 88.91 -30.06 -4.99
CA ALA E 591 90.30 -30.34 -5.30
C ALA E 591 90.80 -31.51 -4.45
N ASP F 3 14.28 -60.90 6.89
CA ASP F 3 13.56 -59.85 7.60
C ASP F 3 14.50 -58.72 8.00
N TYR F 4 14.24 -57.51 7.51
CA TYR F 4 15.14 -56.39 7.76
C TYR F 4 14.43 -55.07 7.56
N PRO F 5 14.64 -54.09 8.45
CA PRO F 5 13.98 -52.78 8.31
C PRO F 5 14.36 -52.04 7.04
N VAL F 6 13.40 -51.31 6.48
CA VAL F 6 13.57 -50.56 5.24
C VAL F 6 12.83 -49.23 5.37
N ASP F 7 13.47 -48.14 4.95
CA ASP F 7 12.87 -46.82 4.89
C ASP F 7 12.78 -46.36 3.43
N LEU F 8 11.65 -45.76 3.06
CA LEU F 8 11.43 -45.30 1.68
C LEU F 8 10.81 -43.91 1.69
N TYR F 9 11.54 -42.92 1.18
CA TYR F 9 11.05 -41.56 1.03
C TYR F 9 10.59 -41.32 -0.40
N TYR F 10 9.41 -40.71 -0.57
CA TYR F 10 8.81 -40.49 -1.88
C TYR F 10 8.94 -39.01 -2.23
N LEU F 11 9.84 -38.71 -3.16
CA LEU F 11 10.11 -37.34 -3.60
C LEU F 11 9.37 -37.08 -4.91
N MET F 12 8.29 -36.30 -4.85
CA MET F 12 7.47 -36.01 -6.02
C MET F 12 7.75 -34.61 -6.55
N ASP F 13 7.81 -34.49 -7.88
CA ASP F 13 7.97 -33.21 -8.56
C ASP F 13 6.60 -32.60 -8.82
N LEU F 14 6.34 -31.44 -8.22
CA LEU F 14 5.05 -30.78 -8.38
C LEU F 14 5.07 -29.73 -9.48
N SER F 15 6.08 -29.76 -10.36
CA SER F 15 6.23 -28.75 -11.38
C SER F 15 5.09 -28.82 -12.40
N ALA F 16 5.11 -27.88 -13.33
CA ALA F 16 3.99 -27.72 -14.26
C ALA F 16 3.92 -28.88 -15.23
N SER F 17 5.05 -29.48 -15.58
CA SER F 17 5.09 -30.54 -16.57
C SER F 17 4.59 -31.86 -16.05
N MET F 18 4.02 -31.89 -14.84
CA MET F 18 3.63 -33.14 -14.20
C MET F 18 2.12 -33.33 -14.16
N ASP F 19 1.35 -32.44 -14.80
CA ASP F 19 -0.09 -32.60 -14.79
C ASP F 19 -0.53 -33.80 -15.63
N ASP F 20 0.23 -34.13 -16.67
CA ASP F 20 -0.04 -35.28 -17.53
C ASP F 20 0.40 -36.58 -16.88
N ASP F 21 1.18 -36.50 -15.82
CA ASP F 21 1.73 -37.66 -15.15
C ASP F 21 1.26 -37.74 -13.72
N LEU F 22 0.42 -36.80 -13.28
CA LEU F 22 -0.01 -36.75 -11.89
C LEU F 22 -0.76 -38.01 -11.50
N ASN F 23 -1.75 -38.42 -12.29
CA ASN F 23 -2.57 -39.57 -11.95
C ASN F 23 -1.76 -40.87 -11.93
N THR F 24 -0.64 -40.93 -12.65
CA THR F 24 0.22 -42.10 -12.60
C THR F 24 1.05 -42.13 -11.33
N ILE F 25 1.33 -40.96 -10.76
CA ILE F 25 2.14 -40.88 -9.55
C ILE F 25 1.29 -41.26 -8.34
N LYS F 26 0.03 -40.85 -8.32
CA LYS F 26 -0.85 -41.22 -7.22
C LYS F 26 -1.15 -42.71 -7.25
N GLU F 27 -1.25 -43.30 -8.44
CA GLU F 27 -1.42 -44.73 -8.55
C GLU F 27 -0.14 -45.47 -8.20
N LEU F 28 0.98 -44.76 -8.16
CA LEU F 28 2.23 -45.33 -7.68
C LEU F 28 2.34 -45.25 -6.16
N GLY F 29 1.83 -44.19 -5.57
CA GLY F 29 1.84 -44.04 -4.13
C GLY F 29 1.03 -45.11 -3.42
N SER F 30 -0.25 -45.23 -3.77
CA SER F 30 -1.11 -46.20 -3.11
C SER F 30 -0.64 -47.63 -3.39
N ARG F 31 -0.17 -47.88 -4.62
CA ARG F 31 0.30 -49.23 -4.95
C ARG F 31 1.56 -49.56 -4.18
N LEU F 32 2.46 -48.59 -4.01
CA LEU F 32 3.65 -48.79 -3.21
C LEU F 32 3.30 -48.87 -1.73
N SER F 33 2.19 -48.24 -1.33
CA SER F 33 1.75 -48.28 0.06
C SER F 33 0.99 -49.56 0.35
N LYS F 34 1.28 -50.61 -0.41
CA LYS F 34 0.62 -51.90 -0.24
C LYS F 34 1.65 -53.02 -0.30
N GLU F 35 2.47 -53.02 -1.35
CA GLU F 35 3.41 -54.11 -1.55
C GLU F 35 4.58 -54.05 -0.58
N MET F 36 4.79 -52.92 0.09
CA MET F 36 5.92 -52.79 1.01
C MET F 36 5.74 -53.66 2.24
N SER F 37 4.50 -53.83 2.70
CA SER F 37 4.26 -54.62 3.89
C SER F 37 4.45 -56.10 3.64
N LYS F 38 4.66 -56.51 2.38
CA LYS F 38 4.81 -57.91 2.03
C LYS F 38 6.15 -58.46 2.48
N LEU F 39 7.24 -57.96 1.88
CA LEU F 39 8.56 -58.53 2.12
C LEU F 39 9.18 -58.08 3.43
N THR F 40 8.54 -57.19 4.19
CA THR F 40 9.09 -56.77 5.47
C THR F 40 7.97 -56.27 6.35
N SER F 41 8.21 -56.38 7.66
CA SER F 41 7.30 -55.84 8.67
C SER F 41 7.75 -54.50 9.20
N ASN F 42 9.05 -54.21 9.14
CA ASN F 42 9.60 -52.92 9.57
C ASN F 42 9.62 -51.96 8.38
N PHE F 43 8.46 -51.38 8.11
CA PHE F 43 8.28 -50.51 6.96
C PHE F 43 7.79 -49.15 7.42
N ARG F 44 8.58 -48.11 7.13
CA ARG F 44 8.19 -46.72 7.37
C ARG F 44 8.49 -45.92 6.12
N LEU F 45 7.53 -45.11 5.67
CA LEU F 45 7.70 -44.34 4.46
C LEU F 45 7.34 -42.89 4.68
N GLY F 46 7.98 -42.01 3.90
CA GLY F 46 7.76 -40.57 3.99
C GLY F 46 7.43 -39.94 2.65
N PHE F 47 7.40 -38.60 2.59
CA PHE F 47 7.00 -37.91 1.37
C PHE F 47 7.53 -36.48 1.37
N GLY F 48 7.90 -36.01 0.19
CA GLY F 48 8.37 -34.64 0.01
C GLY F 48 8.12 -34.17 -1.40
N SER F 49 7.92 -32.87 -1.55
CA SER F 49 7.61 -32.28 -2.85
C SER F 49 8.55 -31.11 -3.15
N PHE F 50 8.78 -30.87 -4.44
CA PHE F 50 9.66 -29.79 -4.88
C PHE F 50 9.15 -29.23 -6.21
N VAL F 51 9.58 -28.00 -6.51
CA VAL F 51 9.28 -27.37 -7.79
C VAL F 51 10.54 -26.72 -8.35
N GLU F 52 10.93 -25.59 -7.78
CA GLU F 52 12.01 -24.77 -8.32
C GLU F 52 12.31 -23.65 -7.32
N LYS F 53 13.49 -23.04 -7.46
CA LYS F 53 13.85 -21.91 -6.61
C LYS F 53 12.99 -20.70 -6.94
N PRO F 54 12.29 -20.12 -5.98
CA PRO F 54 11.35 -19.02 -6.28
C PRO F 54 12.04 -17.69 -6.59
N VAL F 55 12.95 -17.67 -7.56
CA VAL F 55 13.66 -16.45 -7.93
C VAL F 55 13.72 -16.35 -9.45
N SER F 56 13.70 -15.11 -9.94
CA SER F 56 13.94 -14.83 -11.35
C SER F 56 15.33 -15.34 -11.70
N PRO F 57 15.54 -15.84 -12.94
CA PRO F 57 14.63 -15.87 -14.08
C PRO F 57 13.74 -17.12 -14.16
N PHE F 58 13.84 -17.99 -13.15
CA PHE F 58 13.10 -19.26 -13.20
C PHE F 58 11.59 -19.06 -13.08
N VAL F 59 11.14 -18.02 -12.39
CA VAL F 59 9.73 -17.69 -12.29
C VAL F 59 9.57 -16.22 -12.63
N LYS F 60 8.47 -15.89 -13.33
CA LYS F 60 8.20 -14.49 -13.62
C LYS F 60 7.93 -13.72 -12.33
N THR F 61 8.40 -12.48 -12.30
CA THR F 61 8.35 -11.64 -11.10
C THR F 61 7.23 -10.62 -11.16
N THR F 62 6.13 -10.93 -11.87
CA THR F 62 4.94 -10.08 -11.90
C THR F 62 4.01 -10.44 -10.74
N PRO F 63 3.41 -9.45 -10.08
CA PRO F 63 2.63 -9.72 -8.86
C PRO F 63 1.57 -10.81 -9.01
N GLU F 64 1.02 -11.02 -10.20
CA GLU F 64 0.00 -12.05 -10.38
C GLU F 64 0.62 -13.44 -10.52
N GLU F 65 1.73 -13.54 -11.25
CA GLU F 65 2.34 -14.83 -11.53
C GLU F 65 3.23 -15.32 -10.41
N ILE F 66 3.29 -14.60 -9.29
CA ILE F 66 3.98 -15.09 -8.11
C ILE F 66 3.06 -15.96 -7.27
N ALA F 67 1.86 -15.45 -6.99
CA ALA F 67 0.86 -16.22 -6.25
C ALA F 67 0.15 -17.25 -7.14
N ASN F 68 0.20 -17.06 -8.45
CA ASN F 68 -0.42 -18.01 -9.39
C ASN F 68 0.49 -18.12 -10.60
N PRO F 69 1.50 -18.99 -10.55
CA PRO F 69 2.41 -19.14 -11.69
C PRO F 69 1.77 -19.79 -12.90
N CYS F 70 0.55 -20.31 -12.79
CA CYS F 70 -0.18 -20.84 -13.94
C CYS F 70 -1.06 -19.79 -14.59
N SER F 71 -0.74 -18.52 -14.40
CA SER F 71 -1.50 -17.45 -15.02
C SER F 71 -1.26 -17.46 -16.53
N SER F 72 -2.03 -16.64 -17.25
CA SER F 72 -1.92 -16.51 -18.70
C SER F 72 -2.29 -17.78 -19.46
N ILE F 73 -2.71 -18.82 -18.75
CA ILE F 73 -3.13 -20.05 -19.41
C ILE F 73 -4.63 -20.01 -19.72
N PRO F 74 -5.49 -19.74 -18.72
CA PRO F 74 -5.31 -19.53 -17.27
C PRO F 74 -5.57 -20.80 -16.44
N TYR F 75 -5.01 -20.87 -15.24
CA TYR F 75 -5.23 -22.00 -14.34
C TYR F 75 -4.78 -21.61 -12.94
N PHE F 76 -5.40 -22.23 -11.94
CA PHE F 76 -5.06 -22.01 -10.54
C PHE F 76 -4.12 -23.11 -10.07
N CYS F 77 -2.93 -22.74 -9.63
CA CYS F 77 -1.99 -23.71 -9.10
C CYS F 77 -1.20 -23.09 -7.95
N LEU F 78 -0.50 -23.95 -7.22
CA LEU F 78 0.30 -23.53 -6.07
C LEU F 78 1.46 -22.63 -6.52
N PRO F 79 1.90 -21.71 -5.65
CA PRO F 79 3.07 -20.88 -5.97
C PRO F 79 4.33 -21.73 -6.05
N THR F 80 5.37 -21.13 -6.61
CA THR F 80 6.64 -21.83 -6.79
C THR F 80 7.43 -21.88 -5.49
N PHE F 81 7.85 -23.08 -5.11
CA PHE F 81 8.65 -23.27 -3.90
C PHE F 81 9.79 -24.24 -4.19
N GLY F 82 10.89 -24.06 -3.47
CA GLY F 82 12.07 -24.89 -3.64
C GLY F 82 11.86 -26.35 -3.25
N PHE F 83 11.61 -26.59 -1.97
CA PHE F 83 11.40 -27.95 -1.48
C PHE F 83 10.66 -27.90 -0.15
N LYS F 84 9.61 -28.71 -0.03
CA LYS F 84 8.81 -28.81 1.18
C LYS F 84 8.85 -30.25 1.69
N HIS F 85 9.30 -30.42 2.92
CA HIS F 85 9.25 -31.72 3.60
C HIS F 85 7.89 -31.85 4.27
N ILE F 86 7.03 -32.71 3.70
CA ILE F 86 5.66 -32.82 4.18
C ILE F 86 5.55 -33.94 5.22
N LEU F 87 5.93 -35.15 4.85
CA LEU F 87 5.71 -36.33 5.71
C LEU F 87 7.04 -36.96 6.15
N PRO F 88 7.40 -36.86 7.43
CA PRO F 88 8.51 -37.68 7.94
C PRO F 88 8.14 -39.15 7.89
N LEU F 89 9.14 -39.99 7.58
CA LEU F 89 8.87 -41.40 7.35
C LEU F 89 8.36 -42.07 8.62
N THR F 90 7.20 -42.71 8.51
CA THR F 90 6.56 -43.35 9.64
C THR F 90 5.83 -44.60 9.15
N ASN F 91 5.38 -45.42 10.11
CA ASN F 91 4.69 -46.65 9.75
C ASN F 91 3.31 -46.38 9.18
N ASP F 92 2.65 -45.32 9.66
CA ASP F 92 1.31 -44.99 9.19
C ASP F 92 1.33 -44.79 7.68
N ALA F 93 0.84 -45.80 6.95
CA ALA F 93 0.92 -45.80 5.50
C ALA F 93 -0.34 -45.25 4.86
N GLU F 94 -1.45 -45.25 5.59
CA GLU F 94 -2.68 -44.66 5.08
C GLU F 94 -2.66 -43.14 5.18
N ARG F 95 -1.80 -42.61 6.05
CA ARG F 95 -1.56 -41.18 6.06
C ARG F 95 -0.73 -40.76 4.86
N PHE F 96 0.14 -41.64 4.39
CA PHE F 96 0.91 -41.38 3.18
C PHE F 96 -0.01 -41.23 1.98
N ASN F 97 -0.97 -42.14 1.84
CA ASN F 97 -1.88 -42.08 0.70
C ASN F 97 -2.70 -40.80 0.72
N GLU F 98 -3.18 -40.40 1.90
CA GLU F 98 -4.01 -39.21 2.02
C GLU F 98 -3.29 -37.94 1.60
N ILE F 99 -1.96 -37.96 1.56
CA ILE F 99 -1.19 -36.79 1.15
C ILE F 99 -1.04 -36.73 -0.37
N VAL F 100 -0.77 -37.88 -0.99
CA VAL F 100 -0.58 -37.92 -2.44
C VAL F 100 -1.86 -37.54 -3.17
N LYS F 101 -3.02 -37.89 -2.60
CA LYS F 101 -4.29 -37.60 -3.27
C LYS F 101 -4.53 -36.11 -3.40
N ASN F 102 -4.23 -35.35 -2.35
CA ASN F 102 -4.55 -33.94 -2.30
C ASN F 102 -3.53 -33.07 -3.03
N GLN F 103 -2.49 -33.67 -3.60
CA GLN F 103 -1.43 -32.90 -4.23
C GLN F 103 -1.92 -32.21 -5.49
N LYS F 104 -1.71 -30.90 -5.56
CA LYS F 104 -2.01 -30.09 -6.72
C LYS F 104 -0.74 -29.72 -7.46
N ILE F 105 -0.91 -29.24 -8.69
CA ILE F 105 0.22 -28.87 -9.55
C ILE F 105 0.71 -27.48 -9.19
N SER F 106 2.01 -27.26 -9.38
CA SER F 106 2.62 -25.94 -9.32
C SER F 106 3.09 -25.56 -10.71
N ALA F 107 4.01 -24.59 -10.79
CA ALA F 107 4.51 -24.16 -12.09
C ALA F 107 5.78 -23.35 -11.92
N ASN F 108 6.46 -23.16 -13.04
CA ASN F 108 7.62 -22.29 -13.20
C ASN F 108 7.77 -22.05 -14.71
N ILE F 109 8.96 -21.65 -15.15
CA ILE F 109 9.19 -21.32 -16.55
C ILE F 109 10.10 -22.33 -17.23
N ASP F 110 11.27 -22.61 -16.65
CA ASP F 110 12.33 -23.32 -17.35
C ASP F 110 12.25 -24.80 -17.05
N THR F 111 12.25 -25.61 -18.11
CA THR F 111 11.96 -27.04 -18.06
C THR F 111 12.72 -27.82 -16.98
N PRO F 112 14.03 -27.66 -16.80
CA PRO F 112 14.69 -28.36 -15.69
C PRO F 112 14.27 -27.74 -14.36
N GLU F 113 14.30 -28.56 -13.31
CA GLU F 113 13.77 -28.15 -12.01
C GLU F 113 14.84 -28.26 -10.94
N GLY F 114 14.47 -27.91 -9.72
CA GLY F 114 15.41 -27.96 -8.62
C GLY F 114 15.32 -29.27 -7.87
N GLY F 115 15.39 -30.38 -8.60
CA GLY F 115 15.27 -31.68 -7.96
C GLY F 115 16.42 -31.95 -7.00
N PHE F 116 17.61 -31.49 -7.35
CA PHE F 116 18.78 -31.79 -6.53
C PHE F 116 18.70 -31.10 -5.18
N ASP F 117 18.06 -29.93 -5.11
CA ASP F 117 17.84 -29.28 -3.81
C ASP F 117 17.05 -30.19 -2.88
N ALA F 118 16.00 -30.83 -3.41
CA ALA F 118 15.18 -31.72 -2.59
C ALA F 118 15.95 -32.98 -2.19
N ILE F 119 16.75 -33.52 -3.10
CA ILE F 119 17.53 -34.72 -2.77
C ILE F 119 18.53 -34.42 -1.68
N MET F 120 19.20 -33.27 -1.77
CA MET F 120 20.21 -32.92 -0.78
C MET F 120 19.61 -32.71 0.60
N GLN F 121 18.49 -31.99 0.67
CA GLN F 121 17.88 -31.70 1.96
C GLN F 121 17.29 -32.96 2.60
N ALA F 122 16.72 -33.85 1.79
CA ALA F 122 16.15 -35.08 2.33
C ALA F 122 17.23 -36.06 2.75
N ALA F 123 18.42 -35.97 2.16
CA ALA F 123 19.49 -36.90 2.51
C ALA F 123 20.17 -36.51 3.81
N VAL F 124 20.60 -35.24 3.93
CA VAL F 124 21.39 -34.84 5.09
C VAL F 124 20.53 -34.83 6.35
N CYS F 125 19.30 -34.33 6.25
CA CYS F 125 18.43 -34.25 7.41
C CYS F 125 18.05 -35.64 7.92
N LYS F 126 18.89 -36.21 8.79
CA LYS F 126 18.59 -37.50 9.41
C LYS F 126 17.59 -37.38 10.54
N GLU F 127 17.22 -36.16 10.93
CA GLU F 127 16.35 -35.93 12.06
C GLU F 127 14.94 -35.54 11.61
N LYS F 128 14.81 -34.47 10.83
CA LYS F 128 13.50 -34.01 10.40
C LYS F 128 12.88 -34.97 9.40
N ILE F 129 13.69 -35.80 8.76
CA ILE F 129 13.16 -36.89 7.93
C ILE F 129 13.07 -38.18 8.74
N GLY F 130 14.09 -38.45 9.54
CA GLY F 130 14.06 -39.58 10.46
C GLY F 130 14.56 -40.88 9.88
N TRP F 131 15.83 -40.92 9.48
CA TRP F 131 16.42 -42.15 8.96
C TRP F 131 16.85 -43.06 10.09
N ARG F 132 16.54 -44.35 9.95
CA ARG F 132 16.94 -45.33 10.94
C ARG F 132 18.46 -45.49 11.00
N ASN F 133 18.92 -46.12 12.08
CA ASN F 133 20.35 -46.40 12.22
C ASN F 133 20.82 -47.39 11.17
N ASP F 134 20.25 -48.59 11.18
CA ASP F 134 20.64 -49.67 10.28
C ASP F 134 19.42 -50.10 9.47
N SER F 135 19.23 -49.45 8.33
CA SER F 135 18.13 -49.78 7.44
C SER F 135 18.54 -49.40 6.02
N LEU F 136 17.69 -49.77 5.06
CA LEU F 136 17.93 -49.44 3.66
C LEU F 136 17.30 -48.10 3.36
N HIS F 137 18.14 -47.06 3.30
CA HIS F 137 17.67 -45.70 3.04
C HIS F 137 17.46 -45.53 1.54
N LEU F 138 16.22 -45.73 1.11
CA LEU F 138 15.86 -45.64 -0.30
C LEU F 138 15.12 -44.33 -0.57
N LEU F 139 15.52 -43.63 -1.64
CA LEU F 139 14.96 -42.32 -1.99
C LEU F 139 14.46 -42.36 -3.43
N VAL F 140 13.15 -42.53 -3.60
CA VAL F 140 12.54 -42.54 -4.94
C VAL F 140 12.39 -41.10 -5.44
N PHE F 141 12.99 -40.83 -6.60
CA PHE F 141 12.96 -39.51 -7.23
C PHE F 141 12.08 -39.56 -8.47
N VAL F 142 11.07 -38.71 -8.53
CA VAL F 142 10.11 -38.68 -9.62
C VAL F 142 10.07 -37.27 -10.21
N SER F 143 10.36 -37.16 -11.51
CA SER F 143 10.21 -35.92 -12.26
C SER F 143 10.24 -36.25 -13.73
N ASP F 144 9.48 -35.48 -14.53
CA ASP F 144 9.39 -35.71 -15.97
C ASP F 144 10.25 -34.76 -16.78
N ALA F 145 11.32 -34.23 -16.20
CA ALA F 145 12.22 -33.33 -16.90
C ALA F 145 13.59 -33.39 -16.25
N ASP F 146 14.51 -32.59 -16.79
CA ASP F 146 15.87 -32.51 -16.26
C ASP F 146 15.84 -31.80 -14.91
N SER F 147 17.03 -31.64 -14.30
CA SER F 147 17.16 -30.95 -13.04
C SER F 147 18.42 -30.09 -13.04
N HIS F 148 18.32 -28.94 -12.38
CA HIS F 148 19.45 -28.01 -12.28
C HIS F 148 20.47 -28.52 -11.26
N PHE F 149 21.76 -28.29 -11.56
CA PHE F 149 22.82 -28.57 -10.60
C PHE F 149 23.62 -27.30 -10.27
N GLY F 150 24.83 -27.47 -9.75
CA GLY F 150 25.66 -26.36 -9.29
C GLY F 150 25.87 -25.24 -10.28
N MET F 151 26.04 -24.02 -9.77
CA MET F 151 26.40 -22.81 -10.50
C MET F 151 25.33 -22.35 -11.47
N ASP F 152 24.22 -23.08 -11.61
CA ASP F 152 23.13 -22.64 -12.45
C ASP F 152 22.33 -21.51 -11.83
N SER F 153 22.41 -21.34 -10.51
CA SER F 153 21.72 -20.26 -9.81
C SER F 153 22.44 -18.93 -9.95
N LYS F 154 23.60 -18.92 -10.62
CA LYS F 154 24.32 -17.68 -10.86
C LYS F 154 23.47 -16.70 -11.67
N LEU F 155 22.63 -17.21 -12.57
CA LEU F 155 21.73 -16.35 -13.31
C LEU F 155 20.76 -15.65 -12.38
N ALA F 156 20.30 -16.35 -11.34
CA ALA F 156 19.36 -15.79 -10.39
C ALA F 156 20.01 -14.82 -9.42
N GLY F 157 21.34 -14.79 -9.34
CA GLY F 157 22.02 -13.97 -8.38
C GLY F 157 22.40 -14.69 -7.11
N ILE F 158 22.55 -16.01 -7.17
CA ILE F 158 22.90 -16.84 -6.03
C ILE F 158 24.28 -17.40 -6.29
N VAL F 159 25.27 -17.01 -5.48
CA VAL F 159 26.64 -17.44 -5.68
C VAL F 159 27.24 -18.10 -4.43
N CYS F 160 26.45 -18.29 -3.37
CA CYS F 160 26.91 -19.03 -2.20
C CYS F 160 26.67 -20.52 -2.41
N PRO F 161 27.72 -21.35 -2.45
CA PRO F 161 27.53 -22.78 -2.71
C PRO F 161 26.69 -23.47 -1.64
N ASN F 162 26.20 -24.66 -1.98
CA ASN F 162 25.42 -25.47 -1.05
C ASN F 162 26.36 -26.24 -0.12
N ASP F 163 26.21 -26.04 1.19
CA ASP F 163 27.03 -26.71 2.18
C ASP F 163 26.66 -28.17 2.40
N GLY F 164 25.50 -28.60 1.89
CA GLY F 164 25.05 -29.95 2.10
C GLY F 164 24.69 -30.22 3.54
N LEU F 165 23.86 -29.34 4.12
CA LEU F 165 23.43 -29.46 5.50
C LEU F 165 21.92 -29.38 5.55
N CYS F 166 21.37 -29.54 6.76
CA CYS F 166 19.93 -29.55 6.95
C CYS F 166 19.43 -28.11 7.09
N HIS F 167 18.67 -27.65 6.09
CA HIS F 167 18.12 -26.30 6.08
C HIS F 167 16.61 -26.30 5.95
N LEU F 168 15.91 -26.92 6.89
CA LEU F 168 14.45 -26.97 6.92
C LEU F 168 13.94 -26.10 8.06
N ASP F 169 13.12 -25.11 7.73
CA ASP F 169 12.60 -24.16 8.70
C ASP F 169 11.47 -24.74 9.54
N SER F 170 10.74 -23.87 10.24
CA SER F 170 9.61 -24.31 11.04
C SER F 170 8.46 -24.79 10.17
N LYS F 171 8.43 -24.37 8.91
CA LYS F 171 7.42 -24.83 7.96
C LYS F 171 7.84 -26.12 7.27
N ASN F 172 8.97 -26.70 7.70
CA ASN F 172 9.53 -27.90 7.09
C ASN F 172 9.80 -27.71 5.60
N GLU F 173 10.20 -26.51 5.22
CA GLU F 173 10.52 -26.18 3.84
C GLU F 173 12.00 -25.85 3.72
N TYR F 174 12.50 -25.88 2.49
CA TYR F 174 13.88 -25.47 2.23
C TYR F 174 13.99 -23.96 2.38
N SER F 175 14.38 -23.50 3.56
CA SER F 175 14.46 -22.07 3.83
C SER F 175 15.65 -21.43 3.12
N MET F 176 16.74 -22.17 2.96
CA MET F 176 17.95 -21.65 2.31
C MET F 176 18.00 -22.07 0.85
N SER F 177 16.87 -21.98 0.16
CA SER F 177 16.79 -22.31 -1.26
C SER F 177 17.16 -21.12 -2.14
N THR F 178 16.75 -19.92 -1.74
CA THR F 178 17.11 -18.70 -2.46
C THR F 178 18.43 -18.13 -1.99
N VAL F 179 19.09 -18.83 -1.05
CA VAL F 179 20.35 -18.37 -0.51
C VAL F 179 21.51 -19.24 -0.98
N LEU F 180 21.28 -20.52 -1.22
CA LEU F 180 22.34 -21.45 -1.58
C LEU F 180 22.18 -21.93 -3.02
N GLU F 181 23.31 -22.23 -3.65
CA GLU F 181 23.28 -22.79 -4.99
C GLU F 181 22.68 -24.20 -4.97
N TYR F 182 22.37 -24.69 -6.16
CA TYR F 182 22.04 -26.10 -6.31
C TYR F 182 23.28 -26.94 -6.02
N PRO F 183 23.12 -28.15 -5.48
CA PRO F 183 24.26 -29.03 -5.29
C PRO F 183 24.71 -29.67 -6.59
N THR F 184 26.02 -29.96 -6.65
CA THR F 184 26.58 -30.65 -7.80
C THR F 184 26.51 -32.16 -7.58
N ILE F 185 26.80 -32.92 -8.64
CA ILE F 185 26.83 -34.38 -8.50
C ILE F 185 27.91 -34.80 -7.53
N GLY F 186 29.03 -34.08 -7.53
CA GLY F 186 30.06 -34.35 -6.54
C GLY F 186 29.58 -34.16 -5.12
N GLN F 187 28.85 -33.08 -4.87
CA GLN F 187 28.31 -32.83 -3.54
C GLN F 187 27.28 -33.89 -3.16
N LEU F 188 26.41 -34.27 -4.09
CA LEU F 188 25.40 -35.28 -3.80
C LEU F 188 26.06 -36.61 -3.49
N ILE F 189 27.10 -36.98 -4.25
CA ILE F 189 27.81 -38.23 -3.99
C ILE F 189 28.45 -38.19 -2.61
N ASP F 190 28.93 -37.01 -2.19
CA ASP F 190 29.59 -36.89 -0.90
C ASP F 190 28.62 -36.94 0.27
N LYS F 191 27.32 -36.74 0.03
CA LYS F 191 26.33 -36.75 1.09
C LYS F 191 25.37 -37.93 1.01
N LEU F 192 25.32 -38.63 -0.12
CA LEU F 192 24.49 -39.82 -0.23
C LEU F 192 25.20 -41.05 0.29
N VAL F 193 26.48 -40.92 0.64
CA VAL F 193 27.25 -42.00 1.22
C VAL F 193 27.46 -41.79 2.71
N GLN F 194 27.68 -40.54 3.13
CA GLN F 194 27.75 -40.23 4.56
C GLN F 194 26.46 -40.61 5.25
N ASN F 195 25.34 -40.55 4.53
CA ASN F 195 24.05 -40.98 5.05
C ASN F 195 23.63 -42.32 4.49
N ASN F 196 24.38 -42.85 3.53
CA ASN F 196 24.11 -44.14 2.89
C ASN F 196 22.70 -44.19 2.33
N VAL F 197 22.48 -43.54 1.18
CA VAL F 197 21.17 -43.45 0.55
C VAL F 197 21.27 -43.98 -0.87
N LEU F 198 20.35 -44.89 -1.23
CA LEU F 198 20.24 -45.40 -2.58
C LEU F 198 19.19 -44.59 -3.34
N LEU F 199 19.63 -43.87 -4.37
CA LEU F 199 18.79 -42.94 -5.11
C LEU F 199 18.23 -43.64 -6.35
N ILE F 200 16.91 -43.84 -6.37
CA ILE F 200 16.22 -44.45 -7.51
C ILE F 200 15.65 -43.33 -8.38
N PHE F 201 16.08 -43.29 -9.63
CA PHE F 201 15.57 -42.33 -10.61
C PHE F 201 14.34 -42.90 -11.31
N ALA F 202 13.22 -42.20 -11.23
CA ALA F 202 11.96 -42.60 -11.85
C ALA F 202 11.48 -41.47 -12.76
N VAL F 203 11.91 -41.48 -14.02
CA VAL F 203 11.59 -40.40 -14.96
C VAL F 203 10.80 -40.94 -16.15
N THR F 204 10.59 -40.09 -17.14
CA THR F 204 9.91 -40.48 -18.37
C THR F 204 10.92 -40.99 -19.39
N GLN F 205 10.39 -41.56 -20.48
CA GLN F 205 11.22 -42.19 -21.50
C GLN F 205 12.32 -41.25 -22.01
N GLU F 206 11.94 -40.03 -22.42
CA GLU F 206 12.90 -39.11 -23.00
C GLU F 206 13.96 -38.65 -22.02
N GLN F 207 13.76 -38.88 -20.72
CA GLN F 207 14.69 -38.42 -19.71
C GLN F 207 15.53 -39.55 -19.13
N VAL F 208 15.34 -40.78 -19.61
CA VAL F 208 16.10 -41.91 -19.07
C VAL F 208 17.53 -41.90 -19.59
N HIS F 209 17.70 -41.73 -20.90
CA HIS F 209 19.05 -41.74 -21.48
C HIS F 209 19.93 -40.69 -20.84
N LEU F 210 19.33 -39.61 -20.33
CA LEU F 210 20.07 -38.60 -19.59
C LEU F 210 20.37 -39.09 -18.18
N TYR F 211 19.31 -39.39 -17.41
CA TYR F 211 19.49 -39.72 -16.00
C TYR F 211 20.23 -41.03 -15.79
N GLU F 212 20.29 -41.91 -16.79
CA GLU F 212 21.05 -43.16 -16.61
C GLU F 212 22.53 -42.88 -16.52
N ASN F 213 23.01 -41.85 -17.22
CA ASN F 213 24.41 -41.48 -17.10
C ASN F 213 24.68 -40.81 -15.76
N TYR F 214 23.64 -40.25 -15.14
CA TYR F 214 23.79 -39.76 -13.77
C TYR F 214 23.94 -40.92 -12.80
N ALA F 215 23.15 -41.98 -12.97
CA ALA F 215 23.24 -43.14 -12.10
C ALA F 215 24.57 -43.86 -12.23
N LYS F 216 25.25 -43.69 -13.37
CA LYS F 216 26.58 -44.29 -13.52
C LYS F 216 27.60 -43.58 -12.63
N LEU F 217 27.46 -42.26 -12.47
CA LEU F 217 28.36 -41.53 -11.59
C LEU F 217 28.07 -41.82 -10.13
N ILE F 218 26.82 -41.62 -9.73
CA ILE F 218 26.39 -41.82 -8.35
C ILE F 218 26.42 -43.31 -7.99
N PRO F 219 27.25 -43.72 -7.03
CA PRO F 219 27.32 -45.13 -6.66
C PRO F 219 26.03 -45.62 -6.01
N GLY F 220 25.59 -46.81 -6.43
CA GLY F 220 24.39 -47.41 -5.89
C GLY F 220 23.11 -46.91 -6.51
N ALA F 221 23.12 -45.71 -7.10
CA ALA F 221 21.93 -45.13 -7.70
C ALA F 221 21.56 -45.86 -8.99
N THR F 222 20.28 -46.23 -9.11
CA THR F 222 19.73 -46.90 -10.28
C THR F 222 18.69 -46.01 -10.95
N VAL F 223 18.16 -46.47 -12.07
CA VAL F 223 17.19 -45.71 -12.84
C VAL F 223 15.92 -46.52 -13.01
N GLY F 224 14.84 -45.84 -13.40
CA GLY F 224 13.55 -46.49 -13.58
C GLY F 224 12.66 -45.71 -14.53
N LEU F 225 11.69 -46.42 -15.11
CA LEU F 225 10.76 -45.84 -16.08
C LEU F 225 9.37 -45.67 -15.48
N LEU F 226 8.69 -44.58 -15.88
CA LEU F 226 7.34 -44.26 -15.43
C LEU F 226 6.32 -44.69 -16.48
N GLN F 227 5.34 -45.49 -16.05
CA GLN F 227 4.26 -45.92 -16.93
C GLN F 227 2.95 -45.80 -16.17
N LYS F 228 1.84 -46.00 -16.91
CA LYS F 228 0.53 -46.02 -16.26
C LYS F 228 0.46 -47.12 -15.22
N ASP F 229 0.95 -48.31 -15.57
CA ASP F 229 1.14 -49.39 -14.60
C ASP F 229 2.50 -49.17 -13.96
N SER F 230 2.51 -48.38 -12.89
CA SER F 230 3.74 -48.03 -12.20
C SER F 230 4.27 -49.14 -11.31
N GLY F 231 3.77 -50.37 -11.46
CA GLY F 231 4.37 -51.46 -10.76
C GLY F 231 5.76 -51.77 -11.25
N ASN F 232 6.20 -51.20 -12.38
CA ASN F 232 7.57 -51.48 -12.79
C ASN F 232 8.54 -50.99 -11.75
N ILE F 233 8.35 -49.76 -11.26
CA ILE F 233 9.32 -49.22 -10.32
C ILE F 233 9.30 -50.07 -9.06
N LEU F 234 8.18 -50.70 -8.77
CA LEU F 234 8.10 -51.63 -7.65
C LEU F 234 9.00 -52.84 -7.90
N GLN F 235 9.13 -53.27 -9.16
CA GLN F 235 10.01 -54.41 -9.44
C GLN F 235 11.45 -54.10 -9.10
N LEU F 236 11.86 -52.82 -9.17
CA LEU F 236 13.19 -52.43 -8.72
C LEU F 236 13.36 -52.74 -7.24
N ILE F 237 12.43 -52.25 -6.43
CA ILE F 237 12.59 -52.30 -4.99
C ILE F 237 12.59 -53.75 -4.51
N ILE F 238 11.71 -54.57 -5.09
CA ILE F 238 11.66 -55.98 -4.73
C ILE F 238 12.97 -56.67 -5.10
N SER F 239 13.49 -56.36 -6.28
CA SER F 239 14.79 -56.89 -6.70
C SER F 239 15.94 -56.08 -6.14
N ALA F 240 15.66 -55.13 -5.26
CA ALA F 240 16.69 -54.45 -4.50
C ALA F 240 16.75 -54.92 -3.07
N TYR F 241 15.78 -55.74 -2.65
CA TYR F 241 15.77 -56.34 -1.32
C TYR F 241 16.61 -57.61 -1.30
N GLU F 242 17.35 -57.86 -2.37
CA GLU F 242 18.22 -59.03 -2.45
C GLU F 242 19.30 -58.98 -1.37
N GLU F 243 19.82 -57.79 -1.09
CA GLU F 243 20.86 -57.59 -0.09
C GLU F 243 22.09 -58.45 -0.38
N LEU F 244 22.38 -59.40 0.51
CA LEU F 244 23.54 -60.29 0.39
C LEU F 244 24.85 -59.52 0.26
N GLU G 12 -71.55 -32.80 -13.75
CA GLU G 12 -71.69 -31.59 -14.56
C GLU G 12 -71.36 -30.35 -13.73
N LEU G 13 -71.33 -30.51 -12.40
CA LEU G 13 -71.03 -29.38 -11.52
C LEU G 13 -69.57 -28.96 -11.59
N VAL G 14 -68.67 -29.88 -11.98
CA VAL G 14 -67.26 -29.54 -12.07
C VAL G 14 -67.00 -28.52 -13.18
N LYS G 15 -67.70 -28.68 -14.31
CA LYS G 15 -67.45 -27.83 -15.47
C LYS G 15 -68.04 -26.43 -15.31
N ARG G 16 -69.09 -26.28 -14.50
CA ARG G 16 -69.78 -24.99 -14.40
C ARG G 16 -69.01 -23.95 -13.60
N LYS G 17 -68.11 -24.37 -12.72
CA LYS G 17 -67.33 -23.41 -11.93
C LYS G 17 -66.25 -22.71 -12.75
N ARG G 18 -65.63 -23.42 -13.70
CA ARG G 18 -64.59 -22.81 -14.53
C ARG G 18 -65.15 -21.74 -15.46
N ILE G 19 -66.38 -21.92 -15.93
CA ILE G 19 -66.96 -20.96 -16.88
C ILE G 19 -67.07 -19.59 -16.25
N GLU G 20 -67.52 -19.52 -15.00
CA GLU G 20 -67.62 -18.23 -14.31
C GLU G 20 -66.27 -17.62 -14.02
N ALA G 21 -65.20 -18.42 -14.00
CA ALA G 21 -63.86 -17.87 -13.93
C ALA G 21 -63.38 -17.38 -15.29
N ILE G 22 -63.83 -18.01 -16.38
CA ILE G 22 -63.52 -17.52 -17.71
C ILE G 22 -64.21 -16.18 -17.95
N ARG G 23 -65.44 -16.03 -17.47
CA ARG G 23 -66.17 -14.77 -17.62
C ARG G 23 -65.42 -13.61 -16.95
N GLY G 24 -64.94 -13.85 -15.71
CA GLY G 24 -64.15 -12.84 -15.02
C GLY G 24 -62.75 -12.69 -15.57
N GLN G 25 -62.26 -13.67 -16.33
CA GLN G 25 -60.94 -13.56 -16.95
C GLN G 25 -60.98 -12.71 -18.21
N ILE G 26 -61.89 -13.04 -19.14
CA ILE G 26 -61.96 -12.34 -20.42
C ILE G 26 -62.19 -10.84 -20.20
N LEU G 27 -63.15 -10.51 -19.32
CA LEU G 27 -63.40 -9.11 -19.03
C LEU G 27 -62.19 -8.44 -18.38
N SER G 28 -61.44 -9.17 -17.56
CA SER G 28 -60.23 -8.60 -16.97
C SER G 28 -59.11 -8.48 -17.99
N LYS G 29 -59.04 -9.42 -18.95
CA LYS G 29 -58.03 -9.33 -19.99
C LYS G 29 -58.26 -8.14 -20.90
N LEU G 30 -59.52 -7.81 -21.15
CA LEU G 30 -59.87 -6.60 -21.90
C LEU G 30 -59.88 -5.37 -21.02
N ARG G 31 -59.53 -5.52 -19.73
CA ARG G 31 -59.62 -4.43 -18.75
C ARG G 31 -61.01 -3.79 -18.78
N LEU G 32 -62.03 -4.65 -18.88
CA LEU G 32 -63.41 -4.21 -19.04
C LEU G 32 -64.29 -4.78 -17.94
N ALA G 33 -65.29 -3.99 -17.53
CA ALA G 33 -66.29 -4.47 -16.59
C ALA G 33 -67.51 -5.01 -17.29
N SER G 34 -67.83 -4.50 -18.47
CA SER G 34 -69.01 -4.90 -19.22
C SER G 34 -68.71 -4.85 -20.71
N PRO G 35 -69.35 -5.71 -21.51
CA PRO G 35 -69.17 -5.70 -22.97
C PRO G 35 -69.70 -4.42 -23.61
N PRO G 36 -69.23 -4.08 -24.80
CA PRO G 36 -69.73 -2.86 -25.48
C PRO G 36 -71.18 -3.03 -25.93
N SER G 37 -71.74 -1.92 -26.40
CA SER G 37 -73.17 -1.85 -26.70
C SER G 37 -73.48 -2.08 -28.19
N GLU G 40 -73.18 -3.74 -34.94
CA GLU G 40 -74.32 -3.88 -35.84
C GLU G 40 -73.75 -3.71 -37.25
N VAL G 41 -74.40 -4.32 -38.27
CA VAL G 41 -73.94 -4.51 -39.69
C VAL G 41 -72.64 -5.40 -39.79
N PRO G 42 -72.53 -6.24 -40.84
CA PRO G 42 -73.52 -6.50 -41.90
C PRO G 42 -74.41 -7.74 -41.72
N PRO G 43 -75.63 -7.69 -42.27
CA PRO G 43 -76.49 -8.88 -42.20
C PRO G 43 -75.92 -10.07 -42.95
N GLY G 44 -74.97 -9.81 -43.86
CA GLY G 44 -74.21 -10.85 -44.49
C GLY G 44 -72.82 -10.98 -43.87
N PRO G 45 -71.87 -11.53 -44.61
CA PRO G 45 -70.52 -11.75 -44.05
C PRO G 45 -69.78 -10.44 -43.85
N LEU G 46 -69.16 -10.30 -42.67
CA LEU G 46 -68.44 -9.09 -42.31
C LEU G 46 -67.23 -8.90 -43.23
N PRO G 47 -66.64 -7.69 -43.24
CA PRO G 47 -65.60 -7.39 -44.24
C PRO G 47 -64.42 -8.35 -44.18
N GLU G 48 -63.95 -8.76 -45.36
CA GLU G 48 -62.84 -9.68 -45.48
C GLU G 48 -61.49 -9.02 -45.25
N ALA G 49 -61.47 -7.72 -44.92
CA ALA G 49 -60.22 -7.08 -44.54
C ALA G 49 -59.78 -7.55 -43.16
N VAL G 50 -60.74 -7.73 -42.24
CA VAL G 50 -60.42 -8.29 -40.93
C VAL G 50 -60.46 -9.81 -40.95
N LEU G 51 -61.14 -10.42 -41.93
CA LEU G 51 -61.06 -11.86 -42.10
C LEU G 51 -59.71 -12.28 -42.64
N ALA G 52 -59.03 -11.40 -43.38
CA ALA G 52 -57.65 -11.68 -43.79
C ALA G 52 -56.72 -11.63 -42.59
N LEU G 53 -56.98 -10.73 -41.64
CA LEU G 53 -56.25 -10.73 -40.38
C LEU G 53 -56.56 -11.98 -39.56
N TYR G 54 -57.83 -12.37 -39.51
CA TYR G 54 -58.22 -13.51 -38.69
C TYR G 54 -57.70 -14.81 -39.28
N ASN G 55 -57.67 -14.92 -40.62
CA ASN G 55 -57.09 -16.09 -41.26
C ASN G 55 -55.56 -16.10 -41.16
N SER G 56 -54.93 -14.95 -40.94
CA SER G 56 -53.49 -14.89 -40.77
C SER G 56 -53.06 -15.10 -39.33
N THR G 57 -53.97 -14.96 -38.37
CA THR G 57 -53.60 -15.17 -36.98
C THR G 57 -53.73 -16.64 -36.56
N ARG G 58 -54.69 -17.38 -37.15
CA ARG G 58 -54.87 -18.79 -36.84
C ARG G 58 -53.88 -19.70 -37.57
N ASP G 59 -53.15 -19.17 -38.55
CA ASP G 59 -52.27 -19.95 -39.43
C ASP G 59 -50.89 -20.03 -38.79
N ARG G 60 -50.67 -21.05 -37.97
CA ARG G 60 -49.38 -21.24 -37.31
C ARG G 60 -48.69 -22.50 -37.86
N VAL G 61 -47.80 -22.29 -38.84
CA VAL G 61 -46.89 -23.34 -39.29
C VAL G 61 -45.49 -23.00 -38.81
N ALA G 62 -44.86 -22.02 -39.47
CA ALA G 62 -43.54 -21.50 -39.12
C ALA G 62 -42.45 -22.57 -39.26
N ALA G 74 -46.75 -12.15 -15.82
CA ALA G 74 -46.34 -11.22 -16.87
C ALA G 74 -47.55 -10.54 -17.51
N ASP G 75 -47.55 -10.46 -18.84
CA ASP G 75 -48.59 -9.73 -19.58
C ASP G 75 -49.76 -10.67 -19.87
N TYR G 76 -50.79 -10.59 -19.04
CA TYR G 76 -52.00 -11.39 -19.23
C TYR G 76 -53.08 -10.65 -20.01
N TYR G 77 -52.93 -9.35 -20.24
CA TYR G 77 -53.96 -8.59 -20.92
C TYR G 77 -53.95 -8.88 -22.42
N ALA G 78 -54.89 -8.28 -23.14
CA ALA G 78 -55.10 -8.54 -24.55
C ALA G 78 -54.26 -7.62 -25.42
N LYS G 79 -54.03 -8.06 -26.66
CA LYS G 79 -53.23 -7.33 -27.63
C LYS G 79 -54.04 -7.14 -28.90
N GLU G 80 -54.13 -5.90 -29.38
CA GLU G 80 -54.87 -5.59 -30.59
C GLU G 80 -54.00 -5.88 -31.81
N VAL G 81 -54.45 -6.78 -32.67
CA VAL G 81 -53.64 -7.28 -33.78
C VAL G 81 -54.01 -6.50 -35.04
N THR G 82 -52.99 -5.92 -35.69
CA THR G 82 -53.14 -5.22 -36.95
C THR G 82 -51.97 -5.59 -37.85
N ARG G 83 -52.18 -5.47 -39.17
CA ARG G 83 -51.15 -5.84 -40.13
C ARG G 83 -50.97 -4.73 -41.17
N VAL G 84 -49.83 -4.78 -41.86
CA VAL G 84 -49.49 -3.82 -42.91
C VAL G 84 -48.78 -4.55 -44.04
N LEU G 85 -49.27 -4.36 -45.27
CA LEU G 85 -48.66 -5.01 -46.42
C LEU G 85 -47.39 -4.27 -46.85
N MET G 86 -46.66 -4.86 -47.79
CA MET G 86 -45.40 -4.29 -48.26
C MET G 86 -45.63 -3.45 -49.52
N VAL G 87 -44.55 -2.87 -50.03
CA VAL G 87 -44.60 -2.00 -51.21
C VAL G 87 -44.37 -2.85 -52.45
N GLU G 88 -45.04 -2.48 -53.54
CA GLU G 88 -44.90 -3.19 -54.80
C GLU G 88 -43.49 -2.98 -55.36
N THR G 89 -43.23 -3.59 -56.52
CA THR G 89 -41.97 -3.37 -57.21
C THR G 89 -41.87 -1.97 -57.81
N HIS G 90 -42.92 -1.16 -57.67
CA HIS G 90 -42.90 0.24 -58.08
C HIS G 90 -42.45 1.08 -56.90
N ASN G 91 -42.77 2.37 -56.90
CA ASN G 91 -42.52 3.27 -55.76
C ASN G 91 -41.06 3.24 -55.30
N GLU G 92 -40.13 3.31 -56.26
CA GLU G 92 -38.70 3.50 -56.03
C GLU G 92 -38.01 2.30 -55.38
N ILE G 93 -38.62 1.12 -55.39
CA ILE G 93 -37.98 -0.08 -54.86
C ILE G 93 -37.00 -0.69 -55.85
N TYR G 94 -36.88 -0.12 -57.03
CA TYR G 94 -36.18 -0.73 -58.15
C TYR G 94 -34.88 -0.04 -58.52
N ASP G 95 -34.74 1.26 -58.26
CA ASP G 95 -33.53 1.97 -58.63
C ASP G 95 -32.34 1.61 -57.75
N LYS G 96 -32.54 0.77 -56.74
CA LYS G 96 -31.46 0.38 -55.84
C LYS G 96 -31.09 -1.09 -55.95
N PHE G 97 -32.03 -1.97 -56.22
CA PHE G 97 -31.77 -3.41 -56.16
C PHE G 97 -32.13 -4.09 -57.47
N LYS G 98 -33.20 -4.88 -57.45
CA LYS G 98 -33.88 -5.42 -58.62
C LYS G 98 -33.24 -6.69 -59.19
N GLN G 99 -31.91 -6.76 -59.30
CA GLN G 99 -31.28 -7.78 -60.13
C GLN G 99 -30.53 -8.88 -59.38
N SER G 100 -30.24 -8.71 -58.08
CA SER G 100 -29.55 -9.79 -57.38
C SER G 100 -30.46 -11.01 -57.34
N THR G 101 -30.29 -11.91 -58.32
CA THR G 101 -31.21 -13.01 -58.51
C THR G 101 -31.24 -13.98 -57.33
N HIS G 102 -30.28 -13.89 -56.41
CA HIS G 102 -30.21 -14.77 -55.25
C HIS G 102 -30.71 -14.10 -53.97
N SER G 103 -31.60 -13.12 -54.09
CA SER G 103 -32.07 -12.40 -52.90
C SER G 103 -33.43 -11.77 -53.21
N ILE G 104 -34.10 -11.37 -52.12
CA ILE G 104 -35.39 -10.69 -52.20
C ILE G 104 -35.36 -9.52 -51.22
N TYR G 105 -35.78 -8.34 -51.66
CA TYR G 105 -35.80 -7.15 -50.83
C TYR G 105 -37.23 -6.70 -50.58
N MET G 106 -37.51 -6.30 -49.34
CA MET G 106 -38.84 -5.91 -48.92
C MET G 106 -38.77 -4.56 -48.22
N PHE G 107 -39.73 -3.68 -48.51
CA PHE G 107 -39.71 -2.33 -47.98
C PHE G 107 -41.08 -1.93 -47.45
N PHE G 108 -41.07 -1.05 -46.45
CA PHE G 108 -42.28 -0.58 -45.79
C PHE G 108 -42.20 0.93 -45.58
N GLN G 109 -43.35 1.54 -45.29
CA GLN G 109 -43.45 2.98 -45.02
C GLN G 109 -43.70 3.21 -43.54
N THR G 110 -42.90 4.09 -42.94
CA THR G 110 -43.06 4.40 -41.53
C THR G 110 -44.28 5.27 -41.25
N SER G 111 -44.76 5.99 -42.26
CA SER G 111 -45.93 6.83 -42.07
C SER G 111 -47.18 6.03 -41.74
N GLU G 112 -47.20 4.73 -42.06
CA GLU G 112 -48.31 3.86 -41.72
C GLU G 112 -48.01 2.97 -40.51
N LEU G 113 -46.74 2.79 -40.17
CA LEU G 113 -46.39 1.97 -39.02
C LEU G 113 -46.73 2.69 -37.72
N ARG G 114 -46.29 3.95 -37.60
CA ARG G 114 -46.56 4.74 -36.41
C ARG G 114 -48.00 5.23 -36.33
N GLU G 115 -48.90 4.67 -37.13
CA GLU G 115 -50.33 4.95 -37.03
C GLU G 115 -51.10 3.79 -36.42
N ALA G 116 -50.66 2.55 -36.67
CA ALA G 116 -51.26 1.40 -36.00
C ALA G 116 -50.78 1.28 -34.57
N VAL G 117 -49.50 1.58 -34.33
CA VAL G 117 -48.94 1.56 -32.98
C VAL G 117 -48.30 2.92 -32.70
N PRO G 118 -49.03 3.84 -32.04
CA PRO G 118 -48.46 5.18 -31.84
C PRO G 118 -47.20 5.19 -30.98
N GLU G 119 -47.27 4.59 -29.79
CA GLU G 119 -46.12 4.61 -28.90
C GLU G 119 -45.32 3.32 -29.02
N PRO G 120 -43.99 3.39 -29.14
CA PRO G 120 -43.19 2.16 -29.25
C PRO G 120 -43.32 1.25 -28.04
N VAL G 121 -43.78 1.77 -26.90
CA VAL G 121 -43.92 0.93 -25.71
C VAL G 121 -45.14 0.03 -25.84
N LEU G 122 -46.17 0.48 -26.57
CA LEU G 122 -47.36 -0.32 -26.77
C LEU G 122 -47.09 -1.60 -27.55
N LEU G 123 -46.02 -1.63 -28.34
CA LEU G 123 -45.72 -2.80 -29.16
C LEU G 123 -45.25 -3.96 -28.27
N SER G 124 -45.88 -5.12 -28.44
CA SER G 124 -45.53 -6.32 -27.69
C SER G 124 -44.87 -7.37 -28.56
N ARG G 125 -45.52 -7.78 -29.65
CA ARG G 125 -44.98 -8.82 -30.54
C ARG G 125 -45.15 -8.38 -31.98
N ALA G 126 -44.06 -8.45 -32.75
CA ALA G 126 -44.07 -8.03 -34.16
C ALA G 126 -43.32 -9.09 -34.96
N GLU G 127 -44.06 -10.01 -35.59
CA GLU G 127 -43.48 -11.11 -36.35
C GLU G 127 -43.74 -10.88 -37.84
N LEU G 128 -42.68 -11.02 -38.64
CA LEU G 128 -42.75 -10.83 -40.08
C LEU G 128 -43.08 -12.15 -40.77
N ARG G 129 -44.21 -12.21 -41.47
CA ARG G 129 -44.69 -13.44 -42.09
C ARG G 129 -44.65 -13.34 -43.62
N LEU G 130 -44.24 -14.42 -44.28
CA LEU G 130 -44.14 -14.41 -45.74
C LEU G 130 -45.02 -15.50 -46.36
N LEU G 131 -44.72 -15.89 -47.59
CA LEU G 131 -45.49 -16.96 -48.24
C LEU G 131 -44.57 -17.75 -49.16
N ARG G 132 -44.43 -19.04 -48.89
CA ARG G 132 -43.57 -19.93 -49.66
C ARG G 132 -44.34 -20.56 -50.81
N LEU G 133 -43.64 -20.76 -51.93
CA LEU G 133 -44.20 -21.43 -53.10
C LEU G 133 -43.49 -22.73 -53.43
N LYS G 134 -42.17 -22.71 -53.59
CA LYS G 134 -41.43 -23.89 -54.00
C LYS G 134 -41.57 -24.99 -52.98
N LEU G 135 -41.79 -26.22 -53.47
CA LEU G 135 -42.04 -27.35 -52.59
C LEU G 135 -40.98 -28.43 -52.67
N LYS G 136 -40.08 -28.38 -53.65
CA LYS G 136 -39.07 -29.41 -53.85
C LYS G 136 -37.72 -28.97 -53.30
N VAL G 137 -36.90 -29.96 -52.94
CA VAL G 137 -35.57 -29.77 -52.35
C VAL G 137 -35.67 -28.85 -51.13
N GLU G 138 -34.54 -28.30 -50.69
CA GLU G 138 -34.47 -27.48 -49.49
C GLU G 138 -33.46 -26.36 -49.72
N GLN G 139 -33.58 -25.29 -48.94
CA GLN G 139 -32.67 -24.16 -49.04
C GLN G 139 -32.41 -23.58 -47.66
N HIS G 140 -31.32 -22.82 -47.57
CA HIS G 140 -30.85 -22.21 -46.32
C HIS G 140 -30.94 -20.70 -46.46
N VAL G 141 -31.54 -20.04 -45.47
CA VAL G 141 -31.95 -18.65 -45.59
C VAL G 141 -31.31 -17.83 -44.46
N GLU G 142 -30.78 -16.67 -44.81
CA GLU G 142 -30.30 -15.69 -43.86
C GLU G 142 -31.09 -14.40 -44.00
N LEU G 143 -31.35 -13.74 -42.88
CA LEU G 143 -32.15 -12.53 -42.83
C LEU G 143 -31.30 -11.35 -42.39
N TYR G 144 -31.55 -10.18 -42.98
CA TYR G 144 -30.76 -8.99 -42.69
C TYR G 144 -31.68 -7.81 -42.42
N GLN G 145 -31.09 -6.72 -41.96
CA GLN G 145 -31.80 -5.49 -41.65
C GLN G 145 -31.19 -4.32 -42.41
N LYS G 146 -32.00 -3.31 -42.71
CA LYS G 146 -31.56 -2.17 -43.50
C LYS G 146 -30.83 -1.16 -42.61
N TYR G 147 -29.57 -0.88 -42.96
CA TYR G 147 -28.76 0.11 -42.25
C TYR G 147 -28.10 1.04 -43.26
N SER G 148 -28.17 2.33 -43.01
CA SER G 148 -27.56 3.37 -43.85
C SER G 148 -28.09 3.34 -45.27
N GLN G 149 -29.24 2.70 -45.50
CA GLN G 149 -29.89 2.55 -46.79
C GLN G 149 -28.99 1.87 -47.83
N ASN G 150 -27.89 1.24 -47.41
CA ASN G 150 -26.98 0.56 -48.31
C ASN G 150 -26.40 -0.68 -47.64
N SER G 151 -26.09 -0.58 -46.35
CA SER G 151 -25.50 -1.67 -45.62
C SER G 151 -26.57 -2.55 -44.98
N TRP G 152 -26.26 -3.84 -44.85
CA TRP G 152 -27.19 -4.80 -44.27
C TRP G 152 -26.50 -5.53 -43.13
N ARG G 153 -27.22 -5.70 -42.03
CA ARG G 153 -26.68 -6.35 -40.85
C ARG G 153 -27.50 -7.59 -40.52
N TYR G 154 -26.80 -8.63 -40.08
CA TYR G 154 -27.39 -9.94 -39.84
C TYR G 154 -28.46 -9.86 -38.76
N LEU G 155 -29.44 -10.76 -38.86
CA LEU G 155 -30.50 -10.85 -37.88
C LEU G 155 -30.65 -12.27 -37.36
N SER G 156 -31.44 -13.09 -38.04
CA SER G 156 -31.71 -14.46 -37.60
C SER G 156 -31.49 -15.43 -38.77
N ASN G 157 -31.71 -16.71 -38.50
CA ASN G 157 -31.48 -17.78 -39.48
C ASN G 157 -32.51 -18.88 -39.29
N ARG G 158 -32.82 -19.57 -40.40
CA ARG G 158 -33.81 -20.65 -40.36
C ARG G 158 -33.64 -21.55 -41.57
N LEU G 159 -33.57 -22.86 -41.34
CA LEU G 159 -33.52 -23.82 -42.41
C LEU G 159 -34.94 -24.21 -42.84
N LEU G 160 -35.09 -24.59 -44.10
CA LEU G 160 -36.39 -24.85 -44.69
C LEU G 160 -36.50 -26.30 -45.15
N ALA G 161 -37.72 -26.87 -45.04
CA ALA G 161 -38.02 -28.26 -45.32
C ALA G 161 -38.93 -28.41 -46.54
N PRO G 162 -38.71 -29.44 -47.38
CA PRO G 162 -39.53 -29.61 -48.59
C PRO G 162 -40.96 -30.04 -48.30
N SER G 163 -41.85 -29.08 -48.07
CA SER G 163 -43.26 -29.38 -47.84
C SER G 163 -44.01 -29.34 -49.17
N ASP G 164 -44.81 -30.37 -49.42
CA ASP G 164 -45.51 -30.50 -50.70
C ASP G 164 -46.55 -29.41 -50.92
N SER G 165 -46.99 -28.75 -49.87
CA SER G 165 -48.02 -27.72 -49.95
C SER G 165 -47.41 -26.35 -49.67
N PRO G 166 -48.07 -25.27 -50.11
CA PRO G 166 -47.58 -23.93 -49.77
C PRO G 166 -47.59 -23.72 -48.26
N GLU G 167 -46.46 -23.33 -47.71
CA GLU G 167 -46.32 -23.18 -46.28
C GLU G 167 -46.10 -21.72 -45.91
N TRP G 168 -46.54 -21.36 -44.71
CA TRP G 168 -46.49 -19.99 -44.21
C TRP G 168 -45.53 -19.97 -43.03
N LEU G 169 -44.48 -19.16 -43.14
CA LEU G 169 -43.46 -19.01 -42.10
C LEU G 169 -43.58 -17.64 -41.44
N SER G 170 -42.72 -17.41 -40.46
CA SER G 170 -42.75 -16.16 -39.71
C SER G 170 -41.42 -15.94 -39.02
N PHE G 171 -40.97 -14.69 -39.00
CA PHE G 171 -39.71 -14.31 -38.35
C PHE G 171 -39.98 -13.20 -37.35
N ASP G 172 -39.65 -13.46 -36.09
CA ASP G 172 -39.91 -12.52 -35.00
C ASP G 172 -38.93 -11.36 -35.10
N VAL G 173 -39.40 -10.22 -35.60
CA VAL G 173 -38.57 -9.02 -35.71
C VAL G 173 -39.09 -7.93 -34.78
N THR G 174 -39.56 -8.34 -33.60
CA THR G 174 -40.13 -7.38 -32.66
C THR G 174 -39.09 -6.35 -32.23
N GLY G 175 -37.88 -6.82 -31.89
CA GLY G 175 -36.84 -5.89 -31.48
C GLY G 175 -36.47 -4.90 -32.56
N VAL G 176 -36.68 -5.26 -33.83
CA VAL G 176 -36.40 -4.35 -34.93
C VAL G 176 -37.50 -3.33 -35.08
N VAL G 177 -38.76 -3.78 -35.05
CA VAL G 177 -39.89 -2.88 -35.23
C VAL G 177 -39.97 -1.86 -34.10
N ARG G 178 -39.61 -2.28 -32.88
CA ARG G 178 -39.70 -1.37 -31.74
C ARG G 178 -38.78 -0.17 -31.90
N GLN G 179 -37.58 -0.38 -32.42
CA GLN G 179 -36.65 0.73 -32.60
C GLN G 179 -37.06 1.62 -33.76
N TRP G 180 -37.77 1.08 -34.74
CA TRP G 180 -38.16 1.86 -35.91
C TRP G 180 -39.31 2.82 -35.64
N LEU G 181 -40.14 2.52 -34.64
CA LEU G 181 -41.22 3.44 -34.27
C LEU G 181 -40.71 4.62 -33.46
N SER G 182 -39.52 4.51 -32.86
CA SER G 182 -38.92 5.64 -32.17
C SER G 182 -38.19 6.58 -33.11
N ARG G 183 -37.84 6.12 -34.31
CA ARG G 183 -37.13 6.95 -35.28
C ARG G 183 -38.11 7.62 -36.23
N GLY G 184 -37.74 8.82 -36.68
CA GLY G 184 -38.50 9.56 -37.67
C GLY G 184 -38.18 9.19 -39.10
N GLY G 185 -37.39 8.15 -39.30
CA GLY G 185 -37.06 7.68 -40.64
C GLY G 185 -38.27 7.12 -41.34
N GLU G 186 -38.79 7.86 -42.32
CA GLU G 186 -40.01 7.46 -43.01
C GLU G 186 -39.79 6.39 -44.08
N ILE G 187 -38.59 5.81 -44.16
CA ILE G 187 -38.32 4.73 -45.11
C ILE G 187 -37.38 3.73 -44.44
N GLU G 188 -37.82 2.47 -44.37
CA GLU G 188 -37.04 1.36 -43.79
C GLU G 188 -37.29 0.12 -44.65
N GLY G 189 -36.76 -1.02 -44.21
CA GLY G 189 -36.97 -2.25 -44.95
C GLY G 189 -36.12 -3.40 -44.43
N PHE G 190 -36.28 -4.55 -45.08
CA PHE G 190 -35.56 -5.77 -44.75
C PHE G 190 -34.92 -6.36 -46.01
N ARG G 191 -34.12 -7.41 -45.81
CA ARG G 191 -33.47 -8.09 -46.92
C ARG G 191 -33.41 -9.59 -46.59
N LEU G 192 -33.70 -10.42 -47.59
CA LEU G 192 -33.69 -11.87 -47.42
C LEU G 192 -32.83 -12.47 -48.53
N SER G 193 -31.58 -12.78 -48.21
CA SER G 193 -30.69 -13.47 -49.13
C SER G 193 -30.57 -14.94 -48.69
N ALA G 194 -29.56 -15.63 -49.18
CA ALA G 194 -29.36 -17.04 -48.86
C ALA G 194 -28.02 -17.22 -48.13
N HIS G 195 -27.60 -18.48 -48.02
CA HIS G 195 -26.37 -18.79 -47.31
C HIS G 195 -25.15 -18.30 -48.09
N CYS G 196 -24.13 -17.85 -47.34
CA CYS G 196 -22.84 -17.43 -47.88
C CYS G 196 -21.77 -18.35 -47.30
N SER G 197 -21.13 -19.15 -48.15
CA SER G 197 -20.12 -20.10 -47.73
C SER G 197 -18.73 -19.48 -47.91
N CYS G 198 -18.07 -19.16 -46.79
CA CYS G 198 -16.71 -18.65 -46.84
C CYS G 198 -15.85 -19.33 -45.78
N ASP G 208 -19.90 -17.82 -54.02
CA ASP G 208 -20.89 -18.88 -54.12
C ASP G 208 -22.24 -18.38 -53.61
N ILE G 209 -23.17 -18.16 -54.55
CA ILE G 209 -24.51 -17.68 -54.25
C ILE G 209 -25.51 -18.81 -54.51
N ASN G 210 -26.49 -18.93 -53.63
CA ASN G 210 -27.50 -19.99 -53.76
C ASN G 210 -28.85 -19.40 -53.35
N GLY G 211 -29.81 -20.27 -53.06
CA GLY G 211 -31.10 -19.88 -52.54
C GLY G 211 -32.15 -19.64 -53.61
N PHE G 212 -32.03 -18.51 -54.31
CA PHE G 212 -32.98 -18.13 -55.34
C PHE G 212 -32.33 -18.45 -56.69
N THR G 213 -32.68 -19.60 -57.27
CA THR G 213 -32.07 -20.02 -58.51
C THR G 213 -32.75 -19.43 -59.74
N THR G 214 -33.86 -18.73 -59.56
CA THR G 214 -34.56 -18.08 -60.66
C THR G 214 -34.32 -16.57 -60.60
N GLY G 215 -34.29 -15.96 -61.79
CA GLY G 215 -34.11 -14.52 -61.94
C GLY G 215 -35.39 -13.70 -61.99
N ARG G 216 -36.57 -14.33 -61.97
CA ARG G 216 -37.81 -13.56 -61.94
C ARG G 216 -38.09 -13.01 -60.56
N ARG G 217 -37.48 -13.57 -59.52
CA ARG G 217 -37.65 -13.21 -58.12
C ARG G 217 -39.05 -13.56 -57.61
N GLY G 218 -39.95 -13.93 -58.52
CA GLY G 218 -41.31 -14.29 -58.19
C GLY G 218 -41.61 -15.77 -58.26
N ASP G 219 -40.60 -16.61 -58.49
CA ASP G 219 -40.81 -18.05 -58.52
C ASP G 219 -40.76 -18.65 -57.12
N LEU G 220 -39.86 -18.15 -56.27
CA LEU G 220 -39.69 -18.70 -54.93
C LEU G 220 -40.63 -18.07 -53.91
N ALA G 221 -41.09 -16.84 -54.15
CA ALA G 221 -41.95 -16.16 -53.21
C ALA G 221 -42.93 -15.29 -53.98
N THR G 222 -43.96 -14.81 -53.28
CA THR G 222 -45.03 -14.03 -53.89
C THR G 222 -44.59 -12.58 -54.05
N ILE G 223 -44.42 -12.14 -55.30
CA ILE G 223 -44.08 -10.77 -55.66
C ILE G 223 -45.27 -10.15 -56.38
N HIS G 224 -45.47 -8.85 -56.19
CA HIS G 224 -46.44 -8.03 -56.92
C HIS G 224 -47.85 -8.62 -56.98
N GLY G 225 -48.13 -9.67 -56.21
CA GLY G 225 -49.45 -10.27 -56.16
C GLY G 225 -50.09 -10.07 -54.79
N MET G 226 -51.32 -10.56 -54.69
CA MET G 226 -52.00 -10.56 -53.40
C MET G 226 -51.39 -11.64 -52.51
N ASN G 227 -51.80 -11.65 -51.24
CA ASN G 227 -51.23 -12.50 -50.20
C ASN G 227 -49.72 -12.28 -50.05
N ARG G 228 -49.27 -11.09 -50.42
CA ARG G 228 -47.85 -10.76 -50.40
C ARG G 228 -47.37 -10.58 -48.96
N PRO G 229 -46.06 -10.63 -48.75
CA PRO G 229 -45.53 -10.55 -47.38
C PRO G 229 -46.02 -9.32 -46.62
N PHE G 230 -46.46 -9.55 -45.39
CA PHE G 230 -46.98 -8.50 -44.52
C PHE G 230 -46.40 -8.67 -43.13
N LEU G 231 -46.35 -7.57 -42.38
CA LEU G 231 -45.79 -7.54 -41.03
C LEU G 231 -46.92 -7.57 -40.01
N LEU G 232 -47.11 -8.72 -39.36
CA LEU G 232 -48.16 -8.87 -38.36
C LEU G 232 -47.74 -8.23 -37.04
N LEU G 233 -48.58 -7.35 -36.51
CA LEU G 233 -48.28 -6.60 -35.30
C LEU G 233 -49.29 -6.96 -34.21
N MET G 234 -48.81 -7.01 -32.96
CA MET G 234 -49.66 -7.28 -31.79
C MET G 234 -49.25 -6.30 -30.70
N ALA G 235 -50.04 -5.25 -30.49
CA ALA G 235 -49.70 -4.19 -29.55
C ALA G 235 -50.85 -3.98 -28.58
N THR G 236 -50.60 -3.17 -27.55
CA THR G 236 -51.60 -2.87 -26.53
C THR G 236 -52.21 -1.50 -26.75
N PRO G 237 -53.54 -1.39 -26.79
CA PRO G 237 -54.17 -0.09 -27.04
C PRO G 237 -53.81 0.93 -25.96
N LEU G 238 -53.96 2.21 -26.33
CA LEU G 238 -53.74 3.29 -25.36
C LEU G 238 -54.79 3.26 -24.27
N GLU G 239 -55.97 2.70 -24.56
CA GLU G 239 -57.04 2.59 -23.57
C GLU G 239 -56.62 1.71 -22.39
N ARG G 240 -55.72 0.76 -22.63
CA ARG G 240 -55.26 -0.12 -21.57
C ARG G 240 -54.15 0.54 -20.76
N ALA G 241 -53.06 0.93 -21.42
CA ALA G 241 -51.89 1.47 -20.72
C ALA G 241 -52.25 2.69 -19.89
N GLN G 242 -53.00 3.62 -20.48
CA GLN G 242 -53.43 4.80 -19.76
C GLN G 242 -54.52 4.47 -18.74
N ALA G 252 -44.49 -11.64 -13.22
CA ALA G 252 -44.01 -12.76 -12.43
C ALA G 252 -42.52 -12.59 -12.10
N LEU G 253 -42.24 -11.89 -11.00
CA LEU G 253 -40.87 -11.64 -10.58
C LEU G 253 -40.33 -12.84 -9.81
N ASP G 254 -39.00 -12.97 -9.83
CA ASP G 254 -38.33 -14.14 -9.24
C ASP G 254 -37.69 -13.85 -7.90
N THR G 255 -36.48 -14.39 -7.69
CA THR G 255 -35.78 -14.24 -6.43
C THR G 255 -35.32 -12.80 -6.20
N ASN G 256 -35.16 -12.01 -7.25
CA ASN G 256 -34.69 -10.64 -7.12
C ASN G 256 -35.73 -9.74 -6.49
N TYR G 257 -36.95 -10.22 -6.29
CA TYR G 257 -38.02 -9.44 -5.69
C TYR G 257 -38.58 -10.24 -4.52
N CYS G 258 -38.51 -11.56 -4.64
CA CYS G 258 -39.10 -12.43 -3.63
C CYS G 258 -38.23 -12.59 -2.40
N PHE G 259 -36.95 -12.24 -2.50
CA PHE G 259 -36.04 -12.34 -1.37
C PHE G 259 -35.78 -10.99 -0.72
N SER G 260 -36.00 -9.90 -1.44
CA SER G 260 -35.82 -8.55 -0.92
C SER G 260 -37.09 -7.97 -0.32
N SER G 261 -38.24 -8.60 -0.54
CA SER G 261 -39.51 -8.12 -0.04
C SER G 261 -40.28 -9.23 0.65
N THR G 262 -41.23 -8.82 1.51
CA THR G 262 -42.09 -9.74 2.25
C THR G 262 -43.45 -9.79 1.58
N GLU G 263 -43.65 -10.78 0.71
CA GLU G 263 -44.89 -10.93 -0.03
C GLU G 263 -45.90 -11.73 0.77
N LYS G 264 -47.18 -11.33 0.69
CA LYS G 264 -48.27 -12.11 1.22
C LYS G 264 -48.87 -13.05 0.16
N ASN G 265 -48.54 -12.86 -1.11
CA ASN G 265 -49.03 -13.66 -2.22
C ASN G 265 -48.03 -14.74 -2.61
N CYS G 266 -48.25 -15.33 -3.79
CA CYS G 266 -47.45 -16.43 -4.32
C CYS G 266 -46.01 -15.98 -4.60
N CYS G 267 -45.14 -16.13 -3.61
CA CYS G 267 -43.74 -15.77 -3.71
C CYS G 267 -42.87 -17.00 -3.48
N VAL G 268 -41.69 -17.03 -4.11
CA VAL G 268 -40.76 -18.15 -3.91
C VAL G 268 -39.98 -17.92 -2.62
N ARG G 269 -40.10 -18.84 -1.68
CA ARG G 269 -39.47 -18.70 -0.38
C ARG G 269 -38.12 -19.41 -0.38
N GLN G 270 -37.20 -18.91 0.44
CA GLN G 270 -35.85 -19.46 0.50
C GLN G 270 -35.83 -20.77 1.28
N LEU G 271 -35.05 -21.73 0.76
CA LEU G 271 -34.90 -23.01 1.44
C LEU G 271 -33.60 -23.65 0.99
N TYR G 272 -32.63 -23.72 1.90
CA TYR G 272 -31.36 -24.39 1.67
C TYR G 272 -31.44 -25.80 2.22
N ILE G 273 -31.21 -26.79 1.37
CA ILE G 273 -31.36 -28.19 1.73
C ILE G 273 -29.98 -28.79 1.91
N ASP G 274 -29.69 -29.25 3.14
CA ASP G 274 -28.45 -29.92 3.44
C ASP G 274 -28.66 -31.43 3.40
N PHE G 275 -27.66 -32.15 2.90
CA PHE G 275 -27.77 -33.60 2.81
C PHE G 275 -27.47 -34.27 4.15
N ARG G 276 -26.47 -33.76 4.86
CA ARG G 276 -26.13 -34.34 6.15
C ARG G 276 -27.10 -33.92 7.25
N LYS G 277 -27.67 -32.72 7.14
CA LYS G 277 -28.48 -32.12 8.19
C LYS G 277 -29.98 -32.33 8.01
N ASP G 278 -30.48 -32.17 6.79
CA ASP G 278 -31.91 -32.23 6.52
C ASP G 278 -32.31 -33.53 5.84
N LEU G 279 -31.36 -34.40 5.53
CA LEU G 279 -31.60 -35.68 4.88
C LEU G 279 -30.83 -36.83 5.50
N GLY G 280 -29.64 -36.61 6.03
CA GLY G 280 -28.82 -37.68 6.56
C GLY G 280 -28.18 -38.52 5.47
N TRP G 281 -27.71 -37.87 4.41
CA TRP G 281 -27.10 -38.56 3.27
C TRP G 281 -25.63 -38.16 3.15
N LYS G 282 -24.75 -39.09 3.49
CA LYS G 282 -23.31 -38.89 3.39
C LYS G 282 -22.75 -39.59 2.16
N TRP G 283 -23.61 -40.08 1.28
CA TRP G 283 -23.20 -40.76 0.07
C TRP G 283 -23.09 -39.83 -1.13
N ILE G 284 -23.41 -38.54 -0.95
CA ILE G 284 -23.31 -37.55 -2.00
C ILE G 284 -22.15 -36.63 -1.66
N HIS G 285 -21.09 -36.71 -2.47
CA HIS G 285 -19.90 -35.92 -2.18
C HIS G 285 -20.14 -34.45 -2.51
N GLU G 286 -20.58 -34.17 -3.72
CA GLU G 286 -20.85 -32.80 -4.15
C GLU G 286 -22.18 -32.69 -4.87
N PRO G 287 -22.99 -31.69 -4.49
CA PRO G 287 -22.69 -30.78 -3.40
C PRO G 287 -23.12 -31.36 -2.05
N LYS G 288 -22.85 -30.64 -0.96
CA LYS G 288 -23.27 -31.04 0.38
C LYS G 288 -24.36 -30.12 0.90
N GLY G 289 -25.16 -29.57 -0.02
CA GLY G 289 -26.21 -28.63 0.31
C GLY G 289 -26.48 -27.68 -0.85
N TYR G 290 -27.72 -27.28 -1.05
CA TYR G 290 -28.06 -26.38 -2.15
C TYR G 290 -29.38 -25.68 -1.83
N HIS G 291 -29.70 -24.67 -2.65
CA HIS G 291 -30.91 -23.85 -2.48
C HIS G 291 -31.99 -24.36 -3.42
N ALA G 292 -32.80 -25.30 -2.93
CA ALA G 292 -33.91 -25.80 -3.74
C ALA G 292 -35.09 -24.84 -3.72
N ASN G 293 -35.37 -24.24 -2.56
CA ASN G 293 -36.47 -23.31 -2.36
C ASN G 293 -37.81 -23.96 -2.64
N PHE G 294 -38.88 -23.17 -2.59
CA PHE G 294 -40.23 -23.67 -2.83
C PHE G 294 -41.15 -22.49 -3.08
N CYS G 295 -42.36 -22.79 -3.54
CA CYS G 295 -43.39 -21.78 -3.79
C CYS G 295 -44.48 -21.90 -2.73
N LEU G 296 -44.72 -20.80 -2.00
CA LEU G 296 -45.78 -20.75 -1.00
C LEU G 296 -46.50 -19.42 -1.13
N GLY G 297 -47.83 -19.47 -1.22
CA GLY G 297 -48.62 -18.27 -1.34
C GLY G 297 -49.96 -18.46 -2.03
N PRO G 298 -50.91 -17.58 -1.74
CA PRO G 298 -52.23 -17.65 -2.38
C PRO G 298 -52.27 -16.96 -3.73
N CYS G 299 -53.24 -17.36 -4.54
CA CYS G 299 -53.45 -16.78 -5.87
C CYS G 299 -54.93 -16.52 -6.09
N PRO G 300 -55.44 -15.34 -5.70
CA PRO G 300 -56.85 -15.02 -5.92
C PRO G 300 -57.08 -14.27 -7.22
N TYR G 301 -58.36 -14.03 -7.52
CA TYR G 301 -58.75 -13.34 -8.74
C TYR G 301 -58.48 -11.83 -8.63
N ALA G 326 -59.12 -24.06 -8.74
CA ALA G 326 -58.38 -23.46 -7.63
C ALA G 326 -56.96 -23.11 -8.04
N PRO G 327 -56.70 -21.83 -8.26
CA PRO G 327 -55.35 -21.38 -8.66
C PRO G 327 -54.31 -21.65 -7.59
N CYS G 328 -53.25 -22.37 -7.96
CA CYS G 328 -52.18 -22.73 -7.05
C CYS G 328 -50.91 -21.95 -7.35
N CYS G 329 -50.05 -21.87 -6.33
CA CYS G 329 -48.73 -21.23 -6.43
C CYS G 329 -47.71 -22.26 -6.90
N VAL G 330 -47.55 -22.38 -8.22
CA VAL G 330 -46.64 -23.37 -8.80
C VAL G 330 -45.40 -22.67 -9.35
N PRO G 331 -44.24 -23.33 -9.34
CA PRO G 331 -43.04 -22.70 -9.91
C PRO G 331 -43.13 -22.55 -11.42
N GLN G 332 -42.60 -21.44 -11.92
CA GLN G 332 -42.57 -21.17 -13.36
C GLN G 332 -41.23 -21.53 -13.99
N ALA G 333 -40.12 -21.19 -13.35
CA ALA G 333 -38.79 -21.49 -13.85
C ALA G 333 -38.04 -22.34 -12.82
N LEU G 334 -37.47 -23.44 -13.30
CA LEU G 334 -36.68 -24.33 -12.45
C LEU G 334 -35.31 -24.57 -13.08
N GLU G 335 -34.35 -24.91 -12.23
CA GLU G 335 -32.96 -25.08 -12.66
C GLU G 335 -32.42 -26.44 -12.26
N PRO G 336 -31.66 -27.09 -13.14
CA PRO G 336 -31.11 -28.41 -12.80
C PRO G 336 -29.98 -28.34 -11.79
N LEU G 337 -29.64 -29.50 -11.22
CA LEU G 337 -28.58 -29.60 -10.21
C LEU G 337 -27.63 -30.74 -10.51
N PRO G 338 -26.35 -30.46 -10.73
CA PRO G 338 -25.37 -31.54 -10.90
C PRO G 338 -24.93 -32.11 -9.56
N ILE G 339 -24.83 -33.45 -9.50
CA ILE G 339 -24.44 -34.16 -8.29
C ILE G 339 -23.28 -35.08 -8.59
N VAL G 340 -22.57 -35.47 -7.54
CA VAL G 340 -21.44 -36.40 -7.64
C VAL G 340 -21.61 -37.46 -6.56
N TYR G 341 -21.76 -38.72 -6.99
CA TYR G 341 -21.87 -39.85 -6.08
C TYR G 341 -21.13 -41.04 -6.67
N TYR G 342 -20.84 -42.01 -5.82
CA TYR G 342 -20.14 -43.21 -6.22
C TYR G 342 -21.09 -44.39 -6.37
N VAL G 343 -20.68 -45.37 -7.17
CA VAL G 343 -21.42 -46.61 -7.38
C VAL G 343 -20.43 -47.74 -7.14
N GLY G 344 -20.43 -48.29 -5.92
CA GLY G 344 -19.44 -49.28 -5.56
C GLY G 344 -18.06 -48.67 -5.57
N ARG G 345 -17.35 -48.84 -6.68
CA ARG G 345 -16.04 -48.23 -6.87
C ARG G 345 -16.04 -47.21 -7.99
N LYS G 346 -17.16 -47.03 -8.68
CA LYS G 346 -17.23 -46.16 -9.86
C LYS G 346 -17.92 -44.86 -9.53
N PRO G 347 -17.22 -43.72 -9.55
CA PRO G 347 -17.86 -42.42 -9.32
C PRO G 347 -18.59 -41.93 -10.57
N LYS G 348 -19.84 -41.53 -10.40
CA LYS G 348 -20.67 -41.05 -11.50
C LYS G 348 -21.09 -39.61 -11.22
N VAL G 349 -20.72 -38.71 -12.13
CA VAL G 349 -21.16 -37.32 -12.07
C VAL G 349 -22.43 -37.19 -12.89
N GLU G 350 -23.57 -37.03 -12.21
CA GLU G 350 -24.86 -36.95 -12.87
C GLU G 350 -25.54 -35.62 -12.55
N GLN G 351 -26.52 -35.26 -13.38
CA GLN G 351 -27.23 -33.99 -13.27
C GLN G 351 -28.74 -34.24 -13.24
N LEU G 352 -29.38 -33.82 -12.15
CA LEU G 352 -30.82 -33.94 -12.02
C LEU G 352 -31.50 -32.77 -12.71
N SER G 353 -32.65 -33.06 -13.31
CA SER G 353 -33.40 -32.05 -14.06
C SER G 353 -34.48 -31.40 -13.19
N ASN G 354 -34.51 -30.07 -13.19
CA ASN G 354 -35.48 -29.25 -12.46
C ASN G 354 -35.48 -29.50 -10.96
N MET G 355 -34.63 -28.79 -10.21
CA MET G 355 -34.53 -28.95 -8.77
C MET G 355 -34.64 -27.60 -8.07
N ILE G 356 -33.86 -26.63 -8.53
CA ILE G 356 -33.84 -25.30 -7.93
C ILE G 356 -35.01 -24.49 -8.46
N VAL G 357 -35.91 -24.08 -7.58
CA VAL G 357 -37.07 -23.29 -7.98
C VAL G 357 -36.69 -21.82 -8.06
N ARG G 358 -36.75 -21.25 -9.26
CA ARG G 358 -36.39 -19.85 -9.46
C ARG G 358 -37.64 -18.97 -9.34
N SER G 359 -38.56 -19.10 -10.30
CA SER G 359 -39.77 -18.29 -10.34
C SER G 359 -40.96 -19.13 -9.91
N CYS G 360 -42.06 -18.43 -9.65
CA CYS G 360 -43.32 -19.05 -9.28
C CYS G 360 -44.45 -18.31 -9.99
N LYS G 361 -45.41 -19.06 -10.50
CA LYS G 361 -46.57 -18.53 -11.20
C LYS G 361 -47.86 -19.04 -10.55
N CYS G 362 -48.99 -18.55 -11.04
CA CYS G 362 -50.31 -19.00 -10.59
C CYS G 362 -51.12 -19.45 -11.79
N SER G 363 -51.46 -20.74 -11.81
CA SER G 363 -52.25 -21.27 -12.91
C SER G 363 -53.19 -22.35 -12.39
N LYS H 7 -55.69 -22.62 4.91
CA LYS H 7 -56.38 -21.43 5.40
C LYS H 7 -56.49 -21.49 6.91
N THR H 8 -55.50 -22.12 7.55
CA THR H 8 -55.51 -22.28 9.00
C THR H 8 -54.08 -22.12 9.52
N ILE H 9 -53.69 -20.88 9.77
CA ILE H 9 -52.46 -20.50 10.49
C ILE H 9 -51.19 -20.83 9.72
N ASP H 10 -51.02 -22.06 9.24
CA ASP H 10 -49.87 -22.48 8.45
C ASP H 10 -48.63 -22.63 9.32
N MET H 11 -47.69 -23.48 8.91
CA MET H 11 -46.49 -23.77 9.68
C MET H 11 -45.22 -23.52 8.88
N GLU H 12 -44.09 -23.76 9.54
CA GLU H 12 -42.78 -23.82 8.91
C GLU H 12 -42.47 -25.25 8.50
N LEU H 13 -43.39 -26.17 8.80
CA LEU H 13 -43.30 -27.55 8.38
C LEU H 13 -43.49 -27.69 6.88
N VAL H 14 -44.01 -26.64 6.23
CA VAL H 14 -44.13 -26.65 4.78
C VAL H 14 -42.75 -26.89 4.15
N LYS H 15 -41.71 -26.35 4.78
CA LYS H 15 -40.34 -26.58 4.29
C LYS H 15 -39.95 -28.04 4.43
N ARG H 16 -40.38 -28.69 5.50
CA ARG H 16 -40.07 -30.10 5.69
C ARG H 16 -40.86 -30.98 4.74
N LYS H 17 -42.01 -30.51 4.27
CA LYS H 17 -42.79 -31.22 3.27
C LYS H 17 -42.08 -31.20 1.93
N ARG H 18 -41.35 -30.13 1.66
CA ARG H 18 -40.50 -30.05 0.48
C ARG H 18 -39.30 -30.98 0.63
N ILE H 19 -38.71 -31.04 1.83
CA ILE H 19 -37.53 -31.87 2.06
C ILE H 19 -37.85 -33.34 1.87
N GLU H 20 -38.97 -33.80 2.42
CA GLU H 20 -39.35 -35.19 2.27
C GLU H 20 -39.83 -35.50 0.86
N ALA H 21 -40.22 -34.49 0.10
CA ALA H 21 -40.54 -34.67 -1.31
C ALA H 21 -39.29 -34.64 -2.18
N ILE H 22 -38.27 -33.90 -1.74
CA ILE H 22 -36.97 -33.92 -2.42
C ILE H 22 -36.30 -35.27 -2.21
N ARG H 23 -36.39 -35.81 -1.00
CA ARG H 23 -35.78 -37.10 -0.68
C ARG H 23 -36.27 -38.19 -1.61
N GLY H 24 -37.59 -38.33 -1.75
CA GLY H 24 -38.13 -39.33 -2.66
C GLY H 24 -37.94 -38.99 -4.12
N GLN H 25 -37.67 -37.71 -4.42
CA GLN H 25 -37.48 -37.28 -5.79
C GLN H 25 -36.10 -37.69 -6.29
N ILE H 26 -35.06 -37.34 -5.53
CA ILE H 26 -33.69 -37.68 -5.93
C ILE H 26 -33.56 -39.18 -6.12
N LEU H 27 -34.12 -39.97 -5.21
CA LEU H 27 -34.01 -41.41 -5.34
C LEU H 27 -34.74 -41.93 -6.57
N SER H 28 -35.84 -41.30 -6.96
CA SER H 28 -36.59 -41.76 -8.12
C SER H 28 -35.92 -41.38 -9.43
N LYS H 29 -35.28 -40.20 -9.49
CA LYS H 29 -34.60 -39.81 -10.71
C LYS H 29 -33.36 -40.65 -10.96
N LEU H 30 -32.71 -41.11 -9.88
CA LEU H 30 -31.59 -42.01 -10.00
C LEU H 30 -32.04 -43.45 -10.14
N ARG H 31 -33.35 -43.69 -10.15
CA ARG H 31 -33.92 -45.03 -10.21
C ARG H 31 -33.39 -45.90 -9.08
N LEU H 32 -33.31 -45.31 -7.89
CA LEU H 32 -32.79 -45.98 -6.71
C LEU H 32 -33.88 -46.10 -5.66
N ALA H 33 -33.85 -47.19 -4.91
CA ALA H 33 -34.76 -47.39 -3.80
C ALA H 33 -34.15 -46.98 -2.46
N SER H 34 -32.85 -47.16 -2.32
CA SER H 34 -32.12 -46.84 -1.10
C SER H 34 -30.74 -46.33 -1.49
N PRO H 35 -30.13 -45.48 -0.67
CA PRO H 35 -28.77 -44.98 -0.96
C PRO H 35 -27.77 -46.11 -1.06
N PRO H 36 -26.79 -46.00 -1.96
CA PRO H 36 -25.81 -47.09 -2.15
C PRO H 36 -24.85 -47.19 -0.98
N SER H 37 -24.01 -48.22 -1.04
CA SER H 37 -23.05 -48.49 0.02
C SER H 37 -21.80 -47.67 -0.20
N GLN H 38 -21.28 -47.11 0.89
CA GLN H 38 -20.13 -46.23 0.85
C GLN H 38 -18.95 -46.82 1.61
N GLY H 39 -19.05 -48.11 1.92
CA GLY H 39 -17.96 -48.84 2.54
C GLY H 39 -17.16 -49.51 1.46
N GLU H 40 -17.66 -49.40 0.21
CA GLU H 40 -16.98 -49.82 -1.02
C GLU H 40 -16.34 -48.62 -1.69
N VAL H 41 -16.38 -47.48 -1.03
CA VAL H 41 -15.87 -46.26 -1.64
C VAL H 41 -14.71 -45.83 -0.74
N PRO H 42 -13.59 -45.37 -1.30
CA PRO H 42 -12.48 -44.98 -0.47
C PRO H 42 -12.59 -43.52 -0.08
N PRO H 43 -12.54 -43.22 1.22
CA PRO H 43 -12.61 -41.83 1.66
C PRO H 43 -11.27 -41.13 1.42
N GLY H 44 -11.34 -39.94 0.84
CA GLY H 44 -10.15 -39.14 0.65
C GLY H 44 -9.92 -38.71 -0.78
N PRO H 45 -9.71 -39.67 -1.69
CA PRO H 45 -9.39 -39.30 -3.07
C PRO H 45 -10.60 -38.65 -3.74
N LEU H 46 -10.38 -37.42 -4.19
CA LEU H 46 -11.37 -36.66 -4.95
C LEU H 46 -10.64 -36.13 -6.18
N PRO H 47 -10.71 -36.82 -7.31
CA PRO H 47 -9.89 -36.43 -8.47
C PRO H 47 -10.26 -35.07 -9.02
N GLU H 48 -9.25 -34.34 -9.46
CA GLU H 48 -9.49 -33.06 -10.13
C GLU H 48 -9.98 -33.24 -11.56
N ALA H 49 -10.09 -34.49 -12.03
CA ALA H 49 -10.68 -34.74 -13.34
C ALA H 49 -12.20 -34.64 -13.29
N VAL H 50 -12.80 -35.11 -12.19
CA VAL H 50 -14.24 -34.98 -12.04
C VAL H 50 -14.62 -33.60 -11.50
N LEU H 51 -13.67 -32.88 -10.91
CA LEU H 51 -13.93 -31.51 -10.46
C LEU H 51 -14.02 -30.56 -11.65
N ALA H 52 -13.31 -30.84 -12.74
CA ALA H 52 -13.46 -30.04 -13.95
C ALA H 52 -14.79 -30.32 -14.62
N LEU H 53 -15.31 -31.55 -14.48
CA LEU H 53 -16.65 -31.85 -14.98
C LEU H 53 -17.70 -31.07 -14.19
N TYR H 54 -17.61 -31.12 -12.86
CA TYR H 54 -18.58 -30.42 -12.02
C TYR H 54 -18.48 -28.91 -12.19
N ASN H 55 -17.27 -28.40 -12.46
CA ASN H 55 -17.08 -26.97 -12.65
C ASN H 55 -17.61 -26.50 -13.99
N SER H 56 -17.66 -27.38 -14.98
CA SER H 56 -18.18 -27.03 -16.29
C SER H 56 -19.70 -27.17 -16.34
N THR H 57 -20.29 -27.98 -15.46
CA THR H 57 -21.74 -28.13 -15.41
C THR H 57 -22.38 -26.99 -14.62
N ARG H 58 -21.68 -26.47 -13.61
CA ARG H 58 -22.24 -25.32 -12.92
C ARG H 58 -22.13 -24.07 -13.78
N ASP H 59 -21.28 -24.10 -14.81
CA ASP H 59 -21.14 -22.99 -15.74
C ASP H 59 -22.24 -23.11 -16.78
N ARG H 60 -23.31 -22.33 -16.60
CA ARG H 60 -24.44 -22.36 -17.51
C ARG H 60 -24.26 -21.25 -18.54
N VAL H 61 -23.67 -21.60 -19.68
CA VAL H 61 -23.49 -20.64 -20.75
C VAL H 61 -24.85 -20.29 -21.34
N ALA H 62 -25.10 -19.00 -21.52
CA ALA H 62 -26.35 -18.57 -22.13
C ALA H 62 -26.38 -18.99 -23.61
N GLY H 63 -27.59 -19.23 -24.10
CA GLY H 63 -27.79 -19.64 -25.47
C GLY H 63 -29.13 -19.19 -26.03
N PRO H 72 -40.31 -35.79 -22.03
CA PRO H 72 -41.15 -36.96 -21.78
C PRO H 72 -40.70 -37.78 -20.58
N GLU H 73 -40.92 -39.10 -20.66
CA GLU H 73 -40.54 -39.97 -19.55
C GLU H 73 -39.04 -40.13 -19.45
N ALA H 74 -38.31 -39.97 -20.55
CA ALA H 74 -36.87 -40.13 -20.50
C ALA H 74 -36.15 -38.84 -20.08
N ASP H 75 -36.85 -37.70 -20.12
CA ASP H 75 -36.25 -36.43 -19.80
C ASP H 75 -36.34 -36.07 -18.31
N TYR H 76 -37.08 -36.85 -17.52
CA TYR H 76 -37.23 -36.58 -16.10
C TYR H 76 -36.18 -37.27 -15.24
N TYR H 77 -35.60 -38.38 -15.73
CA TYR H 77 -34.60 -39.10 -14.96
C TYR H 77 -33.25 -38.39 -15.07
N ALA H 78 -32.27 -38.92 -14.34
CA ALA H 78 -30.95 -38.32 -14.27
C ALA H 78 -30.11 -38.67 -15.49
N LYS H 79 -29.13 -37.82 -15.79
CA LYS H 79 -28.24 -38.00 -16.92
C LYS H 79 -26.79 -37.99 -16.44
N GLU H 80 -26.04 -39.03 -16.81
CA GLU H 80 -24.64 -39.16 -16.41
C GLU H 80 -23.80 -38.22 -17.28
N VAL H 81 -23.21 -37.22 -16.66
CA VAL H 81 -22.45 -36.19 -17.37
C VAL H 81 -20.98 -36.58 -17.44
N THR H 82 -20.47 -36.69 -18.67
CA THR H 82 -19.07 -36.93 -18.93
C THR H 82 -18.60 -35.99 -20.02
N ARG H 83 -17.30 -35.69 -20.05
CA ARG H 83 -16.74 -34.81 -21.05
C ARG H 83 -15.54 -35.47 -21.71
N VAL H 84 -15.18 -34.95 -22.88
CA VAL H 84 -14.02 -35.44 -23.62
C VAL H 84 -13.30 -34.25 -24.22
N LEU H 85 -12.01 -34.14 -23.96
CA LEU H 85 -11.18 -33.08 -24.53
C LEU H 85 -10.88 -33.39 -26.00
N MET H 86 -10.34 -32.40 -26.69
CA MET H 86 -10.08 -32.55 -28.12
C MET H 86 -8.67 -33.04 -28.38
N VAL H 87 -8.36 -33.25 -29.64
CA VAL H 87 -7.02 -33.64 -30.07
C VAL H 87 -6.20 -32.39 -30.26
N GLU H 88 -4.95 -32.44 -29.82
CA GLU H 88 -4.06 -31.29 -29.90
C GLU H 88 -3.69 -30.98 -31.34
N THR H 89 -3.05 -29.83 -31.55
CA THR H 89 -2.55 -29.50 -32.89
C THR H 89 -1.24 -30.20 -33.21
N HIS H 90 -0.76 -31.06 -32.33
CA HIS H 90 0.48 -31.76 -32.58
C HIS H 90 0.27 -33.01 -33.40
N ASN H 91 -0.99 -33.37 -33.67
CA ASN H 91 -1.34 -34.54 -34.46
C ASN H 91 -2.50 -34.22 -35.39
N GLU H 92 -2.34 -34.57 -36.67
CA GLU H 92 -3.38 -34.45 -37.70
C GLU H 92 -3.96 -33.07 -37.95
N ILE H 93 -3.89 -32.13 -37.00
CA ILE H 93 -4.55 -30.85 -37.20
C ILE H 93 -3.66 -29.90 -38.00
N TYR H 94 -2.40 -30.24 -38.20
CA TYR H 94 -1.50 -29.44 -39.00
C TYR H 94 -1.18 -30.09 -40.32
N ASP H 95 -1.57 -31.34 -40.51
CA ASP H 95 -1.18 -32.09 -41.70
C ASP H 95 -1.89 -31.63 -42.95
N LYS H 96 -3.01 -30.93 -42.84
CA LYS H 96 -3.78 -30.52 -44.01
C LYS H 96 -3.95 -29.03 -44.16
N PHE H 97 -4.26 -28.32 -43.08
CA PHE H 97 -4.61 -26.92 -43.18
C PHE H 97 -3.88 -26.03 -42.18
N LYS H 98 -3.64 -26.54 -40.95
CA LYS H 98 -3.09 -25.76 -39.85
C LYS H 98 -4.08 -24.68 -39.43
N GLN H 99 -3.58 -23.54 -38.98
CA GLN H 99 -4.41 -22.45 -38.48
C GLN H 99 -4.21 -21.22 -39.35
N SER H 100 -5.31 -20.51 -39.64
CA SER H 100 -5.25 -19.30 -40.43
C SER H 100 -6.34 -18.34 -40.00
N THR H 101 -6.21 -17.09 -40.43
CA THR H 101 -7.18 -16.06 -40.09
C THR H 101 -8.55 -16.34 -40.67
N HIS H 102 -8.68 -17.34 -41.52
CA HIS H 102 -9.93 -17.64 -42.21
C HIS H 102 -10.78 -18.65 -41.45
N SER H 103 -10.16 -19.57 -40.70
CA SER H 103 -10.90 -20.60 -39.99
C SER H 103 -10.10 -21.12 -38.81
N ILE H 104 -10.79 -21.82 -37.91
CA ILE H 104 -10.20 -22.47 -36.75
C ILE H 104 -10.75 -23.89 -36.66
N TYR H 105 -9.85 -24.87 -36.54
CA TYR H 105 -10.23 -26.29 -36.58
C TYR H 105 -10.01 -26.96 -35.22
N MET H 106 -11.01 -27.74 -34.81
CA MET H 106 -10.96 -28.54 -33.58
C MET H 106 -11.28 -29.99 -33.92
N PHE H 107 -10.51 -30.92 -33.37
CA PHE H 107 -10.64 -32.32 -33.70
C PHE H 107 -10.83 -33.16 -32.45
N PHE H 108 -11.61 -34.22 -32.58
CA PHE H 108 -11.90 -35.15 -31.50
C PHE H 108 -11.74 -36.57 -32.02
N GLN H 109 -11.71 -37.53 -31.11
CA GLN H 109 -11.63 -38.92 -31.50
C GLN H 109 -13.03 -39.53 -31.53
N THR H 110 -13.11 -40.85 -31.47
CA THR H 110 -14.36 -41.59 -31.36
C THR H 110 -14.23 -42.78 -30.45
N SER H 111 -13.01 -43.28 -30.24
CA SER H 111 -12.80 -44.39 -29.33
C SER H 111 -13.09 -44.01 -27.90
N GLU H 112 -13.01 -42.72 -27.58
CA GLU H 112 -13.41 -42.21 -26.27
C GLU H 112 -14.80 -41.61 -26.27
N LEU H 113 -15.32 -41.22 -27.43
CA LEU H 113 -16.69 -40.71 -27.50
C LEU H 113 -17.69 -41.85 -27.38
N ARG H 114 -17.47 -42.93 -28.14
CA ARG H 114 -18.26 -44.14 -28.04
C ARG H 114 -17.84 -45.03 -26.87
N GLU H 115 -16.96 -44.56 -26.01
CA GLU H 115 -16.63 -45.27 -24.79
C GLU H 115 -17.33 -44.64 -23.58
N ALA H 116 -17.42 -43.31 -23.56
CA ALA H 116 -18.19 -42.61 -22.53
C ALA H 116 -19.69 -42.81 -22.75
N VAL H 117 -20.14 -42.83 -24.00
CA VAL H 117 -21.52 -43.13 -24.35
C VAL H 117 -21.48 -44.30 -25.32
N PRO H 118 -21.55 -45.55 -24.84
CA PRO H 118 -21.44 -46.72 -25.73
C PRO H 118 -22.49 -46.76 -26.83
N GLU H 119 -23.76 -46.70 -26.46
CA GLU H 119 -24.82 -46.80 -27.46
C GLU H 119 -25.30 -45.41 -27.86
N PRO H 120 -25.39 -45.13 -29.17
CA PRO H 120 -25.77 -43.78 -29.61
C PRO H 120 -27.11 -43.31 -29.09
N VAL H 121 -27.99 -44.22 -28.67
CA VAL H 121 -29.31 -43.83 -28.21
C VAL H 121 -29.24 -43.23 -26.81
N LEU H 122 -28.21 -43.57 -26.04
CA LEU H 122 -28.09 -43.07 -24.68
C LEU H 122 -27.87 -41.57 -24.64
N LEU H 123 -27.31 -41.03 -25.72
CA LEU H 123 -26.97 -39.61 -25.76
C LEU H 123 -28.23 -38.75 -25.68
N SER H 124 -28.23 -37.80 -24.75
CA SER H 124 -29.34 -36.87 -24.56
C SER H 124 -28.98 -35.47 -25.02
N ARG H 125 -27.95 -34.86 -24.45
CA ARG H 125 -27.51 -33.52 -24.86
C ARG H 125 -25.99 -33.49 -24.94
N ALA H 126 -25.46 -32.99 -26.06
CA ALA H 126 -24.03 -32.91 -26.29
C ALA H 126 -23.69 -31.50 -26.78
N GLU H 127 -23.21 -30.63 -25.88
CA GLU H 127 -22.85 -29.27 -26.20
C GLU H 127 -21.34 -29.11 -26.21
N LEU H 128 -20.81 -28.53 -27.28
CA LEU H 128 -19.37 -28.29 -27.41
C LEU H 128 -19.04 -26.93 -26.80
N ARG H 129 -18.16 -26.93 -25.80
CA ARG H 129 -17.82 -25.73 -25.06
C ARG H 129 -16.39 -25.30 -25.33
N LEU H 130 -16.20 -23.98 -25.49
CA LEU H 130 -14.90 -23.39 -25.78
C LEU H 130 -14.52 -22.38 -24.71
N LEU H 131 -13.53 -21.52 -25.02
CA LEU H 131 -13.10 -20.47 -24.10
C LEU H 131 -12.77 -19.22 -24.89
N ARG H 132 -13.52 -18.15 -24.65
CA ARG H 132 -13.29 -16.88 -25.34
C ARG H 132 -12.22 -16.07 -24.63
N LEU H 133 -11.60 -15.18 -25.38
CA LEU H 133 -10.74 -14.15 -24.83
C LEU H 133 -11.41 -12.80 -25.09
N LYS H 134 -10.86 -11.76 -24.49
CA LYS H 134 -11.45 -10.44 -24.69
C LYS H 134 -11.40 -10.07 -26.17
N LEU H 135 -12.55 -9.72 -26.74
CA LEU H 135 -12.65 -9.40 -28.15
C LEU H 135 -13.26 -8.03 -28.40
N LYS H 136 -13.79 -7.39 -27.37
CA LYS H 136 -14.39 -6.05 -27.43
C LYS H 136 -15.53 -6.06 -28.44
N VAL H 137 -15.63 -5.00 -29.25
CA VAL H 137 -16.85 -4.52 -29.89
C VAL H 137 -17.73 -5.63 -30.47
N GLU H 138 -17.37 -6.14 -31.65
CA GLU H 138 -18.31 -7.00 -32.38
C GLU H 138 -17.57 -8.09 -33.11
N GLN H 139 -18.18 -9.28 -33.14
CA GLN H 139 -17.79 -10.32 -34.07
C GLN H 139 -18.98 -11.23 -34.32
N HIS H 140 -18.97 -11.90 -35.47
CA HIS H 140 -19.99 -12.87 -35.84
C HIS H 140 -19.33 -14.18 -36.25
N VAL H 141 -19.83 -15.29 -35.72
CA VAL H 141 -19.21 -16.60 -35.89
C VAL H 141 -20.25 -17.58 -36.46
N GLU H 142 -19.83 -18.36 -37.46
CA GLU H 142 -20.60 -19.46 -38.00
C GLU H 142 -19.87 -20.78 -37.75
N LEU H 143 -20.63 -21.82 -37.40
CA LEU H 143 -20.07 -23.13 -37.08
C LEU H 143 -20.41 -24.15 -38.15
N TYR H 144 -19.47 -25.07 -38.41
CA TYR H 144 -19.63 -26.07 -39.44
C TYR H 144 -19.33 -27.46 -38.88
N GLN H 145 -19.72 -28.46 -39.65
CA GLN H 145 -19.53 -29.86 -39.34
C GLN H 145 -18.77 -30.53 -40.48
N LYS H 146 -18.00 -31.55 -40.14
CA LYS H 146 -17.25 -32.30 -41.16
C LYS H 146 -18.16 -33.35 -41.80
N TYR H 147 -18.34 -33.24 -43.12
CA TYR H 147 -19.13 -34.19 -43.89
C TYR H 147 -18.19 -35.01 -44.74
N SER H 148 -18.34 -36.33 -44.65
CA SER H 148 -17.44 -37.24 -45.31
C SER H 148 -16.05 -36.84 -44.81
N GLN H 149 -15.13 -36.45 -45.67
CA GLN H 149 -13.90 -35.84 -45.21
C GLN H 149 -13.71 -34.45 -45.81
N ASN H 150 -14.10 -34.33 -47.10
CA ASN H 150 -13.91 -33.12 -47.91
C ASN H 150 -14.86 -31.97 -47.50
N SER H 151 -16.16 -32.26 -47.33
CA SER H 151 -17.17 -31.20 -47.23
C SER H 151 -17.53 -30.76 -45.80
N TRP H 152 -17.94 -29.48 -45.71
CA TRP H 152 -18.37 -28.82 -44.49
C TRP H 152 -19.78 -28.26 -44.69
N ARG H 153 -20.67 -28.48 -43.71
CA ARG H 153 -22.03 -27.95 -43.72
C ARG H 153 -22.33 -27.09 -42.49
N TYR H 154 -23.12 -26.06 -42.74
CA TYR H 154 -23.53 -25.10 -41.73
C TYR H 154 -24.21 -25.78 -40.56
N LEU H 155 -24.10 -25.16 -39.38
CA LEU H 155 -24.75 -25.62 -38.16
C LEU H 155 -25.53 -24.48 -37.54
N SER H 156 -24.86 -23.65 -36.73
CA SER H 156 -25.50 -22.53 -36.08
C SER H 156 -24.63 -21.28 -36.23
N ASN H 157 -25.15 -20.17 -35.71
CA ASN H 157 -24.45 -18.90 -35.72
C ASN H 157 -24.69 -18.20 -34.40
N ARG H 158 -23.80 -17.26 -34.06
CA ARG H 158 -23.95 -16.53 -32.81
C ARG H 158 -23.22 -15.20 -32.89
N LEU H 159 -23.89 -14.13 -32.46
CA LEU H 159 -23.28 -12.82 -32.37
C LEU H 159 -22.52 -12.69 -31.04
N LEU H 160 -21.50 -11.83 -31.04
CA LEU H 160 -20.59 -11.71 -29.91
C LEU H 160 -20.73 -10.34 -29.23
N ALA H 161 -20.60 -10.34 -27.90
CA ALA H 161 -20.75 -9.18 -27.03
C ALA H 161 -19.40 -8.74 -26.47
N PRO H 162 -19.21 -7.43 -26.23
CA PRO H 162 -17.90 -6.94 -25.76
C PRO H 162 -17.57 -7.37 -24.33
N SER H 163 -17.12 -8.61 -24.16
CA SER H 163 -16.69 -9.09 -22.85
C SER H 163 -15.23 -8.71 -22.66
N ASP H 164 -14.94 -7.95 -21.62
CA ASP H 164 -13.58 -7.59 -21.27
C ASP H 164 -12.82 -8.74 -20.61
N SER H 165 -13.53 -9.76 -20.17
CA SER H 165 -12.99 -10.90 -19.45
C SER H 165 -13.11 -12.17 -20.28
N PRO H 166 -12.33 -13.20 -19.98
CA PRO H 166 -12.47 -14.47 -20.71
C PRO H 166 -13.85 -15.07 -20.50
N GLU H 167 -14.48 -15.48 -21.60
CA GLU H 167 -15.84 -16.01 -21.59
C GLU H 167 -15.85 -17.46 -22.06
N TRP H 168 -16.83 -18.22 -21.55
CA TRP H 168 -16.98 -19.64 -21.84
C TRP H 168 -18.28 -19.87 -22.60
N LEU H 169 -18.20 -20.46 -23.80
CA LEU H 169 -19.36 -20.66 -24.64
C LEU H 169 -19.73 -22.15 -24.70
N SER H 170 -20.82 -22.44 -25.43
CA SER H 170 -21.32 -23.80 -25.58
C SER H 170 -22.25 -23.85 -26.79
N PHE H 171 -22.11 -24.91 -27.59
CA PHE H 171 -22.93 -25.11 -28.78
C PHE H 171 -23.57 -26.49 -28.77
N ASP H 172 -24.91 -26.51 -28.80
CA ASP H 172 -25.66 -27.77 -28.81
C ASP H 172 -25.48 -28.48 -30.15
N VAL H 173 -24.56 -29.44 -30.18
CA VAL H 173 -24.31 -30.24 -31.37
C VAL H 173 -24.77 -31.67 -31.13
N THR H 174 -25.89 -31.83 -30.42
CA THR H 174 -26.39 -33.16 -30.08
C THR H 174 -26.67 -33.98 -31.33
N GLY H 175 -27.38 -33.39 -32.30
CA GLY H 175 -27.69 -34.12 -33.52
C GLY H 175 -26.46 -34.56 -34.29
N VAL H 176 -25.34 -33.85 -34.11
CA VAL H 176 -24.09 -34.22 -34.77
C VAL H 176 -23.44 -35.39 -34.06
N VAL H 177 -23.35 -35.32 -32.73
CA VAL H 177 -22.66 -36.35 -31.97
C VAL H 177 -23.40 -37.68 -32.07
N ARG H 178 -24.73 -37.63 -32.08
CA ARG H 178 -25.51 -38.86 -32.21
C ARG H 178 -25.19 -39.56 -33.54
N GLN H 179 -25.05 -38.78 -34.61
CA GLN H 179 -24.71 -39.37 -35.90
C GLN H 179 -23.28 -39.88 -35.90
N TRP H 180 -22.42 -39.26 -35.09
CA TRP H 180 -21.04 -39.70 -35.00
C TRP H 180 -20.91 -40.97 -34.17
N LEU H 181 -21.87 -41.22 -33.27
CA LEU H 181 -21.85 -42.43 -32.47
C LEU H 181 -22.41 -43.62 -33.23
N SER H 182 -23.19 -43.36 -34.29
CA SER H 182 -23.78 -44.43 -35.10
C SER H 182 -22.79 -44.97 -36.11
N ARG H 183 -21.91 -44.12 -36.64
CA ARG H 183 -20.88 -44.57 -37.56
C ARG H 183 -19.63 -44.94 -36.77
N GLY H 184 -18.89 -45.90 -37.31
CA GLY H 184 -17.63 -46.26 -36.70
C GLY H 184 -16.50 -45.38 -37.18
N GLY H 185 -16.82 -44.14 -37.57
CA GLY H 185 -15.81 -43.19 -37.98
C GLY H 185 -14.84 -42.85 -36.87
N GLU H 186 -13.59 -43.32 -36.98
CA GLU H 186 -12.58 -43.24 -35.92
C GLU H 186 -12.01 -41.83 -35.73
N ILE H 187 -12.40 -40.88 -36.58
CA ILE H 187 -11.88 -39.52 -36.49
C ILE H 187 -12.97 -38.56 -36.94
N GLU H 188 -13.22 -37.54 -36.12
CA GLU H 188 -14.19 -36.50 -36.42
C GLU H 188 -13.57 -35.15 -36.05
N GLY H 189 -14.35 -34.09 -36.19
CA GLY H 189 -13.87 -32.77 -35.85
C GLY H 189 -14.84 -31.70 -36.29
N PHE H 190 -14.52 -30.47 -35.90
CA PHE H 190 -15.34 -29.31 -36.22
C PHE H 190 -14.48 -28.25 -36.91
N ARG H 191 -15.15 -27.19 -37.34
CA ARG H 191 -14.50 -26.05 -37.98
C ARG H 191 -15.19 -24.78 -37.52
N LEU H 192 -14.40 -23.77 -37.21
CA LEU H 192 -14.93 -22.48 -36.74
C LEU H 192 -14.40 -21.36 -37.62
N SER H 193 -15.23 -20.91 -38.57
CA SER H 193 -14.96 -19.71 -39.35
C SER H 193 -15.85 -18.59 -38.83
N ALA H 194 -15.95 -17.50 -39.60
CA ALA H 194 -16.74 -16.36 -39.19
C ALA H 194 -17.86 -16.08 -40.20
N HIS H 195 -18.48 -14.92 -40.05
CA HIS H 195 -19.59 -14.53 -40.92
C HIS H 195 -19.12 -14.20 -42.32
N CYS H 196 -20.00 -14.45 -43.29
CA CYS H 196 -19.72 -14.18 -44.70
C CYS H 196 -20.75 -13.17 -45.19
N SER H 197 -20.28 -11.97 -45.48
CA SER H 197 -21.13 -10.92 -46.05
C SER H 197 -21.10 -11.09 -47.57
N CYS H 198 -22.23 -11.50 -48.15
CA CYS H 198 -22.30 -11.86 -49.56
C CYS H 198 -23.43 -11.07 -50.23
N ASP H 199 -23.66 -11.36 -51.51
CA ASP H 199 -24.36 -10.52 -52.50
C ASP H 199 -23.35 -9.46 -52.98
N SER H 200 -22.51 -8.98 -52.06
CA SER H 200 -21.17 -8.50 -52.36
C SER H 200 -20.24 -9.18 -51.39
N ARG H 201 -19.04 -9.52 -51.86
CA ARG H 201 -18.21 -10.53 -51.20
C ARG H 201 -17.29 -9.91 -50.16
N ASP H 202 -17.38 -10.42 -48.93
CA ASP H 202 -16.51 -10.06 -47.82
C ASP H 202 -16.31 -11.28 -46.93
N ASN H 203 -15.20 -11.33 -46.21
CA ASN H 203 -14.84 -12.47 -45.37
C ASN H 203 -13.68 -12.07 -44.47
N THR H 204 -13.55 -12.81 -43.34
CA THR H 204 -12.43 -12.86 -42.37
C THR H 204 -12.90 -13.30 -40.99
N LEU H 205 -11.97 -13.77 -40.15
CA LEU H 205 -12.24 -14.18 -38.78
C LEU H 205 -11.29 -13.47 -37.82
N GLN H 206 -11.84 -12.96 -36.71
CA GLN H 206 -11.05 -12.21 -35.74
C GLN H 206 -11.18 -12.73 -34.32
N VAL H 207 -11.76 -13.91 -34.10
CA VAL H 207 -12.03 -14.39 -32.75
C VAL H 207 -10.78 -15.04 -32.15
N ASP H 208 -10.50 -14.70 -30.89
CA ASP H 208 -9.42 -15.31 -30.12
C ASP H 208 -10.02 -16.33 -29.17
N ILE H 209 -9.89 -17.60 -29.52
CA ILE H 209 -10.31 -18.73 -28.69
C ILE H 209 -9.05 -19.33 -28.09
N ASN H 210 -9.18 -19.84 -26.86
CA ASN H 210 -8.06 -20.53 -26.25
C ASN H 210 -7.56 -21.61 -27.20
N GLY H 211 -6.33 -21.44 -27.67
CA GLY H 211 -5.71 -22.36 -28.59
C GLY H 211 -4.35 -22.79 -28.07
N PHE H 212 -3.51 -23.19 -29.03
CA PHE H 212 -2.17 -23.67 -28.71
C PHE H 212 -1.10 -22.61 -28.87
N THR H 213 -1.35 -21.61 -29.72
CA THR H 213 -0.41 -20.55 -30.05
C THR H 213 0.85 -21.13 -30.69
N THR H 214 0.94 -22.46 -30.74
CA THR H 214 1.99 -23.21 -31.42
C THR H 214 3.35 -23.08 -30.72
N GLY H 215 3.67 -21.89 -30.20
CA GLY H 215 5.02 -21.63 -29.76
C GLY H 215 5.35 -21.55 -28.27
N ARG H 216 4.38 -21.77 -27.39
CA ARG H 216 4.67 -21.74 -25.96
C ARG H 216 5.38 -23.01 -25.55
N ARG H 217 6.58 -22.87 -24.98
CA ARG H 217 7.39 -24.02 -24.61
C ARG H 217 7.71 -24.03 -23.13
N GLY H 218 8.74 -24.80 -22.74
CA GLY H 218 9.22 -24.84 -21.37
C GLY H 218 8.54 -25.84 -20.44
N ASP H 219 8.53 -25.53 -19.15
CA ASP H 219 7.87 -26.41 -18.18
C ASP H 219 6.37 -26.19 -18.15
N LEU H 220 5.94 -24.93 -18.27
CA LEU H 220 4.53 -24.61 -18.21
C LEU H 220 3.80 -24.92 -19.52
N ALA H 221 4.53 -25.28 -20.57
CA ALA H 221 3.89 -25.54 -21.87
C ALA H 221 2.86 -26.65 -21.77
N THR H 222 3.12 -27.66 -20.94
CA THR H 222 2.19 -28.79 -20.84
C THR H 222 0.82 -28.34 -20.35
N ILE H 223 0.78 -27.38 -19.41
CA ILE H 223 -0.51 -26.92 -18.91
C ILE H 223 -1.19 -25.98 -19.88
N HIS H 224 -0.46 -25.51 -20.90
CA HIS H 224 -1.06 -24.66 -21.91
C HIS H 224 -1.95 -25.44 -22.88
N GLY H 225 -2.15 -26.74 -22.63
CA GLY H 225 -3.06 -27.52 -23.43
C GLY H 225 -4.37 -27.71 -22.68
N MET H 226 -4.40 -27.29 -21.42
CA MET H 226 -5.64 -27.34 -20.66
C MET H 226 -6.61 -26.28 -21.20
N ASN H 227 -7.84 -26.35 -20.70
CA ASN H 227 -8.93 -25.46 -21.08
C ASN H 227 -9.19 -25.51 -22.58
N ARG H 228 -8.64 -26.49 -23.28
CA ARG H 228 -8.87 -26.58 -24.71
C ARG H 228 -10.31 -27.02 -24.95
N PRO H 229 -10.87 -26.66 -26.10
CA PRO H 229 -12.21 -27.11 -26.47
C PRO H 229 -12.53 -28.56 -26.15
N PHE H 230 -13.62 -28.79 -25.44
CA PHE H 230 -14.08 -30.13 -25.09
C PHE H 230 -15.57 -30.25 -25.37
N LEU H 231 -15.99 -31.49 -25.59
CA LEU H 231 -17.38 -31.82 -25.88
C LEU H 231 -18.02 -32.41 -24.62
N LEU H 232 -18.87 -31.64 -23.96
CA LEU H 232 -19.59 -32.10 -22.78
C LEU H 232 -20.76 -33.00 -23.18
N LEU H 233 -20.83 -34.18 -22.59
CA LEU H 233 -21.84 -35.17 -22.91
C LEU H 233 -22.76 -35.41 -21.71
N MET H 234 -24.04 -35.62 -21.98
CA MET H 234 -25.02 -35.94 -20.93
C MET H 234 -25.89 -37.08 -21.45
N ALA H 235 -25.64 -38.30 -20.94
CA ALA H 235 -26.30 -39.50 -21.44
C ALA H 235 -26.93 -40.27 -20.27
N THR H 236 -27.69 -41.33 -20.62
CA THR H 236 -28.35 -42.21 -19.65
C THR H 236 -27.54 -43.49 -19.47
N PRO H 237 -27.22 -43.85 -18.23
CA PRO H 237 -26.39 -45.05 -18.01
C PRO H 237 -27.01 -46.31 -18.59
N LEU H 238 -26.14 -47.26 -18.95
CA LEU H 238 -26.56 -48.53 -19.51
C LEU H 238 -27.23 -49.42 -18.46
N GLU H 239 -26.87 -49.22 -17.19
CA GLU H 239 -27.44 -50.05 -16.13
C GLU H 239 -28.94 -49.83 -16.02
N ARG H 240 -29.42 -48.64 -16.36
CA ARG H 240 -30.85 -48.35 -16.27
C ARG H 240 -31.60 -48.96 -17.44
N ALA H 241 -31.30 -48.51 -18.65
CA ALA H 241 -31.92 -49.00 -19.88
C ALA H 241 -33.43 -49.07 -19.74
N GLN H 242 -34.04 -50.09 -20.35
CA GLN H 242 -35.48 -50.31 -20.28
C GLN H 242 -36.27 -49.07 -20.72
N SER H 261 -55.47 -41.48 -19.09
CA SER H 261 -56.40 -40.96 -20.08
C SER H 261 -57.84 -41.23 -19.62
N THR H 262 -58.01 -42.24 -18.77
CA THR H 262 -59.30 -42.61 -18.18
C THR H 262 -59.47 -42.01 -16.79
N GLU H 263 -59.15 -40.71 -16.67
CA GLU H 263 -59.46 -39.87 -15.50
C GLU H 263 -59.27 -40.57 -14.14
N LYS H 264 -58.24 -41.41 -14.05
CA LYS H 264 -57.77 -41.94 -12.78
C LYS H 264 -56.78 -40.98 -12.14
N ASN H 265 -55.74 -40.61 -12.86
CA ASN H 265 -54.77 -39.64 -12.38
C ASN H 265 -55.10 -38.27 -12.95
N CYS H 266 -54.19 -37.31 -12.77
CA CYS H 266 -54.40 -35.95 -13.26
C CYS H 266 -54.30 -35.91 -14.79
N CYS H 267 -55.45 -36.04 -15.46
CA CYS H 267 -55.53 -36.02 -16.92
C CYS H 267 -56.47 -34.92 -17.38
N VAL H 268 -56.22 -34.40 -18.59
CA VAL H 268 -57.00 -33.31 -19.14
C VAL H 268 -58.25 -33.87 -19.81
N ARG H 269 -59.42 -33.37 -19.40
CA ARG H 269 -60.70 -33.84 -19.89
C ARG H 269 -61.25 -32.91 -20.98
N GLN H 270 -62.07 -33.49 -21.86
CA GLN H 270 -62.63 -32.74 -22.99
C GLN H 270 -63.77 -31.84 -22.54
N LEU H 271 -63.85 -30.64 -23.14
CA LEU H 271 -64.91 -29.69 -22.81
C LEU H 271 -65.04 -28.70 -23.95
N TYR H 272 -66.16 -28.74 -24.67
CA TYR H 272 -66.42 -27.83 -25.78
C TYR H 272 -67.35 -26.72 -25.30
N ILE H 273 -66.92 -25.47 -25.51
CA ILE H 273 -67.65 -24.30 -25.02
C ILE H 273 -68.16 -23.51 -26.21
N ASP H 274 -69.47 -23.31 -26.26
CA ASP H 274 -70.11 -22.48 -27.27
C ASP H 274 -70.47 -21.14 -26.66
N PHE H 275 -70.38 -20.07 -27.46
CA PHE H 275 -70.66 -18.74 -26.93
C PHE H 275 -72.16 -18.47 -26.82
N ARG H 276 -72.92 -18.87 -27.85
CA ARG H 276 -74.35 -18.66 -27.81
C ARG H 276 -75.04 -19.63 -26.85
N LYS H 277 -74.44 -20.80 -26.62
CA LYS H 277 -75.08 -21.84 -25.82
C LYS H 277 -74.65 -21.76 -24.35
N ASP H 278 -73.37 -21.57 -24.09
CA ASP H 278 -72.85 -21.59 -22.73
C ASP H 278 -72.56 -20.21 -22.17
N LEU H 279 -72.74 -19.14 -22.96
CA LEU H 279 -72.44 -17.80 -22.47
C LEU H 279 -73.57 -16.84 -22.78
N GLY H 280 -74.21 -17.03 -23.94
CA GLY H 280 -75.26 -16.13 -24.37
C GLY H 280 -74.74 -14.78 -24.78
N TRP H 281 -73.61 -14.74 -25.46
CA TRP H 281 -72.97 -13.49 -25.89
C TRP H 281 -73.01 -13.41 -27.41
N LYS H 282 -73.87 -12.54 -27.93
CA LYS H 282 -74.02 -12.36 -29.36
C LYS H 282 -73.21 -11.18 -29.89
N TRP H 283 -72.33 -10.61 -29.07
CA TRP H 283 -71.53 -9.47 -29.49
C TRP H 283 -70.16 -9.87 -30.05
N ILE H 284 -69.88 -11.17 -30.11
CA ILE H 284 -68.62 -11.68 -30.66
C ILE H 284 -68.96 -12.46 -31.92
N HIS H 285 -68.48 -11.98 -33.06
CA HIS H 285 -68.80 -12.60 -34.35
C HIS H 285 -67.94 -13.84 -34.59
N GLU H 286 -66.62 -13.70 -34.51
CA GLU H 286 -65.69 -14.80 -34.74
C GLU H 286 -64.64 -14.88 -33.64
N PRO H 287 -64.36 -16.10 -33.15
CA PRO H 287 -65.00 -17.35 -33.57
C PRO H 287 -66.31 -17.60 -32.85
N LYS H 288 -66.98 -18.71 -33.18
CA LYS H 288 -68.27 -19.07 -32.59
C LYS H 288 -68.16 -20.30 -31.70
N GLY H 289 -66.98 -20.59 -31.18
CA GLY H 289 -66.79 -21.69 -30.27
C GLY H 289 -65.37 -22.23 -30.35
N TYR H 290 -64.89 -22.72 -29.21
CA TYR H 290 -63.57 -23.34 -29.13
C TYR H 290 -63.57 -24.31 -27.95
N HIS H 291 -62.47 -25.08 -27.85
CA HIS H 291 -62.35 -26.16 -26.88
C HIS H 291 -61.50 -25.70 -25.70
N ALA H 292 -62.16 -25.14 -24.69
CA ALA H 292 -61.48 -24.72 -23.46
C ALA H 292 -61.52 -25.87 -22.46
N ASN H 293 -60.45 -26.64 -22.39
CA ASN H 293 -60.42 -27.81 -21.53
C ASN H 293 -60.16 -27.39 -20.07
N PHE H 294 -59.93 -28.39 -19.21
CA PHE H 294 -59.64 -28.12 -17.80
C PHE H 294 -58.86 -29.29 -17.23
N CYS H 295 -58.29 -29.07 -16.05
CA CYS H 295 -57.50 -30.08 -15.35
C CYS H 295 -58.29 -30.59 -14.14
N LEU H 296 -58.52 -31.89 -14.10
CA LEU H 296 -59.26 -32.53 -13.01
C LEU H 296 -58.50 -33.75 -12.55
N GLY H 297 -58.23 -33.83 -11.26
CA GLY H 297 -57.52 -34.96 -10.70
C GLY H 297 -56.68 -34.57 -9.50
N PRO H 298 -56.48 -35.50 -8.59
CA PRO H 298 -55.65 -35.23 -7.41
C PRO H 298 -54.18 -35.50 -7.67
N CYS H 299 -53.34 -34.85 -6.86
CA CYS H 299 -51.89 -35.01 -6.89
C CYS H 299 -51.37 -35.11 -5.47
N PRO H 300 -51.37 -36.32 -4.88
CA PRO H 300 -50.84 -36.47 -3.52
C PRO H 300 -49.41 -37.00 -3.50
N TYR H 301 -48.83 -37.15 -2.31
CA TYR H 301 -47.47 -37.66 -2.23
C TYR H 301 -47.25 -38.33 -0.88
N ILE H 302 -46.18 -39.15 -0.83
CA ILE H 302 -45.79 -39.90 0.36
C ILE H 302 -47.00 -40.63 0.94
N TRP H 303 -47.52 -41.60 0.18
CA TRP H 303 -48.67 -42.40 0.58
C TRP H 303 -48.18 -43.74 1.14
N SER H 304 -49.02 -44.37 1.95
CA SER H 304 -48.65 -45.63 2.57
C SER H 304 -48.34 -46.68 1.52
N LEU H 305 -47.59 -47.72 1.94
CA LEU H 305 -47.13 -48.82 1.10
C LEU H 305 -46.01 -48.38 0.17
N ASP H 306 -46.20 -47.27 -0.53
CA ASP H 306 -45.23 -46.75 -1.49
C ASP H 306 -44.89 -47.79 -2.55
N VAL H 312 -45.77 -43.07 -3.48
CA VAL H 312 -45.00 -44.20 -3.95
C VAL H 312 -43.67 -43.74 -4.54
N LEU H 313 -42.66 -44.59 -4.45
CA LEU H 313 -41.40 -44.36 -5.14
C LEU H 313 -41.44 -44.91 -6.55
N ALA H 314 -42.51 -45.62 -6.91
CA ALA H 314 -42.67 -46.12 -8.27
C ALA H 314 -43.17 -45.00 -9.19
N LEU H 315 -44.44 -44.62 -9.04
CA LEU H 315 -45.03 -43.55 -9.84
C LEU H 315 -44.69 -42.21 -9.20
N TYR H 316 -43.49 -41.72 -9.49
CA TYR H 316 -43.05 -40.42 -9.04
C TYR H 316 -42.95 -39.40 -10.17
N ASN H 317 -43.02 -39.85 -11.42
CA ASN H 317 -42.88 -38.94 -12.56
C ASN H 317 -44.16 -38.19 -12.88
N GLN H 318 -45.31 -38.70 -12.43
CA GLN H 318 -46.58 -38.02 -12.64
C GLN H 318 -47.22 -37.55 -11.35
N HIS H 319 -46.97 -38.21 -10.22
CA HIS H 319 -47.63 -37.84 -8.98
C HIS H 319 -47.09 -36.50 -8.44
N ASN H 320 -45.77 -36.34 -8.44
CA ASN H 320 -45.14 -35.13 -7.90
C ASN H 320 -43.74 -35.00 -8.48
N PRO H 321 -43.62 -34.60 -9.74
CA PRO H 321 -42.29 -34.39 -10.34
C PRO H 321 -41.64 -33.08 -9.93
N GLY H 322 -42.38 -32.18 -9.30
CA GLY H 322 -41.82 -30.93 -8.82
C GLY H 322 -41.34 -31.01 -7.39
N ALA H 323 -41.76 -32.07 -6.69
CA ALA H 323 -41.42 -32.29 -5.27
C ALA H 323 -41.89 -31.13 -4.40
N SER H 324 -43.01 -30.52 -4.76
CA SER H 324 -43.49 -29.40 -3.99
C SER H 324 -44.24 -29.91 -2.75
N ALA H 325 -44.40 -29.00 -1.79
CA ALA H 325 -45.12 -29.35 -0.56
C ALA H 325 -46.57 -29.69 -0.84
N ALA H 326 -47.16 -29.10 -1.88
CA ALA H 326 -48.56 -29.34 -2.25
C ALA H 326 -48.69 -29.36 -3.77
N PRO H 327 -48.64 -30.53 -4.39
CA PRO H 327 -48.77 -30.60 -5.86
C PRO H 327 -50.22 -30.36 -6.29
N CYS H 328 -50.39 -29.50 -7.29
CA CYS H 328 -51.69 -29.21 -7.86
C CYS H 328 -51.72 -29.61 -9.33
N CYS H 329 -52.91 -30.05 -9.78
CA CYS H 329 -53.14 -30.45 -11.16
C CYS H 329 -53.36 -29.19 -11.99
N VAL H 330 -52.24 -28.57 -12.40
CA VAL H 330 -52.27 -27.27 -13.07
C VAL H 330 -51.91 -27.43 -14.54
N PRO H 331 -52.35 -26.52 -15.41
CA PRO H 331 -51.96 -26.61 -16.83
C PRO H 331 -50.50 -26.23 -17.02
N GLN H 332 -49.81 -27.00 -17.86
CA GLN H 332 -48.41 -26.74 -18.19
C GLN H 332 -48.25 -25.96 -19.49
N ALA H 333 -48.97 -26.32 -20.54
CA ALA H 333 -48.86 -25.67 -21.84
C ALA H 333 -50.20 -25.06 -22.21
N LEU H 334 -50.18 -23.77 -22.59
CA LEU H 334 -51.38 -23.05 -22.98
C LEU H 334 -51.18 -22.40 -24.36
N GLU H 335 -52.29 -22.13 -25.03
CA GLU H 335 -52.28 -21.56 -26.37
C GLU H 335 -53.17 -20.33 -26.45
N PRO H 336 -52.71 -19.28 -27.14
CA PRO H 336 -53.53 -18.05 -27.23
C PRO H 336 -54.70 -18.24 -28.18
N LEU H 337 -55.62 -17.27 -28.13
CA LEU H 337 -56.85 -17.32 -28.91
C LEU H 337 -57.11 -15.97 -29.57
N PRO H 338 -57.17 -15.89 -30.89
CA PRO H 338 -57.56 -14.64 -31.54
C PRO H 338 -59.08 -14.47 -31.56
N ILE H 339 -59.51 -13.21 -31.43
CA ILE H 339 -60.94 -12.89 -31.37
C ILE H 339 -61.24 -11.72 -32.30
N VAL H 340 -62.52 -11.59 -32.66
CA VAL H 340 -63.00 -10.53 -33.52
C VAL H 340 -64.28 -9.96 -32.91
N TYR H 341 -64.28 -8.68 -32.57
CA TYR H 341 -65.45 -8.03 -32.00
C TYR H 341 -65.55 -6.61 -32.54
N TYR H 342 -66.74 -6.02 -32.42
CA TYR H 342 -67.00 -4.67 -32.89
C TYR H 342 -67.11 -3.71 -31.71
N VAL H 343 -66.90 -2.43 -32.00
CA VAL H 343 -67.02 -1.36 -31.01
C VAL H 343 -67.93 -0.25 -31.54
N ARG H 345 -67.57 2.03 -34.28
CA ARG H 345 -67.55 1.84 -35.73
C ARG H 345 -66.27 1.14 -36.19
N LYS H 346 -65.36 0.92 -35.25
CA LYS H 346 -64.03 0.39 -35.57
C LYS H 346 -63.92 -1.07 -35.14
N PRO H 347 -63.83 -2.02 -36.08
CA PRO H 347 -63.62 -3.42 -35.71
C PRO H 347 -62.17 -3.66 -35.32
N LYS H 348 -61.97 -4.27 -34.15
CA LYS H 348 -60.64 -4.49 -33.60
C LYS H 348 -60.38 -5.99 -33.49
N VAL H 349 -59.31 -6.44 -34.13
CA VAL H 349 -58.90 -7.84 -34.07
C VAL H 349 -57.86 -7.96 -32.96
N GLU H 350 -58.20 -8.69 -31.90
CA GLU H 350 -57.33 -8.85 -30.75
C GLU H 350 -57.08 -10.34 -30.48
N GLN H 351 -56.02 -10.61 -29.73
CA GLN H 351 -55.63 -11.97 -29.41
C GLN H 351 -55.38 -12.09 -27.92
N LEU H 352 -56.08 -13.02 -27.27
CA LEU H 352 -55.96 -13.23 -25.83
C LEU H 352 -54.80 -14.18 -25.53
N SER H 353 -54.11 -13.94 -24.43
CA SER H 353 -52.96 -14.74 -24.02
C SER H 353 -53.40 -15.78 -23.00
N ASN H 354 -52.97 -17.04 -23.21
CA ASN H 354 -53.23 -18.14 -22.30
C ASN H 354 -54.72 -18.39 -22.10
N MET H 355 -55.32 -19.21 -22.97
CA MET H 355 -56.73 -19.54 -22.87
C MET H 355 -56.97 -21.04 -23.01
N ILE H 356 -56.37 -21.65 -24.02
CA ILE H 356 -56.57 -23.07 -24.33
C ILE H 356 -55.61 -23.90 -23.49
N VAL H 357 -56.15 -24.78 -22.65
CA VAL H 357 -55.36 -25.65 -21.81
C VAL H 357 -55.03 -26.92 -22.59
N ARG H 358 -53.75 -27.19 -22.78
CA ARG H 358 -53.32 -28.38 -23.53
C ARG H 358 -53.05 -29.53 -22.56
N SER H 359 -51.98 -29.43 -21.79
CA SER H 359 -51.56 -30.47 -20.86
C SER H 359 -51.78 -30.02 -19.43
N CYS H 360 -51.66 -30.98 -18.51
CA CYS H 360 -51.80 -30.72 -17.08
C CYS H 360 -50.66 -31.42 -16.34
N LYS H 361 -50.09 -30.73 -15.37
CA LYS H 361 -48.98 -31.26 -14.56
C LYS H 361 -49.33 -31.13 -13.08
N CYS H 362 -48.49 -31.72 -12.25
CA CYS H 362 -48.55 -31.55 -10.79
C CYS H 362 -47.24 -30.91 -10.34
N SER H 363 -47.34 -29.68 -9.83
CA SER H 363 -46.15 -28.97 -9.37
C SER H 363 -46.44 -28.05 -8.18
#